data_8ELD
#
_entry.id   8ELD
#
_cell.length_a   1.00
_cell.length_b   1.00
_cell.length_c   1.00
_cell.angle_alpha   90.00
_cell.angle_beta   90.00
_cell.angle_gamma   90.00
#
_symmetry.space_group_name_H-M   'P 1'
#
loop_
_entity.id
_entity.type
_entity.pdbx_description
1 polymer Gp37
2 polymer Gp47
3 polymer Gp48
#
loop_
_entity_poly.entity_id
_entity_poly.type
_entity_poly.pdbx_seq_one_letter_code
_entity_poly.pdbx_strand_id
1 'polypeptide(L)'
;MANTDYAGNLTRPHWGGAASDVDIHLEVYQNEVDTRFQYQAMFLGLSSQRSVADRSNTYRIDRLNTSSVKGRTSGVALEP
TPVRNDKMLIVVDTVLYIRNPIDYQDDWTAPDFLTEMGQNNGSEFAEVFDQAHLIQLIKGRSWVAPAHLKPAFSDGIEIE
ATIDSDVTTQAGMEANAIAINQAHKAGIDELIKRKVPLNDMITLVSTEIYSLLLEHPKLFNKDWGDANANGYKERRAVLM
NGIPVVECTEFPDAGTHPLGSAYTVTADDAKCRMVTFSKSRTLVTVEAKPFTSRIWDDEQNFANVLDCYAMYQVGERRPD
TAAVVKFNEAP
;
A,B,C,D,E,F,G
2 'polypeptide(L)'
;MASIIAAKAKDKQYEIVGKAQNLLKQVQPLYNVGFSTTALDLLNAYFTYMQAQGFATTRAGTGFVSDGAKLARLDNMLDQ
VSKTGYVVLTGTGAPIGETSGTAFDTSFTALRAAFLAATTPTTA
;
M,L
3 'polypeptide(L)' MAVAKATAAQRQEFLRQLNILAKDMYQALTQPQDLAYRGPEIDAKIAALEAATAAVKAAS H,I,J,K
#
# COMPACT_ATOMS: atom_id res chain seq x y z
N THR A 4 -35.37 -29.41 -48.51
CA THR A 4 -34.89 -28.85 -49.76
C THR A 4 -33.89 -29.81 -50.42
N ASP A 5 -33.09 -29.27 -51.35
CA ASP A 5 -32.14 -30.05 -52.14
C ASP A 5 -32.86 -31.09 -52.99
N TYR A 6 -32.11 -31.84 -53.81
CA TYR A 6 -32.69 -32.83 -54.69
C TYR A 6 -32.64 -34.23 -54.10
N ALA A 7 -32.74 -34.35 -52.79
CA ALA A 7 -32.71 -35.65 -52.13
C ALA A 7 -33.30 -35.51 -50.74
N GLY A 8 -34.36 -36.26 -50.47
CA GLY A 8 -34.87 -36.41 -49.12
C GLY A 8 -34.71 -37.86 -48.69
N ASN A 9 -34.52 -38.72 -49.69
CA ASN A 9 -34.22 -40.14 -49.47
C ASN A 9 -32.74 -40.40 -49.75
N LEU A 10 -31.92 -40.12 -48.74
CA LEU A 10 -30.48 -40.26 -48.84
C LEU A 10 -30.03 -41.51 -48.09
N THR A 11 -28.72 -41.77 -48.16
CA THR A 11 -28.10 -42.91 -47.49
C THR A 11 -27.29 -42.37 -46.31
N ARG A 12 -27.90 -42.40 -45.13
CA ARG A 12 -27.25 -41.90 -43.93
C ARG A 12 -26.61 -43.06 -43.18
N PRO A 13 -25.29 -43.10 -43.04
CA PRO A 13 -24.64 -44.30 -42.51
C PRO A 13 -25.08 -44.72 -41.11
N HIS A 14 -24.91 -43.86 -40.11
CA HIS A 14 -25.21 -44.21 -38.72
C HIS A 14 -26.50 -43.55 -38.22
N TRP A 15 -27.50 -43.46 -39.08
CA TRP A 15 -28.84 -43.07 -38.66
C TRP A 15 -29.79 -44.21 -39.01
N GLY A 16 -30.38 -44.82 -37.98
CA GLY A 16 -31.19 -46.00 -38.16
C GLY A 16 -32.66 -45.70 -38.31
N GLY A 17 -33.45 -46.78 -38.37
CA GLY A 17 -34.88 -46.67 -38.54
C GLY A 17 -35.28 -46.64 -40.00
N ALA A 18 -36.59 -46.81 -40.21
CA ALA A 18 -37.11 -46.77 -41.57
C ALA A 18 -36.94 -45.39 -42.19
N ALA A 19 -37.13 -44.34 -41.40
CA ALA A 19 -36.98 -42.97 -41.86
C ALA A 19 -35.56 -42.46 -41.75
N SER A 20 -34.62 -43.28 -41.28
CA SER A 20 -33.21 -42.93 -41.20
C SER A 20 -32.98 -41.67 -40.39
N ASP A 21 -33.68 -41.53 -39.26
CA ASP A 21 -33.57 -40.35 -38.42
C ASP A 21 -33.42 -40.73 -36.95
N VAL A 22 -32.78 -41.85 -36.65
CA VAL A 22 -32.50 -42.25 -35.29
C VAL A 22 -30.99 -42.24 -35.11
N ASP A 23 -30.51 -41.37 -34.21
CA ASP A 23 -29.09 -41.12 -34.04
C ASP A 23 -28.45 -42.30 -33.32
N ILE A 24 -27.72 -43.14 -34.05
CA ILE A 24 -27.06 -44.29 -33.46
C ILE A 24 -25.56 -44.21 -33.72
N HIS A 25 -25.02 -43.00 -33.80
CA HIS A 25 -23.59 -42.81 -33.98
C HIS A 25 -22.83 -43.38 -32.79
N LEU A 26 -21.50 -43.40 -32.91
CA LEU A 26 -20.62 -44.01 -31.91
C LEU A 26 -19.97 -42.92 -31.09
N GLU A 27 -20.31 -42.86 -29.81
CA GLU A 27 -19.72 -41.85 -28.93
C GLU A 27 -18.21 -42.04 -28.86
N VAL A 28 -17.49 -40.94 -29.03
CA VAL A 28 -16.03 -40.97 -28.88
C VAL A 28 -15.69 -40.77 -27.41
N TYR A 29 -14.86 -41.66 -26.88
CA TYR A 29 -14.47 -41.61 -25.47
C TYR A 29 -12.95 -41.65 -25.39
N GLN A 30 -12.38 -40.72 -24.62
CA GLN A 30 -10.94 -40.63 -24.46
C GLN A 30 -10.55 -40.77 -22.98
N ASN A 31 -11.36 -41.47 -22.21
CA ASN A 31 -11.11 -41.74 -20.79
C ASN A 31 -10.84 -40.43 -20.03
N GLU A 32 -11.86 -39.58 -20.01
CA GLU A 32 -11.80 -38.30 -19.33
C GLU A 32 -12.95 -38.22 -18.34
N VAL A 33 -12.63 -38.27 -17.05
CA VAL A 33 -13.63 -38.23 -15.99
C VAL A 33 -13.48 -36.90 -15.26
N ASP A 34 -14.56 -36.15 -15.20
CA ASP A 34 -14.58 -34.86 -14.52
C ASP A 34 -15.16 -35.05 -13.12
N THR A 35 -14.39 -34.66 -12.11
CA THR A 35 -14.80 -34.80 -10.72
C THR A 35 -14.43 -33.51 -9.99
N ARG A 36 -14.54 -33.54 -8.67
CA ARG A 36 -14.17 -32.38 -7.88
C ARG A 36 -12.69 -32.09 -8.02
N PHE A 37 -12.33 -30.81 -7.89
CA PHE A 37 -10.93 -30.43 -7.86
C PHE A 37 -10.35 -30.77 -6.49
N GLN A 38 -9.12 -31.28 -6.50
CA GLN A 38 -8.55 -31.88 -5.30
C GLN A 38 -8.14 -30.78 -4.31
N TYR A 39 -7.76 -31.22 -3.11
CA TYR A 39 -7.42 -30.30 -2.04
C TYR A 39 -6.49 -31.00 -1.06
N GLN A 40 -5.36 -30.37 -0.77
CA GLN A 40 -4.41 -30.87 0.21
C GLN A 40 -4.61 -30.14 1.53
N ALA A 41 -4.46 -30.88 2.64
CA ALA A 41 -4.64 -30.29 3.95
C ALA A 41 -3.51 -29.32 4.26
N MET A 42 -3.85 -28.14 4.75
CA MET A 42 -2.88 -27.12 5.09
C MET A 42 -2.30 -27.30 6.49
N PHE A 43 -3.06 -27.89 7.40
CA PHE A 43 -2.67 -27.97 8.82
C PHE A 43 -1.89 -29.26 9.10
N LEU A 44 -0.72 -29.37 8.48
CA LEU A 44 0.23 -30.43 8.78
C LEU A 44 1.49 -29.90 9.44
N GLY A 45 2.11 -28.87 8.86
CA GLY A 45 3.22 -28.22 9.52
C GLY A 45 2.82 -27.18 10.54
N LEU A 46 1.53 -26.87 10.63
CA LEU A 46 1.03 -25.85 11.54
C LEU A 46 0.55 -26.40 12.87
N SER A 47 0.71 -27.70 13.11
CA SER A 47 0.25 -28.30 14.36
C SER A 47 1.19 -29.44 14.74
N SER A 48 1.14 -29.81 16.02
CA SER A 48 1.97 -30.88 16.55
C SER A 48 1.13 -32.13 16.75
N GLN A 49 1.59 -33.25 16.17
CA GLN A 49 0.86 -34.51 16.22
C GLN A 49 1.21 -35.28 17.49
N ARG A 50 0.18 -35.83 18.13
CA ARG A 50 0.35 -36.69 19.31
C ARG A 50 -0.50 -37.94 19.11
N SER A 51 -0.06 -39.04 19.72
CA SER A 51 -0.67 -40.34 19.51
C SER A 51 -1.22 -40.87 20.83
N VAL A 52 -2.45 -41.38 20.80
CA VAL A 52 -3.08 -41.97 21.98
C VAL A 52 -3.60 -43.36 21.62
N ALA A 53 -2.89 -44.04 20.70
CA ALA A 53 -3.32 -45.36 20.22
C ALA A 53 -3.27 -46.45 21.28
N ASP A 54 -2.88 -46.14 22.52
CA ASP A 54 -2.90 -47.11 23.60
C ASP A 54 -3.97 -46.80 24.64
N ARG A 55 -3.97 -45.60 25.20
CA ARG A 55 -4.98 -45.16 26.16
C ARG A 55 -5.66 -43.92 25.57
N SER A 56 -6.68 -44.16 24.75
CA SER A 56 -7.30 -43.08 23.99
C SER A 56 -8.24 -42.28 24.88
N ASN A 57 -9.01 -41.39 24.25
CA ASN A 57 -10.03 -40.58 24.92
C ASN A 57 -9.46 -39.64 25.96
N THR A 58 -8.16 -39.35 25.89
CA THR A 58 -7.50 -38.48 26.85
C THR A 58 -6.07 -38.20 26.42
N TYR A 59 -5.56 -37.04 26.83
CA TYR A 59 -4.16 -36.69 26.65
C TYR A 59 -3.85 -35.50 27.55
N ARG A 60 -2.83 -35.63 28.38
CA ARG A 60 -2.56 -34.67 29.45
C ARG A 60 -1.34 -33.82 29.13
N ILE A 61 -1.43 -32.54 29.47
CA ILE A 61 -0.32 -31.60 29.41
C ILE A 61 -0.30 -30.81 30.71
N ASP A 62 0.84 -30.78 31.38
CA ASP A 62 0.98 -30.07 32.64
C ASP A 62 1.41 -28.63 32.40
N ARG A 63 1.05 -27.75 33.34
CA ARG A 63 1.36 -26.34 33.25
C ARG A 63 2.11 -25.90 34.51
N LEU A 64 2.62 -24.68 34.48
CA LEU A 64 3.45 -24.18 35.57
C LEU A 64 3.38 -22.66 35.60
N ASN A 65 3.74 -22.09 36.74
CA ASN A 65 3.74 -20.65 36.95
C ASN A 65 5.17 -20.16 37.17
N THR A 66 5.30 -18.88 37.49
CA THR A 66 6.59 -18.24 37.69
C THR A 66 6.80 -17.95 39.17
N SER A 67 7.92 -17.29 39.46
CA SER A 67 8.29 -16.92 40.82
C SER A 67 8.48 -15.41 40.90
N SER A 68 8.47 -14.89 42.13
CA SER A 68 8.58 -13.47 42.39
C SER A 68 9.90 -13.19 43.09
N VAL A 69 10.70 -12.29 42.51
CA VAL A 69 11.99 -11.93 43.09
C VAL A 69 11.75 -11.01 44.27
N LYS A 70 12.39 -11.31 45.40
CA LYS A 70 12.26 -10.54 46.62
C LYS A 70 13.65 -10.14 47.11
N GLY A 71 13.70 -9.22 48.07
CA GLY A 71 14.95 -8.62 48.50
C GLY A 71 15.24 -8.83 49.97
N ARG A 72 16.48 -9.19 50.27
CA ARG A 72 17.03 -9.23 51.61
C ARG A 72 18.21 -8.28 51.68
N THR A 73 18.44 -7.67 52.85
CA THR A 73 19.48 -6.66 52.97
C THR A 73 20.69 -7.11 53.78
N SER A 74 20.53 -7.41 55.05
CA SER A 74 21.76 -7.78 55.77
C SER A 74 21.64 -9.02 56.63
N GLY A 75 20.53 -9.19 57.34
CA GLY A 75 20.40 -10.28 58.29
C GLY A 75 19.01 -10.85 58.34
N VAL A 76 18.12 -10.33 57.51
CA VAL A 76 16.74 -10.79 57.51
C VAL A 76 16.66 -12.19 56.91
N ALA A 77 15.64 -12.94 57.31
CA ALA A 77 15.47 -14.30 56.80
C ALA A 77 14.77 -14.26 55.45
N LEU A 78 15.20 -15.14 54.55
CA LEU A 78 14.55 -15.26 53.25
C LEU A 78 13.14 -15.81 53.42
N GLU A 79 12.19 -15.23 52.68
CA GLU A 79 10.81 -15.65 52.76
C GLU A 79 10.49 -16.54 51.57
N PRO A 80 10.22 -17.83 51.77
CA PRO A 80 9.94 -18.71 50.64
C PRO A 80 8.63 -18.38 49.95
N THR A 81 8.52 -18.84 48.71
CA THR A 81 7.32 -18.64 47.91
C THR A 81 6.97 -19.93 47.18
N PRO A 82 5.69 -20.19 46.95
CA PRO A 82 5.28 -21.37 46.21
C PRO A 82 5.10 -21.08 44.73
N VAL A 83 4.95 -22.16 43.96
CA VAL A 83 4.76 -22.09 42.51
C VAL A 83 3.58 -22.98 42.17
N ARG A 84 2.44 -22.39 41.84
CA ARG A 84 1.24 -23.16 41.53
C ARG A 84 1.37 -23.81 40.16
N ASN A 85 0.48 -24.77 39.90
CA ASN A 85 0.50 -25.50 38.64
C ASN A 85 -0.89 -26.04 38.36
N ASP A 86 -1.11 -26.45 37.13
CA ASP A 86 -2.40 -27.00 36.70
C ASP A 86 -2.13 -28.00 35.57
N LYS A 87 -3.18 -28.36 34.84
CA LYS A 87 -3.07 -29.32 33.75
C LYS A 87 -4.13 -29.00 32.71
N MET A 88 -4.18 -29.83 31.67
CA MET A 88 -5.22 -29.72 30.65
C MET A 88 -5.32 -31.05 29.92
N LEU A 89 -6.53 -31.39 29.48
CA LEU A 89 -6.82 -32.69 28.89
C LEU A 89 -7.47 -32.52 27.54
N ILE A 90 -7.04 -33.34 26.58
CA ILE A 90 -7.62 -33.39 25.24
C ILE A 90 -8.21 -34.78 25.05
N VAL A 91 -9.49 -34.83 24.66
CA VAL A 91 -10.25 -36.06 24.65
C VAL A 91 -10.74 -36.34 23.23
N VAL A 92 -10.46 -37.54 22.74
CA VAL A 92 -10.92 -37.99 21.42
C VAL A 92 -12.28 -38.63 21.58
N ASP A 93 -13.25 -38.20 20.76
CA ASP A 93 -14.64 -38.61 20.92
C ASP A 93 -15.14 -39.44 19.74
N THR A 94 -15.09 -38.91 18.53
CA THR A 94 -15.75 -39.52 17.39
C THR A 94 -14.76 -39.92 16.32
N VAL A 95 -15.21 -40.81 15.44
CA VAL A 95 -14.42 -41.30 14.32
C VAL A 95 -15.14 -40.93 13.03
N LEU A 96 -14.40 -40.32 12.10
CA LEU A 96 -14.95 -39.97 10.80
C LEU A 96 -14.84 -41.16 9.86
N TYR A 97 -15.72 -41.19 8.86
CA TYR A 97 -15.74 -42.35 7.97
C TYR A 97 -16.35 -42.00 6.62
N ILE A 98 -15.91 -42.74 5.61
CA ILE A 98 -16.53 -42.74 4.28
C ILE A 98 -16.64 -44.19 3.84
N ARG A 99 -17.85 -44.63 3.45
CA ARG A 99 -18.07 -46.01 3.04
C ARG A 99 -18.85 -46.00 1.74
N ASN A 100 -18.17 -46.36 0.64
CA ASN A 100 -18.82 -46.51 -0.65
C ASN A 100 -18.75 -47.97 -1.08
N PRO A 101 -19.85 -48.72 -1.03
CA PRO A 101 -19.82 -50.10 -1.54
C PRO A 101 -19.97 -50.12 -3.04
N ILE A 102 -19.41 -51.17 -3.64
CA ILE A 102 -19.52 -51.40 -5.08
C ILE A 102 -19.87 -52.87 -5.29
N ASP A 103 -20.96 -53.12 -6.01
CA ASP A 103 -21.36 -54.49 -6.30
C ASP A 103 -20.32 -55.16 -7.20
N TYR A 104 -20.23 -56.49 -7.10
CA TYR A 104 -19.34 -57.23 -7.99
C TYR A 104 -19.71 -57.00 -9.44
N GLN A 105 -20.99 -57.13 -9.76
CA GLN A 105 -21.42 -57.13 -11.16
C GLN A 105 -21.19 -55.78 -11.82
N ASP A 106 -21.39 -54.69 -11.08
CA ASP A 106 -21.11 -53.38 -11.64
C ASP A 106 -19.62 -53.16 -11.86
N ASP A 107 -18.78 -53.68 -10.95
CA ASP A 107 -17.34 -53.59 -11.14
C ASP A 107 -16.87 -54.46 -12.30
N TRP A 108 -17.54 -55.60 -12.52
CA TRP A 108 -17.18 -56.46 -13.64
C TRP A 108 -17.56 -55.88 -14.99
N THR A 109 -18.37 -54.82 -15.02
CA THR A 109 -18.95 -54.33 -16.27
C THR A 109 -18.75 -52.82 -16.42
N ALA A 110 -17.72 -52.26 -15.81
CA ALA A 110 -17.44 -50.84 -15.93
C ALA A 110 -16.01 -50.60 -15.47
N PRO A 111 -15.31 -49.62 -16.06
CA PRO A 111 -13.91 -49.39 -15.69
C PRO A 111 -13.78 -48.95 -14.23
N ASP A 112 -12.63 -49.26 -13.64
CA ASP A 112 -12.41 -48.99 -12.23
C ASP A 112 -12.34 -47.48 -11.98
N PHE A 113 -13.14 -47.02 -11.02
CA PHE A 113 -13.14 -45.62 -10.59
C PHE A 113 -12.58 -45.44 -9.19
N LEU A 114 -12.03 -46.50 -8.59
CA LEU A 114 -11.68 -46.46 -7.17
C LEU A 114 -10.62 -45.42 -6.87
N THR A 115 -9.73 -45.15 -7.82
CA THR A 115 -8.67 -44.16 -7.57
C THR A 115 -9.26 -42.76 -7.41
N GLU A 116 -10.23 -42.40 -8.24
CA GLU A 116 -10.83 -41.06 -8.13
C GLU A 116 -11.67 -40.94 -6.87
N MET A 117 -12.38 -41.99 -6.49
CA MET A 117 -13.11 -41.97 -5.23
C MET A 117 -12.14 -41.84 -4.05
N GLY A 118 -11.00 -42.52 -4.10
CA GLY A 118 -10.01 -42.37 -3.05
C GLY A 118 -9.48 -40.95 -2.96
N GLN A 119 -9.20 -40.33 -4.10
CA GLN A 119 -8.75 -38.94 -4.11
C GLN A 119 -9.82 -38.01 -3.56
N ASN A 120 -11.08 -38.26 -3.91
CA ASN A 120 -12.17 -37.43 -3.39
C ASN A 120 -12.28 -37.57 -1.88
N ASN A 121 -12.17 -38.80 -1.36
CA ASN A 121 -12.21 -39.01 0.08
C ASN A 121 -11.06 -38.28 0.77
N GLY A 122 -9.87 -38.36 0.18
CA GLY A 122 -8.75 -37.63 0.75
C GLY A 122 -8.98 -36.13 0.78
N SER A 123 -9.58 -35.59 -0.28
CA SER A 123 -9.89 -34.16 -0.30
C SER A 123 -10.90 -33.78 0.77
N GLU A 124 -11.94 -34.59 0.95
CA GLU A 124 -12.93 -34.28 1.98
C GLU A 124 -12.30 -34.33 3.36
N PHE A 125 -11.47 -35.34 3.62
CA PHE A 125 -10.83 -35.44 4.92
C PHE A 125 -9.86 -34.28 5.15
N ALA A 126 -9.15 -33.84 4.11
CA ALA A 126 -8.25 -32.70 4.26
C ALA A 126 -9.02 -31.43 4.58
N GLU A 127 -10.14 -31.21 3.88
CA GLU A 127 -10.97 -30.04 4.17
C GLU A 127 -11.46 -30.05 5.60
N VAL A 128 -11.91 -31.22 6.08
CA VAL A 128 -12.42 -31.30 7.44
C VAL A 128 -11.29 -31.12 8.46
N PHE A 129 -10.11 -31.65 8.16
CA PHE A 129 -8.94 -31.43 9.01
C PHE A 129 -8.68 -29.94 9.20
N ASP A 130 -8.58 -29.21 8.08
CA ASP A 130 -8.31 -27.78 8.15
C ASP A 130 -9.41 -27.04 8.89
N GLN A 131 -10.68 -27.37 8.60
CA GLN A 131 -11.79 -26.65 9.21
C GLN A 131 -11.86 -26.92 10.71
N ALA A 132 -11.56 -28.14 11.13
CA ALA A 132 -11.55 -28.44 12.57
C ALA A 132 -10.44 -27.67 13.26
N HIS A 133 -9.25 -27.63 12.67
CA HIS A 133 -8.16 -26.87 13.27
C HIS A 133 -8.54 -25.39 13.41
N LEU A 134 -9.16 -24.82 12.38
CA LEU A 134 -9.53 -23.41 12.45
C LEU A 134 -10.67 -23.17 13.44
N ILE A 135 -11.62 -24.10 13.55
CA ILE A 135 -12.67 -23.97 14.54
C ILE A 135 -12.08 -23.93 15.94
N GLN A 136 -11.12 -24.82 16.21
CA GLN A 136 -10.51 -24.82 17.54
C GLN A 136 -9.64 -23.58 17.76
N LEU A 137 -9.04 -23.04 16.71
CA LEU A 137 -8.31 -21.79 16.86
C LEU A 137 -9.25 -20.63 17.22
N ILE A 138 -10.42 -20.57 16.58
CA ILE A 138 -11.31 -19.43 16.76
C ILE A 138 -12.32 -19.63 17.87
N LYS A 139 -12.33 -20.79 18.52
CA LYS A 139 -13.13 -20.94 19.74
C LYS A 139 -12.31 -20.74 21.01
N GLY A 140 -10.99 -20.82 20.92
CA GLY A 140 -10.16 -20.62 22.09
C GLY A 140 -9.89 -19.18 22.44
N ARG A 141 -10.46 -18.24 21.68
CA ARG A 141 -10.20 -16.83 21.93
C ARG A 141 -10.87 -16.32 23.19
N SER A 142 -11.89 -17.01 23.69
CA SER A 142 -12.57 -16.60 24.91
C SER A 142 -12.01 -17.32 26.14
N TRP A 143 -10.82 -17.89 26.04
CA TRP A 143 -10.20 -18.60 27.16
C TRP A 143 -9.72 -17.59 28.19
N VAL A 144 -10.40 -17.52 29.32
CA VAL A 144 -9.93 -16.71 30.44
C VAL A 144 -8.95 -17.55 31.24
N ALA A 145 -7.70 -17.11 31.30
CA ALA A 145 -6.67 -17.90 31.96
C ALA A 145 -6.98 -18.03 33.45
N PRO A 146 -6.70 -19.19 34.04
CA PRO A 146 -6.91 -19.34 35.49
C PRO A 146 -6.05 -18.35 36.27
N ALA A 147 -6.62 -17.83 37.37
CA ALA A 147 -5.93 -16.81 38.13
C ALA A 147 -4.62 -17.33 38.73
N HIS A 148 -4.63 -18.59 39.20
CA HIS A 148 -3.44 -19.11 39.86
C HIS A 148 -2.27 -19.33 38.92
N LEU A 149 -2.48 -19.24 37.60
CA LEU A 149 -1.39 -19.08 36.64
C LEU A 149 -1.68 -17.82 35.86
N LYS A 150 -1.40 -16.66 36.46
CA LYS A 150 -1.62 -15.41 35.73
C LYS A 150 -0.42 -14.95 34.91
N PRO A 151 0.79 -14.87 35.48
CA PRO A 151 1.88 -14.26 34.70
C PRO A 151 2.37 -15.14 33.57
N ALA A 152 2.49 -16.45 33.80
CA ALA A 152 2.94 -17.35 32.75
C ALA A 152 1.86 -17.67 31.74
N PHE A 153 0.60 -17.35 32.04
CA PHE A 153 -0.52 -17.71 31.17
C PHE A 153 -1.47 -16.53 31.11
N SER A 154 -1.46 -15.81 30.01
CA SER A 154 -2.40 -14.72 29.80
C SER A 154 -3.65 -15.23 29.09
N ASP A 155 -4.66 -14.39 29.02
CA ASP A 155 -5.93 -14.75 28.39
C ASP A 155 -5.79 -14.74 26.88
N GLY A 156 -6.79 -15.30 26.20
CA GLY A 156 -6.79 -15.31 24.76
C GLY A 156 -7.03 -13.92 24.18
N ILE A 157 -6.68 -13.76 22.92
CA ILE A 157 -6.76 -12.48 22.23
C ILE A 157 -7.94 -12.51 21.28
N GLU A 158 -8.89 -11.60 21.48
CA GLU A 158 -10.00 -11.38 20.58
C GLU A 158 -10.10 -9.89 20.31
N ILE A 159 -10.00 -9.50 19.05
CA ILE A 159 -10.02 -8.10 18.65
C ILE A 159 -11.21 -7.89 17.72
N GLU A 160 -11.98 -6.84 17.99
CA GLU A 160 -13.19 -6.54 17.24
C GLU A 160 -12.89 -5.39 16.29
N ALA A 161 -12.62 -5.72 15.02
CA ALA A 161 -12.39 -4.71 13.99
C ALA A 161 -13.74 -4.43 13.31
N THR A 162 -14.56 -3.63 13.99
CA THR A 162 -15.89 -3.33 13.52
C THR A 162 -15.88 -2.24 12.45
N ILE A 163 -15.07 -2.42 11.42
CA ILE A 163 -15.01 -1.50 10.29
C ILE A 163 -14.91 -2.29 8.99
N ASP A 164 -15.74 -3.32 8.86
CA ASP A 164 -15.71 -4.23 7.72
C ASP A 164 -16.98 -4.12 6.89
N SER A 165 -17.42 -2.90 6.62
CA SER A 165 -18.61 -2.69 5.79
C SER A 165 -18.29 -3.03 4.34
N ASP A 166 -18.57 -4.27 3.94
CA ASP A 166 -18.23 -4.74 2.61
C ASP A 166 -19.09 -4.13 1.51
N VAL A 167 -20.21 -3.50 1.86
CA VAL A 167 -21.07 -2.88 0.86
C VAL A 167 -20.47 -1.59 0.31
N THR A 168 -19.39 -1.09 0.90
CA THR A 168 -18.78 0.14 0.43
C THR A 168 -18.20 -0.03 -0.97
N THR A 169 -18.27 1.04 -1.76
CA THR A 169 -17.75 1.04 -3.12
C THR A 169 -16.83 2.21 -3.42
N GLN A 170 -16.84 3.28 -2.62
CA GLN A 170 -15.97 4.41 -2.85
C GLN A 170 -14.51 4.02 -2.63
N ALA A 171 -13.60 4.70 -3.33
CA ALA A 171 -12.18 4.43 -3.18
C ALA A 171 -11.72 4.67 -1.75
N GLY A 172 -12.14 5.78 -1.15
CA GLY A 172 -11.81 6.04 0.24
C GLY A 172 -12.49 5.07 1.18
N MET A 173 -13.74 4.70 0.88
CA MET A 173 -14.47 3.79 1.75
C MET A 173 -13.93 2.37 1.66
N GLU A 174 -13.51 1.93 0.47
CA GLU A 174 -12.88 0.62 0.35
C GLU A 174 -11.56 0.56 1.08
N ALA A 175 -11.00 1.71 1.47
CA ALA A 175 -9.80 1.70 2.29
C ALA A 175 -10.17 1.46 3.74
N ASN A 176 -10.95 0.42 3.99
CA ASN A 176 -11.17 -0.11 5.33
C ASN A 176 -10.26 -1.29 5.63
N ALA A 177 -9.36 -1.63 4.70
CA ALA A 177 -8.28 -2.56 5.01
C ALA A 177 -7.35 -2.01 6.07
N ILE A 178 -7.40 -0.69 6.30
CA ILE A 178 -6.67 -0.09 7.41
C ILE A 178 -7.13 -0.71 8.73
N ALA A 179 -8.44 -0.92 8.88
CA ALA A 179 -8.95 -1.56 10.07
C ALA A 179 -8.42 -2.98 10.22
N ILE A 180 -8.34 -3.72 9.11
CA ILE A 180 -7.80 -5.08 9.13
C ILE A 180 -6.35 -5.05 9.59
N ASN A 181 -5.57 -4.13 9.04
CA ASN A 181 -4.16 -4.03 9.41
C ASN A 181 -3.99 -3.65 10.88
N GLN A 182 -4.82 -2.73 11.38
CA GLN A 182 -4.70 -2.34 12.78
C GLN A 182 -5.12 -3.47 13.71
N ALA A 183 -6.13 -4.25 13.34
CA ALA A 183 -6.48 -5.41 14.15
C ALA A 183 -5.34 -6.41 14.19
N HIS A 184 -4.72 -6.69 13.04
CA HIS A 184 -3.58 -7.60 13.03
C HIS A 184 -2.43 -7.06 13.86
N LYS A 185 -2.15 -5.76 13.75
CA LYS A 185 -1.04 -5.17 14.49
C LYS A 185 -1.31 -5.18 15.99
N ALA A 186 -2.55 -4.95 16.40
CA ALA A 186 -2.90 -5.04 17.81
C ALA A 186 -2.73 -6.46 18.32
N GLY A 187 -3.08 -7.45 17.49
CA GLY A 187 -2.81 -8.83 17.86
C GLY A 187 -1.32 -9.09 18.04
N ILE A 188 -0.51 -8.56 17.13
CA ILE A 188 0.94 -8.75 17.23
C ILE A 188 1.48 -8.07 18.48
N ASP A 189 0.94 -6.89 18.82
CA ASP A 189 1.39 -6.20 20.02
C ASP A 189 1.01 -6.98 21.28
N GLU A 190 -0.21 -7.50 21.34
CA GLU A 190 -0.63 -8.28 22.50
C GLU A 190 0.14 -9.59 22.59
N LEU A 191 0.63 -10.10 21.45
CA LEU A 191 1.48 -11.29 21.48
C LEU A 191 2.88 -10.94 21.97
N ILE A 192 3.42 -9.81 21.52
CA ILE A 192 4.78 -9.42 21.90
C ILE A 192 4.84 -9.06 23.38
N LYS A 193 3.80 -8.42 23.90
CA LYS A 193 3.78 -8.08 25.33
C LYS A 193 3.83 -9.32 26.21
N ARG A 194 3.43 -10.48 25.68
CA ARG A 194 3.58 -11.75 26.38
C ARG A 194 4.89 -12.45 26.07
N LYS A 195 5.79 -11.79 25.34
CA LYS A 195 7.13 -12.28 25.07
C LYS A 195 7.11 -13.59 24.28
N VAL A 196 6.06 -13.80 23.49
CA VAL A 196 6.00 -14.99 22.65
C VAL A 196 7.01 -14.87 21.51
N PRO A 197 7.86 -15.86 21.29
CA PRO A 197 8.77 -15.80 20.14
C PRO A 197 8.01 -15.68 18.83
N LEU A 198 8.50 -14.84 17.94
CA LEU A 198 7.84 -14.56 16.67
C LEU A 198 8.52 -15.21 15.48
N ASN A 199 9.46 -16.13 15.72
CA ASN A 199 10.13 -16.78 14.60
C ASN A 199 9.17 -17.66 13.81
N ASP A 200 8.31 -18.40 14.49
CA ASP A 200 7.34 -19.29 13.84
C ASP A 200 5.94 -18.74 14.13
N MET A 201 5.50 -17.82 13.28
CA MET A 201 4.16 -17.25 13.35
C MET A 201 3.56 -17.25 11.96
N ILE A 202 2.28 -17.62 11.87
CA ILE A 202 1.59 -17.67 10.60
C ILE A 202 0.19 -17.09 10.78
N THR A 203 -0.26 -16.33 9.78
CA THR A 203 -1.59 -15.74 9.78
C THR A 203 -2.39 -16.31 8.63
N LEU A 204 -3.58 -16.82 8.93
CA LEU A 204 -4.49 -17.36 7.93
C LEU A 204 -5.72 -16.46 7.88
N VAL A 205 -5.92 -15.80 6.74
CA VAL A 205 -7.07 -14.93 6.54
C VAL A 205 -7.99 -15.59 5.53
N SER A 206 -9.28 -15.26 5.62
CA SER A 206 -10.24 -15.83 4.69
C SER A 206 -10.07 -15.18 3.31
N THR A 207 -10.74 -15.77 2.33
CA THR A 207 -10.61 -15.30 0.96
C THR A 207 -11.16 -13.88 0.81
N GLU A 208 -12.35 -13.62 1.37
CA GLU A 208 -12.93 -12.28 1.27
C GLU A 208 -12.09 -11.27 2.05
N ILE A 209 -11.56 -11.67 3.22
CA ILE A 209 -10.71 -10.77 3.97
C ILE A 209 -9.40 -10.54 3.23
N TYR A 210 -8.89 -11.56 2.54
CA TYR A 210 -7.75 -11.36 1.63
C TYR A 210 -8.05 -10.28 0.61
N SER A 211 -9.18 -10.40 -0.09
CA SER A 211 -9.54 -9.42 -1.10
C SER A 211 -9.68 -8.03 -0.51
N LEU A 212 -10.30 -7.93 0.67
CA LEU A 212 -10.44 -6.63 1.33
C LEU A 212 -9.09 -6.04 1.68
N LEU A 213 -8.17 -6.87 2.19
CA LEU A 213 -6.86 -6.40 2.59
C LEU A 213 -6.02 -5.94 1.40
N LEU A 214 -6.24 -6.54 0.24
CA LEU A 214 -5.51 -6.10 -0.96
C LEU A 214 -5.77 -4.66 -1.36
N GLU A 215 -6.64 -3.95 -0.64
CA GLU A 215 -6.95 -2.56 -0.95
C GLU A 215 -6.23 -1.58 -0.05
N HIS A 216 -5.28 -2.05 0.76
CA HIS A 216 -4.56 -1.16 1.66
C HIS A 216 -3.68 -0.20 0.88
N PRO A 217 -3.57 1.06 1.31
CA PRO A 217 -2.75 2.03 0.58
C PRO A 217 -1.26 1.96 0.87
N LYS A 218 -0.82 1.16 1.84
CA LYS A 218 0.58 1.18 2.24
C LYS A 218 1.21 -0.21 2.18
N LEU A 219 0.44 -1.25 2.49
CA LEU A 219 0.99 -2.61 2.48
C LEU A 219 1.34 -3.09 1.08
N PHE A 220 0.87 -2.42 0.03
CA PHE A 220 1.20 -2.82 -1.33
C PHE A 220 1.76 -1.66 -2.14
N ASN A 221 2.00 -0.52 -1.51
CA ASN A 221 2.69 0.60 -2.13
C ASN A 221 4.19 0.40 -1.99
N LYS A 222 4.91 0.59 -3.09
CA LYS A 222 6.36 0.43 -3.06
C LYS A 222 7.02 1.52 -2.21
N ASP A 223 6.33 2.62 -1.96
CA ASP A 223 6.91 3.68 -1.14
C ASP A 223 7.15 3.22 0.29
N TRP A 224 6.22 2.49 0.87
CA TRP A 224 6.36 2.00 2.24
C TRP A 224 6.91 0.58 2.21
N GLY A 225 8.19 0.49 1.88
CA GLY A 225 8.87 -0.79 1.82
C GLY A 225 8.66 -1.52 0.51
N ASP A 226 9.33 -2.66 0.39
CA ASP A 226 9.32 -3.45 -0.83
C ASP A 226 8.95 -4.91 -0.57
N ALA A 227 8.36 -5.22 0.58
CA ALA A 227 8.04 -6.60 0.88
C ALA A 227 6.97 -7.16 -0.05
N ASN A 228 5.95 -6.35 -0.36
CA ASN A 228 4.88 -6.77 -1.26
C ASN A 228 5.10 -6.09 -2.60
N ALA A 229 5.60 -6.84 -3.57
CA ALA A 229 5.79 -6.36 -4.93
C ALA A 229 4.72 -6.96 -5.82
N ASN A 230 4.04 -6.11 -6.58
CA ASN A 230 2.93 -6.50 -7.44
C ASN A 230 1.79 -7.15 -6.65
N GLY A 231 1.70 -6.87 -5.36
CA GLY A 231 0.66 -7.50 -4.55
C GLY A 231 -0.73 -7.19 -5.06
N TYR A 232 -0.99 -5.92 -5.36
CA TYR A 232 -2.30 -5.53 -5.87
C TYR A 232 -2.60 -6.19 -7.20
N LYS A 233 -1.61 -6.23 -8.10
CA LYS A 233 -1.83 -6.74 -9.44
C LYS A 233 -1.94 -8.27 -9.46
N GLU A 234 -1.13 -8.95 -8.66
CA GLU A 234 -1.14 -10.41 -8.62
C GLU A 234 -2.02 -10.98 -7.54
N ARG A 235 -2.75 -10.14 -6.80
CA ARG A 235 -3.64 -10.58 -5.74
C ARG A 235 -2.92 -11.48 -4.74
N ARG A 236 -1.73 -11.04 -4.33
CA ARG A 236 -0.84 -11.86 -3.52
C ARG A 236 -0.30 -11.03 -2.37
N ALA A 237 -0.77 -11.33 -1.16
CA ALA A 237 -0.26 -10.71 0.06
C ALA A 237 0.63 -11.72 0.77
N VAL A 238 1.86 -11.33 1.06
CA VAL A 238 2.84 -12.27 1.58
C VAL A 238 3.27 -11.87 3.00
N LEU A 239 3.24 -10.58 3.28
CA LEU A 239 3.69 -10.08 4.58
C LEU A 239 2.71 -9.01 5.04
N MET A 240 2.30 -9.07 6.31
CA MET A 240 1.34 -8.13 6.85
C MET A 240 1.92 -7.28 7.98
N ASN A 241 2.46 -7.93 9.02
CA ASN A 241 3.08 -7.21 10.12
C ASN A 241 4.35 -7.95 10.54
N GLY A 242 5.19 -8.27 9.56
CA GLY A 242 6.42 -8.99 9.82
C GLY A 242 6.29 -10.49 9.87
N ILE A 243 5.08 -11.02 9.70
CA ILE A 243 4.86 -12.46 9.73
C ILE A 243 4.14 -12.87 8.45
N PRO A 244 4.49 -14.02 7.86
CA PRO A 244 3.88 -14.41 6.59
C PRO A 244 2.40 -14.71 6.75
N VAL A 245 1.64 -14.37 5.71
CA VAL A 245 0.20 -14.55 5.68
C VAL A 245 -0.15 -15.51 4.55
N VAL A 246 -0.98 -16.50 4.86
CA VAL A 246 -1.41 -17.51 3.90
C VAL A 246 -2.93 -17.51 3.88
N GLU A 247 -3.51 -17.30 2.70
CA GLU A 247 -4.95 -17.32 2.57
C GLU A 247 -5.49 -18.73 2.77
N CYS A 248 -6.45 -18.87 3.68
CA CYS A 248 -7.11 -20.15 3.93
C CYS A 248 -8.57 -20.00 3.58
N THR A 249 -9.09 -20.93 2.78
CA THR A 249 -10.47 -20.86 2.33
C THR A 249 -11.45 -21.56 3.26
N GLU A 250 -10.96 -22.31 4.24
CA GLU A 250 -11.83 -23.14 5.08
C GLU A 250 -12.24 -22.43 6.37
N PHE A 251 -12.76 -21.22 6.24
CA PHE A 251 -13.28 -20.77 7.52
C PHE A 251 -14.74 -21.16 7.70
N PRO A 252 -15.17 -21.38 8.93
CA PRO A 252 -16.47 -22.02 9.17
C PRO A 252 -17.64 -21.11 8.83
N ASP A 253 -18.72 -21.75 8.40
CA ASP A 253 -20.03 -21.13 8.29
C ASP A 253 -20.80 -21.41 9.58
N ALA A 254 -22.12 -21.21 9.57
CA ALA A 254 -22.97 -21.49 10.72
C ALA A 254 -22.77 -22.91 11.25
N GLY A 255 -23.22 -23.15 12.48
CA GLY A 255 -22.81 -24.33 13.24
C GLY A 255 -23.23 -25.69 12.74
N THR A 256 -22.26 -26.45 12.23
CA THR A 256 -22.39 -27.88 11.96
C THR A 256 -21.03 -28.45 11.62
N HIS A 257 -20.68 -29.60 12.20
CA HIS A 257 -19.41 -30.23 11.90
C HIS A 257 -19.52 -31.73 12.15
N PRO A 258 -18.79 -32.54 11.40
CA PRO A 258 -18.84 -34.00 11.59
C PRO A 258 -18.08 -34.50 12.81
N LEU A 259 -17.69 -33.63 13.75
CA LEU A 259 -16.93 -34.05 14.91
C LEU A 259 -17.70 -34.01 16.21
N GLY A 260 -18.85 -33.35 16.26
CA GLY A 260 -19.70 -33.36 17.43
C GLY A 260 -20.11 -31.96 17.85
N SER A 261 -20.83 -31.91 18.97
CA SER A 261 -21.35 -30.65 19.47
C SER A 261 -20.26 -29.71 19.96
N ALA A 262 -19.08 -30.24 20.29
CA ALA A 262 -17.97 -29.38 20.69
C ALA A 262 -17.40 -28.58 19.54
N TYR A 263 -17.81 -28.87 18.31
CA TYR A 263 -17.26 -28.22 17.13
C TYR A 263 -18.30 -27.37 16.40
N THR A 264 -19.39 -27.01 17.07
CA THR A 264 -20.37 -26.14 16.44
C THR A 264 -19.82 -24.72 16.33
N VAL A 265 -20.37 -23.97 15.37
CA VAL A 265 -19.88 -22.63 15.05
C VAL A 265 -21.04 -21.65 15.24
N THR A 266 -20.95 -20.83 16.27
CA THR A 266 -21.96 -19.81 16.50
C THR A 266 -21.76 -18.65 15.52
N ALA A 267 -22.70 -17.70 15.57
CA ALA A 267 -22.62 -16.54 14.68
C ALA A 267 -21.38 -15.71 14.96
N ASP A 268 -21.07 -15.49 16.24
CA ASP A 268 -19.87 -14.73 16.58
C ASP A 268 -18.61 -15.46 16.11
N ASP A 269 -18.61 -16.79 16.22
CA ASP A 269 -17.48 -17.57 15.69
C ASP A 269 -17.40 -17.44 14.17
N ALA A 270 -18.54 -17.46 13.49
CA ALA A 270 -18.53 -17.29 12.04
C ALA A 270 -18.02 -15.92 11.64
N LYS A 271 -18.24 -14.90 12.47
CA LYS A 271 -17.73 -13.57 12.14
C LYS A 271 -16.22 -13.52 12.16
N CYS A 272 -15.57 -14.29 13.04
CA CYS A 272 -14.11 -14.28 13.13
C CYS A 272 -13.50 -14.84 11.86
N ARG A 273 -12.60 -14.07 11.24
CA ARG A 273 -12.05 -14.46 9.95
C ARG A 273 -10.54 -14.20 9.87
N MET A 274 -9.85 -14.29 11.00
CA MET A 274 -8.39 -14.16 11.00
C MET A 274 -7.81 -14.84 12.22
N VAL A 275 -6.69 -15.52 12.04
CA VAL A 275 -5.98 -16.20 13.11
C VAL A 275 -4.50 -15.83 13.00
N THR A 276 -3.82 -15.84 14.14
CA THR A 276 -2.38 -15.58 14.19
C THR A 276 -1.81 -16.46 15.30
N PHE A 277 -1.25 -17.60 14.92
CA PHE A 277 -0.85 -18.61 15.89
C PHE A 277 0.55 -19.13 15.57
N SER A 278 1.24 -19.57 16.61
CA SER A 278 2.54 -20.21 16.45
C SER A 278 2.34 -21.64 15.96
N LYS A 279 2.94 -21.96 14.82
CA LYS A 279 2.76 -23.29 14.26
C LYS A 279 3.45 -24.37 15.07
N SER A 280 4.25 -24.01 16.07
CA SER A 280 4.95 -24.99 16.89
C SER A 280 4.32 -25.20 18.26
N ARG A 281 3.65 -24.20 18.83
CA ARG A 281 3.25 -24.29 20.23
C ARG A 281 1.85 -23.74 20.46
N THR A 282 0.96 -23.85 19.49
CA THR A 282 -0.40 -23.37 19.66
C THR A 282 -1.47 -24.43 19.44
N LEU A 283 -1.22 -25.41 18.59
CA LEU A 283 -2.18 -26.46 18.31
C LEU A 283 -1.54 -27.82 18.56
N VAL A 284 -2.32 -28.72 19.17
CA VAL A 284 -1.90 -30.09 19.40
C VAL A 284 -2.98 -31.00 18.83
N THR A 285 -2.57 -31.93 17.97
CA THR A 285 -3.49 -32.87 17.32
C THR A 285 -3.24 -34.25 17.88
N VAL A 286 -4.19 -34.76 18.66
CA VAL A 286 -4.11 -36.11 19.20
C VAL A 286 -4.82 -37.06 18.24
N GLU A 287 -4.14 -38.14 17.88
CA GLU A 287 -4.65 -39.10 16.91
C GLU A 287 -4.83 -40.45 17.60
N ALA A 288 -5.99 -41.07 17.39
CA ALA A 288 -6.23 -42.43 17.83
C ALA A 288 -6.07 -43.44 16.70
N LYS A 289 -6.74 -43.20 15.57
CA LYS A 289 -6.55 -43.98 14.36
C LYS A 289 -6.17 -43.02 13.24
N PRO A 290 -4.99 -43.14 12.66
CA PRO A 290 -4.62 -42.24 11.54
C PRO A 290 -5.50 -42.50 10.33
N PHE A 291 -5.33 -41.64 9.33
CA PHE A 291 -6.11 -41.76 8.11
C PHE A 291 -5.80 -43.06 7.39
N THR A 292 -6.76 -43.97 7.35
CA THR A 292 -6.59 -45.26 6.70
C THR A 292 -7.66 -45.44 5.62
N SER A 293 -7.23 -45.94 4.47
CA SER A 293 -8.14 -46.27 3.37
C SER A 293 -7.94 -47.74 3.02
N ARG A 294 -9.01 -48.52 3.09
CA ARG A 294 -8.94 -49.94 2.83
C ARG A 294 -10.13 -50.37 2.00
N ILE A 295 -9.91 -51.39 1.17
CA ILE A 295 -10.96 -51.95 0.32
C ILE A 295 -11.14 -53.39 0.76
N TRP A 296 -12.06 -53.61 1.69
CA TRP A 296 -12.37 -54.96 2.14
C TRP A 296 -13.49 -55.55 1.28
N ASP A 297 -13.47 -56.86 1.14
CA ASP A 297 -14.37 -57.57 0.23
C ASP A 297 -15.51 -58.20 1.03
N ASP A 298 -16.73 -57.70 0.82
CA ASP A 298 -17.91 -58.25 1.48
C ASP A 298 -18.39 -59.41 0.63
N GLU A 299 -17.95 -60.62 1.02
CA GLU A 299 -18.27 -61.80 0.22
C GLU A 299 -19.77 -62.10 0.23
N GLN A 300 -20.43 -61.95 1.38
CA GLN A 300 -21.83 -62.33 1.49
C GLN A 300 -22.72 -61.38 0.70
N ASN A 301 -22.51 -60.08 0.86
CA ASN A 301 -23.31 -59.09 0.14
C ASN A 301 -22.93 -59.01 -1.33
N PHE A 302 -21.90 -59.74 -1.76
CA PHE A 302 -21.49 -59.79 -3.15
C PHE A 302 -21.09 -58.41 -3.66
N ALA A 303 -20.47 -57.62 -2.78
CA ALA A 303 -20.06 -56.27 -3.11
C ALA A 303 -18.67 -56.01 -2.54
N ASN A 304 -17.95 -55.09 -3.19
CA ASN A 304 -16.64 -54.65 -2.73
C ASN A 304 -16.77 -53.24 -2.17
N VAL A 305 -16.24 -53.04 -0.97
CA VAL A 305 -16.44 -51.81 -0.21
C VAL A 305 -15.14 -51.04 -0.13
N LEU A 306 -15.17 -49.78 -0.55
CA LEU A 306 -14.04 -48.87 -0.37
C LEU A 306 -14.32 -48.05 0.87
N ASP A 307 -13.55 -48.28 1.92
CA ASP A 307 -13.80 -47.71 3.24
C ASP A 307 -12.67 -46.78 3.62
N CYS A 308 -13.00 -45.53 3.90
CA CYS A 308 -12.05 -44.53 4.38
C CYS A 308 -12.53 -44.00 5.72
N TYR A 309 -11.62 -43.92 6.69
CA TYR A 309 -12.00 -43.51 8.03
C TYR A 309 -10.77 -43.05 8.80
N ALA A 310 -11.01 -42.25 9.83
CA ALA A 310 -9.96 -41.71 10.68
C ALA A 310 -10.56 -41.22 11.97
N MET A 311 -9.77 -41.27 13.04
CA MET A 311 -10.20 -40.85 14.37
C MET A 311 -9.12 -39.96 14.97
N TYR A 312 -9.42 -38.68 15.14
CA TYR A 312 -8.45 -37.73 15.66
C TYR A 312 -9.17 -36.65 16.44
N GLN A 313 -8.39 -35.75 17.03
CA GLN A 313 -8.92 -34.62 17.80
C GLN A 313 -7.84 -33.56 17.89
N VAL A 314 -8.25 -32.29 17.85
CA VAL A 314 -7.34 -31.16 17.99
C VAL A 314 -7.83 -30.28 19.12
N GLY A 315 -6.88 -29.72 19.88
CA GLY A 315 -7.22 -28.89 21.01
C GLY A 315 -6.25 -27.75 21.21
N GLU A 316 -6.76 -26.57 21.51
CA GLU A 316 -5.93 -25.38 21.66
C GLU A 316 -5.05 -25.51 22.90
N ARG A 317 -3.76 -25.71 22.69
CA ARG A 317 -2.77 -25.67 23.75
C ARG A 317 -2.05 -24.33 23.68
N ARG A 318 -1.89 -23.68 24.83
CA ARG A 318 -1.40 -22.30 24.90
C ARG A 318 -2.30 -21.37 24.10
N PRO A 319 -3.54 -21.12 24.53
CA PRO A 319 -4.39 -20.17 23.81
C PRO A 319 -3.83 -18.76 23.79
N ASP A 320 -2.98 -18.39 24.75
CA ASP A 320 -2.40 -17.05 24.75
C ASP A 320 -1.42 -16.82 23.62
N THR A 321 -1.03 -17.88 22.90
CA THR A 321 -0.12 -17.74 21.78
C THR A 321 -0.84 -17.43 20.47
N ALA A 322 -2.16 -17.49 20.45
CA ALA A 322 -2.95 -17.25 19.24
C ALA A 322 -3.76 -15.97 19.38
N ALA A 323 -3.78 -15.18 18.32
CA ALA A 323 -4.60 -13.97 18.24
C ALA A 323 -5.64 -14.14 17.16
N VAL A 324 -6.91 -13.94 17.52
CA VAL A 324 -8.03 -14.12 16.61
C VAL A 324 -8.72 -12.78 16.42
N VAL A 325 -8.92 -12.38 15.17
CA VAL A 325 -9.52 -11.10 14.84
C VAL A 325 -10.97 -11.33 14.44
N LYS A 326 -11.88 -10.52 14.99
CA LYS A 326 -13.29 -10.55 14.63
C LYS A 326 -13.64 -9.29 13.83
N PHE A 327 -14.56 -9.44 12.90
CA PHE A 327 -15.04 -8.34 12.08
C PHE A 327 -16.54 -8.18 12.26
N ASN A 328 -16.96 -6.97 12.62
CA ASN A 328 -18.37 -6.66 12.82
C ASN A 328 -18.83 -5.73 11.71
N GLU A 329 -19.94 -6.10 11.06
CA GLU A 329 -20.45 -5.28 9.97
C GLU A 329 -21.00 -3.97 10.51
N ALA A 330 -20.97 -2.95 9.65
CA ALA A 330 -21.43 -1.62 10.03
C ALA A 330 -22.91 -1.43 9.72
N ASP B 5 -13.54 34.97 -67.69
CA ASP B 5 -14.17 36.25 -67.36
C ASP B 5 -14.88 36.82 -68.58
N TYR B 6 -14.09 37.26 -69.55
CA TYR B 6 -14.58 37.84 -70.80
C TYR B 6 -15.13 36.80 -71.74
N ALA B 7 -15.28 35.55 -71.31
CA ALA B 7 -15.82 34.48 -72.14
C ALA B 7 -16.69 33.58 -71.27
N GLY B 8 -17.99 33.89 -71.24
CA GLY B 8 -18.96 33.01 -70.61
C GLY B 8 -19.37 31.82 -71.45
N ASN B 9 -18.95 31.79 -72.71
CA ASN B 9 -19.14 30.65 -73.59
C ASN B 9 -17.77 30.15 -74.02
N LEU B 10 -17.47 28.90 -73.72
CA LEU B 10 -16.12 28.39 -73.90
C LEU B 10 -16.11 27.05 -74.62
N THR B 11 -14.93 26.43 -74.70
CA THR B 11 -14.76 25.13 -75.36
C THR B 11 -14.17 24.17 -74.34
N ARG B 12 -15.04 23.55 -73.55
CA ARG B 12 -14.61 22.58 -72.57
C ARG B 12 -14.52 21.20 -73.23
N PRO B 13 -13.33 20.61 -73.29
CA PRO B 13 -13.15 19.39 -74.11
C PRO B 13 -14.07 18.23 -73.75
N HIS B 14 -13.99 17.75 -72.50
CA HIS B 14 -14.76 16.57 -72.10
C HIS B 14 -16.02 16.94 -71.34
N TRP B 15 -16.65 18.05 -71.70
CA TRP B 15 -17.96 18.41 -71.17
C TRP B 15 -18.94 18.38 -72.34
N GLY B 16 -19.80 17.37 -72.35
CA GLY B 16 -20.81 17.24 -73.39
C GLY B 16 -22.02 18.10 -73.11
N GLY B 17 -23.06 17.88 -73.89
CA GLY B 17 -24.30 18.60 -73.73
C GLY B 17 -24.41 19.78 -74.69
N ALA B 18 -25.65 20.27 -74.83
CA ALA B 18 -25.90 21.37 -75.75
C ALA B 18 -25.20 22.65 -75.31
N ALA B 19 -25.20 22.92 -74.01
CA ALA B 19 -24.52 24.10 -73.48
C ALA B 19 -23.47 23.67 -72.47
N SER B 20 -22.67 22.66 -72.81
CA SER B 20 -21.70 22.06 -71.90
C SER B 20 -22.40 21.60 -70.63
N ASP B 21 -21.65 21.51 -69.53
CA ASP B 21 -22.18 21.11 -68.23
C ASP B 21 -22.85 19.74 -68.30
N VAL B 22 -22.05 18.74 -68.65
CA VAL B 22 -22.48 17.34 -68.59
C VAL B 22 -21.48 16.41 -67.93
N ASP B 23 -20.19 16.77 -67.89
CA ASP B 23 -19.17 16.03 -67.15
C ASP B 23 -19.09 14.57 -67.62
N ILE B 24 -18.67 14.42 -68.86
CA ILE B 24 -18.50 13.09 -69.45
C ILE B 24 -17.02 12.73 -69.37
N HIS B 25 -16.31 13.31 -68.42
CA HIS B 25 -14.89 13.07 -68.25
C HIS B 25 -14.63 11.59 -67.98
N LEU B 26 -13.47 11.13 -68.44
CA LEU B 26 -13.01 9.78 -68.12
C LEU B 26 -12.75 9.66 -66.62
N GLU B 27 -12.83 8.43 -66.14
CA GLU B 27 -12.58 8.12 -64.74
C GLU B 27 -11.25 7.39 -64.62
N VAL B 28 -10.32 7.96 -63.86
CA VAL B 28 -9.01 7.33 -63.68
C VAL B 28 -9.12 6.27 -62.60
N TYR B 29 -8.85 5.02 -62.96
CA TYR B 29 -9.03 3.88 -62.07
C TYR B 29 -7.75 3.06 -62.08
N GLN B 30 -7.22 2.79 -60.90
CA GLN B 30 -5.91 2.16 -60.76
C GLN B 30 -5.98 0.82 -60.05
N ASN B 31 -7.09 0.10 -60.22
CA ASN B 31 -7.27 -1.24 -59.67
C ASN B 31 -7.12 -1.23 -58.14
N GLU B 32 -8.02 -0.50 -57.49
CA GLU B 32 -8.03 -0.39 -56.03
C GLU B 32 -9.41 -0.74 -55.53
N VAL B 33 -9.48 -1.71 -54.61
CA VAL B 33 -10.73 -2.13 -54.00
C VAL B 33 -10.55 -2.12 -52.50
N ASP B 34 -11.38 -1.34 -51.80
CA ASP B 34 -11.39 -1.31 -50.34
C ASP B 34 -12.54 -2.18 -49.87
N THR B 35 -12.22 -3.22 -49.12
CA THR B 35 -13.20 -4.25 -48.80
C THR B 35 -13.61 -4.23 -47.34
N ARG B 36 -12.67 -4.42 -46.42
CA ARG B 36 -12.95 -4.52 -45.00
C ARG B 36 -11.61 -4.75 -44.31
N PHE B 37 -11.65 -4.76 -42.98
CA PHE B 37 -10.47 -5.02 -42.18
C PHE B 37 -10.57 -6.44 -41.64
N GLN B 38 -9.54 -7.24 -41.90
CA GLN B 38 -9.60 -8.66 -41.65
C GLN B 38 -9.52 -8.97 -40.15
N TYR B 39 -9.99 -10.16 -39.80
CA TYR B 39 -9.95 -10.65 -38.43
C TYR B 39 -9.41 -12.07 -38.43
N GLN B 40 -8.69 -12.43 -37.38
CA GLN B 40 -8.13 -13.76 -37.21
C GLN B 40 -8.66 -14.35 -35.91
N ALA B 41 -9.09 -15.61 -35.97
CA ALA B 41 -9.61 -16.28 -34.79
C ALA B 41 -8.51 -16.49 -33.76
N MET B 42 -8.85 -16.32 -32.49
CA MET B 42 -7.92 -16.54 -31.40
C MET B 42 -8.30 -17.72 -30.51
N PHE B 43 -9.51 -18.24 -30.64
CA PHE B 43 -9.98 -19.35 -29.81
C PHE B 43 -9.43 -20.69 -30.30
N LEU B 44 -8.12 -20.75 -30.40
CA LEU B 44 -7.41 -21.99 -30.71
C LEU B 44 -6.74 -22.57 -29.47
N GLY B 45 -5.95 -21.76 -28.76
CA GLY B 45 -5.41 -22.13 -27.48
C GLY B 45 -6.32 -21.84 -26.32
N LEU B 46 -7.53 -21.37 -26.58
CA LEU B 46 -8.50 -21.04 -25.55
C LEU B 46 -9.63 -22.07 -25.50
N SER B 47 -9.36 -23.28 -25.97
CA SER B 47 -10.32 -24.38 -25.97
C SER B 47 -9.57 -25.68 -26.21
N SER B 48 -10.26 -26.79 -25.98
CA SER B 48 -9.71 -28.13 -26.20
C SER B 48 -10.24 -28.68 -27.52
N GLN B 49 -9.34 -29.22 -28.33
CA GLN B 49 -9.65 -29.64 -29.68
C GLN B 49 -9.83 -31.15 -29.73
N ARG B 50 -11.04 -31.60 -30.08
CA ARG B 50 -11.33 -33.00 -30.33
C ARG B 50 -11.86 -33.14 -31.74
N SER B 51 -11.29 -34.07 -32.50
CA SER B 51 -11.61 -34.26 -33.90
C SER B 51 -12.39 -35.56 -34.06
N VAL B 52 -13.71 -35.45 -34.22
CA VAL B 52 -14.51 -36.61 -34.56
C VAL B 52 -14.24 -37.07 -35.98
N ALA B 53 -13.70 -36.19 -36.83
CA ALA B 53 -13.22 -36.53 -38.16
C ALA B 53 -14.27 -37.28 -38.98
N ASP B 54 -13.94 -38.49 -39.40
CA ASP B 54 -14.83 -39.31 -40.21
C ASP B 54 -15.46 -40.44 -39.41
N ARG B 55 -15.50 -40.32 -38.08
CA ARG B 55 -16.14 -41.31 -37.22
C ARG B 55 -17.12 -40.61 -36.30
N SER B 56 -18.42 -40.78 -36.56
CA SER B 56 -19.49 -40.25 -35.71
C SER B 56 -19.44 -38.74 -35.58
N ASN B 57 -20.30 -38.19 -34.71
CA ASN B 57 -20.35 -36.75 -34.50
C ASN B 57 -20.34 -36.41 -33.01
N THR B 58 -20.79 -37.33 -32.17
CA THR B 58 -20.87 -37.06 -30.74
C THR B 58 -19.49 -37.20 -30.10
N TYR B 59 -19.43 -36.81 -28.82
CA TYR B 59 -18.21 -36.90 -28.03
C TYR B 59 -18.62 -36.77 -26.56
N ARG B 60 -18.22 -37.73 -25.73
CA ARG B 60 -18.67 -37.78 -24.35
C ARG B 60 -17.51 -37.64 -23.38
N ILE B 61 -17.79 -37.04 -22.23
CA ILE B 61 -16.83 -36.86 -21.14
C ILE B 61 -17.53 -37.29 -19.87
N ASP B 62 -17.09 -38.41 -19.30
CA ASP B 62 -17.74 -38.94 -18.11
C ASP B 62 -17.52 -38.02 -16.91
N ARG B 63 -18.43 -38.11 -15.95
CA ARG B 63 -18.37 -37.27 -14.77
C ARG B 63 -18.37 -38.12 -13.50
N LEU B 64 -18.43 -37.48 -12.34
CA LEU B 64 -18.37 -38.18 -11.07
C LEU B 64 -18.85 -37.24 -9.97
N ASN B 65 -19.00 -37.79 -8.78
CA ASN B 65 -19.42 -37.00 -7.61
C ASN B 65 -18.51 -37.31 -6.44
N THR B 66 -18.82 -36.76 -5.27
CA THR B 66 -18.03 -36.95 -4.08
C THR B 66 -18.86 -37.64 -3.00
N SER B 67 -18.29 -37.75 -1.82
CA SER B 67 -18.97 -38.34 -0.67
C SER B 67 -18.81 -37.43 0.52
N SER B 68 -19.84 -37.38 1.36
CA SER B 68 -19.86 -36.51 2.52
C SER B 68 -19.34 -37.27 3.73
N VAL B 69 -18.29 -36.75 4.36
CA VAL B 69 -17.71 -37.39 5.53
C VAL B 69 -18.64 -37.20 6.72
N LYS B 70 -18.90 -38.28 7.44
CA LYS B 70 -19.82 -38.31 8.57
C LYS B 70 -19.07 -38.71 9.83
N GLY B 71 -19.83 -38.95 10.90
CA GLY B 71 -19.22 -39.32 12.17
C GLY B 71 -20.05 -40.23 13.04
N ARG B 72 -19.47 -41.34 13.46
CA ARG B 72 -20.08 -42.28 14.39
C ARG B 72 -19.24 -42.34 15.65
N THR B 73 -19.85 -42.78 16.75
CA THR B 73 -19.17 -42.73 18.04
C THR B 73 -18.88 -44.11 18.63
N SER B 74 -19.89 -44.91 18.91
CA SER B 74 -19.62 -46.14 19.65
C SER B 74 -20.26 -47.37 19.04
N GLY B 75 -21.48 -47.26 18.55
CA GLY B 75 -22.19 -48.40 18.00
C GLY B 75 -23.03 -47.98 16.81
N VAL B 76 -22.86 -46.73 16.38
CA VAL B 76 -23.62 -46.22 15.26
C VAL B 76 -23.17 -46.92 13.98
N ALA B 77 -24.13 -47.41 13.21
CA ALA B 77 -23.80 -48.08 11.96
C ALA B 77 -23.27 -47.10 10.94
N LEU B 78 -22.23 -47.51 10.21
CA LEU B 78 -21.69 -46.69 9.14
C LEU B 78 -22.68 -46.64 7.98
N GLU B 79 -22.99 -45.43 7.52
CA GLU B 79 -23.99 -45.27 6.47
C GLU B 79 -23.29 -45.29 5.13
N PRO B 80 -23.51 -46.32 4.30
CA PRO B 80 -22.96 -46.30 2.95
C PRO B 80 -23.57 -45.15 2.15
N THR B 81 -22.76 -44.53 1.31
CA THR B 81 -23.20 -43.41 0.51
C THR B 81 -22.97 -43.70 -0.96
N PRO B 82 -23.98 -43.54 -1.81
CA PRO B 82 -23.76 -43.72 -3.24
C PRO B 82 -22.94 -42.58 -3.81
N VAL B 83 -22.31 -42.86 -4.96
CA VAL B 83 -21.59 -41.86 -5.73
C VAL B 83 -22.15 -41.87 -7.14
N ARG B 84 -22.73 -40.75 -7.54
CA ARG B 84 -23.46 -40.67 -8.80
C ARG B 84 -22.55 -40.13 -9.91
N ASN B 85 -22.93 -40.42 -11.15
CA ASN B 85 -22.12 -40.02 -12.29
C ASN B 85 -23.00 -39.92 -13.53
N ASP B 86 -22.48 -39.24 -14.54
CA ASP B 86 -23.17 -39.13 -15.81
C ASP B 86 -22.17 -38.76 -16.89
N LYS B 87 -22.56 -39.02 -18.14
CA LYS B 87 -21.72 -38.64 -19.27
C LYS B 87 -22.07 -37.22 -19.70
N MET B 88 -21.50 -36.76 -20.82
CA MET B 88 -21.79 -35.43 -21.33
C MET B 88 -21.58 -35.48 -22.84
N LEU B 89 -22.67 -35.58 -23.60
CA LEU B 89 -22.59 -35.70 -25.05
C LEU B 89 -22.52 -34.32 -25.70
N ILE B 90 -21.63 -34.20 -26.68
CA ILE B 90 -21.52 -33.01 -27.51
C ILE B 90 -21.65 -33.44 -28.96
N VAL B 91 -22.73 -33.02 -29.61
CA VAL B 91 -23.10 -33.51 -30.92
C VAL B 91 -22.91 -32.40 -31.94
N VAL B 92 -22.26 -32.72 -33.05
CA VAL B 92 -22.11 -31.78 -34.15
C VAL B 92 -23.35 -31.85 -35.01
N ASP B 93 -24.06 -30.73 -35.15
CA ASP B 93 -25.38 -30.73 -35.76
C ASP B 93 -25.42 -29.99 -37.10
N THR B 94 -25.02 -28.72 -37.12
CA THR B 94 -25.17 -27.89 -38.31
C THR B 94 -23.87 -27.82 -39.10
N VAL B 95 -23.98 -27.27 -40.31
CA VAL B 95 -22.85 -27.09 -41.22
C VAL B 95 -22.87 -25.63 -41.67
N LEU B 96 -21.84 -24.88 -41.28
CA LEU B 96 -21.74 -23.50 -41.74
C LEU B 96 -21.26 -23.47 -43.18
N TYR B 97 -21.65 -22.41 -43.90
CA TYR B 97 -21.30 -22.29 -45.31
C TYR B 97 -21.48 -20.84 -45.75
N ILE B 98 -20.83 -20.51 -46.87
CA ILE B 98 -21.04 -19.25 -47.57
C ILE B 98 -20.97 -19.57 -49.06
N ARG B 99 -22.10 -19.48 -49.75
CA ARG B 99 -22.19 -19.78 -51.17
C ARG B 99 -22.32 -18.48 -51.95
N ASN B 100 -21.41 -18.26 -52.91
CA ASN B 100 -21.32 -17.02 -53.66
C ASN B 100 -21.27 -17.30 -55.15
N PRO B 101 -22.42 -17.45 -55.80
CA PRO B 101 -22.42 -17.67 -57.24
C PRO B 101 -21.98 -16.44 -58.01
N ILE B 102 -21.23 -16.64 -59.09
CA ILE B 102 -20.82 -15.59 -60.01
C ILE B 102 -21.11 -16.07 -61.41
N ASP B 103 -21.94 -15.32 -62.15
CA ASP B 103 -22.36 -15.75 -63.46
C ASP B 103 -21.24 -15.62 -64.47
N TYR B 104 -21.36 -16.40 -65.56
CA TYR B 104 -20.41 -16.27 -66.66
C TYR B 104 -20.45 -14.87 -67.26
N GLN B 105 -21.66 -14.36 -67.48
CA GLN B 105 -21.83 -13.11 -68.19
C GLN B 105 -21.19 -11.95 -67.45
N ASP B 106 -21.38 -11.89 -66.14
CA ASP B 106 -20.83 -10.81 -65.33
C ASP B 106 -19.35 -11.00 -65.03
N ASP B 107 -18.79 -12.19 -65.27
CA ASP B 107 -17.37 -12.41 -65.12
C ASP B 107 -16.61 -12.20 -66.42
N TRP B 108 -17.28 -12.29 -67.56
CA TRP B 108 -16.63 -12.03 -68.83
C TRP B 108 -16.39 -10.55 -69.05
N THR B 109 -17.24 -9.70 -68.49
CA THR B 109 -17.23 -8.27 -68.78
C THR B 109 -16.83 -7.41 -67.60
N ALA B 110 -16.18 -7.99 -66.59
CA ALA B 110 -15.84 -7.24 -65.39
C ALA B 110 -14.61 -7.85 -64.76
N PRO B 111 -13.78 -7.06 -64.08
CA PRO B 111 -12.64 -7.62 -63.36
C PRO B 111 -13.09 -8.49 -62.21
N ASP B 112 -12.26 -9.47 -61.87
CA ASP B 112 -12.58 -10.46 -60.86
C ASP B 112 -11.98 -10.06 -59.52
N PHE B 113 -12.78 -10.16 -58.47
CA PHE B 113 -12.36 -9.88 -57.11
C PHE B 113 -12.58 -11.10 -56.21
N LEU B 114 -12.24 -12.28 -56.73
CA LEU B 114 -12.45 -13.51 -55.98
C LEU B 114 -11.51 -13.62 -54.79
N THR B 115 -10.29 -13.09 -54.88
CA THR B 115 -9.37 -13.15 -53.76
C THR B 115 -9.90 -12.37 -52.57
N GLU B 116 -10.47 -11.19 -52.82
CA GLU B 116 -11.08 -10.42 -51.74
C GLU B 116 -12.24 -11.18 -51.13
N MET B 117 -13.03 -11.86 -51.96
CA MET B 117 -14.14 -12.65 -51.44
C MET B 117 -13.64 -13.78 -50.56
N GLY B 118 -12.54 -14.44 -50.95
CA GLY B 118 -11.98 -15.50 -50.12
C GLY B 118 -11.46 -14.98 -48.80
N GLN B 119 -10.79 -13.83 -48.82
CA GLN B 119 -10.36 -13.21 -47.57
C GLN B 119 -11.55 -12.89 -46.68
N ASN B 120 -12.62 -12.33 -47.27
CA ASN B 120 -13.81 -12.02 -46.50
C ASN B 120 -14.40 -13.27 -45.87
N ASN B 121 -14.47 -14.36 -46.65
CA ASN B 121 -15.05 -15.59 -46.14
C ASN B 121 -14.23 -16.14 -44.97
N GLY B 122 -12.91 -16.15 -45.10
CA GLY B 122 -12.08 -16.62 -44.00
C GLY B 122 -12.26 -15.79 -42.75
N SER B 123 -12.28 -14.46 -42.91
CA SER B 123 -12.44 -13.58 -41.76
C SER B 123 -13.80 -13.79 -41.09
N GLU B 124 -14.86 -13.93 -41.89
CA GLU B 124 -16.18 -14.15 -41.31
C GLU B 124 -16.26 -15.48 -40.59
N PHE B 125 -15.64 -16.53 -41.13
CA PHE B 125 -15.63 -17.80 -40.41
C PHE B 125 -14.90 -17.67 -39.08
N ALA B 126 -13.80 -16.92 -39.06
CA ALA B 126 -13.10 -16.69 -37.80
C ALA B 126 -13.98 -15.95 -36.79
N GLU B 127 -14.68 -14.92 -37.25
CA GLU B 127 -15.59 -14.20 -36.36
C GLU B 127 -16.67 -15.13 -35.83
N VAL B 128 -17.21 -16.00 -36.67
CA VAL B 128 -18.24 -16.93 -36.22
C VAL B 128 -17.70 -17.86 -35.17
N PHE B 129 -16.47 -18.37 -35.37
CA PHE B 129 -15.83 -19.23 -34.38
C PHE B 129 -15.75 -18.54 -33.02
N ASP B 130 -15.19 -17.32 -33.01
CA ASP B 130 -15.01 -16.62 -31.75
C ASP B 130 -16.35 -16.29 -31.10
N GLN B 131 -17.33 -15.84 -31.89
CA GLN B 131 -18.62 -15.51 -31.32
C GLN B 131 -19.31 -16.75 -30.77
N ALA B 132 -19.12 -17.90 -31.41
CA ALA B 132 -19.72 -19.13 -30.90
C ALA B 132 -19.18 -19.47 -29.53
N HIS B 133 -17.86 -19.42 -29.37
CA HIS B 133 -17.30 -19.74 -28.05
C HIS B 133 -17.76 -18.73 -27.00
N LEU B 134 -17.74 -17.44 -27.35
CA LEU B 134 -18.16 -16.41 -26.40
C LEU B 134 -19.61 -16.58 -26.00
N ILE B 135 -20.49 -16.88 -26.97
CA ILE B 135 -21.90 -17.09 -26.67
C ILE B 135 -22.07 -18.30 -25.76
N GLN B 136 -21.27 -19.35 -25.99
CA GLN B 136 -21.35 -20.52 -25.12
C GLN B 136 -21.01 -20.16 -23.69
N LEU B 137 -19.94 -19.39 -23.49
CA LEU B 137 -19.58 -18.98 -22.13
C LEU B 137 -20.65 -18.11 -21.50
N ILE B 138 -21.16 -17.13 -22.26
CA ILE B 138 -22.17 -16.21 -21.71
C ILE B 138 -23.42 -16.97 -21.31
N LYS B 139 -23.85 -17.93 -22.12
CA LYS B 139 -25.03 -18.71 -21.77
C LYS B 139 -24.75 -19.64 -20.60
N GLY B 140 -23.54 -20.18 -20.50
CA GLY B 140 -23.20 -21.02 -19.37
C GLY B 140 -23.00 -20.26 -18.07
N ARG B 141 -22.95 -18.93 -18.13
CA ARG B 141 -22.86 -18.16 -16.90
C ARG B 141 -23.98 -18.49 -15.91
N SER B 142 -25.14 -18.91 -16.42
CA SER B 142 -26.29 -19.23 -15.58
C SER B 142 -26.52 -20.73 -15.48
N TRP B 143 -25.48 -21.51 -15.66
CA TRP B 143 -25.59 -22.96 -15.57
C TRP B 143 -25.98 -23.39 -14.17
N VAL B 144 -26.84 -24.39 -14.09
CA VAL B 144 -27.23 -25.01 -12.83
C VAL B 144 -26.76 -26.45 -12.84
N ALA B 145 -25.89 -26.80 -11.91
CA ALA B 145 -25.34 -28.15 -11.88
C ALA B 145 -26.46 -29.15 -11.59
N PRO B 146 -26.37 -30.36 -12.13
CA PRO B 146 -27.39 -31.38 -11.83
C PRO B 146 -27.45 -31.67 -10.34
N ALA B 147 -28.65 -31.98 -9.86
CA ALA B 147 -28.84 -32.19 -8.43
C ALA B 147 -27.98 -33.34 -7.91
N HIS B 148 -27.85 -34.39 -8.70
CA HIS B 148 -27.03 -35.53 -8.31
C HIS B 148 -25.54 -35.29 -8.53
N LEU B 149 -25.14 -34.04 -8.77
CA LEU B 149 -23.72 -33.69 -8.91
C LEU B 149 -23.39 -32.39 -8.20
N LYS B 150 -24.25 -31.94 -7.29
CA LYS B 150 -24.04 -30.65 -6.63
C LYS B 150 -22.78 -30.56 -5.79
N PRO B 151 -22.46 -31.52 -4.91
CA PRO B 151 -21.23 -31.36 -4.11
C PRO B 151 -19.97 -31.28 -4.94
N ALA B 152 -19.93 -31.93 -6.10
CA ALA B 152 -18.75 -31.92 -6.95
C ALA B 152 -18.79 -30.84 -8.03
N PHE B 153 -19.98 -30.38 -8.41
CA PHE B 153 -20.14 -29.37 -9.44
C PHE B 153 -20.96 -28.22 -8.90
N SER B 154 -20.42 -27.01 -9.01
CA SER B 154 -21.12 -25.82 -8.57
C SER B 154 -21.81 -25.15 -9.75
N ASP B 155 -22.74 -24.24 -9.44
CA ASP B 155 -23.50 -23.55 -10.46
C ASP B 155 -22.64 -22.48 -11.14
N GLY B 156 -23.22 -21.82 -12.13
CA GLY B 156 -22.48 -20.82 -12.87
C GLY B 156 -22.21 -19.58 -12.05
N ILE B 157 -21.30 -18.76 -12.54
CA ILE B 157 -20.80 -17.60 -11.82
C ILE B 157 -21.26 -16.35 -12.56
N GLU B 158 -22.10 -15.55 -11.93
CA GLU B 158 -22.54 -14.27 -12.47
C GLU B 158 -22.29 -13.19 -11.45
N ILE B 159 -21.53 -12.17 -11.85
CA ILE B 159 -21.20 -11.04 -11.00
C ILE B 159 -21.81 -9.79 -11.65
N GLU B 160 -22.65 -9.09 -10.90
CA GLU B 160 -23.31 -7.90 -11.42
C GLU B 160 -22.57 -6.64 -10.96
N ALA B 161 -22.29 -5.76 -11.91
CA ALA B 161 -21.64 -4.49 -11.64
C ALA B 161 -22.44 -3.35 -12.23
N THR B 162 -22.21 -2.15 -11.73
CA THR B 162 -22.83 -0.94 -12.24
C THR B 162 -21.75 0.02 -12.71
N ILE B 163 -21.89 0.51 -13.94
CA ILE B 163 -20.94 1.45 -14.52
C ILE B 163 -21.71 2.66 -15.01
N ASP B 164 -21.28 3.85 -14.58
CA ASP B 164 -21.85 5.10 -15.06
C ASP B 164 -21.05 5.52 -16.29
N SER B 165 -21.51 5.08 -17.46
CA SER B 165 -20.73 5.26 -18.68
C SER B 165 -20.74 6.72 -19.14
N ASP B 166 -21.78 7.48 -18.81
CA ASP B 166 -21.91 8.85 -19.25
C ASP B 166 -21.48 9.85 -18.18
N VAL B 167 -20.47 9.51 -17.40
CA VAL B 167 -19.94 10.39 -16.36
C VAL B 167 -18.72 11.10 -16.90
N THR B 168 -18.50 12.31 -16.41
CA THR B 168 -17.40 13.15 -16.87
C THR B 168 -16.37 13.48 -15.79
N THR B 169 -16.75 13.47 -14.53
CA THR B 169 -15.81 13.81 -13.46
C THR B 169 -14.82 12.67 -13.26
N GLN B 170 -13.67 13.01 -12.68
CA GLN B 170 -12.64 12.01 -12.43
C GLN B 170 -13.13 10.94 -11.45
N ALA B 171 -13.83 11.36 -10.39
CA ALA B 171 -14.31 10.41 -9.40
C ALA B 171 -15.22 9.36 -10.01
N GLY B 172 -16.01 9.73 -11.02
CA GLY B 172 -16.81 8.73 -11.71
C GLY B 172 -15.97 7.73 -12.47
N MET B 173 -14.90 8.20 -13.11
CA MET B 173 -14.01 7.29 -13.82
C MET B 173 -13.29 6.36 -12.86
N GLU B 174 -12.82 6.89 -11.74
CA GLU B 174 -12.23 6.05 -10.70
C GLU B 174 -13.24 5.04 -10.21
N ALA B 175 -14.49 5.46 -10.03
CA ALA B 175 -15.52 4.55 -9.56
C ALA B 175 -15.77 3.42 -10.56
N ASN B 176 -15.83 3.74 -11.84
CA ASN B 176 -16.04 2.69 -12.85
C ASN B 176 -14.88 1.71 -12.88
N ALA B 177 -13.64 2.23 -12.87
CA ALA B 177 -12.48 1.34 -12.89
C ALA B 177 -12.45 0.45 -11.65
N ILE B 178 -12.75 1.04 -10.49
CA ILE B 178 -12.74 0.29 -9.24
C ILE B 178 -13.85 -0.75 -9.24
N ALA B 179 -15.02 -0.42 -9.80
CA ALA B 179 -16.09 -1.39 -9.89
C ALA B 179 -15.69 -2.57 -10.77
N ILE B 180 -15.04 -2.29 -11.90
CA ILE B 180 -14.62 -3.37 -12.78
C ILE B 180 -13.59 -4.27 -12.08
N ASN B 181 -12.60 -3.64 -11.44
CA ASN B 181 -11.56 -4.41 -10.77
C ASN B 181 -12.12 -5.22 -9.60
N GLN B 182 -13.03 -4.62 -8.84
CA GLN B 182 -13.62 -5.32 -7.70
C GLN B 182 -14.50 -6.47 -8.16
N ALA B 183 -15.24 -6.31 -9.25
CA ALA B 183 -16.03 -7.40 -9.78
C ALA B 183 -15.14 -8.55 -10.24
N HIS B 184 -14.05 -8.23 -10.94
CA HIS B 184 -13.12 -9.28 -11.36
C HIS B 184 -12.49 -9.97 -10.16
N LYS B 185 -12.15 -9.20 -9.13
CA LYS B 185 -11.57 -9.79 -7.93
C LYS B 185 -12.56 -10.69 -7.22
N ALA B 186 -13.83 -10.29 -7.18
CA ALA B 186 -14.86 -11.13 -6.57
C ALA B 186 -15.02 -12.44 -7.34
N GLY B 187 -15.02 -12.36 -8.66
CA GLY B 187 -15.09 -13.58 -9.46
C GLY B 187 -13.90 -14.49 -9.20
N ILE B 188 -12.70 -13.93 -9.15
CA ILE B 188 -11.50 -14.72 -8.89
C ILE B 188 -11.58 -15.35 -7.50
N ASP B 189 -11.98 -14.58 -6.50
CA ASP B 189 -12.04 -15.11 -5.14
C ASP B 189 -13.06 -16.24 -5.04
N GLU B 190 -14.21 -16.09 -5.68
CA GLU B 190 -15.23 -17.12 -5.58
C GLU B 190 -14.82 -18.36 -6.37
N LEU B 191 -14.01 -18.18 -7.43
CA LEU B 191 -13.40 -19.33 -8.08
C LEU B 191 -12.41 -20.03 -7.15
N ILE B 192 -11.59 -19.26 -6.45
CA ILE B 192 -10.63 -19.84 -5.52
C ILE B 192 -11.37 -20.62 -4.43
N LYS B 193 -12.58 -20.20 -4.09
CA LYS B 193 -13.38 -20.96 -3.13
C LYS B 193 -13.65 -22.37 -3.61
N ARG B 194 -13.70 -22.59 -4.92
CA ARG B 194 -13.98 -23.90 -5.48
C ARG B 194 -12.72 -24.70 -5.83
N LYS B 195 -11.54 -24.22 -5.42
CA LYS B 195 -10.29 -24.94 -5.56
C LYS B 195 -9.87 -25.12 -7.01
N VAL B 196 -10.29 -24.23 -7.90
CA VAL B 196 -9.86 -24.34 -9.30
C VAL B 196 -8.40 -23.92 -9.40
N PRO B 197 -7.56 -24.66 -10.13
CA PRO B 197 -6.20 -24.18 -10.37
C PRO B 197 -6.21 -22.92 -11.21
N LEU B 198 -5.24 -22.04 -10.95
CA LEU B 198 -5.25 -20.70 -11.52
C LEU B 198 -4.12 -20.46 -12.50
N ASN B 199 -3.34 -21.48 -12.85
CA ASN B 199 -2.17 -21.29 -13.69
C ASN B 199 -2.49 -21.32 -15.18
N ASP B 200 -3.74 -21.55 -15.56
CA ASP B 200 -4.12 -21.65 -16.97
C ASP B 200 -5.40 -20.86 -17.22
N MET B 201 -5.42 -19.61 -16.76
CA MET B 201 -6.63 -18.80 -16.82
C MET B 201 -6.38 -17.53 -17.62
N ILE B 202 -7.36 -17.18 -18.45
CA ILE B 202 -7.32 -15.99 -19.28
C ILE B 202 -8.59 -15.18 -19.02
N THR B 203 -8.52 -13.89 -19.29
CA THR B 203 -9.65 -12.99 -19.14
C THR B 203 -9.93 -12.29 -20.47
N LEU B 204 -11.21 -12.06 -20.74
CA LEU B 204 -11.65 -11.46 -22.00
C LEU B 204 -12.55 -10.27 -21.69
N VAL B 205 -12.09 -9.08 -22.04
CA VAL B 205 -12.83 -7.85 -21.78
C VAL B 205 -13.10 -7.15 -23.10
N SER B 206 -14.32 -6.64 -23.27
CA SER B 206 -14.68 -5.92 -24.47
C SER B 206 -13.92 -4.59 -24.55
N THR B 207 -14.06 -3.92 -25.68
CA THR B 207 -13.36 -2.65 -25.90
C THR B 207 -13.78 -1.60 -24.88
N GLU B 208 -15.09 -1.49 -24.63
CA GLU B 208 -15.57 -0.48 -23.69
C GLU B 208 -15.10 -0.76 -22.27
N ILE B 209 -15.14 -2.03 -21.85
CA ILE B 209 -14.69 -2.37 -20.51
C ILE B 209 -13.18 -2.20 -20.40
N TYR B 210 -12.44 -2.56 -21.46
CA TYR B 210 -11.00 -2.33 -21.47
C TYR B 210 -10.70 -0.85 -21.32
N SER B 211 -11.47 0.01 -21.98
CA SER B 211 -11.24 1.44 -21.91
C SER B 211 -11.58 1.99 -20.53
N LEU B 212 -12.74 1.61 -19.99
CA LEU B 212 -13.12 2.07 -18.66
C LEU B 212 -12.17 1.56 -17.58
N LEU B 213 -11.52 0.42 -17.81
CA LEU B 213 -10.63 -0.14 -16.81
C LEU B 213 -9.34 0.66 -16.68
N LEU B 214 -8.90 1.32 -17.75
CA LEU B 214 -7.59 1.94 -17.77
C LEU B 214 -7.46 3.13 -16.83
N GLU B 215 -8.56 3.62 -16.26
CA GLU B 215 -8.49 4.72 -15.33
C GLU B 215 -8.38 4.25 -13.88
N HIS B 216 -7.87 3.06 -13.64
CA HIS B 216 -7.72 2.57 -12.28
C HIS B 216 -6.59 3.34 -11.59
N PRO B 217 -6.77 3.82 -10.37
CA PRO B 217 -5.73 4.58 -9.69
C PRO B 217 -4.66 3.73 -9.02
N LYS B 218 -4.86 2.41 -8.92
CA LYS B 218 -3.91 1.54 -8.23
C LYS B 218 -3.38 0.43 -9.12
N LEU B 219 -3.66 0.44 -10.41
CA LEU B 219 -3.26 -0.64 -11.30
C LEU B 219 -2.18 -0.20 -12.29
N PHE B 220 -2.40 0.88 -13.04
CA PHE B 220 -1.48 1.25 -14.10
C PHE B 220 -0.44 2.27 -13.66
N ASN B 221 0.26 1.99 -12.55
CA ASN B 221 1.34 2.87 -12.12
C ASN B 221 2.38 2.07 -11.36
N LYS B 222 3.59 2.63 -11.31
CA LYS B 222 4.73 1.92 -10.76
C LYS B 222 4.80 1.97 -9.24
N ASP B 223 3.95 2.76 -8.58
CA ASP B 223 3.97 2.78 -7.12
C ASP B 223 3.41 1.50 -6.53
N TRP B 224 2.65 0.73 -7.30
CA TRP B 224 2.17 -0.58 -6.88
C TRP B 224 2.92 -1.71 -7.59
N GLY B 225 4.20 -1.50 -7.87
CA GLY B 225 5.04 -2.50 -8.49
C GLY B 225 5.18 -2.29 -9.98
N ASP B 226 5.90 -3.23 -10.59
CA ASP B 226 6.04 -3.25 -12.04
C ASP B 226 4.77 -3.82 -12.65
N ALA B 227 4.83 -4.20 -13.93
CA ALA B 227 3.69 -4.76 -14.66
C ALA B 227 2.62 -3.69 -14.91
N ASN B 228 1.93 -3.80 -16.03
CA ASN B 228 1.03 -2.77 -16.53
C ASN B 228 1.74 -1.43 -16.73
N ALA B 229 3.06 -1.46 -16.89
CA ALA B 229 3.81 -0.25 -17.18
C ALA B 229 3.37 0.34 -18.51
N ASN B 230 3.22 1.66 -18.55
CA ASN B 230 2.73 2.38 -19.73
C ASN B 230 1.31 1.99 -20.10
N GLY B 231 0.57 1.36 -19.18
CA GLY B 231 -0.77 0.93 -19.51
C GLY B 231 -1.69 2.09 -19.81
N TYR B 232 -1.58 3.18 -19.03
CA TYR B 232 -2.41 4.35 -19.27
C TYR B 232 -1.95 5.14 -20.49
N LYS B 233 -0.65 5.16 -20.75
CA LYS B 233 -0.10 5.92 -21.86
C LYS B 233 -0.10 5.15 -23.18
N GLU B 234 -0.40 3.85 -23.14
CA GLU B 234 -0.43 3.05 -24.36
C GLU B 234 -1.75 2.32 -24.57
N ARG B 235 -2.70 2.44 -23.66
CA ARG B 235 -3.98 1.71 -23.73
C ARG B 235 -3.73 0.21 -23.91
N ARG B 236 -3.08 -0.36 -22.89
CA ARG B 236 -2.63 -1.75 -22.98
C ARG B 236 -2.45 -2.31 -21.58
N ALA B 237 -3.35 -3.19 -21.17
CA ALA B 237 -3.24 -3.92 -19.91
C ALA B 237 -2.77 -5.34 -20.17
N VAL B 238 -2.09 -5.92 -19.18
CA VAL B 238 -1.60 -7.29 -19.30
C VAL B 238 -2.24 -8.19 -18.25
N LEU B 239 -2.03 -7.92 -16.97
CA LEU B 239 -2.63 -8.71 -15.91
C LEU B 239 -3.43 -7.80 -14.99
N MET B 240 -4.52 -8.35 -14.48
CA MET B 240 -5.49 -7.57 -13.71
C MET B 240 -5.63 -8.03 -12.28
N ASN B 241 -5.80 -9.33 -12.05
CA ASN B 241 -5.81 -9.89 -10.71
C ASN B 241 -4.95 -11.15 -10.67
N GLY B 242 -3.77 -11.06 -11.25
CA GLY B 242 -2.86 -12.18 -11.31
C GLY B 242 -2.97 -13.02 -12.56
N ILE B 243 -3.86 -12.66 -13.49
CA ILE B 243 -4.10 -13.47 -14.68
C ILE B 243 -4.01 -12.58 -15.92
N PRO B 244 -3.58 -13.11 -17.06
CA PRO B 244 -3.46 -12.29 -18.27
C PRO B 244 -4.81 -11.78 -18.75
N VAL B 245 -4.77 -10.62 -19.40
CA VAL B 245 -5.96 -9.95 -19.92
C VAL B 245 -5.80 -9.76 -21.42
N VAL B 246 -6.84 -10.12 -22.17
CA VAL B 246 -6.82 -10.06 -23.63
C VAL B 246 -8.06 -9.32 -24.10
N GLU B 247 -7.88 -8.31 -24.94
CA GLU B 247 -8.97 -7.52 -25.49
C GLU B 247 -9.52 -8.19 -26.73
N CYS B 248 -10.80 -8.55 -26.72
CA CYS B 248 -11.44 -9.13 -27.89
C CYS B 248 -12.65 -8.31 -28.30
N THR B 249 -12.77 -8.06 -29.59
CA THR B 249 -13.78 -7.19 -30.16
C THR B 249 -15.02 -7.95 -30.63
N GLU B 250 -15.14 -9.23 -30.31
CA GLU B 250 -16.15 -10.08 -30.91
C GLU B 250 -17.16 -10.61 -29.89
N PHE B 251 -17.42 -9.86 -28.82
CA PHE B 251 -18.57 -10.18 -27.99
C PHE B 251 -19.87 -10.00 -28.79
N PRO B 252 -20.79 -10.96 -28.69
CA PRO B 252 -22.01 -10.89 -29.48
C PRO B 252 -22.92 -9.74 -29.06
N ASP B 253 -23.68 -9.25 -30.04
CA ASP B 253 -24.79 -8.35 -29.77
C ASP B 253 -26.04 -9.21 -29.58
N ALA B 254 -27.22 -8.58 -29.63
CA ALA B 254 -28.47 -9.27 -29.31
C ALA B 254 -29.11 -9.93 -30.52
N GLY B 255 -28.32 -10.33 -31.51
CA GLY B 255 -28.86 -10.97 -32.70
C GLY B 255 -28.98 -12.47 -32.60
N THR B 256 -28.71 -13.17 -33.70
CA THR B 256 -28.73 -14.62 -33.75
C THR B 256 -27.44 -15.13 -34.37
N HIS B 257 -27.03 -16.33 -33.97
CA HIS B 257 -25.80 -16.91 -34.46
C HIS B 257 -26.07 -17.98 -35.51
N PRO B 258 -25.25 -18.08 -36.55
CA PRO B 258 -25.50 -19.07 -37.60
C PRO B 258 -25.31 -20.51 -37.15
N LEU B 259 -24.64 -20.75 -36.02
CA LEU B 259 -24.34 -22.11 -35.59
C LEU B 259 -25.57 -22.83 -35.07
N GLY B 260 -26.69 -22.16 -34.89
CA GLY B 260 -27.90 -22.79 -34.44
C GLY B 260 -28.75 -21.83 -33.63
N SER B 261 -30.06 -22.11 -33.60
CA SER B 261 -30.98 -21.29 -32.83
C SER B 261 -30.67 -21.33 -31.34
N ALA B 262 -29.98 -22.37 -30.88
CA ALA B 262 -29.61 -22.45 -29.47
C ALA B 262 -28.59 -21.40 -29.08
N TYR B 263 -27.94 -20.76 -30.06
CA TYR B 263 -26.93 -19.74 -29.79
C TYR B 263 -27.48 -18.32 -29.85
N THR B 264 -28.79 -18.15 -30.03
CA THR B 264 -29.36 -16.82 -30.12
C THR B 264 -29.13 -16.05 -28.82
N VAL B 265 -28.59 -14.85 -28.94
CA VAL B 265 -28.19 -14.04 -27.79
C VAL B 265 -29.36 -13.19 -27.34
N THR B 266 -29.64 -13.22 -26.04
CA THR B 266 -30.70 -12.40 -25.47
C THR B 266 -30.16 -11.01 -25.13
N ALA B 267 -31.08 -10.11 -24.77
CA ALA B 267 -30.68 -8.77 -24.36
C ALA B 267 -29.82 -8.82 -23.11
N ASP B 268 -30.22 -9.64 -22.12
CA ASP B 268 -29.42 -9.78 -20.91
C ASP B 268 -28.07 -10.40 -21.20
N ASP B 269 -28.03 -11.39 -22.09
CA ASP B 269 -26.75 -12.02 -22.45
C ASP B 269 -25.81 -11.01 -23.10
N ALA B 270 -26.35 -10.10 -23.91
CA ALA B 270 -25.52 -9.10 -24.56
C ALA B 270 -24.94 -8.10 -23.58
N LYS B 271 -25.47 -8.02 -22.36
CA LYS B 271 -24.95 -7.08 -21.38
C LYS B 271 -23.64 -7.56 -20.76
N CYS B 272 -23.41 -8.87 -20.70
CA CYS B 272 -22.17 -9.38 -20.15
C CYS B 272 -21.00 -9.00 -21.04
N ARG B 273 -19.91 -8.51 -20.42
CA ARG B 273 -18.78 -8.03 -21.20
C ARG B 273 -17.43 -8.41 -20.61
N MET B 274 -17.37 -9.35 -19.67
CA MET B 274 -16.11 -9.81 -19.12
C MET B 274 -16.24 -11.28 -18.76
N VAL B 275 -15.26 -12.08 -19.18
CA VAL B 275 -15.26 -13.52 -18.95
C VAL B 275 -13.89 -13.91 -18.42
N THR B 276 -13.87 -14.74 -17.38
CA THR B 276 -12.62 -15.22 -16.78
C THR B 276 -12.71 -16.74 -16.71
N PHE B 277 -12.11 -17.42 -17.67
CA PHE B 277 -12.22 -18.87 -17.74
C PHE B 277 -10.86 -19.54 -17.81
N SER B 278 -10.83 -20.85 -18.06
CA SER B 278 -9.60 -21.60 -18.14
C SER B 278 -9.42 -22.17 -19.55
N LYS B 279 -8.18 -22.13 -20.03
CA LYS B 279 -7.89 -22.51 -21.40
C LYS B 279 -7.91 -24.02 -21.64
N SER B 280 -7.98 -24.84 -20.60
CA SER B 280 -7.86 -26.27 -20.75
C SER B 280 -8.99 -27.09 -20.15
N ARG B 281 -9.78 -26.53 -19.24
CA ARG B 281 -10.80 -27.32 -18.55
C ARG B 281 -12.17 -26.65 -18.58
N THR B 282 -12.40 -25.71 -19.48
CA THR B 282 -13.67 -24.99 -19.52
C THR B 282 -14.41 -25.13 -20.84
N LEU B 283 -13.71 -25.27 -21.95
CA LEU B 283 -14.35 -25.37 -23.26
C LEU B 283 -13.68 -26.46 -24.06
N VAL B 284 -14.50 -27.26 -24.74
CA VAL B 284 -14.03 -28.21 -25.74
C VAL B 284 -14.79 -27.94 -27.03
N THR B 285 -14.08 -28.03 -28.14
CA THR B 285 -14.64 -27.71 -29.45
C THR B 285 -14.47 -28.91 -30.38
N VAL B 286 -15.46 -29.80 -30.37
CA VAL B 286 -15.46 -30.91 -31.31
C VAL B 286 -15.51 -30.37 -32.73
N GLU B 287 -15.02 -31.19 -33.66
CA GLU B 287 -14.70 -30.69 -35.00
C GLU B 287 -14.78 -31.84 -35.99
N ALA B 288 -15.69 -31.74 -36.96
CA ALA B 288 -15.89 -32.80 -37.94
C ALA B 288 -15.39 -32.46 -39.33
N LYS B 289 -15.14 -31.18 -39.63
CA LYS B 289 -14.57 -30.80 -40.91
C LYS B 289 -13.88 -29.45 -40.78
N PRO B 290 -12.59 -29.34 -41.10
CA PRO B 290 -11.91 -28.05 -41.03
C PRO B 290 -12.46 -27.10 -42.09
N PHE B 291 -12.22 -25.81 -41.86
CA PHE B 291 -12.69 -24.80 -42.80
C PHE B 291 -12.00 -24.98 -44.14
N THR B 292 -12.74 -25.49 -45.12
CA THR B 292 -12.22 -25.69 -46.47
C THR B 292 -13.01 -24.84 -47.45
N SER B 293 -12.36 -24.50 -48.55
CA SER B 293 -12.96 -23.69 -49.59
C SER B 293 -12.74 -24.32 -50.95
N ARG B 294 -13.67 -24.08 -51.86
CA ARG B 294 -13.57 -24.58 -53.21
C ARG B 294 -14.37 -23.68 -54.13
N ILE B 295 -13.94 -23.60 -55.39
CA ILE B 295 -14.68 -22.91 -56.44
C ILE B 295 -14.89 -23.88 -57.58
N TRP B 296 -16.13 -24.04 -58.00
CA TRP B 296 -16.48 -25.04 -59.00
C TRP B 296 -17.36 -24.42 -60.08
N ASP B 297 -17.20 -24.92 -61.29
CA ASP B 297 -17.92 -24.43 -62.45
C ASP B 297 -19.24 -25.18 -62.58
N ASP B 298 -20.34 -24.44 -62.63
CA ASP B 298 -21.67 -25.02 -62.75
C ASP B 298 -22.06 -25.05 -64.22
N GLU B 299 -21.93 -26.22 -64.84
CA GLU B 299 -22.23 -26.34 -66.27
C GLU B 299 -23.69 -26.04 -66.55
N GLN B 300 -24.61 -26.59 -65.75
CA GLN B 300 -26.03 -26.50 -66.08
C GLN B 300 -26.60 -25.14 -65.74
N ASN B 301 -26.17 -24.54 -64.63
CA ASN B 301 -26.71 -23.26 -64.19
C ASN B 301 -25.95 -22.08 -64.77
N PHE B 302 -24.91 -22.33 -65.56
CA PHE B 302 -24.22 -21.31 -66.34
C PHE B 302 -23.60 -20.25 -65.41
N ALA B 303 -22.79 -20.72 -64.46
CA ALA B 303 -22.16 -19.84 -63.48
C ALA B 303 -21.02 -20.56 -62.80
N ASN B 304 -20.16 -19.79 -62.14
CA ASN B 304 -19.14 -20.30 -61.25
C ASN B 304 -19.55 -19.99 -59.81
N VAL B 305 -19.40 -20.95 -58.92
CA VAL B 305 -19.83 -20.82 -57.54
C VAL B 305 -18.62 -20.94 -56.64
N LEU B 306 -18.52 -20.03 -55.67
CA LEU B 306 -17.48 -20.07 -54.66
C LEU B 306 -18.07 -20.62 -53.37
N ASP B 307 -17.44 -21.65 -52.81
CA ASP B 307 -17.93 -22.30 -51.61
C ASP B 307 -16.87 -22.27 -50.51
N CYS B 308 -17.34 -22.18 -49.28
CA CYS B 308 -16.49 -22.32 -48.11
C CYS B 308 -17.36 -22.77 -46.96
N TYR B 309 -17.02 -23.91 -46.36
CA TYR B 309 -17.87 -24.54 -45.36
C TYR B 309 -17.01 -25.18 -44.28
N ALA B 310 -17.55 -25.19 -43.06
CA ALA B 310 -16.86 -25.80 -41.93
C ALA B 310 -17.91 -26.35 -40.97
N MET B 311 -17.65 -27.56 -40.48
CA MET B 311 -18.53 -28.23 -39.54
C MET B 311 -17.80 -28.38 -38.21
N TYR B 312 -18.39 -27.85 -37.15
CA TYR B 312 -17.81 -27.93 -35.81
C TYR B 312 -18.89 -27.61 -34.80
N GLN B 313 -18.55 -27.83 -33.53
CA GLN B 313 -19.46 -27.55 -32.43
C GLN B 313 -18.63 -27.26 -31.18
N VAL B 314 -19.08 -26.29 -30.39
CA VAL B 314 -18.41 -25.90 -29.16
C VAL B 314 -19.28 -26.32 -27.98
N GLY B 315 -18.67 -27.01 -27.03
CA GLY B 315 -19.35 -27.46 -25.84
C GLY B 315 -18.63 -26.96 -24.61
N GLU B 316 -19.41 -26.67 -23.57
CA GLU B 316 -18.88 -26.08 -22.34
C GLU B 316 -18.75 -27.18 -21.29
N ARG B 317 -17.54 -27.64 -21.08
CA ARG B 317 -17.23 -28.66 -20.09
C ARG B 317 -16.72 -27.97 -18.82
N ARG B 318 -17.30 -28.34 -17.68
CA ARG B 318 -17.07 -27.65 -16.41
C ARG B 318 -17.46 -26.17 -16.53
N PRO B 319 -18.74 -25.86 -16.65
CA PRO B 319 -19.15 -24.45 -16.71
C PRO B 319 -18.98 -23.70 -15.41
N ASP B 320 -18.47 -24.34 -14.36
CA ASP B 320 -18.25 -23.71 -13.07
C ASP B 320 -16.83 -23.19 -12.92
N THR B 321 -16.01 -23.28 -13.96
CA THR B 321 -14.65 -22.76 -13.93
C THR B 321 -14.54 -21.40 -14.60
N ALA B 322 -15.66 -20.78 -14.95
CA ALA B 322 -15.67 -19.49 -15.61
C ALA B 322 -16.47 -18.50 -14.78
N ALA B 323 -16.03 -17.24 -14.81
CA ALA B 323 -16.71 -16.14 -14.14
C ALA B 323 -17.13 -15.12 -15.18
N VAL B 324 -18.39 -14.70 -15.13
CA VAL B 324 -18.97 -13.80 -16.11
C VAL B 324 -19.55 -12.59 -15.38
N VAL B 325 -19.19 -11.40 -15.84
CA VAL B 325 -19.57 -10.15 -15.17
C VAL B 325 -20.54 -9.40 -16.07
N LYS B 326 -21.74 -9.15 -15.56
CA LYS B 326 -22.77 -8.42 -16.30
C LYS B 326 -22.86 -7.00 -15.74
N PHE B 327 -22.58 -6.02 -16.59
CA PHE B 327 -22.54 -4.62 -16.17
C PHE B 327 -23.93 -4.00 -16.40
N ASN B 328 -24.59 -3.63 -15.32
CA ASN B 328 -25.99 -3.19 -15.38
C ASN B 328 -26.12 -1.67 -15.49
N GLU B 329 -25.39 -1.07 -16.44
CA GLU B 329 -25.45 0.36 -16.72
C GLU B 329 -25.56 1.21 -15.46
N ALA B 330 -26.57 2.06 -15.39
CA ALA B 330 -26.79 2.90 -14.21
C ALA B 330 -28.25 3.36 -14.14
N ASP C 5 24.80 75.11 -21.10
CA ASP C 5 26.21 75.01 -21.50
C ASP C 5 26.66 76.25 -22.23
N TYR C 6 27.97 76.50 -22.23
CA TYR C 6 28.50 77.58 -23.02
C TYR C 6 28.39 77.23 -24.50
N ALA C 7 28.42 78.26 -25.35
CA ALA C 7 28.24 78.12 -26.79
C ALA C 7 26.89 77.44 -27.09
N GLY C 8 25.82 78.12 -26.69
CA GLY C 8 24.48 77.66 -26.96
C GLY C 8 23.99 77.90 -28.37
N ASN C 9 24.81 78.53 -29.20
CA ASN C 9 24.56 78.67 -30.63
C ASN C 9 25.77 78.04 -31.35
N LEU C 10 25.63 76.77 -31.71
CA LEU C 10 26.71 76.01 -32.33
C LEU C 10 26.25 75.44 -33.66
N THR C 11 27.16 74.72 -34.31
CA THR C 11 26.92 74.20 -35.65
C THR C 11 26.55 72.72 -35.56
N ARG C 12 25.40 72.37 -36.13
CA ARG C 12 24.92 70.99 -36.16
C ARG C 12 24.75 70.58 -37.62
N PRO C 13 25.54 69.63 -38.12
CA PRO C 13 25.60 69.40 -39.58
C PRO C 13 24.27 69.08 -40.23
N HIS C 14 23.59 68.04 -39.78
CA HIS C 14 22.33 67.61 -40.38
C HIS C 14 21.13 67.99 -39.54
N TRP C 15 21.16 69.17 -38.94
CA TRP C 15 20.03 69.72 -38.20
C TRP C 15 19.57 71.03 -38.83
N GLY C 16 19.47 71.04 -40.15
CA GLY C 16 19.22 72.28 -40.88
C GLY C 16 17.88 72.93 -40.61
N GLY C 17 17.92 74.05 -39.89
CA GLY C 17 16.73 74.82 -39.63
C GLY C 17 17.12 76.26 -39.36
N ALA C 18 16.09 77.10 -39.21
CA ALA C 18 16.35 78.51 -38.92
C ALA C 18 17.11 78.67 -37.61
N ALA C 19 16.71 77.93 -36.58
CA ALA C 19 17.42 77.87 -35.32
C ALA C 19 18.18 76.55 -35.17
N SER C 20 18.37 75.82 -36.27
CA SER C 20 19.04 74.52 -36.28
C SER C 20 18.36 73.55 -35.31
N ASP C 21 17.03 73.49 -35.37
CA ASP C 21 16.25 72.65 -34.49
C ASP C 21 15.58 71.47 -35.17
N VAL C 22 15.33 71.54 -36.47
CA VAL C 22 14.55 70.53 -37.17
C VAL C 22 15.49 69.50 -37.79
N ASP C 23 15.21 68.23 -37.56
CA ASP C 23 16.05 67.15 -38.05
C ASP C 23 15.96 67.03 -39.57
N ILE C 24 17.11 66.80 -40.20
CA ILE C 24 17.18 66.55 -41.63
C ILE C 24 18.15 65.41 -41.94
N HIS C 25 18.29 64.47 -41.02
CA HIS C 25 19.25 63.39 -41.17
C HIS C 25 18.80 62.41 -42.25
N LEU C 26 19.62 61.39 -42.48
CA LEU C 26 19.39 60.38 -43.49
C LEU C 26 19.09 59.04 -42.83
N GLU C 27 17.99 58.42 -43.22
CA GLU C 27 17.64 57.11 -42.68
C GLU C 27 18.59 56.06 -43.24
N VAL C 28 19.48 55.55 -42.39
CA VAL C 28 20.38 54.48 -42.81
C VAL C 28 19.56 53.21 -43.04
N TYR C 29 19.83 52.54 -44.14
CA TYR C 29 19.01 51.41 -44.56
C TYR C 29 19.93 50.29 -45.03
N GLN C 30 19.72 49.09 -44.53
CA GLN C 30 20.56 47.95 -44.85
C GLN C 30 19.77 46.86 -45.57
N ASN C 31 18.70 47.25 -46.27
CA ASN C 31 17.86 46.33 -47.04
C ASN C 31 17.29 45.24 -46.13
N GLU C 32 16.56 45.68 -45.12
CA GLU C 32 15.93 44.79 -44.14
C GLU C 32 14.41 44.87 -44.30
N VAL C 33 13.79 43.73 -44.57
CA VAL C 33 12.35 43.64 -44.71
C VAL C 33 11.84 42.57 -43.75
N ASP C 34 10.90 42.94 -42.89
CA ASP C 34 10.21 42.01 -42.00
C ASP C 34 8.82 41.78 -42.56
N THR C 35 8.54 40.55 -42.99
CA THR C 35 7.31 40.26 -43.71
C THR C 35 6.33 39.42 -42.90
N ARG C 36 6.72 38.21 -42.51
CA ARG C 36 5.86 37.29 -41.80
C ARG C 36 6.73 36.10 -41.40
N PHE C 37 6.09 35.09 -40.82
CA PHE C 37 6.76 33.87 -40.41
C PHE C 37 6.33 32.73 -41.33
N GLN C 38 7.30 32.03 -41.89
CA GLN C 38 7.02 31.08 -42.96
C GLN C 38 6.40 29.82 -42.40
N TYR C 39 5.63 29.13 -43.26
CA TYR C 39 4.95 27.90 -42.89
C TYR C 39 5.22 26.82 -43.92
N GLN C 40 5.39 25.59 -43.45
CA GLN C 40 5.62 24.43 -44.30
C GLN C 40 4.42 23.50 -44.21
N ALA C 41 3.94 23.04 -45.36
CA ALA C 41 2.83 22.10 -45.38
C ALA C 41 3.24 20.78 -44.73
N MET C 42 2.30 20.15 -44.03
CA MET C 42 2.61 18.93 -43.31
C MET C 42 1.64 17.78 -43.59
N PHE C 43 0.77 17.91 -44.59
CA PHE C 43 -0.05 16.81 -45.07
C PHE C 43 0.44 16.20 -46.39
N LEU C 44 1.67 16.51 -46.81
CA LEU C 44 2.21 15.79 -47.96
C LEU C 44 2.44 14.32 -47.64
N GLY C 45 2.88 14.03 -46.42
CA GLY C 45 3.12 12.67 -45.98
C GLY C 45 1.99 12.03 -45.21
N LEU C 46 0.94 12.78 -44.87
CA LEU C 46 -0.21 12.25 -44.15
C LEU C 46 -1.39 11.95 -45.07
N SER C 47 -1.18 11.90 -46.38
CA SER C 47 -2.24 11.62 -47.32
C SER C 47 -1.65 11.03 -48.60
N SER C 48 -2.49 10.36 -49.36
CA SER C 48 -2.09 9.78 -50.63
C SER C 48 -2.16 10.83 -51.75
N GLN C 49 -1.24 10.72 -52.70
CA GLN C 49 -1.14 11.67 -53.80
C GLN C 49 -1.49 10.97 -55.11
N ARG C 50 -2.44 11.56 -55.85
CA ARG C 50 -2.86 11.03 -57.14
C ARG C 50 -2.92 12.18 -58.14
N SER C 51 -2.74 11.84 -59.42
CA SER C 51 -2.69 12.83 -60.48
C SER C 51 -3.72 12.50 -61.55
N VAL C 52 -4.50 13.50 -61.95
CA VAL C 52 -5.52 13.33 -62.97
C VAL C 52 -5.26 14.31 -64.12
N ALA C 53 -4.00 14.56 -64.42
CA ALA C 53 -3.62 15.53 -65.45
C ALA C 53 -4.23 15.24 -66.82
N ASP C 54 -4.87 14.09 -67.01
CA ASP C 54 -5.54 13.76 -68.27
C ASP C 54 -7.05 13.75 -68.14
N ARG C 55 -7.60 12.97 -67.21
CA ARG C 55 -9.03 13.01 -66.91
C ARG C 55 -9.24 14.02 -65.79
N SER C 56 -9.30 15.28 -66.18
CA SER C 56 -9.17 16.40 -65.26
C SER C 56 -10.27 16.48 -64.21
N ASN C 57 -11.25 15.57 -64.21
CA ASN C 57 -12.40 15.81 -63.34
C ASN C 57 -12.91 14.51 -62.71
N THR C 58 -12.06 13.51 -62.52
CA THR C 58 -12.50 12.29 -61.84
C THR C 58 -11.31 11.41 -61.52
N TYR C 59 -11.30 10.88 -60.30
CA TYR C 59 -10.43 9.77 -59.90
C TYR C 59 -11.28 8.79 -59.11
N ARG C 60 -11.29 7.52 -59.52
CA ARG C 60 -12.25 6.54 -59.03
C ARG C 60 -11.59 5.46 -58.20
N ILE C 61 -12.27 5.06 -57.13
CA ILE C 61 -11.84 3.96 -56.26
C ILE C 61 -13.05 3.06 -56.02
N ASP C 62 -12.87 1.76 -56.17
CA ASP C 62 -13.95 0.81 -55.99
C ASP C 62 -14.08 0.38 -54.53
N ARG C 63 -15.27 -0.10 -54.19
CA ARG C 63 -15.59 -0.55 -52.83
C ARG C 63 -16.29 -1.90 -52.88
N LEU C 64 -16.16 -2.66 -51.80
CA LEU C 64 -16.66 -4.03 -51.77
C LEU C 64 -17.19 -4.38 -50.39
N ASN C 65 -18.29 -5.12 -50.36
CA ASN C 65 -18.92 -5.55 -49.11
C ASN C 65 -18.48 -6.97 -48.74
N THR C 66 -19.04 -7.48 -47.66
CA THR C 66 -18.65 -8.76 -47.10
C THR C 66 -19.68 -9.84 -47.44
N SER C 67 -19.53 -11.01 -46.83
CA SER C 67 -20.42 -12.14 -46.98
C SER C 67 -21.23 -12.33 -45.70
N SER C 68 -21.98 -13.42 -45.63
CA SER C 68 -22.73 -13.77 -44.43
C SER C 68 -22.73 -15.28 -44.26
N VAL C 69 -22.49 -15.72 -43.04
CA VAL C 69 -22.40 -17.14 -42.72
C VAL C 69 -23.79 -17.68 -42.38
N LYS C 70 -24.17 -18.78 -43.00
CA LYS C 70 -25.44 -19.45 -42.79
C LYS C 70 -25.18 -20.86 -42.27
N GLY C 71 -26.24 -21.64 -42.15
CA GLY C 71 -26.11 -22.99 -41.66
C GLY C 71 -27.13 -23.98 -42.16
N ARG C 72 -26.65 -25.09 -42.74
CA ARG C 72 -27.48 -26.21 -43.14
C ARG C 72 -27.22 -27.37 -42.18
N THR C 73 -28.17 -28.30 -42.11
CA THR C 73 -28.08 -29.35 -41.11
C THR C 73 -27.89 -30.75 -41.70
N SER C 74 -28.84 -31.24 -42.47
CA SER C 74 -28.62 -32.59 -42.98
C SER C 74 -28.90 -32.75 -44.46
N GLY C 75 -29.97 -32.14 -44.96
CA GLY C 75 -30.36 -32.35 -46.34
C GLY C 75 -30.98 -31.11 -46.96
N VAL C 76 -30.93 -29.99 -46.24
CA VAL C 76 -31.46 -28.75 -46.77
C VAL C 76 -30.45 -28.14 -47.74
N ALA C 77 -30.96 -27.32 -48.65
CA ALA C 77 -30.11 -26.70 -49.65
C ALA C 77 -29.21 -25.65 -49.01
N LEU C 78 -28.35 -25.06 -49.83
CA LEU C 78 -27.46 -23.98 -49.41
C LEU C 78 -27.91 -22.72 -50.13
N GLU C 79 -28.60 -21.85 -49.43
CA GLU C 79 -29.17 -20.66 -50.06
C GLU C 79 -28.06 -19.73 -50.48
N PRO C 80 -27.93 -19.41 -51.76
CA PRO C 80 -26.86 -18.50 -52.18
C PRO C 80 -27.08 -17.10 -51.62
N THR C 81 -25.96 -16.41 -51.39
CA THR C 81 -26.00 -15.07 -50.84
C THR C 81 -25.25 -14.12 -51.76
N PRO C 82 -25.84 -13.00 -52.15
CA PRO C 82 -25.12 -12.02 -52.96
C PRO C 82 -24.07 -11.29 -52.13
N VAL C 83 -23.11 -10.70 -52.83
CA VAL C 83 -22.14 -9.80 -52.25
C VAL C 83 -22.17 -8.50 -53.04
N ARG C 84 -22.32 -7.39 -52.35
CA ARG C 84 -22.53 -6.10 -53.00
C ARG C 84 -21.23 -5.35 -53.16
N ASN C 85 -21.22 -4.40 -54.08
CA ASN C 85 -20.04 -3.59 -54.34
C ASN C 85 -20.48 -2.27 -54.93
N ASP C 86 -19.56 -1.30 -54.94
CA ASP C 86 -19.84 0.02 -55.46
C ASP C 86 -18.48 0.70 -55.67
N LYS C 87 -18.51 1.94 -56.14
CA LYS C 87 -17.29 2.69 -56.41
C LYS C 87 -17.30 4.01 -55.66
N MET C 88 -16.14 4.63 -55.56
CA MET C 88 -16.00 5.97 -55.02
C MET C 88 -15.19 6.81 -56.00
N LEU C 89 -15.52 8.10 -56.14
CA LEU C 89 -14.76 8.93 -57.06
C LEU C 89 -14.63 10.35 -56.55
N ILE C 90 -13.41 10.89 -56.62
CA ILE C 90 -13.10 12.26 -56.26
C ILE C 90 -12.94 13.06 -57.55
N VAL C 91 -13.47 14.28 -57.57
CA VAL C 91 -13.35 15.14 -58.74
C VAL C 91 -12.72 16.46 -58.34
N VAL C 92 -11.96 17.04 -59.27
CA VAL C 92 -11.31 18.33 -59.07
C VAL C 92 -12.16 19.39 -59.75
N ASP C 93 -12.49 20.45 -59.01
CA ASP C 93 -13.44 21.45 -59.49
C ASP C 93 -13.00 22.90 -59.33
N THR C 94 -12.07 23.20 -58.44
CA THR C 94 -11.71 24.57 -58.12
C THR C 94 -10.20 24.76 -58.23
N VAL C 95 -9.77 25.87 -58.81
CA VAL C 95 -8.36 26.24 -58.89
C VAL C 95 -8.14 27.47 -58.03
N LEU C 96 -7.18 27.40 -57.12
CA LEU C 96 -6.82 28.54 -56.30
C LEU C 96 -5.89 29.46 -57.09
N TYR C 97 -5.80 30.71 -56.64
CA TYR C 97 -4.99 31.68 -57.37
C TYR C 97 -4.64 32.84 -56.46
N ILE C 98 -3.49 33.45 -56.73
CA ILE C 98 -3.09 34.72 -56.14
C ILE C 98 -2.58 35.61 -57.25
N ARG C 99 -3.18 36.78 -57.40
CA ARG C 99 -2.80 37.74 -58.43
C ARG C 99 -2.24 38.99 -57.75
N ASN C 100 -1.12 39.49 -58.27
CA ASN C 100 -0.42 40.61 -57.66
C ASN C 100 0.19 41.49 -58.76
N PRO C 101 -0.45 42.60 -59.09
CA PRO C 101 0.09 43.50 -60.12
C PRO C 101 0.92 44.63 -59.55
N ILE C 102 1.87 45.09 -60.37
CA ILE C 102 2.70 46.25 -60.04
C ILE C 102 2.64 47.22 -61.22
N ASP C 103 2.11 48.43 -60.98
CA ASP C 103 1.79 49.37 -62.04
C ASP C 103 3.03 50.11 -62.53
N TYR C 104 4.02 49.33 -62.99
CA TYR C 104 5.29 49.87 -63.47
C TYR C 104 5.87 50.87 -62.48
N GLN C 105 5.59 50.66 -61.20
CA GLN C 105 6.08 51.49 -60.12
C GLN C 105 7.36 50.94 -59.51
N ASP C 106 7.89 49.86 -60.10
CA ASP C 106 9.22 49.39 -59.75
C ASP C 106 10.31 50.27 -60.33
N ASP C 107 9.98 51.10 -61.33
CA ASP C 107 10.96 52.03 -61.87
C ASP C 107 11.36 53.06 -60.82
N TRP C 108 10.41 53.52 -60.01
CA TRP C 108 10.69 54.49 -58.96
C TRP C 108 11.13 53.83 -57.66
N THR C 109 10.49 52.73 -57.28
CA THR C 109 10.81 52.04 -56.03
C THR C 109 11.90 51.01 -56.29
N ALA C 110 13.12 51.32 -55.88
CA ALA C 110 14.24 50.41 -56.12
C ALA C 110 14.04 49.01 -55.55
N PRO C 111 13.52 48.80 -54.34
CA PRO C 111 13.33 47.44 -53.86
C PRO C 111 12.40 46.65 -54.77
N ASP C 112 12.78 45.39 -55.03
CA ASP C 112 11.98 44.55 -55.91
C ASP C 112 10.69 44.12 -55.23
N PHE C 113 10.78 43.69 -53.98
CA PHE C 113 9.64 43.11 -53.24
C PHE C 113 9.03 41.95 -54.03
N LEU C 114 9.88 41.17 -54.69
CA LEU C 114 9.41 40.06 -55.50
C LEU C 114 9.89 38.71 -55.04
N THR C 115 10.96 38.65 -54.24
CA THR C 115 11.37 37.39 -53.65
C THR C 115 10.66 37.09 -52.34
N GLU C 116 10.22 38.13 -51.62
CA GLU C 116 9.43 37.91 -50.42
C GLU C 116 8.00 37.55 -50.75
N MET C 117 7.45 38.11 -51.83
CA MET C 117 6.09 37.77 -52.23
C MET C 117 5.98 36.30 -52.60
N GLY C 118 7.01 35.75 -53.25
CA GLY C 118 7.00 34.34 -53.55
C GLY C 118 6.97 33.46 -52.31
N GLN C 119 7.78 33.81 -51.31
CA GLN C 119 7.76 33.08 -50.05
C GLN C 119 6.41 33.20 -49.36
N ASN C 120 5.83 34.41 -49.38
CA ASN C 120 4.51 34.60 -48.77
C ASN C 120 3.46 33.74 -49.48
N ASN C 121 3.51 33.70 -50.81
CA ASN C 121 2.55 32.90 -51.56
C ASN C 121 2.72 31.42 -51.26
N GLY C 122 3.96 30.95 -51.18
CA GLY C 122 4.19 29.56 -50.81
C GLY C 122 3.65 29.25 -49.43
N SER C 123 3.87 30.15 -48.48
CA SER C 123 3.37 29.94 -47.13
C SER C 123 1.85 29.90 -47.11
N GLU C 124 1.19 30.83 -47.83
CA GLU C 124 -0.26 30.84 -47.84
C GLU C 124 -0.83 29.59 -48.51
N PHE C 125 -0.19 29.13 -49.59
CA PHE C 125 -0.70 27.93 -50.24
C PHE C 125 -0.52 26.70 -49.36
N ALA C 126 0.60 26.61 -48.64
CA ALA C 126 0.76 25.52 -47.69
C ALA C 126 -0.29 25.60 -46.58
N GLU C 127 -0.56 26.81 -46.10
CA GLU C 127 -1.58 27.02 -45.09
C GLU C 127 -2.94 26.50 -45.58
N VAL C 128 -3.31 26.90 -46.80
CA VAL C 128 -4.61 26.51 -47.34
C VAL C 128 -4.66 25.01 -47.59
N PHE C 129 -3.55 24.42 -48.02
CA PHE C 129 -3.48 22.98 -48.21
C PHE C 129 -3.77 22.25 -46.91
N ASP C 130 -3.04 22.60 -45.84
CA ASP C 130 -3.23 21.93 -44.56
C ASP C 130 -4.64 22.16 -44.02
N GLN C 131 -5.14 23.39 -44.16
CA GLN C 131 -6.46 23.71 -43.65
C GLN C 131 -7.54 22.96 -44.40
N ALA C 132 -7.38 22.79 -45.72
CA ALA C 132 -8.35 22.05 -46.51
C ALA C 132 -8.35 20.58 -46.11
N HIS C 133 -7.17 20.00 -45.89
CA HIS C 133 -7.13 18.61 -45.43
C HIS C 133 -7.83 18.46 -44.09
N LEU C 134 -7.54 19.37 -43.16
CA LEU C 134 -8.19 19.29 -41.85
C LEU C 134 -9.69 19.47 -41.95
N ILE C 135 -10.15 20.39 -42.80
CA ILE C 135 -11.57 20.61 -42.98
C ILE C 135 -12.25 19.38 -43.53
N GLN C 136 -11.61 18.73 -44.51
CA GLN C 136 -12.17 17.50 -45.05
C GLN C 136 -12.27 16.43 -43.97
N LEU C 137 -11.23 16.31 -43.14
CA LEU C 137 -11.26 15.31 -42.07
C LEU C 137 -12.41 15.56 -41.10
N ILE C 138 -12.62 16.80 -40.68
CA ILE C 138 -13.60 17.08 -39.65
C ILE C 138 -15.02 17.15 -40.20
N LYS C 139 -15.20 17.43 -41.49
CA LYS C 139 -16.53 17.46 -42.07
C LYS C 139 -17.05 16.08 -42.42
N GLY C 140 -16.18 15.07 -42.45
CA GLY C 140 -16.56 13.70 -42.70
C GLY C 140 -16.98 12.92 -41.48
N ARG C 141 -17.08 13.58 -40.32
CA ARG C 141 -17.54 12.91 -39.11
C ARG C 141 -19.03 12.61 -39.13
N SER C 142 -19.78 13.19 -40.07
CA SER C 142 -21.20 12.96 -40.18
C SER C 142 -21.57 12.10 -41.38
N TRP C 143 -20.57 11.55 -42.08
CA TRP C 143 -20.84 10.74 -43.25
C TRP C 143 -21.46 9.41 -42.84
N VAL C 144 -22.53 9.03 -43.53
CA VAL C 144 -23.27 7.80 -43.24
C VAL C 144 -23.00 6.83 -44.37
N ALA C 145 -22.52 5.64 -44.02
CA ALA C 145 -22.19 4.65 -45.02
C ALA C 145 -23.47 4.06 -45.62
N PRO C 146 -23.47 3.73 -46.92
CA PRO C 146 -24.67 3.16 -47.53
C PRO C 146 -24.99 1.79 -46.94
N ALA C 147 -26.28 1.50 -46.86
CA ALA C 147 -26.72 0.24 -46.27
C ALA C 147 -26.25 -0.96 -47.09
N HIS C 148 -26.19 -0.81 -48.41
CA HIS C 148 -25.85 -1.95 -49.25
C HIS C 148 -24.38 -2.36 -49.13
N LEU C 149 -23.55 -1.57 -48.46
CA LEU C 149 -22.19 -1.95 -48.11
C LEU C 149 -21.90 -1.62 -46.65
N LYS C 150 -22.94 -1.63 -45.82
CA LYS C 150 -22.81 -1.22 -44.43
C LYS C 150 -21.91 -2.11 -43.58
N PRO C 151 -22.02 -3.44 -43.61
CA PRO C 151 -21.28 -4.25 -42.63
C PRO C 151 -19.77 -4.08 -42.70
N ALA C 152 -19.23 -3.63 -43.83
CA ALA C 152 -17.80 -3.40 -43.99
C ALA C 152 -17.42 -1.95 -43.77
N PHE C 153 -18.14 -1.01 -44.38
CA PHE C 153 -17.91 0.40 -44.20
C PHE C 153 -18.83 0.92 -43.12
N SER C 154 -18.25 1.46 -42.05
CA SER C 154 -19.06 2.01 -40.97
C SER C 154 -19.25 3.51 -41.16
N ASP C 155 -19.94 4.14 -40.22
CA ASP C 155 -20.21 5.56 -40.30
C ASP C 155 -18.99 6.36 -39.87
N GLY C 156 -19.12 7.68 -39.80
CA GLY C 156 -18.09 8.50 -39.21
C GLY C 156 -18.16 8.47 -37.70
N ILE C 157 -17.16 9.06 -37.06
CA ILE C 157 -17.02 9.02 -35.62
C ILE C 157 -16.96 10.44 -35.09
N GLU C 158 -17.86 10.77 -34.17
CA GLU C 158 -17.83 12.04 -33.46
C GLU C 158 -17.95 11.77 -31.98
N ILE C 159 -17.05 12.37 -31.20
CA ILE C 159 -17.03 12.21 -29.74
C ILE C 159 -17.16 13.60 -29.13
N GLU C 160 -18.08 13.74 -28.18
CA GLU C 160 -18.33 15.02 -27.53
C GLU C 160 -17.59 15.10 -26.20
N ALA C 161 -16.98 16.25 -25.94
CA ALA C 161 -16.32 16.52 -24.68
C ALA C 161 -16.65 17.95 -24.25
N THR C 162 -16.86 18.14 -22.96
CA THR C 162 -17.19 19.44 -22.40
C THR C 162 -15.93 20.07 -21.82
N ILE C 163 -15.55 21.23 -22.34
CA ILE C 163 -14.36 21.94 -21.90
C ILE C 163 -14.76 23.28 -21.30
N ASP C 164 -14.27 23.56 -20.09
CA ASP C 164 -14.56 24.83 -19.44
C ASP C 164 -13.84 26.00 -20.09
N SER C 165 -12.91 25.74 -21.01
CA SER C 165 -12.15 26.77 -21.73
C SER C 165 -11.38 27.59 -20.69
N ASP C 166 -11.30 28.90 -20.84
CA ASP C 166 -10.58 29.74 -19.89
C ASP C 166 -11.38 30.04 -18.64
N VAL C 167 -12.64 29.63 -18.58
CA VAL C 167 -13.46 29.88 -17.41
C VAL C 167 -12.97 29.15 -16.16
N THR C 168 -12.07 28.18 -16.31
CA THR C 168 -11.51 27.45 -15.18
C THR C 168 -10.10 27.94 -14.92
N THR C 169 -9.84 28.36 -13.67
CA THR C 169 -8.53 28.87 -13.27
C THR C 169 -8.16 28.30 -11.90
N GLN C 170 -8.37 27.01 -11.72
CA GLN C 170 -8.18 26.36 -10.43
C GLN C 170 -7.72 24.93 -10.69
N ALA C 171 -7.86 24.06 -9.68
CA ALA C 171 -7.63 22.63 -9.88
C ALA C 171 -8.56 22.05 -10.93
N GLY C 172 -9.67 22.72 -11.23
CA GLY C 172 -10.53 22.33 -12.32
C GLY C 172 -9.89 22.45 -13.69
N MET C 173 -8.76 23.15 -13.80
CA MET C 173 -8.00 23.15 -15.04
C MET C 173 -7.43 21.78 -15.36
N GLU C 174 -7.38 20.89 -14.37
CA GLU C 174 -7.04 19.49 -14.61
C GLU C 174 -8.22 18.66 -15.09
N ALA C 175 -9.45 19.18 -14.97
CA ALA C 175 -10.61 18.44 -15.45
C ALA C 175 -10.70 18.48 -16.97
N ASN C 176 -10.14 19.53 -17.60
CA ASN C 176 -10.16 19.59 -19.05
C ASN C 176 -9.27 18.53 -19.67
N ALA C 177 -8.07 18.34 -19.11
CA ALA C 177 -7.16 17.33 -19.66
C ALA C 177 -7.74 15.94 -19.56
N ILE C 178 -8.39 15.63 -18.44
CA ILE C 178 -9.00 14.32 -18.27
C ILE C 178 -10.09 14.10 -19.32
N ALA C 179 -10.91 15.11 -19.56
CA ALA C 179 -11.95 15.00 -20.57
C ALA C 179 -11.35 14.82 -21.97
N ILE C 180 -10.27 15.53 -22.26
CA ILE C 180 -9.63 15.41 -23.57
C ILE C 180 -9.10 14.00 -23.77
N ASN C 181 -8.41 13.47 -22.75
CA ASN C 181 -7.88 12.12 -22.83
C ASN C 181 -8.99 11.11 -22.98
N GLN C 182 -10.10 11.31 -22.25
CA GLN C 182 -11.22 10.38 -22.34
C GLN C 182 -11.85 10.40 -23.72
N ALA C 183 -12.01 11.58 -24.32
CA ALA C 183 -12.58 11.66 -25.66
C ALA C 183 -11.69 10.97 -26.69
N HIS C 184 -10.38 11.21 -26.61
CA HIS C 184 -9.46 10.53 -27.51
C HIS C 184 -9.51 9.02 -27.32
N LYS C 185 -9.59 8.57 -26.05
CA LYS C 185 -9.67 7.15 -25.78
C LYS C 185 -10.95 6.54 -26.35
N ALA C 186 -12.07 7.26 -26.24
CA ALA C 186 -13.32 6.76 -26.79
C ALA C 186 -13.26 6.65 -28.31
N GLY C 187 -12.63 7.63 -28.96
CA GLY C 187 -12.42 7.52 -30.40
C GLY C 187 -11.57 6.31 -30.76
N ILE C 188 -10.52 6.07 -30.00
CA ILE C 188 -9.70 4.87 -30.23
C ILE C 188 -10.52 3.61 -30.02
N ASP C 189 -11.42 3.63 -29.03
CA ASP C 189 -12.29 2.48 -28.80
C ASP C 189 -13.15 2.20 -30.03
N GLU C 190 -13.74 3.25 -30.60
CA GLU C 190 -14.53 3.08 -31.81
C GLU C 190 -13.68 2.50 -32.94
N LEU C 191 -12.48 3.05 -33.12
CA LEU C 191 -11.61 2.57 -34.19
C LEU C 191 -11.25 1.09 -34.00
N ILE C 192 -10.97 0.69 -32.77
CA ILE C 192 -10.61 -0.71 -32.51
C ILE C 192 -11.81 -1.62 -32.69
N LYS C 193 -13.00 -1.15 -32.31
CA LYS C 193 -14.21 -1.92 -32.62
C LYS C 193 -14.32 -2.15 -34.13
N ARG C 194 -14.00 -1.13 -34.92
CA ARG C 194 -14.00 -1.33 -36.36
C ARG C 194 -12.80 -2.15 -36.86
N LYS C 195 -11.97 -2.69 -35.97
CA LYS C 195 -10.84 -3.55 -36.31
C LYS C 195 -9.80 -2.84 -37.17
N VAL C 196 -9.81 -1.50 -37.16
CA VAL C 196 -8.84 -0.74 -37.95
C VAL C 196 -7.46 -0.90 -37.34
N PRO C 197 -6.44 -1.27 -38.12
CA PRO C 197 -5.08 -1.31 -37.58
C PRO C 197 -4.63 0.06 -37.12
N LEU C 198 -3.87 0.09 -36.02
CA LEU C 198 -3.44 1.34 -35.41
C LEU C 198 -1.95 1.59 -35.57
N ASN C 199 -1.27 0.86 -36.46
CA ASN C 199 0.16 1.06 -36.64
C ASN C 199 0.46 2.41 -37.29
N ASP C 200 -0.40 2.86 -38.18
CA ASP C 200 -0.18 4.10 -38.93
C ASP C 200 -0.99 5.27 -38.40
N MET C 201 -1.57 5.14 -37.21
CA MET C 201 -2.46 6.17 -36.70
C MET C 201 -1.68 7.42 -36.31
N ILE C 202 -2.39 8.54 -36.26
CA ILE C 202 -1.81 9.82 -35.89
C ILE C 202 -2.91 10.68 -35.28
N THR C 203 -2.52 11.59 -34.40
CA THR C 203 -3.45 12.51 -33.76
C THR C 203 -2.99 13.93 -33.99
N LEU C 204 -3.91 14.80 -34.38
CA LEU C 204 -3.66 16.23 -34.55
C LEU C 204 -4.52 17.00 -33.56
N VAL C 205 -3.93 18.00 -32.91
CA VAL C 205 -4.60 18.77 -31.87
C VAL C 205 -4.32 20.24 -32.09
N SER C 206 -5.33 21.08 -31.87
CA SER C 206 -5.13 22.51 -31.91
C SER C 206 -4.25 22.95 -30.74
N THR C 207 -3.72 24.17 -30.84
CA THR C 207 -2.78 24.66 -29.83
C THR C 207 -3.44 24.74 -28.45
N GLU C 208 -4.67 25.28 -28.40
CA GLU C 208 -5.34 25.40 -27.11
C GLU C 208 -5.64 24.03 -26.50
N ILE C 209 -6.01 23.06 -27.35
CA ILE C 209 -6.25 21.71 -26.86
C ILE C 209 -4.95 21.10 -26.36
N TYR C 210 -3.85 21.34 -27.06
CA TYR C 210 -2.54 20.88 -26.61
C TYR C 210 -2.22 21.41 -25.22
N SER C 211 -2.42 22.72 -25.03
CA SER C 211 -2.12 23.33 -23.73
C SER C 211 -3.03 22.77 -22.64
N LEU C 212 -4.32 22.64 -22.93
CA LEU C 212 -5.24 22.10 -21.93
C LEU C 212 -4.88 20.66 -21.58
N LEU C 213 -4.42 19.89 -22.56
CA LEU C 213 -3.95 18.54 -22.32
C LEU C 213 -2.72 18.52 -21.44
N LEU C 214 -1.85 19.52 -21.57
CA LEU C 214 -0.58 19.50 -20.84
C LEU C 214 -0.77 19.43 -19.33
N GLU C 215 -1.90 19.91 -18.82
CA GLU C 215 -2.15 19.89 -17.37
C GLU C 215 -2.98 18.66 -17.02
N HIS C 216 -2.34 17.50 -17.16
CA HIS C 216 -2.99 16.23 -16.88
C HIS C 216 -2.25 15.50 -15.76
N PRO C 217 -2.93 15.11 -14.68
CA PRO C 217 -2.23 14.51 -13.54
C PRO C 217 -1.82 13.07 -13.75
N LYS C 218 -2.39 12.39 -14.74
CA LYS C 218 -2.19 10.95 -14.91
C LYS C 218 -1.41 10.60 -16.15
N LEU C 219 -1.14 11.55 -17.05
CA LEU C 219 -0.54 11.26 -18.34
C LEU C 219 0.89 11.77 -18.47
N PHE C 220 1.27 12.83 -17.76
CA PHE C 220 2.63 13.33 -17.75
C PHE C 220 3.35 12.97 -16.45
N ASN C 221 2.93 11.90 -15.81
CA ASN C 221 3.46 11.45 -14.54
C ASN C 221 4.33 10.21 -14.76
N LYS C 222 5.53 10.22 -14.18
CA LYS C 222 6.44 9.09 -14.35
C LYS C 222 5.96 7.84 -13.62
N ASP C 223 5.05 7.98 -12.65
CA ASP C 223 4.51 6.80 -11.98
C ASP C 223 3.72 5.93 -12.95
N TRP C 224 2.91 6.54 -13.81
CA TRP C 224 2.04 5.80 -14.71
C TRP C 224 2.75 5.24 -15.93
N GLY C 225 4.07 5.23 -15.93
CA GLY C 225 4.84 4.56 -16.96
C GLY C 225 5.62 5.45 -17.90
N ASP C 226 5.98 6.66 -17.49
CA ASP C 226 6.65 7.56 -18.42
C ASP C 226 8.12 7.20 -18.58
N ALA C 227 8.40 5.94 -18.93
CA ALA C 227 9.76 5.56 -19.25
C ALA C 227 10.17 6.09 -20.61
N ASN C 228 9.25 6.07 -21.58
CA ASN C 228 9.50 6.66 -22.88
C ASN C 228 8.27 7.40 -23.41
N ALA C 229 7.22 7.55 -22.61
CA ALA C 229 5.97 8.18 -23.04
C ALA C 229 5.76 9.45 -22.23
N ASN C 230 5.78 10.59 -22.89
CA ASN C 230 5.50 11.88 -22.27
C ASN C 230 6.40 12.12 -21.07
N GLY C 231 7.71 12.20 -21.34
CA GLY C 231 8.70 12.33 -20.31
C GLY C 231 8.94 13.72 -19.77
N TYR C 232 8.19 14.72 -20.22
CA TYR C 232 8.41 16.08 -19.73
C TYR C 232 7.13 16.89 -19.87
N LYS C 233 6.92 17.78 -18.90
CA LYS C 233 5.78 18.68 -18.87
C LYS C 233 6.00 19.93 -19.72
N GLU C 234 7.17 20.08 -20.33
CA GLU C 234 7.54 21.32 -21.00
C GLU C 234 7.19 21.26 -22.49
N ARG C 235 5.88 21.14 -22.74
CA ARG C 235 5.29 21.26 -24.07
C ARG C 235 5.86 20.24 -25.06
N ARG C 236 5.94 18.99 -24.63
CA ARG C 236 6.33 17.90 -25.52
C ARG C 236 5.43 16.69 -25.33
N ALA C 237 4.11 16.91 -25.34
CA ALA C 237 3.19 15.79 -25.47
C ALA C 237 3.46 15.10 -26.80
N VAL C 238 3.77 13.81 -26.77
CA VAL C 238 4.24 13.07 -27.93
C VAL C 238 3.30 11.92 -28.30
N LEU C 239 2.89 11.13 -27.31
CA LEU C 239 1.96 10.05 -27.56
C LEU C 239 1.04 9.87 -26.37
N MET C 240 -0.24 9.63 -26.66
CA MET C 240 -1.21 9.33 -25.63
C MET C 240 -2.24 8.39 -26.21
N ASN C 241 -2.70 7.44 -25.39
CA ASN C 241 -3.53 6.31 -25.79
C ASN C 241 -2.81 5.35 -26.74
N GLY C 242 -1.50 5.53 -26.92
CA GLY C 242 -0.70 4.60 -27.69
C GLY C 242 -0.34 5.07 -29.09
N ILE C 243 -0.72 6.27 -29.48
CA ILE C 243 -0.44 6.76 -30.84
C ILE C 243 0.15 8.16 -30.76
N PRO C 244 0.96 8.57 -31.73
CA PRO C 244 1.61 9.88 -31.64
C PRO C 244 0.62 11.03 -31.77
N VAL C 245 1.02 12.18 -31.23
CA VAL C 245 0.23 13.40 -31.32
C VAL C 245 1.10 14.50 -31.91
N VAL C 246 0.49 15.37 -32.69
CA VAL C 246 1.17 16.50 -33.32
C VAL C 246 0.31 17.74 -33.10
N GLU C 247 0.91 18.76 -32.50
CA GLU C 247 0.22 20.03 -32.29
C GLU C 247 0.08 20.76 -33.61
N CYS C 248 -1.15 20.88 -34.11
CA CYS C 248 -1.41 21.52 -35.39
C CYS C 248 -2.04 22.90 -35.13
N THR C 249 -1.48 23.92 -35.77
CA THR C 249 -1.97 25.29 -35.63
C THR C 249 -2.83 25.72 -36.80
N GLU C 250 -3.40 24.78 -37.55
CA GLU C 250 -4.12 25.08 -38.78
C GLU C 250 -5.55 24.58 -38.74
N PHE C 251 -6.14 24.45 -37.57
CA PHE C 251 -7.54 24.06 -37.49
C PHE C 251 -8.40 25.25 -37.93
N PRO C 252 -9.45 24.99 -38.71
CA PRO C 252 -10.17 26.09 -39.36
C PRO C 252 -10.94 26.94 -38.36
N ASP C 253 -11.14 28.21 -38.75
CA ASP C 253 -12.01 29.10 -38.01
C ASP C 253 -13.44 28.89 -38.51
N ALA C 254 -14.36 29.76 -38.09
CA ALA C 254 -15.77 29.59 -38.41
C ALA C 254 -16.15 30.11 -39.79
N GLY C 255 -15.22 30.68 -40.53
CA GLY C 255 -15.52 31.28 -41.83
C GLY C 255 -15.51 30.27 -42.96
N THR C 256 -15.45 30.80 -44.17
CA THR C 256 -15.46 30.00 -45.39
C THR C 256 -14.05 29.74 -45.89
N HIS C 257 -13.95 28.80 -46.83
CA HIS C 257 -12.69 28.34 -47.39
C HIS C 257 -12.69 28.52 -48.91
N PRO C 258 -11.58 28.97 -49.49
CA PRO C 258 -11.56 29.24 -50.93
C PRO C 258 -11.76 28.03 -51.81
N LEU C 259 -11.50 26.81 -51.31
CA LEU C 259 -11.51 25.63 -52.16
C LEU C 259 -12.89 25.29 -52.69
N GLY C 260 -13.95 25.84 -52.13
CA GLY C 260 -15.28 25.57 -52.64
C GLY C 260 -16.34 26.00 -51.65
N SER C 261 -17.59 25.94 -52.12
CA SER C 261 -18.73 26.23 -51.26
C SER C 261 -19.12 25.06 -50.38
N ALA C 262 -18.61 23.87 -50.65
CA ALA C 262 -18.84 22.71 -49.81
C ALA C 262 -17.82 22.61 -48.69
N TYR C 263 -16.93 23.58 -48.56
CA TYR C 263 -15.87 23.57 -47.56
C TYR C 263 -16.12 24.52 -46.41
N THR C 264 -17.08 25.43 -46.52
CA THR C 264 -17.24 26.47 -45.52
C THR C 264 -17.55 25.87 -44.16
N VAL C 265 -16.81 26.32 -43.15
CA VAL C 265 -16.86 25.71 -41.83
C VAL C 265 -18.07 26.24 -41.07
N THR C 266 -18.88 25.32 -40.54
CA THR C 266 -20.04 25.72 -39.76
C THR C 266 -19.59 26.17 -38.36
N ALA C 267 -20.56 26.56 -37.55
CA ALA C 267 -20.25 26.87 -36.15
C ALA C 267 -19.78 25.62 -35.41
N ASP C 268 -20.47 24.50 -35.62
CA ASP C 268 -20.12 23.26 -34.94
C ASP C 268 -18.78 22.73 -35.41
N ASP C 269 -18.50 22.82 -36.72
CA ASP C 269 -17.24 22.32 -37.23
C ASP C 269 -16.04 23.07 -36.69
N ALA C 270 -16.22 24.31 -36.23
CA ALA C 270 -15.13 25.04 -35.62
C ALA C 270 -14.81 24.53 -34.23
N LYS C 271 -15.76 23.88 -33.56
CA LYS C 271 -15.48 23.30 -32.24
C LYS C 271 -14.58 22.09 -32.34
N CYS C 272 -14.67 21.34 -33.45
CA CYS C 272 -13.83 20.16 -33.64
C CYS C 272 -12.36 20.58 -33.67
N ARG C 273 -11.62 20.25 -32.62
CA ARG C 273 -10.24 20.68 -32.50
C ARG C 273 -9.30 19.49 -32.28
N MET C 274 -9.69 18.32 -32.76
CA MET C 274 -8.86 17.13 -32.62
C MET C 274 -9.32 16.09 -33.64
N VAL C 275 -8.35 15.45 -34.30
CA VAL C 275 -8.63 14.37 -35.23
C VAL C 275 -7.72 13.19 -34.89
N THR C 276 -8.08 12.03 -35.40
CA THR C 276 -7.30 10.81 -35.20
C THR C 276 -7.56 9.90 -36.39
N PHE C 277 -6.55 9.73 -37.25
CA PHE C 277 -6.77 9.06 -38.52
C PHE C 277 -5.50 8.34 -38.93
N SER C 278 -5.66 7.38 -39.85
CA SER C 278 -4.52 6.66 -40.39
C SER C 278 -3.87 7.46 -41.51
N LYS C 279 -2.54 7.52 -41.48
CA LYS C 279 -1.78 8.30 -42.45
C LYS C 279 -1.80 7.71 -43.85
N SER C 280 -2.27 6.48 -44.03
CA SER C 280 -2.15 5.79 -45.30
C SER C 280 -3.47 5.40 -45.93
N ARG C 281 -4.58 5.39 -45.19
CA ARG C 281 -5.83 4.88 -45.75
C ARG C 281 -7.02 5.74 -45.34
N THR C 282 -6.82 7.03 -45.11
CA THR C 282 -7.93 7.91 -44.75
C THR C 282 -8.14 9.03 -45.74
N LEU C 283 -7.08 9.74 -46.12
CA LEU C 283 -7.18 10.89 -47.01
C LEU C 283 -6.46 10.61 -48.32
N VAL C 284 -7.06 11.04 -49.42
CA VAL C 284 -6.44 10.97 -50.74
C VAL C 284 -6.55 12.35 -51.38
N THR C 285 -5.43 12.86 -51.87
CA THR C 285 -5.38 14.15 -52.52
C THR C 285 -5.22 13.93 -54.03
N VAL C 286 -6.10 14.55 -54.80
CA VAL C 286 -6.14 14.38 -56.26
C VAL C 286 -5.65 15.66 -56.90
N GLU C 287 -4.59 15.55 -57.70
CA GLU C 287 -3.90 16.70 -58.28
C GLU C 287 -4.25 16.84 -59.76
N ALA C 288 -4.57 18.05 -60.18
CA ALA C 288 -4.73 18.36 -61.59
C ALA C 288 -3.65 19.32 -62.10
N LYS C 289 -3.53 20.49 -61.48
CA LYS C 289 -2.45 21.42 -61.78
C LYS C 289 -1.55 21.54 -60.57
N PRO C 290 -0.28 21.16 -60.65
CA PRO C 290 0.64 21.39 -59.54
C PRO C 290 0.84 22.87 -59.31
N PHE C 291 1.18 23.23 -58.07
CA PHE C 291 1.37 24.62 -57.70
C PHE C 291 2.44 25.28 -58.57
N THR C 292 2.03 26.24 -59.39
CA THR C 292 2.93 26.91 -60.31
C THR C 292 2.84 28.42 -60.10
N SER C 293 3.95 29.10 -60.34
CA SER C 293 4.04 30.54 -60.23
C SER C 293 4.47 31.13 -61.55
N ARG C 294 4.01 32.34 -61.84
CA ARG C 294 4.24 32.95 -63.13
C ARG C 294 4.19 34.47 -62.99
N ILE C 295 5.04 35.15 -63.75
CA ILE C 295 5.01 36.60 -63.87
C ILE C 295 4.98 36.95 -65.35
N TRP C 296 4.02 37.78 -65.74
CA TRP C 296 3.83 38.11 -67.16
C TRP C 296 3.52 39.59 -67.31
N ASP C 297 4.07 40.19 -68.36
CA ASP C 297 3.86 41.60 -68.61
C ASP C 297 2.47 41.87 -69.13
N ASP C 298 1.87 42.96 -68.65
CA ASP C 298 0.55 43.42 -69.12
C ASP C 298 0.77 44.77 -69.79
N GLU C 299 0.84 44.78 -71.13
CA GLU C 299 0.97 46.03 -71.86
C GLU C 299 -0.27 46.90 -71.67
N GLN C 300 -1.46 46.33 -71.83
CA GLN C 300 -2.67 47.15 -71.92
C GLN C 300 -2.95 47.87 -70.62
N ASN C 301 -2.79 47.19 -69.49
CA ASN C 301 -2.97 47.80 -68.18
C ASN C 301 -1.69 48.41 -67.63
N PHE C 302 -0.58 48.28 -68.37
CA PHE C 302 0.67 48.99 -68.06
C PHE C 302 1.20 48.56 -66.69
N ALA C 303 1.24 47.25 -66.47
CA ALA C 303 1.63 46.69 -65.19
C ALA C 303 2.25 45.31 -65.39
N ASN C 304 3.00 44.86 -64.39
CA ASN C 304 3.53 43.51 -64.33
C ASN C 304 2.77 42.73 -63.26
N VAL C 305 2.30 41.54 -63.62
CA VAL C 305 1.38 40.77 -62.78
C VAL C 305 2.03 39.44 -62.43
N LEU C 306 2.03 39.12 -61.13
CA LEU C 306 2.59 37.87 -60.60
C LEU C 306 1.45 36.95 -60.21
N ASP C 307 1.43 35.74 -60.78
CA ASP C 307 0.37 34.78 -60.53
C ASP C 307 0.93 33.55 -59.84
N CYS C 308 0.09 32.95 -59.00
CA CYS C 308 0.41 31.68 -58.35
C CYS C 308 -0.89 30.90 -58.22
N TYR C 309 -1.04 29.84 -59.01
CA TYR C 309 -2.28 29.09 -59.06
C TYR C 309 -2.02 27.60 -58.90
N ALA C 310 -2.90 26.93 -58.15
CA ALA C 310 -2.82 25.50 -57.92
C ALA C 310 -4.23 24.92 -57.99
N MET C 311 -4.31 23.64 -58.34
CA MET C 311 -5.59 22.97 -58.54
C MET C 311 -5.51 21.55 -58.00
N TYR C 312 -6.33 21.26 -56.99
CA TYR C 312 -6.38 19.93 -56.41
C TYR C 312 -7.72 19.75 -55.72
N GLN C 313 -7.90 18.60 -55.07
CA GLN C 313 -9.11 18.29 -54.31
C GLN C 313 -8.82 17.11 -53.41
N VAL C 314 -9.27 17.20 -52.16
CA VAL C 314 -9.02 16.18 -51.15
C VAL C 314 -10.29 15.38 -50.92
N GLY C 315 -10.16 14.06 -50.91
CA GLY C 315 -11.28 13.18 -50.63
C GLY C 315 -10.89 12.15 -49.60
N GLU C 316 -11.91 11.58 -48.96
CA GLU C 316 -11.72 10.58 -47.93
C GLU C 316 -12.01 9.19 -48.47
N ARG C 317 -11.00 8.33 -48.48
CA ARG C 317 -11.21 6.90 -48.64
C ARG C 317 -11.26 6.28 -47.26
N ARG C 318 -12.25 5.43 -47.04
CA ARG C 318 -12.53 4.87 -45.72
C ARG C 318 -12.74 5.99 -44.71
N PRO C 319 -13.85 6.73 -44.80
CA PRO C 319 -14.12 7.77 -43.79
C PRO C 319 -14.30 7.22 -42.40
N ASP C 320 -14.54 5.92 -42.27
CA ASP C 320 -14.69 5.26 -40.98
C ASP C 320 -13.36 4.98 -40.31
N THR C 321 -12.27 5.57 -40.79
CA THR C 321 -10.96 5.40 -40.19
C THR C 321 -10.46 6.67 -39.50
N ALA C 322 -11.36 7.62 -39.26
CA ALA C 322 -11.02 8.89 -38.63
C ALA C 322 -11.92 9.13 -37.44
N ALA C 323 -11.33 9.60 -36.34
CA ALA C 323 -12.06 9.94 -35.13
C ALA C 323 -11.95 11.44 -34.90
N VAL C 324 -13.09 12.11 -34.80
CA VAL C 324 -13.14 13.56 -34.65
C VAL C 324 -13.84 13.89 -33.35
N VAL C 325 -13.24 14.78 -32.56
CA VAL C 325 -13.77 15.17 -31.26
C VAL C 325 -14.29 16.60 -31.36
N LYS C 326 -15.52 16.81 -30.92
CA LYS C 326 -16.13 18.13 -30.87
C LYS C 326 -16.19 18.58 -29.42
N PHE C 327 -15.58 19.73 -29.13
CA PHE C 327 -15.49 20.26 -27.77
C PHE C 327 -16.57 21.32 -27.62
N ASN C 328 -17.71 20.92 -27.07
CA ASN C 328 -18.90 21.78 -27.03
C ASN C 328 -18.99 22.60 -25.75
N GLU C 329 -17.89 23.27 -25.42
CA GLU C 329 -17.82 24.30 -24.38
C GLU C 329 -18.41 23.77 -23.06
N ALA C 330 -18.96 24.67 -22.25
CA ALA C 330 -19.57 24.30 -20.98
C ALA C 330 -20.54 25.38 -20.51
N THR D 4 43.02 48.28 40.40
CA THR D 4 43.01 47.26 41.43
C THR D 4 44.20 46.31 41.27
N ASP D 5 45.08 46.61 40.32
CA ASP D 5 46.25 45.79 40.05
C ASP D 5 47.43 46.10 40.96
N TYR D 6 47.18 46.78 42.07
CA TYR D 6 48.20 47.15 43.07
C TYR D 6 49.16 48.20 42.51
N ALA D 7 49.01 48.54 41.23
CA ALA D 7 49.75 49.64 40.61
C ALA D 7 48.74 50.38 39.73
N GLY D 8 48.02 51.32 40.33
CA GLY D 8 47.02 52.09 39.63
C GLY D 8 47.56 53.28 38.89
N ASN D 9 48.88 53.44 38.84
CA ASN D 9 49.55 54.49 38.09
C ASN D 9 50.64 53.84 37.22
N LEU D 10 50.24 53.39 36.03
CA LEU D 10 51.13 52.70 35.12
C LEU D 10 51.61 53.66 34.04
N THR D 11 52.53 53.18 33.21
CA THR D 11 52.97 53.88 32.02
C THR D 11 52.30 53.25 30.81
N ARG D 12 51.34 53.95 30.24
CA ARG D 12 50.59 53.45 29.08
C ARG D 12 51.02 54.23 27.86
N PRO D 13 51.76 53.61 26.92
CA PRO D 13 52.42 54.39 25.86
C PRO D 13 51.51 55.29 25.05
N HIS D 14 50.52 54.73 24.36
CA HIS D 14 49.65 55.56 23.52
C HIS D 14 48.36 55.94 24.25
N TRP D 15 48.50 56.49 25.45
CA TRP D 15 47.39 57.11 26.16
C TRP D 15 47.91 58.41 26.75
N GLY D 16 47.41 59.53 26.26
CA GLY D 16 48.08 60.80 26.50
C GLY D 16 47.32 61.85 27.28
N GLY D 17 46.64 61.44 28.35
CA GLY D 17 46.00 62.38 29.25
C GLY D 17 46.91 62.77 30.40
N ALA D 18 46.32 63.53 31.33
CA ALA D 18 46.99 63.76 32.60
C ALA D 18 46.89 62.56 33.53
N ALA D 19 46.02 61.60 33.21
CA ALA D 19 45.95 60.32 33.90
C ALA D 19 45.93 59.16 32.92
N SER D 20 46.33 59.41 31.66
CA SER D 20 46.37 58.40 30.61
C SER D 20 44.98 57.83 30.35
N ASP D 21 44.08 58.71 29.90
CA ASP D 21 42.72 58.34 29.55
C ASP D 21 42.44 58.41 28.07
N VAL D 22 42.91 59.45 27.37
CA VAL D 22 42.63 59.58 25.95
C VAL D 22 43.39 58.51 25.18
N ASP D 23 42.84 58.13 24.03
CA ASP D 23 43.42 57.10 23.17
C ASP D 23 44.06 57.78 21.96
N ILE D 24 45.38 57.95 22.01
CA ILE D 24 46.12 58.56 20.91
C ILE D 24 46.81 57.46 20.13
N HIS D 25 46.26 56.25 20.18
CA HIS D 25 46.78 55.13 19.41
C HIS D 25 46.67 55.41 17.92
N LEU D 26 47.65 54.90 17.17
CA LEU D 26 47.59 54.96 15.72
C LEU D 26 46.54 53.98 15.20
N GLU D 27 46.15 54.18 13.95
CA GLU D 27 45.15 53.34 13.31
C GLU D 27 45.82 52.50 12.24
N VAL D 28 45.81 51.19 12.44
CA VAL D 28 46.33 50.27 11.42
C VAL D 28 45.45 50.37 10.18
N TYR D 29 46.08 50.54 9.03
CA TYR D 29 45.35 50.75 7.78
C TYR D 29 46.05 50.00 6.66
N GLN D 30 45.62 48.78 6.40
CA GLN D 30 45.95 48.10 5.16
C GLN D 30 45.05 48.66 4.07
N ASN D 31 45.60 48.81 2.86
CA ASN D 31 44.88 49.54 1.83
C ASN D 31 43.66 48.74 1.38
N GLU D 32 42.52 48.99 2.01
CA GLU D 32 41.28 48.28 1.74
C GLU D 32 40.16 49.29 1.60
N VAL D 33 39.39 49.17 0.51
CA VAL D 33 38.26 50.04 0.24
C VAL D 33 37.05 49.18 -0.10
N ASP D 34 35.92 49.52 0.50
CA ASP D 34 34.65 48.85 0.25
C ASP D 34 33.78 49.81 -0.55
N THR D 35 33.50 49.46 -1.81
CA THR D 35 32.85 50.40 -2.71
C THR D 35 31.44 49.96 -3.09
N ARG D 36 31.29 48.79 -3.72
CA ARG D 36 30.01 48.28 -4.18
C ARG D 36 30.32 46.94 -4.86
N PHE D 37 29.25 46.25 -5.25
CA PHE D 37 29.38 44.96 -5.94
C PHE D 37 29.11 45.14 -7.43
N GLN D 38 29.98 44.56 -8.25
CA GLN D 38 29.97 44.82 -9.68
C GLN D 38 28.80 44.14 -10.37
N TYR D 39 28.28 44.81 -11.39
CA TYR D 39 27.24 44.27 -12.25
C TYR D 39 27.75 44.26 -13.67
N GLN D 40 27.53 43.15 -14.37
CA GLN D 40 27.91 43.01 -15.77
C GLN D 40 26.65 42.92 -16.62
N ALA D 41 26.57 43.77 -17.65
CA ALA D 41 25.43 43.75 -18.54
C ALA D 41 25.29 42.39 -19.21
N MET D 42 24.06 41.90 -19.30
CA MET D 42 23.78 40.60 -19.89
C MET D 42 22.88 40.72 -21.13
N PHE D 43 22.82 41.91 -21.74
CA PHE D 43 22.02 42.12 -22.94
C PHE D 43 22.87 42.29 -24.18
N LEU D 44 24.16 41.97 -24.11
CA LEU D 44 25.00 42.05 -25.31
C LEU D 44 24.58 41.03 -26.35
N GLY D 45 24.31 39.80 -25.92
CA GLY D 45 23.86 38.76 -26.82
C GLY D 45 22.38 38.65 -26.99
N LEU D 46 21.60 39.51 -26.34
CA LEU D 46 20.15 39.43 -26.35
C LEU D 46 19.52 40.44 -27.30
N SER D 47 20.32 41.13 -28.11
CA SER D 47 19.81 42.13 -29.03
C SER D 47 20.49 41.96 -30.38
N SER D 48 20.06 42.75 -31.35
CA SER D 48 20.68 42.80 -32.67
C SER D 48 21.40 44.14 -32.77
N GLN D 49 22.72 44.10 -32.62
CA GLN D 49 23.50 45.33 -32.55
C GLN D 49 23.55 46.00 -33.92
N ARG D 50 23.22 47.30 -33.94
CA ARG D 50 23.28 48.10 -35.16
C ARG D 50 24.03 49.38 -34.85
N SER D 51 24.80 49.87 -35.83
CA SER D 51 25.61 51.06 -35.66
C SER D 51 25.21 52.10 -36.70
N VAL D 52 25.00 53.33 -36.24
CA VAL D 52 24.77 54.46 -37.13
C VAL D 52 26.07 55.24 -37.24
N ALA D 53 26.85 55.22 -36.16
CA ALA D 53 28.22 55.75 -36.11
C ALA D 53 28.23 57.19 -36.63
N ASP D 54 29.13 57.56 -37.53
CA ASP D 54 29.24 58.93 -38.02
C ASP D 54 28.47 59.15 -39.31
N ARG D 55 27.40 58.39 -39.53
CA ARG D 55 26.58 58.53 -40.73
C ARG D 55 25.32 59.35 -40.46
N SER D 56 24.51 58.94 -39.50
CA SER D 56 23.29 59.66 -39.14
C SER D 56 22.86 59.17 -37.77
N ASN D 57 21.62 59.49 -37.39
CA ASN D 57 21.04 59.01 -36.14
C ASN D 57 19.91 58.03 -36.34
N THR D 58 19.06 58.24 -37.35
CA THR D 58 17.87 57.42 -37.53
C THR D 58 18.19 56.14 -38.29
N TYR D 59 17.39 55.10 -38.01
CA TYR D 59 17.56 53.78 -38.60
C TYR D 59 16.20 53.33 -39.13
N ARG D 60 16.21 52.63 -40.27
CA ARG D 60 14.97 52.26 -40.94
C ARG D 60 14.90 50.76 -41.17
N ILE D 61 13.78 50.17 -40.81
CA ILE D 61 13.45 48.77 -41.11
C ILE D 61 12.08 48.74 -41.77
N ASP D 62 11.97 48.04 -42.88
CA ASP D 62 10.72 48.01 -43.63
C ASP D 62 9.89 46.79 -43.26
N ARG D 63 8.56 46.95 -43.34
CA ARG D 63 7.61 45.90 -43.04
C ARG D 63 6.73 45.63 -44.26
N LEU D 64 6.37 44.37 -44.45
CA LEU D 64 5.57 43.95 -45.59
C LEU D 64 4.45 43.02 -45.13
N ASN D 65 3.28 43.16 -45.74
CA ASN D 65 2.13 42.33 -45.40
C ASN D 65 2.07 41.10 -46.31
N THR D 66 1.08 40.25 -46.09
CA THR D 66 0.91 38.99 -46.80
C THR D 66 -0.36 39.05 -47.63
N SER D 67 -0.37 38.31 -48.73
CA SER D 67 -1.51 38.23 -49.63
C SER D 67 -2.54 37.26 -49.08
N SER D 68 -3.52 36.89 -49.91
CA SER D 68 -4.56 35.95 -49.50
C SER D 68 -4.90 35.06 -50.70
N VAL D 69 -5.48 33.90 -50.40
CA VAL D 69 -5.82 32.90 -51.40
C VAL D 69 -7.31 32.95 -51.68
N LYS D 70 -7.68 33.00 -52.95
CA LYS D 70 -9.07 33.01 -53.39
C LYS D 70 -9.35 31.77 -54.22
N GLY D 71 -10.62 31.60 -54.59
CA GLY D 71 -11.05 30.43 -55.32
C GLY D 71 -11.79 30.71 -56.61
N ARG D 72 -11.33 30.10 -57.69
CA ARG D 72 -11.89 30.32 -59.03
C ARG D 72 -12.24 28.96 -59.64
N THR D 73 -13.44 28.84 -60.19
CA THR D 73 -13.85 27.54 -60.70
C THR D 73 -13.61 27.38 -62.20
N SER D 74 -14.32 28.16 -63.02
CA SER D 74 -14.16 28.13 -64.47
C SER D 74 -14.97 29.27 -65.06
N GLY D 75 -14.37 29.99 -66.00
CA GLY D 75 -15.04 31.16 -66.53
C GLY D 75 -15.29 32.24 -65.51
N VAL D 76 -14.55 32.22 -64.41
CA VAL D 76 -14.70 33.18 -63.32
C VAL D 76 -13.48 34.09 -63.31
N ALA D 77 -13.71 35.39 -63.19
CA ALA D 77 -12.63 36.35 -63.24
C ALA D 77 -11.72 36.20 -62.03
N LEU D 78 -10.42 36.17 -62.27
CA LEU D 78 -9.46 36.20 -61.18
C LEU D 78 -9.40 37.61 -60.61
N GLU D 79 -9.51 37.72 -59.29
CA GLU D 79 -9.57 39.02 -58.64
C GLU D 79 -8.20 39.35 -58.07
N PRO D 80 -7.50 40.35 -58.60
CA PRO D 80 -6.22 40.74 -58.00
C PRO D 80 -6.41 41.32 -56.61
N THR D 81 -5.37 41.19 -55.80
CA THR D 81 -5.35 41.71 -54.46
C THR D 81 -4.07 42.50 -54.23
N PRO D 82 -4.10 43.54 -53.41
CA PRO D 82 -2.90 44.31 -53.14
C PRO D 82 -2.14 43.75 -51.93
N VAL D 83 -0.92 44.27 -51.76
CA VAL D 83 -0.03 43.85 -50.68
C VAL D 83 0.51 45.12 -50.04
N ARG D 84 -0.06 45.52 -48.91
CA ARG D 84 0.36 46.74 -48.24
C ARG D 84 1.72 46.57 -47.59
N ASN D 85 2.36 47.69 -47.27
CA ASN D 85 3.66 47.68 -46.64
C ASN D 85 3.85 48.99 -45.88
N ASP D 86 4.84 48.99 -44.98
CA ASP D 86 5.11 50.16 -44.15
C ASP D 86 6.55 50.08 -43.67
N LYS D 87 6.89 50.93 -42.70
CA LYS D 87 8.26 51.07 -42.25
C LYS D 87 8.29 51.71 -40.86
N MET D 88 9.44 51.58 -40.20
CA MET D 88 9.62 52.05 -38.83
C MET D 88 10.99 52.69 -38.69
N LEU D 89 11.13 53.53 -37.65
CA LEU D 89 12.34 54.29 -37.40
C LEU D 89 12.79 54.16 -35.95
N ILE D 90 14.11 54.24 -35.76
CA ILE D 90 14.72 54.32 -34.43
C ILE D 90 15.75 55.44 -34.46
N VAL D 91 15.58 56.44 -33.60
CA VAL D 91 16.43 57.62 -33.57
C VAL D 91 17.21 57.68 -32.26
N VAL D 92 18.47 58.06 -32.34
CA VAL D 92 19.32 58.21 -31.16
C VAL D 92 19.23 59.65 -30.70
N ASP D 93 18.89 59.85 -29.42
CA ASP D 93 18.59 61.18 -28.90
C ASP D 93 19.51 61.62 -27.77
N THR D 94 19.73 60.77 -26.77
CA THR D 94 20.37 61.18 -25.52
C THR D 94 21.72 60.51 -25.38
N VAL D 95 22.71 61.29 -24.93
CA VAL D 95 24.05 60.78 -24.64
C VAL D 95 24.23 60.70 -23.14
N LEU D 96 24.51 59.50 -22.64
CA LEU D 96 24.74 59.28 -21.22
C LEU D 96 26.17 59.70 -20.86
N TYR D 97 26.36 60.06 -19.59
CA TYR D 97 27.66 60.56 -19.16
C TYR D 97 27.79 60.42 -17.65
N ILE D 98 29.05 60.41 -17.20
CA ILE D 98 29.39 60.49 -15.78
C ILE D 98 30.62 61.39 -15.68
N ARG D 99 30.42 62.61 -15.20
CA ARG D 99 31.52 63.53 -14.96
C ARG D 99 31.93 63.44 -13.49
N ASN D 100 33.23 63.47 -13.24
CA ASN D 100 33.77 63.27 -11.89
C ASN D 100 35.04 64.08 -11.75
N PRO D 101 34.96 65.28 -11.18
CA PRO D 101 36.17 66.09 -10.97
C PRO D 101 36.84 65.80 -9.65
N ILE D 102 38.16 65.67 -9.71
CA ILE D 102 38.99 65.48 -8.51
C ILE D 102 39.99 66.63 -8.47
N ASP D 103 39.92 67.43 -7.41
CA ASP D 103 40.70 68.65 -7.33
C ASP D 103 42.19 68.34 -7.24
N TYR D 104 43.00 69.29 -7.70
CA TYR D 104 44.46 69.17 -7.56
C TYR D 104 44.83 68.99 -6.09
N GLN D 105 44.32 69.86 -5.23
CA GLN D 105 44.70 69.86 -3.82
C GLN D 105 44.32 68.55 -3.15
N ASP D 106 43.13 68.03 -3.45
CA ASP D 106 42.69 66.78 -2.84
C ASP D 106 43.50 65.59 -3.32
N ASP D 107 44.05 65.66 -4.53
CA ASP D 107 44.86 64.57 -5.05
C ASP D 107 46.30 64.61 -4.57
N TRP D 108 46.73 65.72 -3.96
CA TRP D 108 48.09 65.83 -3.44
C TRP D 108 48.23 65.38 -2.00
N THR D 109 47.11 65.09 -1.32
CA THR D 109 47.15 64.74 0.09
C THR D 109 46.58 63.36 0.40
N ALA D 110 45.75 62.79 -0.48
CA ALA D 110 45.18 61.48 -0.24
C ALA D 110 45.42 60.59 -1.44
N PRO D 111 45.57 59.28 -1.23
CA PRO D 111 45.70 58.36 -2.35
C PRO D 111 44.45 58.35 -3.21
N ASP D 112 44.64 58.15 -4.51
CA ASP D 112 43.56 58.29 -5.47
C ASP D 112 42.75 57.00 -5.57
N PHE D 113 41.42 57.13 -5.48
CA PHE D 113 40.51 56.03 -5.76
C PHE D 113 40.21 55.94 -7.26
N LEU D 114 41.25 55.92 -8.08
CA LEU D 114 41.07 56.12 -9.50
C LEU D 114 40.59 54.86 -10.22
N THR D 115 40.69 53.70 -9.59
CA THR D 115 40.28 52.44 -10.21
C THR D 115 38.85 52.05 -9.84
N GLU D 116 38.52 52.13 -8.54
CA GLU D 116 37.17 51.79 -8.11
C GLU D 116 36.13 52.69 -8.75
N MET D 117 36.47 53.96 -8.99
CA MET D 117 35.56 54.84 -9.71
C MET D 117 35.29 54.34 -11.12
N GLY D 118 36.34 53.89 -11.82
CA GLY D 118 36.14 53.34 -13.15
C GLY D 118 35.28 52.09 -13.14
N GLN D 119 35.54 51.18 -12.20
CA GLN D 119 34.73 49.97 -12.10
C GLN D 119 33.28 50.30 -11.79
N ASN D 120 33.05 51.23 -10.87
CA ASN D 120 31.69 51.63 -10.53
C ASN D 120 30.99 52.26 -11.72
N ASN D 121 31.69 53.10 -12.48
CA ASN D 121 31.09 53.72 -13.65
C ASN D 121 30.69 52.67 -14.68
N GLY D 122 31.58 51.71 -14.94
CA GLY D 122 31.23 50.63 -15.85
C GLY D 122 30.02 49.85 -15.38
N SER D 123 29.96 49.59 -14.06
CA SER D 123 28.83 48.84 -13.52
C SER D 123 27.52 49.59 -13.67
N GLU D 124 27.52 50.89 -13.36
CA GLU D 124 26.29 51.67 -13.50
C GLU D 124 25.86 51.77 -14.96
N PHE D 125 26.82 51.90 -15.88
CA PHE D 125 26.46 51.91 -17.29
C PHE D 125 25.83 50.59 -17.72
N ALA D 126 26.39 49.46 -17.24
CA ALA D 126 25.79 48.17 -17.55
C ALA D 126 24.37 48.06 -16.98
N GLU D 127 24.18 48.53 -15.75
CA GLU D 127 22.86 48.53 -15.14
C GLU D 127 21.86 49.30 -15.99
N VAL D 128 22.24 50.50 -16.43
CA VAL D 128 21.34 51.32 -17.22
C VAL D 128 21.07 50.67 -18.57
N PHE D 129 22.08 50.04 -19.16
CA PHE D 129 21.90 49.32 -20.42
C PHE D 129 20.81 48.27 -20.30
N ASP D 130 20.95 47.37 -19.32
CA ASP D 130 19.97 46.30 -19.15
C ASP D 130 18.60 46.85 -18.80
N GLN D 131 18.55 47.89 -17.96
CA GLN D 131 17.27 48.44 -17.56
C GLN D 131 16.55 49.09 -18.73
N ALA D 132 17.29 49.76 -19.62
CA ALA D 132 16.67 50.33 -20.82
C ALA D 132 16.11 49.23 -21.71
N HIS D 133 16.87 48.15 -21.89
CA HIS D 133 16.36 47.02 -22.66
C HIS D 133 15.04 46.52 -22.09
N LEU D 134 15.00 46.27 -20.79
CA LEU D 134 13.80 45.71 -20.19
C LEU D 134 12.64 46.70 -20.22
N ILE D 135 12.93 48.00 -20.11
CA ILE D 135 11.87 49.00 -20.21
C ILE D 135 11.24 48.96 -21.59
N GLN D 136 12.07 48.88 -22.63
CA GLN D 136 11.51 48.79 -23.98
C GLN D 136 10.68 47.52 -24.16
N LEU D 137 11.19 46.39 -23.63
CA LEU D 137 10.42 45.15 -23.69
C LEU D 137 9.06 45.30 -23.04
N ILE D 138 9.01 45.82 -21.81
CA ILE D 138 7.74 45.87 -21.11
C ILE D 138 6.80 46.89 -21.73
N LYS D 139 7.34 47.98 -22.28
CA LYS D 139 6.48 48.99 -22.90
C LYS D 139 5.95 48.52 -24.25
N GLY D 140 6.66 47.63 -24.93
CA GLY D 140 6.19 47.14 -26.21
C GLY D 140 5.22 45.99 -26.10
N ARG D 141 4.30 46.05 -25.14
CA ARG D 141 3.27 45.04 -25.00
C ARG D 141 1.88 45.54 -25.39
N SER D 142 1.74 46.85 -25.63
CA SER D 142 0.48 47.43 -26.05
C SER D 142 0.58 48.02 -27.44
N TRP D 143 1.36 47.40 -28.31
CA TRP D 143 1.59 47.90 -29.67
C TRP D 143 0.51 47.31 -30.58
N VAL D 144 -0.51 48.11 -30.89
CA VAL D 144 -1.54 47.66 -31.80
C VAL D 144 -0.99 47.66 -33.23
N ALA D 145 -1.08 46.52 -33.89
CA ALA D 145 -0.56 46.41 -35.24
C ALA D 145 -1.46 47.18 -36.21
N PRO D 146 -0.89 47.80 -37.24
CA PRO D 146 -1.73 48.48 -38.23
C PRO D 146 -2.64 47.49 -38.93
N ALA D 147 -3.84 47.96 -39.26
CA ALA D 147 -4.79 47.09 -39.96
C ALA D 147 -4.28 46.68 -41.32
N HIS D 148 -3.42 47.51 -41.94
CA HIS D 148 -2.84 47.18 -43.23
C HIS D 148 -1.63 46.27 -43.11
N LEU D 149 -1.24 45.89 -41.90
CA LEU D 149 -0.22 44.88 -41.68
C LEU D 149 -0.71 43.77 -40.76
N LYS D 150 -2.01 43.74 -40.44
CA LYS D 150 -2.52 42.84 -39.43
C LYS D 150 -2.35 41.36 -39.76
N PRO D 151 -2.63 40.87 -40.97
CA PRO D 151 -2.49 39.42 -41.20
C PRO D 151 -1.09 38.91 -40.94
N ALA D 152 -0.06 39.74 -41.12
CA ALA D 152 1.31 39.32 -40.92
C ALA D 152 1.95 39.87 -39.66
N PHE D 153 1.38 40.89 -39.05
CA PHE D 153 1.90 41.47 -37.81
C PHE D 153 0.80 41.46 -36.77
N SER D 154 1.12 40.98 -35.57
CA SER D 154 0.16 40.87 -34.49
C SER D 154 0.45 41.90 -33.41
N ASP D 155 -0.52 42.09 -32.53
CA ASP D 155 -0.41 43.10 -31.48
C ASP D 155 0.53 42.61 -30.38
N GLY D 156 0.87 43.53 -29.48
CA GLY D 156 1.66 43.16 -28.32
C GLY D 156 0.92 42.16 -27.43
N ILE D 157 1.69 41.40 -26.68
CA ILE D 157 1.17 40.31 -25.86
C ILE D 157 1.27 40.73 -24.39
N GLU D 158 0.15 40.64 -23.68
CA GLU D 158 0.11 41.03 -22.27
C GLU D 158 -0.78 40.04 -21.52
N ILE D 159 -0.15 39.07 -20.87
CA ILE D 159 -0.85 38.09 -20.04
C ILE D 159 -0.99 38.67 -18.64
N GLU D 160 -2.19 38.53 -18.06
CA GLU D 160 -2.48 39.08 -16.74
C GLU D 160 -2.70 37.94 -15.76
N ALA D 161 -1.96 37.97 -14.66
CA ALA D 161 -2.10 36.99 -13.60
C ALA D 161 -2.22 37.72 -12.27
N THR D 162 -2.88 37.09 -11.32
CA THR D 162 -3.09 37.63 -9.98
C THR D 162 -2.21 36.87 -8.99
N ILE D 163 -1.49 37.59 -8.15
CA ILE D 163 -0.58 37.00 -7.18
C ILE D 163 -0.81 37.66 -5.82
N ASP D 164 -1.08 36.85 -4.81
CA ASP D 164 -1.09 37.31 -3.42
C ASP D 164 0.31 37.09 -2.87
N SER D 165 1.07 38.17 -2.72
CA SER D 165 2.46 38.09 -2.36
C SER D 165 2.71 38.07 -0.85
N ASP D 166 1.65 38.03 -0.04
CA ASP D 166 1.77 38.02 1.41
C ASP D 166 0.99 36.85 2.00
N VAL D 167 1.15 35.67 1.41
CA VAL D 167 0.46 34.47 1.84
C VAL D 167 1.49 33.44 2.29
N THR D 168 1.23 32.80 3.43
CA THR D 168 2.13 31.80 3.99
C THR D 168 1.38 30.51 4.34
N THR D 169 0.34 30.20 3.58
CA THR D 169 -0.51 29.05 3.87
C THR D 169 -0.17 27.84 3.03
N GLN D 170 0.97 27.86 2.34
CA GLN D 170 1.41 26.75 1.49
C GLN D 170 0.43 26.51 0.35
N ALA D 171 -0.80 26.10 0.69
CA ALA D 171 -1.80 25.91 -0.35
C ALA D 171 -2.06 27.19 -1.12
N GLY D 172 -2.15 28.32 -0.41
CA GLY D 172 -2.20 29.59 -1.10
C GLY D 172 -0.91 29.94 -1.81
N MET D 173 0.22 29.54 -1.25
CA MET D 173 1.51 29.83 -1.86
C MET D 173 1.79 28.91 -3.05
N GLU D 174 1.24 27.69 -3.03
CA GLU D 174 1.34 26.83 -4.21
C GLU D 174 0.62 27.44 -5.40
N ALA D 175 -0.42 28.25 -5.14
CA ALA D 175 -1.25 28.80 -6.21
C ALA D 175 -0.55 29.93 -6.96
N ASN D 176 0.32 30.69 -6.30
CA ASN D 176 1.01 31.78 -6.99
C ASN D 176 1.90 31.25 -8.10
N ALA D 177 2.60 30.15 -7.86
CA ALA D 177 3.46 29.59 -8.89
C ALA D 177 2.65 29.00 -10.03
N ILE D 178 1.48 28.45 -9.73
CA ILE D 178 0.61 27.93 -10.78
C ILE D 178 0.17 29.05 -11.70
N ALA D 179 -0.20 30.20 -11.14
CA ALA D 179 -0.60 31.34 -11.97
C ALA D 179 0.55 31.81 -12.84
N ILE D 180 1.76 31.86 -12.27
CA ILE D 180 2.93 32.28 -13.05
C ILE D 180 3.16 31.32 -14.21
N ASN D 181 3.08 30.02 -13.95
CA ASN D 181 3.28 29.04 -15.00
C ASN D 181 2.20 29.15 -16.07
N GLN D 182 0.94 29.35 -15.66
CA GLN D 182 -0.14 29.46 -16.63
C GLN D 182 0.02 30.71 -17.49
N ALA D 183 0.45 31.82 -16.90
CA ALA D 183 0.68 33.02 -17.70
C ALA D 183 1.81 32.83 -18.68
N HIS D 184 2.91 32.20 -18.25
CA HIS D 184 4.00 31.91 -19.17
C HIS D 184 3.54 30.99 -20.29
N LYS D 185 2.72 29.99 -19.95
CA LYS D 185 2.20 29.08 -20.96
C LYS D 185 1.29 29.79 -21.94
N ALA D 186 0.46 30.72 -21.45
CA ALA D 186 -0.40 31.48 -22.35
C ALA D 186 0.43 32.34 -23.31
N GLY D 187 1.50 32.95 -22.81
CA GLY D 187 2.40 33.67 -23.69
C GLY D 187 3.01 32.77 -24.75
N ILE D 188 3.45 31.57 -24.34
CA ILE D 188 4.04 30.65 -25.30
C ILE D 188 3.00 30.19 -26.32
N ASP D 189 1.76 30.00 -25.87
CA ASP D 189 0.69 29.61 -26.78
C ASP D 189 0.45 30.68 -27.83
N GLU D 190 0.37 31.94 -27.41
CA GLU D 190 0.17 33.01 -28.37
C GLU D 190 1.34 33.12 -29.32
N LEU D 191 2.56 32.89 -28.82
CA LEU D 191 3.72 32.90 -29.70
C LEU D 191 3.66 31.78 -30.74
N ILE D 192 3.24 30.58 -30.31
CA ILE D 192 3.19 29.46 -31.24
C ILE D 192 2.09 29.67 -32.29
N LYS D 193 0.96 30.22 -31.88
CA LYS D 193 -0.13 30.44 -32.82
C LYS D 193 0.25 31.41 -33.94
N ARG D 194 1.32 32.18 -33.75
CA ARG D 194 1.80 33.11 -34.76
C ARG D 194 2.97 32.56 -35.56
N LYS D 195 3.23 31.26 -35.47
CA LYS D 195 4.31 30.59 -36.21
C LYS D 195 5.67 31.17 -35.86
N VAL D 196 5.81 31.72 -34.66
CA VAL D 196 7.10 32.26 -34.23
C VAL D 196 8.06 31.12 -33.93
N PRO D 197 9.29 31.14 -34.44
CA PRO D 197 10.24 30.08 -34.11
C PRO D 197 10.69 30.21 -32.66
N LEU D 198 10.66 29.09 -31.93
CA LEU D 198 10.95 29.07 -30.51
C LEU D 198 12.38 28.63 -30.21
N ASN D 199 13.25 28.58 -31.22
CA ASN D 199 14.60 28.08 -31.00
C ASN D 199 15.46 29.09 -30.27
N ASP D 200 15.19 30.39 -30.44
CA ASP D 200 16.00 31.44 -29.85
C ASP D 200 15.31 32.14 -28.69
N MET D 201 14.21 31.59 -28.20
CA MET D 201 13.43 32.26 -27.16
C MET D 201 14.19 32.24 -25.83
N ILE D 202 13.71 33.07 -24.90
CA ILE D 202 14.32 33.19 -23.58
C ILE D 202 13.32 33.89 -22.67
N THR D 203 13.35 33.53 -21.38
CA THR D 203 12.46 34.11 -20.38
C THR D 203 13.28 34.85 -19.34
N LEU D 204 12.87 36.06 -19.01
CA LEU D 204 13.49 36.85 -17.95
C LEU D 204 12.45 37.10 -16.87
N VAL D 205 12.81 36.79 -15.62
CA VAL D 205 11.91 36.93 -14.49
C VAL D 205 12.60 37.74 -13.39
N SER D 206 11.82 38.53 -12.67
CA SER D 206 12.34 39.27 -11.55
C SER D 206 12.68 38.31 -10.40
N THR D 207 13.46 38.82 -9.45
CA THR D 207 13.88 37.99 -8.32
C THR D 207 12.69 37.53 -7.50
N GLU D 208 11.74 38.42 -7.23
CA GLU D 208 10.56 38.02 -6.45
C GLU D 208 9.71 37.01 -7.20
N ILE D 209 9.55 37.20 -8.51
CA ILE D 209 8.80 36.23 -9.31
C ILE D 209 9.58 34.93 -9.42
N TYR D 210 10.91 35.02 -9.54
CA TYR D 210 11.74 33.81 -9.54
C TYR D 210 11.55 33.02 -8.26
N SER D 211 11.43 33.71 -7.12
CA SER D 211 11.25 33.02 -5.86
C SER D 211 9.84 32.46 -5.72
N LEU D 212 8.83 33.24 -6.11
CA LEU D 212 7.44 32.75 -6.03
C LEU D 212 7.22 31.57 -6.95
N LEU D 213 7.94 31.50 -8.06
CA LEU D 213 7.79 30.39 -8.99
C LEU D 213 8.26 29.08 -8.39
N LEU D 214 9.23 29.12 -7.47
CA LEU D 214 9.84 27.90 -6.98
C LEU D 214 8.85 27.01 -6.25
N GLU D 215 7.69 27.54 -5.85
CA GLU D 215 6.68 26.77 -5.13
C GLU D 215 5.69 26.11 -6.07
N HIS D 216 6.09 25.77 -7.28
CA HIS D 216 5.20 25.06 -8.19
C HIS D 216 5.06 23.60 -7.74
N PRO D 217 3.84 23.11 -7.52
CA PRO D 217 3.69 21.75 -6.98
C PRO D 217 4.28 20.67 -7.87
N LYS D 218 4.20 20.81 -9.19
CA LYS D 218 4.57 19.73 -10.09
C LYS D 218 5.44 20.24 -11.23
N LEU D 219 6.40 21.10 -10.92
CA LEU D 219 7.35 21.57 -11.91
C LEU D 219 8.79 21.32 -11.52
N PHE D 220 9.12 21.46 -10.24
CA PHE D 220 10.49 21.30 -9.76
C PHE D 220 10.76 19.92 -9.17
N ASN D 221 9.80 19.01 -9.24
CA ASN D 221 9.97 17.68 -8.67
C ASN D 221 10.14 16.65 -9.78
N LYS D 222 10.55 15.46 -9.38
CA LYS D 222 10.55 14.31 -10.27
C LYS D 222 9.10 13.89 -10.48
N ASP D 223 8.90 12.75 -11.13
CA ASP D 223 7.59 12.24 -11.54
C ASP D 223 6.96 13.09 -12.63
N TRP D 224 7.60 14.19 -13.02
CA TRP D 224 7.14 15.02 -14.13
C TRP D 224 8.28 15.31 -15.10
N GLY D 225 9.38 14.59 -15.00
CA GLY D 225 10.53 14.83 -15.85
C GLY D 225 11.64 15.51 -15.09
N ASP D 226 12.89 15.10 -15.34
CA ASP D 226 14.05 15.65 -14.64
C ASP D 226 14.56 16.90 -15.34
N ALA D 227 13.68 17.90 -15.45
CA ALA D 227 14.02 19.14 -16.12
C ALA D 227 14.65 20.15 -15.17
N ASN D 228 13.92 20.53 -14.13
CA ASN D 228 14.46 21.38 -13.07
C ASN D 228 14.97 20.52 -11.91
N ALA D 229 15.91 19.63 -12.26
CA ALA D 229 16.41 18.66 -11.29
C ALA D 229 17.09 19.36 -10.12
N ASN D 230 16.80 18.88 -8.92
CA ASN D 230 17.32 19.44 -7.67
C ASN D 230 16.94 20.90 -7.48
N GLY D 231 15.92 21.37 -8.18
CA GLY D 231 15.38 22.69 -7.94
C GLY D 231 14.79 22.77 -6.55
N TYR D 232 14.33 23.97 -6.18
CA TYR D 232 13.80 24.29 -4.86
C TYR D 232 14.88 24.21 -3.78
N LYS D 233 16.09 23.79 -4.12
CA LYS D 233 17.14 23.60 -3.13
C LYS D 233 18.44 24.31 -3.50
N GLU D 234 18.59 24.76 -4.73
CA GLU D 234 19.61 25.73 -5.09
C GLU D 234 19.01 27.06 -5.54
N ARG D 235 17.70 27.25 -5.31
CA ARG D 235 16.99 28.43 -5.79
C ARG D 235 17.23 28.64 -7.27
N ARG D 236 17.06 27.57 -8.05
CA ARG D 236 17.35 27.57 -9.47
C ARG D 236 16.17 27.02 -10.26
N ALA D 237 15.86 27.68 -11.37
CA ALA D 237 14.90 27.18 -12.35
C ALA D 237 15.52 27.32 -13.74
N VAL D 238 15.37 26.29 -14.56
CA VAL D 238 16.02 26.23 -15.87
C VAL D 238 15.00 26.28 -16.99
N LEU D 239 14.05 25.36 -17.01
CA LEU D 239 12.98 25.35 -17.99
C LEU D 239 11.66 25.75 -17.34
N MET D 240 10.81 26.41 -18.11
CA MET D 240 9.45 26.74 -17.69
C MET D 240 8.41 26.01 -18.53
N ASN D 241 8.44 26.21 -19.85
CA ASN D 241 7.52 25.52 -20.74
C ASN D 241 8.23 25.09 -22.03
N GLY D 242 9.52 24.80 -21.94
CA GLY D 242 10.30 24.45 -23.10
C GLY D 242 11.37 25.45 -23.47
N ILE D 243 11.54 26.53 -22.69
CA ILE D 243 12.51 27.56 -23.01
C ILE D 243 13.29 27.93 -21.76
N PRO D 244 14.55 28.35 -21.88
CA PRO D 244 15.35 28.66 -20.69
C PRO D 244 14.82 29.85 -19.92
N VAL D 245 15.13 29.86 -18.63
CA VAL D 245 14.71 30.92 -17.72
C VAL D 245 15.94 31.54 -17.08
N VAL D 246 16.02 32.86 -17.12
CA VAL D 246 17.13 33.61 -16.53
C VAL D 246 16.55 34.64 -15.56
N GLU D 247 17.11 34.71 -14.37
CA GLU D 247 16.62 35.60 -13.32
C GLU D 247 17.34 36.94 -13.44
N CYS D 248 16.71 37.87 -14.15
CA CYS D 248 17.27 39.20 -14.33
C CYS D 248 16.79 40.11 -13.20
N THR D 249 17.73 40.59 -12.39
CA THR D 249 17.39 41.39 -11.22
C THR D 249 17.08 42.84 -11.55
N GLU D 250 17.50 43.33 -12.71
CA GLU D 250 17.35 44.75 -13.04
C GLU D 250 16.08 45.05 -13.81
N PHE D 251 14.94 44.58 -13.34
CA PHE D 251 13.67 45.04 -13.89
C PHE D 251 13.40 46.47 -13.45
N PRO D 252 12.70 47.25 -14.27
CA PRO D 252 12.49 48.65 -13.95
C PRO D 252 11.51 48.84 -12.80
N ASP D 253 11.60 50.02 -12.19
CA ASP D 253 10.67 50.47 -11.18
C ASP D 253 10.68 52.00 -11.22
N ALA D 254 10.07 52.61 -10.20
CA ALA D 254 10.05 54.06 -10.06
C ALA D 254 9.40 54.66 -11.32
N GLY D 255 9.85 55.84 -11.74
CA GLY D 255 9.25 56.50 -12.89
C GLY D 255 10.15 57.32 -13.78
N THR D 256 11.47 57.13 -13.71
CA THR D 256 12.37 57.96 -14.50
C THR D 256 13.59 57.15 -14.92
N HIS D 257 14.04 57.39 -16.15
CA HIS D 257 15.24 56.79 -16.71
C HIS D 257 16.07 57.87 -17.39
N PRO D 258 17.40 57.83 -17.24
CA PRO D 258 18.24 58.89 -17.82
C PRO D 258 18.26 58.90 -19.34
N LEU D 259 17.83 57.83 -20.00
CA LEU D 259 17.94 57.75 -21.45
C LEU D 259 16.95 58.66 -22.17
N GLY D 260 16.00 59.25 -21.47
CA GLY D 260 15.07 60.16 -22.09
C GLY D 260 13.69 60.05 -21.47
N SER D 261 12.77 60.85 -22.02
CA SER D 261 11.40 60.86 -21.54
C SER D 261 10.62 59.65 -22.01
N ALA D 262 11.01 59.05 -23.13
CA ALA D 262 10.34 57.87 -23.66
C ALA D 262 10.71 56.60 -22.90
N TYR D 263 11.34 56.73 -21.73
CA TYR D 263 11.77 55.58 -20.95
C TYR D 263 11.20 55.60 -19.53
N THR D 264 10.32 56.53 -19.22
CA THR D 264 9.70 56.56 -17.89
C THR D 264 8.82 55.34 -17.68
N VAL D 265 8.89 54.77 -16.49
CA VAL D 265 8.16 53.56 -16.15
C VAL D 265 6.95 53.94 -15.31
N THR D 266 5.77 53.65 -15.83
CA THR D 266 4.56 53.88 -15.05
C THR D 266 4.31 52.71 -14.11
N ALA D 267 3.29 52.87 -13.25
CA ALA D 267 2.97 51.81 -12.30
C ALA D 267 2.55 50.53 -13.01
N ASP D 268 1.73 50.65 -14.05
CA ASP D 268 1.35 49.48 -14.84
C ASP D 268 2.57 48.86 -15.50
N ASP D 269 3.48 49.69 -15.99
CA ASP D 269 4.74 49.15 -16.52
C ASP D 269 5.57 48.49 -15.42
N ALA D 270 5.58 49.09 -14.22
CA ALA D 270 6.35 48.51 -13.12
C ALA D 270 5.75 47.19 -12.64
N LYS D 271 4.47 46.93 -12.91
CA LYS D 271 3.86 45.68 -12.46
C LYS D 271 4.40 44.48 -13.23
N CYS D 272 4.64 44.64 -14.53
CA CYS D 272 5.09 43.51 -15.35
C CYS D 272 6.45 43.03 -14.90
N ARG D 273 6.55 41.74 -14.56
CA ARG D 273 7.76 41.18 -13.99
C ARG D 273 8.16 39.88 -14.69
N MET D 274 7.86 39.76 -15.98
CA MET D 274 8.26 38.60 -16.76
C MET D 274 8.14 38.95 -18.23
N VAL D 275 9.18 38.63 -19.00
CA VAL D 275 9.18 38.87 -20.44
C VAL D 275 9.72 37.64 -21.14
N THR D 276 9.07 37.27 -22.25
CA THR D 276 9.49 36.14 -23.07
C THR D 276 9.68 36.66 -24.49
N PHE D 277 10.94 36.89 -24.87
CA PHE D 277 11.23 37.46 -26.18
C PHE D 277 12.23 36.59 -26.92
N SER D 278 12.72 37.06 -28.06
CA SER D 278 13.64 36.30 -28.89
C SER D 278 14.99 37.01 -28.96
N LYS D 279 16.06 36.23 -28.82
CA LYS D 279 17.40 36.80 -28.80
C LYS D 279 17.87 37.27 -30.16
N SER D 280 17.05 37.19 -31.20
CA SER D 280 17.50 37.51 -32.55
C SER D 280 16.60 38.47 -33.32
N ARG D 281 15.33 38.62 -32.95
CA ARG D 281 14.45 39.46 -33.77
C ARG D 281 13.49 40.32 -32.96
N THR D 282 13.66 40.44 -31.64
CA THR D 282 12.69 41.20 -30.85
C THR D 282 13.07 42.65 -30.66
N LEU D 283 14.36 42.97 -30.57
CA LEU D 283 14.76 44.35 -30.34
C LEU D 283 16.12 44.61 -30.97
N VAL D 284 16.39 45.88 -31.22
CA VAL D 284 17.61 46.33 -31.88
C VAL D 284 18.15 47.55 -31.15
N THR D 285 19.45 47.56 -30.91
CA THR D 285 20.12 48.65 -30.20
C THR D 285 20.98 49.42 -31.21
N VAL D 286 20.48 50.58 -31.64
CA VAL D 286 21.28 51.43 -32.52
C VAL D 286 22.37 52.11 -31.71
N GLU D 287 23.54 52.25 -32.31
CA GLU D 287 24.77 52.61 -31.59
C GLU D 287 25.47 53.74 -32.31
N ALA D 288 25.83 54.78 -31.57
CA ALA D 288 26.51 55.95 -32.14
C ALA D 288 27.90 56.16 -31.55
N LYS D 289 28.03 56.22 -30.23
CA LYS D 289 29.33 56.30 -29.57
C LYS D 289 29.45 55.13 -28.60
N PRO D 290 30.43 54.24 -28.78
CA PRO D 290 30.63 53.17 -27.79
C PRO D 290 31.07 53.74 -26.46
N PHE D 291 30.78 53.00 -25.40
CA PHE D 291 31.09 53.48 -24.06
C PHE D 291 32.59 53.65 -23.90
N THR D 292 33.03 54.90 -23.90
CA THR D 292 34.43 55.25 -23.75
C THR D 292 34.62 56.17 -22.56
N SER D 293 35.75 56.02 -21.91
CA SER D 293 36.14 56.88 -20.79
C SER D 293 37.34 57.72 -21.19
N ARG D 294 37.46 58.89 -20.56
CA ARG D 294 38.60 59.75 -20.79
C ARG D 294 38.88 60.54 -19.53
N ILE D 295 40.11 61.00 -19.40
CA ILE D 295 40.53 61.90 -18.34
C ILE D 295 41.25 63.08 -18.98
N TRP D 296 40.81 64.29 -18.66
CA TRP D 296 41.36 65.49 -19.26
C TRP D 296 41.66 66.49 -18.16
N ASP D 297 42.86 67.05 -18.19
CA ASP D 297 43.24 68.05 -17.19
C ASP D 297 42.41 69.32 -17.38
N ASP D 298 42.02 69.92 -16.25
CA ASP D 298 41.26 71.16 -16.25
C ASP D 298 42.08 72.21 -15.51
N GLU D 299 42.98 72.87 -16.24
CA GLU D 299 43.86 73.84 -15.60
C GLU D 299 43.07 75.03 -15.06
N GLN D 300 42.13 75.55 -15.85
CA GLN D 300 41.50 76.82 -15.50
C GLN D 300 40.62 76.68 -14.26
N ASN D 301 40.09 75.50 -14.02
CA ASN D 301 39.32 75.22 -12.81
C ASN D 301 40.13 74.51 -11.74
N PHE D 302 41.41 74.23 -12.00
CA PHE D 302 42.32 73.65 -11.01
C PHE D 302 41.79 72.31 -10.50
N ALA D 303 41.68 71.36 -11.41
CA ALA D 303 41.19 70.01 -11.08
C ALA D 303 41.49 69.08 -12.25
N ASN D 304 41.36 67.79 -11.98
CA ASN D 304 41.42 66.75 -13.01
C ASN D 304 40.06 66.07 -13.06
N VAL D 305 39.52 65.93 -14.26
CA VAL D 305 38.16 65.44 -14.46
C VAL D 305 38.22 64.08 -15.16
N LEU D 306 37.55 63.10 -14.57
CA LEU D 306 37.38 61.79 -15.20
C LEU D 306 36.01 61.75 -15.85
N ASP D 307 35.97 61.54 -17.15
CA ASP D 307 34.72 61.43 -17.90
C ASP D 307 34.54 60.03 -18.45
N CYS D 308 33.28 59.64 -18.59
CA CYS D 308 32.93 58.42 -19.29
C CYS D 308 31.51 58.59 -19.83
N TYR D 309 31.32 58.33 -21.11
CA TYR D 309 30.07 58.64 -21.77
C TYR D 309 29.80 57.61 -22.86
N ALA D 310 28.53 57.53 -23.26
CA ALA D 310 28.11 56.63 -24.32
C ALA D 310 26.84 57.20 -24.93
N MET D 311 26.50 56.72 -26.13
CA MET D 311 25.35 57.22 -26.86
C MET D 311 24.77 56.10 -27.69
N TYR D 312 23.56 55.66 -27.35
CA TYR D 312 22.88 54.59 -28.06
C TYR D 312 21.38 54.76 -27.87
N GLN D 313 20.62 53.85 -28.46
CA GLN D 313 19.17 53.86 -28.33
C GLN D 313 18.64 52.46 -28.60
N VAL D 314 17.54 52.11 -27.92
CA VAL D 314 16.96 50.79 -27.99
C VAL D 314 15.59 50.89 -28.64
N GLY D 315 15.33 50.03 -29.62
CA GLY D 315 14.04 49.98 -30.26
C GLY D 315 13.63 48.55 -30.51
N GLU D 316 12.32 48.35 -30.69
CA GLU D 316 11.74 47.02 -30.86
C GLU D 316 11.39 46.79 -32.33
N ARG D 317 11.91 45.71 -32.89
CA ARG D 317 11.43 45.17 -34.15
C ARG D 317 10.61 43.93 -33.86
N ARG D 318 9.47 43.80 -34.50
CA ARG D 318 8.53 42.73 -34.21
C ARG D 318 8.14 42.74 -32.74
N PRO D 319 7.37 43.73 -32.27
CA PRO D 319 6.85 43.68 -30.90
C PRO D 319 5.86 42.56 -30.66
N ASP D 320 5.57 41.75 -31.68
CA ASP D 320 4.70 40.60 -31.56
C ASP D 320 5.45 39.33 -31.22
N THR D 321 6.77 39.41 -31.07
CA THR D 321 7.61 38.28 -30.73
C THR D 321 8.01 38.29 -29.25
N ALA D 322 7.35 39.11 -28.44
CA ALA D 322 7.67 39.23 -27.03
C ALA D 322 6.39 39.10 -26.21
N ALA D 323 6.42 38.24 -25.19
CA ALA D 323 5.31 38.05 -24.28
C ALA D 323 5.66 38.72 -22.95
N VAL D 324 4.80 39.63 -22.49
CA VAL D 324 5.01 40.37 -21.27
C VAL D 324 3.86 40.08 -20.33
N VAL D 325 4.16 39.63 -19.12
CA VAL D 325 3.15 39.21 -18.15
C VAL D 325 3.03 40.29 -17.09
N LYS D 326 1.83 40.82 -16.91
CA LYS D 326 1.53 41.80 -15.88
C LYS D 326 0.94 41.08 -14.67
N PHE D 327 1.50 41.35 -13.49
CA PHE D 327 1.12 40.66 -12.26
C PHE D 327 0.35 41.61 -11.37
N ASN D 328 -0.96 41.41 -11.28
CA ASN D 328 -1.79 42.17 -10.35
C ASN D 328 -1.78 41.53 -8.98
N GLU D 329 -1.88 42.36 -7.95
CA GLU D 329 -1.91 41.91 -6.57
C GLU D 329 -3.32 42.00 -6.03
N ALA D 330 -3.80 40.91 -5.44
CA ALA D 330 -5.17 40.86 -4.95
C ALA D 330 -5.33 41.64 -3.65
N THR E 4 11.60 -11.71 59.16
CA THR E 4 12.17 -11.85 60.50
C THR E 4 13.67 -11.61 60.48
N ASP E 5 14.42 -12.56 61.03
CA ASP E 5 15.87 -12.46 61.08
C ASP E 5 16.45 -13.85 61.21
N TYR E 6 17.73 -13.97 60.87
CA TYR E 6 18.46 -15.23 61.01
C TYR E 6 19.25 -15.28 62.32
N ALA E 7 20.16 -14.34 62.53
CA ALA E 7 20.98 -14.28 63.73
C ALA E 7 21.54 -12.87 63.85
N GLY E 8 21.38 -12.27 65.03
CA GLY E 8 21.87 -10.93 65.30
C GLY E 8 23.32 -10.86 65.74
N ASN E 9 24.04 -11.98 65.75
CA ASN E 9 25.45 -12.04 66.11
C ASN E 9 26.23 -12.44 64.88
N LEU E 10 26.64 -11.47 64.08
CA LEU E 10 27.40 -11.72 62.87
C LEU E 10 28.76 -11.04 62.96
N THR E 11 29.74 -11.62 62.27
CA THR E 11 31.08 -11.03 62.19
C THR E 11 31.20 -10.24 60.88
N ARG E 12 30.51 -9.11 60.86
CA ARG E 12 30.47 -8.27 59.67
C ARG E 12 31.85 -7.71 59.37
N PRO E 13 32.40 -7.96 58.17
CA PRO E 13 33.81 -7.62 57.92
C PRO E 13 34.18 -6.15 58.06
N HIS E 14 33.53 -5.28 57.30
CA HIS E 14 33.89 -3.87 57.26
C HIS E 14 32.76 -2.99 57.78
N TRP E 15 32.14 -3.42 58.88
CA TRP E 15 31.15 -2.63 59.59
C TRP E 15 31.69 -2.46 61.00
N GLY E 16 32.49 -1.43 61.21
CA GLY E 16 33.23 -1.31 62.45
C GLY E 16 32.65 -0.36 63.47
N GLY E 17 31.97 -0.91 64.47
CA GLY E 17 31.42 -0.10 65.54
C GLY E 17 31.11 -0.99 66.73
N ALA E 18 30.57 -0.36 67.78
CA ALA E 18 30.15 -1.12 68.95
C ALA E 18 28.95 -2.00 68.66
N ALA E 19 28.28 -1.81 67.53
CA ALA E 19 27.16 -2.66 67.14
C ALA E 19 27.24 -3.06 65.67
N SER E 20 28.39 -2.86 65.01
CA SER E 20 28.57 -3.19 63.60
C SER E 20 27.53 -2.50 62.73
N ASP E 21 27.42 -1.19 62.88
CA ASP E 21 26.42 -0.39 62.18
C ASP E 21 27.00 0.60 61.18
N VAL E 22 28.15 1.21 61.49
CA VAL E 22 28.71 2.23 60.63
C VAL E 22 29.59 1.58 59.57
N ASP E 23 29.35 1.94 58.31
CA ASP E 23 30.06 1.37 57.18
C ASP E 23 31.44 2.02 57.05
N ILE E 24 32.46 1.18 56.89
CA ILE E 24 33.84 1.67 56.73
C ILE E 24 34.48 1.01 55.52
N HIS E 25 33.67 0.56 54.56
CA HIS E 25 34.19 -0.12 53.39
C HIS E 25 35.05 0.82 52.57
N LEU E 26 36.04 0.25 51.87
CA LEU E 26 37.00 1.04 51.11
C LEU E 26 36.44 1.36 49.74
N GLU E 27 36.26 2.65 49.45
CA GLU E 27 35.65 3.06 48.18
C GLU E 27 36.49 2.60 46.99
N VAL E 28 35.97 1.65 46.22
CA VAL E 28 36.64 1.18 45.01
C VAL E 28 36.64 2.32 44.01
N TYR E 29 37.81 2.89 43.77
CA TYR E 29 37.95 4.09 42.95
C TYR E 29 38.84 3.77 41.75
N GLN E 30 38.28 3.95 40.55
CA GLN E 30 39.06 3.95 39.33
C GLN E 30 39.25 5.40 38.88
N ASN E 31 40.43 5.71 38.35
CA ASN E 31 40.79 7.10 38.14
C ASN E 31 40.01 7.72 37.00
N GLU E 32 38.71 7.92 37.21
CA GLU E 32 37.85 8.56 36.23
C GLU E 32 37.12 9.73 36.87
N VAL E 33 37.16 10.89 36.22
CA VAL E 33 36.43 12.07 36.66
C VAL E 33 35.74 12.67 35.44
N ASP E 34 34.45 12.96 35.57
CA ASP E 34 33.68 13.57 34.51
C ASP E 34 33.47 15.04 34.82
N THR E 35 33.85 15.91 33.89
CA THR E 35 33.85 17.35 34.12
C THR E 35 32.76 18.05 33.33
N ARG E 36 32.77 17.91 32.01
CA ARG E 36 31.84 18.59 31.13
C ARG E 36 31.99 17.95 29.75
N PHE E 37 31.25 18.46 28.79
CA PHE E 37 31.39 18.04 27.40
C PHE E 37 32.00 19.20 26.61
N GLN E 38 33.11 18.91 25.94
CA GLN E 38 33.92 19.97 25.37
C GLN E 38 33.26 20.58 24.14
N TYR E 39 33.72 21.78 23.80
CA TYR E 39 33.26 22.49 22.62
C TYR E 39 34.44 23.02 21.83
N GLN E 40 34.29 23.05 20.51
CA GLN E 40 35.33 23.49 19.61
C GLN E 40 34.80 24.64 18.75
N ALA E 41 35.52 25.75 18.73
CA ALA E 41 35.08 26.92 17.99
C ALA E 41 35.10 26.65 16.49
N MET E 42 34.15 27.24 15.78
CA MET E 42 34.08 27.11 14.34
C MET E 42 34.19 28.44 13.60
N PHE E 43 34.14 29.57 14.30
CA PHE E 43 34.23 30.87 13.66
C PHE E 43 35.66 31.27 13.31
N LEU E 44 36.60 30.33 13.36
CA LEU E 44 37.97 30.65 12.95
C LEU E 44 38.04 30.98 11.47
N GLY E 45 37.31 30.23 10.63
CA GLY E 45 37.29 30.45 9.21
C GLY E 45 36.07 31.18 8.69
N LEU E 46 35.20 31.67 9.57
CA LEU E 46 33.99 32.39 9.16
C LEU E 46 34.14 33.90 9.39
N SER E 47 35.36 34.40 9.38
CA SER E 47 35.63 35.82 9.57
C SER E 47 36.91 36.15 8.80
N SER E 48 37.48 37.32 9.10
CA SER E 48 38.71 37.77 8.46
C SER E 48 39.67 38.25 9.55
N GLN E 49 40.72 37.48 9.79
CA GLN E 49 41.66 37.79 10.85
C GLN E 49 42.59 38.93 10.43
N ARG E 50 42.68 39.96 11.27
CA ARG E 50 43.56 41.10 11.03
C ARG E 50 44.25 41.44 12.35
N SER E 51 45.44 40.88 12.56
CA SER E 51 46.16 41.10 13.80
C SER E 51 46.61 42.56 13.92
N VAL E 52 46.58 43.08 15.15
CA VAL E 52 47.05 44.41 15.43
C VAL E 52 48.03 44.34 16.60
N ALA E 53 48.45 43.13 16.92
CA ALA E 53 49.29 42.90 18.10
C ALA E 53 50.59 43.69 18.02
N ASP E 54 50.96 44.30 19.15
CA ASP E 54 52.21 45.02 19.34
C ASP E 54 52.32 46.27 18.47
N ARG E 55 51.29 46.61 17.72
CA ARG E 55 51.31 47.76 16.82
C ARG E 55 50.33 48.84 17.25
N SER E 56 49.05 48.50 17.41
CA SER E 56 48.04 49.44 17.85
C SER E 56 46.83 48.63 18.31
N ASN E 57 45.82 49.32 18.82
CA ASN E 57 44.56 48.68 19.18
C ASN E 57 43.42 49.10 18.27
N THR E 58 43.73 49.58 17.07
CA THR E 58 42.71 50.08 16.15
C THR E 58 42.96 49.54 14.76
N TYR E 59 41.87 49.22 14.06
CA TYR E 59 41.92 48.80 12.66
C TYR E 59 40.94 49.66 11.88
N ARG E 60 41.40 50.21 10.76
CA ARG E 60 40.60 51.12 9.97
C ARG E 60 40.25 50.50 8.62
N ILE E 61 39.03 50.74 8.19
CA ILE E 61 38.54 50.29 6.88
C ILE E 61 37.97 51.50 6.16
N ASP E 62 38.40 51.71 4.92
CA ASP E 62 37.91 52.81 4.12
C ASP E 62 36.71 52.37 3.31
N ARG E 63 35.69 53.23 3.27
CA ARG E 63 34.47 52.97 2.52
C ARG E 63 34.36 53.93 1.35
N LEU E 64 33.48 53.62 0.42
CA LEU E 64 33.36 54.40 -0.81
C LEU E 64 31.96 54.22 -1.38
N ASN E 65 31.40 55.29 -1.91
CA ASN E 65 30.08 55.28 -2.51
C ASN E 65 30.20 55.01 -4.01
N THR E 66 29.12 55.22 -4.75
CA THR E 66 29.13 55.07 -6.20
C THR E 66 28.62 56.35 -6.87
N SER E 67 28.39 56.30 -8.18
CA SER E 67 27.97 57.46 -8.94
C SER E 67 26.59 57.20 -9.55
N SER E 68 26.15 58.14 -10.39
CA SER E 68 24.85 58.02 -11.06
C SER E 68 24.97 58.66 -12.43
N VAL E 69 24.70 57.87 -13.47
CA VAL E 69 24.79 58.36 -14.85
C VAL E 69 23.56 59.17 -15.18
N LYS E 70 23.75 60.23 -15.96
CA LYS E 70 22.69 61.17 -16.30
C LYS E 70 22.55 61.24 -17.81
N GLY E 71 21.60 62.07 -18.27
CA GLY E 71 21.36 62.25 -19.69
C GLY E 71 21.68 63.63 -20.18
N ARG E 72 21.93 63.77 -21.49
CA ARG E 72 22.30 65.04 -22.09
C ARG E 72 21.69 65.13 -23.48
N THR E 73 21.41 66.36 -23.93
CA THR E 73 20.65 66.60 -25.15
C THR E 73 21.34 67.62 -26.04
N SER E 74 22.63 67.42 -26.28
CA SER E 74 23.38 68.11 -27.32
C SER E 74 23.64 69.58 -27.05
N GLY E 75 23.04 70.13 -25.99
CA GLY E 75 23.31 71.50 -25.63
C GLY E 75 23.30 71.72 -24.13
N VAL E 76 23.22 70.63 -23.38
CA VAL E 76 23.10 70.69 -21.92
C VAL E 76 24.47 70.42 -21.32
N ALA E 77 24.85 71.25 -20.35
CA ALA E 77 26.12 71.06 -19.67
C ALA E 77 26.11 69.76 -18.87
N LEU E 78 27.22 69.03 -18.90
CA LEU E 78 27.36 67.80 -18.14
C LEU E 78 27.47 68.15 -16.67
N GLU E 79 26.42 67.89 -15.90
CA GLU E 79 26.43 68.20 -14.48
C GLU E 79 27.36 67.25 -13.74
N PRO E 80 28.40 67.73 -13.09
CA PRO E 80 29.30 66.84 -12.36
C PRO E 80 28.67 66.34 -11.06
N THR E 81 29.17 65.20 -10.60
CA THR E 81 28.65 64.61 -9.38
C THR E 81 29.78 64.31 -8.41
N PRO E 82 29.57 64.54 -7.12
CA PRO E 82 30.53 64.10 -6.11
C PRO E 82 30.39 62.61 -5.82
N VAL E 83 31.51 62.00 -5.45
CA VAL E 83 31.55 60.63 -4.96
C VAL E 83 32.01 60.69 -3.51
N ARG E 84 31.18 60.20 -2.60
CA ARG E 84 31.45 60.32 -1.18
C ARG E 84 32.18 59.10 -0.65
N ASN E 85 32.76 59.24 0.54
CA ASN E 85 33.48 58.15 1.17
C ASN E 85 33.52 58.39 2.67
N ASP E 86 33.82 57.32 3.40
CA ASP E 86 33.87 57.37 4.85
C ASP E 86 34.77 56.24 5.34
N LYS E 87 34.86 56.10 6.67
CA LYS E 87 35.71 55.11 7.30
C LYS E 87 34.94 54.42 8.42
N MET E 88 35.61 53.45 9.06
CA MET E 88 35.02 52.70 10.16
C MET E 88 36.15 52.04 10.95
N LEU E 89 35.93 51.87 12.25
CA LEU E 89 36.98 51.46 13.16
C LEU E 89 36.57 50.24 13.98
N ILE E 90 37.56 49.42 14.31
CA ILE E 90 37.42 48.35 15.30
C ILE E 90 38.54 48.53 16.31
N VAL E 91 38.18 48.58 17.59
CA VAL E 91 39.15 48.78 18.67
C VAL E 91 38.99 47.67 19.70
N VAL E 92 40.11 47.06 20.10
CA VAL E 92 40.08 46.08 21.17
C VAL E 92 40.05 46.81 22.51
N ASP E 93 39.19 46.34 23.42
CA ASP E 93 38.95 47.06 24.66
C ASP E 93 39.20 46.24 25.91
N THR E 94 38.87 44.95 25.90
CA THR E 94 38.91 44.14 27.10
C THR E 94 39.73 42.87 26.87
N VAL E 95 40.24 42.33 27.97
CA VAL E 95 40.98 41.07 27.98
C VAL E 95 40.14 40.04 28.70
N LEU E 96 39.94 38.89 28.05
CA LEU E 96 39.33 37.76 28.73
C LEU E 96 40.39 37.00 29.52
N TYR E 97 39.99 36.44 30.66
CA TYR E 97 40.97 35.77 31.50
C TYR E 97 40.29 34.73 32.37
N ILE E 98 41.06 33.69 32.72
CA ILE E 98 40.68 32.70 33.71
C ILE E 98 41.87 32.48 34.62
N ARG E 99 41.65 32.52 35.92
CA ARG E 99 42.73 32.45 36.92
C ARG E 99 42.33 31.46 38.00
N ASN E 100 42.98 30.30 38.04
CA ASN E 100 42.71 29.28 39.05
C ASN E 100 43.93 29.07 39.93
N PRO E 101 43.97 29.64 41.13
CA PRO E 101 45.08 29.38 42.05
C PRO E 101 44.93 28.02 42.73
N ILE E 102 46.01 27.25 42.74
CA ILE E 102 46.06 25.96 43.41
C ILE E 102 47.12 26.04 44.49
N ASP E 103 46.70 25.82 45.75
CA ASP E 103 47.62 25.91 46.87
C ASP E 103 48.64 24.78 46.82
N TYR E 104 49.79 25.01 47.47
CA TYR E 104 50.78 23.96 47.62
C TYR E 104 50.23 22.81 48.45
N GLN E 105 49.58 23.13 49.57
CA GLN E 105 49.12 22.10 50.48
C GLN E 105 48.09 21.19 49.82
N ASP E 106 47.15 21.77 49.08
CA ASP E 106 46.13 20.96 48.42
C ASP E 106 46.72 20.18 47.25
N ASP E 107 47.82 20.66 46.67
CA ASP E 107 48.43 19.94 45.55
C ASP E 107 49.16 18.70 46.03
N TRP E 108 49.80 18.76 47.20
CA TRP E 108 50.60 17.64 47.68
C TRP E 108 49.75 16.47 48.17
N THR E 109 48.44 16.64 48.32
CA THR E 109 47.59 15.61 48.92
C THR E 109 46.41 15.28 48.02
N ALA E 110 46.62 15.29 46.71
CA ALA E 110 45.57 14.96 45.76
C ALA E 110 46.14 14.73 44.38
N PRO E 111 45.51 13.89 43.56
CA PRO E 111 45.94 13.78 42.16
C PRO E 111 45.69 15.09 41.42
N ASP E 112 46.56 15.35 40.44
CA ASP E 112 46.57 16.65 39.76
C ASP E 112 45.45 16.70 38.73
N PHE E 113 44.44 17.53 38.98
CA PHE E 113 43.36 17.78 38.03
C PHE E 113 43.66 19.00 37.17
N LEU E 114 44.83 19.05 36.55
CA LEU E 114 45.21 20.24 35.80
C LEU E 114 44.82 20.16 34.33
N THR E 115 44.94 18.98 33.71
CA THR E 115 44.57 18.85 32.31
C THR E 115 43.07 19.10 32.12
N GLU E 116 42.25 18.63 33.05
CA GLU E 116 40.82 18.90 32.98
C GLU E 116 40.55 20.39 33.06
N MET E 117 41.24 21.10 33.96
CA MET E 117 41.07 22.53 34.05
C MET E 117 41.46 23.22 32.75
N GLY E 118 42.57 22.79 32.15
CA GLY E 118 43.00 23.39 30.90
C GLY E 118 41.99 23.18 29.78
N GLN E 119 41.48 21.95 29.66
CA GLN E 119 40.49 21.67 28.63
C GLN E 119 39.22 22.46 28.86
N ASN E 120 38.77 22.57 30.11
CA ASN E 120 37.57 23.32 30.40
C ASN E 120 37.74 24.80 30.06
N ASN E 121 38.89 25.36 30.39
CA ASN E 121 39.15 26.76 30.05
C ASN E 121 39.19 26.96 28.55
N GLY E 122 39.82 26.05 27.82
CA GLY E 122 39.85 26.16 26.38
C GLY E 122 38.47 26.12 25.76
N SER E 123 37.63 25.20 26.23
CA SER E 123 36.28 25.11 25.70
C SER E 123 35.46 26.34 26.06
N GLU E 124 35.62 26.88 27.27
CA GLU E 124 34.92 28.09 27.65
C GLU E 124 35.32 29.26 26.77
N PHE E 125 36.62 29.38 26.48
CA PHE E 125 37.08 30.46 25.60
C PHE E 125 36.52 30.29 24.20
N ALA E 126 36.47 29.06 23.69
CA ALA E 126 35.88 28.83 22.37
C ALA E 126 34.40 29.22 22.34
N GLU E 127 33.67 28.86 23.41
CA GLU E 127 32.27 29.22 23.48
C GLU E 127 32.09 30.74 23.48
N VAL E 128 32.92 31.45 24.24
CA VAL E 128 32.84 32.91 24.28
C VAL E 128 33.15 33.49 22.89
N PHE E 129 34.15 32.92 22.21
CA PHE E 129 34.51 33.36 20.87
C PHE E 129 33.31 33.26 19.92
N ASP E 130 32.69 32.07 19.87
CA ASP E 130 31.57 31.87 18.96
C ASP E 130 30.38 32.74 19.34
N GLN E 131 30.10 32.87 20.64
CA GLN E 131 28.98 33.71 21.07
C GLN E 131 29.21 35.17 20.70
N ALA E 132 30.44 35.65 20.83
CA ALA E 132 30.73 37.04 20.46
C ALA E 132 30.53 37.25 18.97
N HIS E 133 30.98 36.30 18.15
CA HIS E 133 30.77 36.42 16.71
C HIS E 133 29.29 36.47 16.38
N LEU E 134 28.51 35.57 16.98
CA LEU E 134 27.07 35.56 16.70
C LEU E 134 26.40 36.84 17.18
N ILE E 135 26.79 37.34 18.34
CA ILE E 135 26.19 38.58 18.85
C ILE E 135 26.46 39.72 17.88
N GLN E 136 27.71 39.87 17.45
CA GLN E 136 28.01 40.94 16.49
C GLN E 136 27.25 40.75 15.19
N LEU E 137 27.03 39.50 14.78
CA LEU E 137 26.24 39.25 13.58
C LEU E 137 24.80 39.72 13.77
N ILE E 138 24.21 39.45 14.92
CA ILE E 138 22.79 39.74 15.14
C ILE E 138 22.58 41.04 15.90
N LYS E 139 23.58 41.92 15.93
CA LYS E 139 23.40 43.29 16.38
C LYS E 139 23.35 44.30 15.24
N GLY E 140 23.93 43.97 14.08
CA GLY E 140 23.96 44.84 12.94
C GLY E 140 22.79 44.73 12.00
N ARG E 141 21.81 43.89 12.32
CA ARG E 141 20.62 43.78 11.48
C ARG E 141 19.87 45.11 11.40
N SER E 142 20.02 45.95 12.43
CA SER E 142 19.37 47.25 12.46
C SER E 142 20.30 48.39 12.05
N TRP E 143 21.49 48.06 11.54
CA TRP E 143 22.45 49.08 11.13
C TRP E 143 21.91 49.80 9.90
N VAL E 144 21.49 51.05 10.08
CA VAL E 144 20.98 51.86 8.98
C VAL E 144 22.15 52.57 8.30
N ALA E 145 22.24 52.41 6.99
CA ALA E 145 23.35 52.99 6.25
C ALA E 145 23.16 54.50 6.14
N PRO E 146 24.26 55.26 6.14
CA PRO E 146 24.15 56.72 6.05
C PRO E 146 23.62 57.14 4.68
N ALA E 147 23.03 58.34 4.66
CA ALA E 147 22.43 58.84 3.43
C ALA E 147 23.44 59.07 2.32
N HIS E 148 24.71 59.28 2.66
CA HIS E 148 25.72 59.55 1.66
C HIS E 148 26.50 58.31 1.24
N LEU E 149 26.04 57.13 1.62
CA LEU E 149 26.55 55.87 1.09
C LEU E 149 25.42 54.94 0.68
N LYS E 150 24.20 55.43 0.59
CA LYS E 150 23.04 54.57 0.38
C LYS E 150 23.06 53.81 -0.94
N PRO E 151 23.37 54.42 -2.10
CA PRO E 151 23.32 53.65 -3.34
C PRO E 151 24.28 52.47 -3.37
N ALA E 152 25.35 52.52 -2.59
CA ALA E 152 26.34 51.45 -2.54
C ALA E 152 26.29 50.64 -1.26
N PHE E 153 25.95 51.25 -0.14
CA PHE E 153 25.76 50.56 1.13
C PHE E 153 24.29 50.63 1.51
N SER E 154 23.68 49.49 1.77
CA SER E 154 22.26 49.43 2.07
C SER E 154 22.03 49.23 3.56
N ASP E 155 20.81 49.56 3.97
CA ASP E 155 20.38 49.28 5.34
C ASP E 155 20.47 47.80 5.63
N GLY E 156 20.96 47.45 6.82
CA GLY E 156 20.98 46.06 7.23
C GLY E 156 19.58 45.48 7.25
N ILE E 157 19.46 44.24 6.79
CA ILE E 157 18.17 43.62 6.54
C ILE E 157 17.89 42.58 7.60
N GLU E 158 16.68 42.62 8.16
CA GLU E 158 16.16 41.59 9.04
C GLU E 158 14.76 41.21 8.56
N ILE E 159 14.35 40.00 8.88
CA ILE E 159 13.10 39.45 8.37
C ILE E 159 12.27 38.92 9.52
N GLU E 160 11.00 39.32 9.56
CA GLU E 160 10.07 38.85 10.58
C GLU E 160 9.46 37.52 10.17
N ALA E 161 9.29 36.63 11.14
CA ALA E 161 8.67 35.34 10.90
C ALA E 161 7.93 34.90 12.15
N THR E 162 6.76 34.29 11.96
CA THR E 162 5.91 33.86 13.06
C THR E 162 6.02 32.35 13.21
N ILE E 163 6.23 31.90 14.44
CA ILE E 163 6.36 30.48 14.76
C ILE E 163 5.41 30.15 15.90
N ASP E 164 4.59 29.12 15.71
CA ASP E 164 3.78 28.57 16.80
C ASP E 164 4.49 27.31 17.29
N SER E 165 5.45 27.53 18.19
CA SER E 165 6.29 26.42 18.65
C SER E 165 5.52 25.40 19.47
N ASP E 166 4.36 25.77 19.99
CA ASP E 166 3.55 24.87 20.81
C ASP E 166 2.53 24.09 19.99
N VAL E 167 2.56 24.20 18.67
CA VAL E 167 1.58 23.51 17.84
C VAL E 167 1.83 22.01 17.90
N THR E 168 0.78 21.23 17.67
CA THR E 168 0.86 19.78 17.73
C THR E 168 0.44 19.08 16.44
N THR E 169 -0.51 19.64 15.70
CA THR E 169 -0.98 19.00 14.47
C THR E 169 0.08 19.08 13.39
N GLN E 170 -0.08 18.23 12.37
CA GLN E 170 0.90 18.20 11.29
C GLN E 170 0.86 19.48 10.46
N ALA E 171 -0.33 19.93 10.07
CA ALA E 171 -0.45 21.13 9.26
C ALA E 171 0.21 22.32 9.95
N GLY E 172 0.01 22.44 11.26
CA GLY E 172 0.72 23.48 11.99
C GLY E 172 2.21 23.23 12.08
N MET E 173 2.60 21.95 12.21
CA MET E 173 4.02 21.63 12.31
C MET E 173 4.74 21.87 10.99
N GLU E 174 4.08 21.63 9.86
CA GLU E 174 4.68 21.94 8.57
C GLU E 174 4.68 23.44 8.31
N ALA E 175 3.71 24.17 8.85
CA ALA E 175 3.64 25.61 8.61
C ALA E 175 4.87 26.33 9.16
N ASN E 176 5.36 25.88 10.31
CA ASN E 176 6.56 26.50 10.88
C ASN E 176 7.76 26.31 9.95
N ALA E 177 7.95 25.08 9.47
CA ALA E 177 9.09 24.81 8.59
C ALA E 177 8.96 25.58 7.28
N ILE E 178 7.75 25.68 6.74
CA ILE E 178 7.53 26.49 5.55
C ILE E 178 7.80 27.95 5.84
N ALA E 179 7.33 28.44 7.00
CA ALA E 179 7.62 29.81 7.38
C ALA E 179 9.10 30.03 7.65
N ILE E 180 9.80 29.01 8.12
CA ILE E 180 11.23 29.13 8.39
C ILE E 180 12.01 29.25 7.09
N ASN E 181 11.69 28.41 6.11
CA ASN E 181 12.39 28.45 4.83
C ASN E 181 12.03 29.70 4.04
N GLN E 182 10.75 30.09 4.07
CA GLN E 182 10.33 31.28 3.34
C GLN E 182 11.04 32.52 3.85
N ALA E 183 11.29 32.58 5.16
CA ALA E 183 12.07 33.68 5.71
C ALA E 183 13.50 33.63 5.17
N HIS E 184 14.09 32.44 5.09
CA HIS E 184 15.44 32.33 4.53
C HIS E 184 15.45 32.71 3.06
N LYS E 185 14.42 32.29 2.31
CA LYS E 185 14.39 32.58 0.88
C LYS E 185 14.38 34.08 0.63
N ALA E 186 13.59 34.82 1.40
CA ALA E 186 13.57 36.28 1.25
C ALA E 186 14.91 36.89 1.63
N GLY E 187 15.62 36.30 2.59
CA GLY E 187 16.94 36.79 2.92
C GLY E 187 17.92 36.60 1.78
N ILE E 188 17.86 35.44 1.13
CA ILE E 188 18.65 35.23 -0.08
C ILE E 188 18.13 36.11 -1.21
N ASP E 189 16.82 36.33 -1.27
CA ASP E 189 16.25 37.16 -2.32
C ASP E 189 16.78 38.59 -2.23
N GLU E 190 16.83 39.15 -1.03
CA GLU E 190 17.27 40.52 -0.87
C GLU E 190 18.77 40.66 -1.12
N LEU E 191 19.55 39.65 -0.73
CA LEU E 191 20.98 39.68 -1.01
C LEU E 191 21.26 39.56 -2.50
N ILE E 192 20.36 38.94 -3.25
CA ILE E 192 20.54 38.85 -4.69
C ILE E 192 20.35 40.21 -5.34
N LYS E 193 19.38 40.99 -4.84
CA LYS E 193 19.10 42.30 -5.42
C LYS E 193 20.29 43.24 -5.32
N ARG E 194 21.22 43.00 -4.41
CA ARG E 194 22.41 43.83 -4.25
C ARG E 194 23.64 43.21 -4.88
N LYS E 195 23.47 42.18 -5.71
CA LYS E 195 24.58 41.57 -6.46
C LYS E 195 25.66 41.05 -5.53
N VAL E 196 25.25 40.54 -4.38
CA VAL E 196 26.17 39.93 -3.42
C VAL E 196 26.55 38.55 -3.95
N PRO E 197 27.83 38.24 -4.10
CA PRO E 197 28.21 36.92 -4.61
C PRO E 197 27.90 35.84 -3.59
N LEU E 198 27.11 34.86 -4.01
CA LEU E 198 26.63 33.81 -3.12
C LEU E 198 27.60 32.63 -3.03
N ASN E 199 28.82 32.77 -3.56
CA ASN E 199 29.76 31.66 -3.52
C ASN E 199 30.23 31.37 -2.10
N ASP E 200 30.40 32.40 -1.28
CA ASP E 200 30.95 32.27 0.06
C ASP E 200 29.91 32.53 1.14
N MET E 201 28.65 32.20 0.89
CA MET E 201 27.60 32.39 1.87
C MET E 201 27.45 31.14 2.74
N ILE E 202 27.03 31.35 3.97
CA ILE E 202 26.82 30.25 4.92
C ILE E 202 25.71 30.66 5.88
N THR E 203 24.88 29.70 6.27
CA THR E 203 23.72 29.95 7.12
C THR E 203 23.90 29.20 8.43
N LEU E 204 23.65 29.90 9.54
CA LEU E 204 23.68 29.31 10.86
C LEU E 204 22.28 29.33 11.46
N VAL E 205 21.93 28.26 12.19
CA VAL E 205 20.59 28.11 12.73
C VAL E 205 20.69 27.63 14.17
N SER E 206 19.72 28.03 14.98
CA SER E 206 19.68 27.57 16.36
C SER E 206 19.18 26.13 16.42
N THR E 207 19.45 25.47 17.55
CA THR E 207 19.09 24.07 17.69
C THR E 207 17.58 23.87 17.59
N GLU E 208 16.81 24.77 18.22
CA GLU E 208 15.35 24.64 18.13
C GLU E 208 14.85 24.99 16.73
N ILE E 209 15.46 25.99 16.09
CA ILE E 209 15.09 26.32 14.72
C ILE E 209 15.52 25.23 13.77
N TYR E 210 16.68 24.63 14.01
CA TYR E 210 17.14 23.52 13.18
C TYR E 210 16.14 22.36 13.21
N SER E 211 15.65 22.02 14.41
CA SER E 211 14.71 20.93 14.53
C SER E 211 13.40 21.22 13.83
N LEU E 212 12.87 22.44 14.00
CA LEU E 212 11.62 22.81 13.35
C LEU E 212 11.75 22.84 11.83
N LEU E 213 12.97 22.91 11.32
CA LEU E 213 13.19 22.93 9.87
C LEU E 213 12.89 21.57 9.24
N LEU E 214 13.13 20.49 9.97
CA LEU E 214 13.06 19.16 9.39
C LEU E 214 11.66 18.77 8.94
N GLU E 215 10.63 19.49 9.37
CA GLU E 215 9.26 19.15 9.02
C GLU E 215 8.84 19.67 7.65
N HIS E 216 9.71 20.39 6.95
CA HIS E 216 9.35 20.92 5.64
C HIS E 216 9.04 19.77 4.69
N PRO E 217 7.91 19.80 3.97
CA PRO E 217 7.56 18.64 3.14
C PRO E 217 8.44 18.49 1.92
N LYS E 218 8.77 19.59 1.24
CA LYS E 218 9.46 19.51 -0.04
C LYS E 218 10.98 19.62 0.06
N LEU E 219 11.50 20.16 1.16
CA LEU E 219 12.95 20.30 1.27
C LEU E 219 13.64 18.99 1.58
N PHE E 220 12.99 18.09 2.33
CA PHE E 220 13.59 16.83 2.76
C PHE E 220 12.92 15.65 2.08
N ASN E 221 12.55 15.81 0.81
CA ASN E 221 11.93 14.77 0.01
C ASN E 221 12.76 14.54 -1.24
N LYS E 222 12.93 13.27 -1.63
CA LYS E 222 13.75 12.97 -2.80
C LYS E 222 13.06 13.31 -4.11
N ASP E 223 11.75 13.59 -4.08
CA ASP E 223 11.06 13.99 -5.30
C ASP E 223 11.58 15.33 -5.82
N TRP E 224 11.83 16.27 -4.92
CA TRP E 224 12.28 17.60 -5.27
C TRP E 224 13.80 17.70 -5.40
N GLY E 225 14.47 16.60 -5.66
CA GLY E 225 15.92 16.58 -5.78
C GLY E 225 16.57 15.97 -4.56
N ASP E 226 17.74 15.36 -4.79
CA ASP E 226 18.42 14.63 -3.72
C ASP E 226 18.78 15.55 -2.55
N ALA E 227 19.72 16.48 -2.78
CA ALA E 227 20.13 17.46 -1.79
C ALA E 227 20.26 16.87 -0.39
N ASN E 228 19.29 17.17 0.47
CA ASN E 228 19.26 16.62 1.83
C ASN E 228 18.68 15.20 1.82
N ALA E 229 19.39 14.31 1.14
CA ALA E 229 19.00 12.92 1.10
C ALA E 229 19.07 12.30 2.49
N ASN E 230 18.06 11.51 2.83
CA ASN E 230 17.98 10.84 4.12
C ASN E 230 17.94 11.81 5.29
N GLY E 231 17.44 13.02 5.05
CA GLY E 231 17.15 13.92 6.14
C GLY E 231 15.89 13.50 6.87
N TYR E 232 15.63 14.17 7.99
CA TYR E 232 14.45 13.94 8.82
C TYR E 232 14.52 12.59 9.51
N LYS E 233 15.53 11.79 9.18
CA LYS E 233 15.80 10.53 9.84
C LYS E 233 17.15 10.52 10.52
N GLU E 234 18.16 11.10 9.90
CA GLU E 234 19.45 11.30 10.52
C GLU E 234 19.57 12.65 11.21
N ARG E 235 18.52 13.48 11.17
CA ARG E 235 18.56 14.83 11.71
C ARG E 235 19.75 15.60 11.13
N ARG E 236 19.68 15.81 9.81
CA ARG E 236 20.76 16.46 9.09
C ARG E 236 20.18 17.27 7.94
N ALA E 237 20.30 18.60 8.05
CA ALA E 237 19.99 19.50 6.94
C ALA E 237 21.30 20.11 6.46
N VAL E 238 21.59 19.93 5.17
CA VAL E 238 22.88 20.34 4.63
C VAL E 238 22.76 21.71 3.95
N LEU E 239 21.89 21.81 2.95
CA LEU E 239 21.68 23.06 2.24
C LEU E 239 20.20 23.39 2.23
N MET E 240 19.90 24.69 2.17
CA MET E 240 18.53 25.17 2.17
C MET E 240 18.13 25.75 0.83
N ASN E 241 18.87 26.73 0.33
CA ASN E 241 18.59 27.37 -0.95
C ASN E 241 19.87 27.50 -1.75
N GLY E 242 20.69 26.46 -1.73
CA GLY E 242 22.02 26.51 -2.30
C GLY E 242 23.08 27.06 -1.38
N ILE E 243 22.69 27.53 -0.20
CA ILE E 243 23.60 28.05 0.81
C ILE E 243 23.75 27.00 1.90
N PRO E 244 24.94 26.49 2.16
CA PRO E 244 25.10 25.45 3.19
C PRO E 244 24.63 25.93 4.55
N VAL E 245 24.04 25.00 5.31
CA VAL E 245 23.45 25.30 6.61
C VAL E 245 24.20 24.50 7.66
N VAL E 246 24.68 25.19 8.70
CA VAL E 246 25.39 24.58 9.81
C VAL E 246 24.66 24.93 11.09
N GLU E 247 24.37 23.92 11.90
CA GLU E 247 23.67 24.16 13.16
C GLU E 247 24.64 24.69 14.21
N CYS E 248 24.23 25.76 14.89
CA CYS E 248 25.04 26.38 15.93
C CYS E 248 24.28 26.33 17.25
N THR E 249 24.96 25.92 18.32
CA THR E 249 24.38 25.80 19.64
C THR E 249 24.81 26.92 20.58
N GLU E 250 25.52 27.92 20.08
CA GLU E 250 26.05 29.00 20.92
C GLU E 250 25.34 30.32 20.68
N PHE E 251 24.07 30.26 20.28
CA PHE E 251 23.32 31.49 20.07
C PHE E 251 23.05 32.20 21.39
N PRO E 252 22.93 33.52 21.37
CA PRO E 252 22.74 34.26 22.62
C PRO E 252 21.41 33.95 23.27
N ASP E 253 21.37 34.14 24.59
CA ASP E 253 20.19 33.87 25.40
C ASP E 253 19.86 35.05 26.29
N ALA E 254 19.90 36.26 25.72
CA ALA E 254 19.43 37.48 26.37
C ALA E 254 20.17 37.73 27.70
N GLY E 255 21.47 37.95 27.59
CA GLY E 255 22.27 38.24 28.76
C GLY E 255 23.43 39.18 28.48
N THR E 256 24.37 39.26 29.41
CA THR E 256 25.55 40.10 29.26
C THR E 256 26.67 39.27 28.61
N HIS E 257 27.89 39.81 28.60
CA HIS E 257 29.00 39.15 27.96
C HIS E 257 30.29 39.65 28.56
N PRO E 258 31.31 38.81 28.74
CA PRO E 258 32.61 39.31 29.22
C PRO E 258 33.26 40.32 28.29
N LEU E 259 32.93 40.30 26.99
CA LEU E 259 33.60 41.18 26.05
C LEU E 259 33.32 42.65 26.30
N GLY E 260 32.26 42.99 27.02
CA GLY E 260 31.99 44.37 27.35
C GLY E 260 30.50 44.63 27.36
N SER E 261 30.17 45.91 27.16
CA SER E 261 28.78 46.35 27.17
C SER E 261 28.16 46.39 25.78
N ALA E 262 28.98 46.37 24.73
CA ALA E 262 28.46 46.32 23.37
C ALA E 262 27.84 44.98 23.03
N TYR E 263 28.03 43.96 23.86
CA TYR E 263 27.52 42.62 23.61
C TYR E 263 26.38 42.24 24.54
N THR E 264 25.79 43.21 25.24
CA THR E 264 24.65 42.93 26.12
C THR E 264 23.43 42.67 25.25
N VAL E 265 23.05 41.39 25.15
CA VAL E 265 21.92 41.00 24.31
C VAL E 265 20.63 41.54 24.91
N THR E 266 19.80 42.15 24.06
CA THR E 266 18.53 42.69 24.50
C THR E 266 17.47 41.59 24.49
N ALA E 267 16.23 41.97 24.83
CA ALA E 267 15.14 41.01 24.84
C ALA E 267 14.73 40.65 23.42
N ASP E 268 14.60 41.64 22.54
CA ASP E 268 14.26 41.39 21.14
C ASP E 268 15.45 40.89 20.34
N ASP E 269 16.66 40.94 20.90
CA ASP E 269 17.83 40.40 20.23
C ASP E 269 17.88 38.88 20.34
N ALA E 270 17.31 38.31 21.39
CA ALA E 270 17.36 36.86 21.56
C ALA E 270 16.45 36.14 20.59
N LYS E 271 15.42 36.80 20.08
CA LYS E 271 14.50 36.14 19.16
C LYS E 271 15.15 35.84 17.82
N CYS E 272 16.17 36.62 17.43
CA CYS E 272 16.92 36.35 16.21
C CYS E 272 17.67 35.04 16.41
N ARG E 273 17.19 33.97 15.78
CA ARG E 273 17.73 32.63 16.01
C ARG E 273 18.22 31.98 14.74
N MET E 274 18.43 32.75 13.68
CA MET E 274 18.96 32.18 12.43
C MET E 274 19.53 33.32 11.60
N VAL E 275 20.83 33.28 11.34
CA VAL E 275 21.51 34.34 10.61
C VAL E 275 22.34 33.74 9.49
N THR E 276 22.26 34.34 8.31
CA THR E 276 23.13 34.02 7.20
C THR E 276 24.04 35.19 6.90
N PHE E 277 25.19 34.91 6.31
CA PHE E 277 26.19 35.92 6.04
C PHE E 277 27.20 35.37 5.03
N SER E 278 28.13 36.21 4.63
CA SER E 278 29.26 35.79 3.81
C SER E 278 30.46 35.55 4.72
N LYS E 279 31.10 34.39 4.55
CA LYS E 279 32.21 34.01 5.42
C LYS E 279 33.53 34.64 5.03
N SER E 280 33.51 35.65 4.17
CA SER E 280 34.74 36.32 3.75
C SER E 280 34.66 37.84 3.76
N ARG E 281 33.48 38.44 3.74
CA ARG E 281 33.35 39.89 3.65
C ARG E 281 32.25 40.40 4.59
N THR E 282 32.13 39.79 5.75
CA THR E 282 31.14 40.26 6.72
C THR E 282 31.73 40.54 8.09
N LEU E 283 32.70 39.76 8.53
CA LEU E 283 33.27 39.91 9.87
C LEU E 283 34.78 40.02 9.78
N VAL E 284 35.34 40.92 10.58
CA VAL E 284 36.78 41.02 10.76
C VAL E 284 37.08 40.92 12.25
N THR E 285 38.10 40.14 12.58
CA THR E 285 38.44 39.85 13.97
C THR E 285 39.88 40.32 14.24
N VAL E 286 40.00 41.46 14.88
CA VAL E 286 41.31 42.02 15.20
C VAL E 286 41.88 41.28 16.41
N GLU E 287 43.15 40.90 16.31
CA GLU E 287 43.84 40.16 17.36
C GLU E 287 44.98 41.00 17.93
N ALA E 288 45.13 40.93 19.24
CA ALA E 288 46.29 41.52 19.90
C ALA E 288 46.98 40.58 20.87
N LYS E 289 46.30 39.54 21.35
CA LYS E 289 46.91 38.54 22.21
C LYS E 289 46.25 37.21 21.88
N PRO E 290 46.90 36.38 21.06
CA PRO E 290 46.35 35.04 20.82
C PRO E 290 46.24 34.26 22.11
N PHE E 291 45.25 33.37 22.16
CA PHE E 291 44.92 32.65 23.39
C PHE E 291 46.16 32.06 24.03
N THR E 292 46.43 32.51 25.26
CA THR E 292 47.65 32.15 25.98
C THR E 292 47.29 31.45 27.27
N SER E 293 47.93 30.32 27.54
CA SER E 293 47.77 29.59 28.78
C SER E 293 49.12 29.36 29.42
N ARG E 294 49.21 29.57 30.73
CA ARG E 294 50.48 29.42 31.43
C ARG E 294 50.22 29.10 32.89
N ILE E 295 51.21 28.45 33.51
CA ILE E 295 51.23 28.20 34.95
C ILE E 295 52.49 28.84 35.50
N TRP E 296 52.34 29.66 36.54
CA TRP E 296 53.46 30.31 37.19
C TRP E 296 53.38 30.05 38.69
N ASP E 297 54.47 30.38 39.38
CA ASP E 297 54.61 30.08 40.80
C ASP E 297 54.51 31.35 41.63
N ASP E 298 53.66 31.31 42.64
CA ASP E 298 53.55 32.40 43.61
C ASP E 298 54.26 31.94 44.88
N GLU E 299 55.58 32.15 44.93
CA GLU E 299 56.36 31.69 46.06
C GLU E 299 55.99 32.40 47.35
N GLN E 300 55.37 33.57 47.26
CA GLN E 300 54.92 34.26 48.47
C GLN E 300 53.55 33.77 48.91
N ASN E 301 52.58 33.76 48.01
CA ASN E 301 51.24 33.30 48.33
C ASN E 301 51.16 31.79 48.47
N PHE E 302 52.24 31.07 48.16
CA PHE E 302 52.34 29.63 48.45
C PHE E 302 51.31 28.85 47.64
N ALA E 303 51.20 29.18 46.35
CA ALA E 303 50.21 28.53 45.50
C ALA E 303 50.62 28.69 44.04
N ASN E 304 50.38 27.65 43.26
CA ASN E 304 50.53 27.72 41.82
C ASN E 304 49.25 28.26 41.20
N VAL E 305 49.39 28.97 40.09
CA VAL E 305 48.26 29.64 39.45
C VAL E 305 48.24 29.30 37.97
N LEU E 306 47.08 28.90 37.46
CA LEU E 306 46.88 28.66 36.04
C LEU E 306 46.19 29.89 35.45
N ASP E 307 46.74 30.38 34.34
CA ASP E 307 46.27 31.64 33.74
C ASP E 307 46.03 31.42 32.25
N CYS E 308 44.77 31.49 31.83
CA CYS E 308 44.40 31.50 30.43
C CYS E 308 43.80 32.85 30.10
N TYR E 309 44.34 33.49 29.06
CA TYR E 309 43.85 34.82 28.70
C TYR E 309 44.03 35.06 27.20
N ALA E 310 43.25 36.00 26.68
CA ALA E 310 43.34 36.40 25.29
C ALA E 310 42.78 37.81 25.15
N MET E 311 43.14 38.47 24.05
CA MET E 311 42.65 39.82 23.77
C MET E 311 42.34 39.91 22.28
N TYR E 312 41.10 40.25 21.95
CA TYR E 312 40.68 40.40 20.57
C TYR E 312 39.38 41.22 20.56
N GLN E 313 38.79 41.35 19.37
CA GLN E 313 37.53 42.06 19.19
C GLN E 313 37.00 41.73 17.81
N VAL E 314 35.69 41.55 17.71
CA VAL E 314 35.03 41.26 16.44
C VAL E 314 34.19 42.47 16.05
N GLY E 315 34.46 43.00 14.88
CA GLY E 315 33.68 44.12 14.37
C GLY E 315 33.08 43.79 13.03
N GLU E 316 31.78 44.04 12.87
CA GLU E 316 31.08 43.68 11.65
C GLU E 316 31.43 44.68 10.56
N ARG E 317 32.18 44.22 9.56
CA ARG E 317 32.47 45.03 8.39
C ARG E 317 31.44 44.73 7.32
N ARG E 318 30.83 45.79 6.79
CA ARG E 318 29.78 45.67 5.78
C ARG E 318 28.62 44.83 6.29
N PRO E 319 27.80 45.36 7.20
CA PRO E 319 26.69 44.57 7.75
C PRO E 319 25.63 44.20 6.72
N ASP E 320 25.55 44.89 5.59
CA ASP E 320 24.47 44.61 4.63
C ASP E 320 24.63 43.27 3.93
N THR E 321 25.77 42.61 4.09
CA THR E 321 26.01 41.31 3.48
C THR E 321 25.36 40.17 4.26
N ALA E 322 24.80 40.45 5.43
CA ALA E 322 24.16 39.45 6.26
C ALA E 322 22.65 39.69 6.31
N ALA E 323 21.89 38.60 6.41
CA ALA E 323 20.43 38.64 6.43
C ALA E 323 19.93 37.91 7.67
N VAL E 324 19.83 38.62 8.78
CA VAL E 324 19.36 38.01 10.03
C VAL E 324 17.85 37.81 9.97
N VAL E 325 17.38 36.77 10.64
CA VAL E 325 15.96 36.44 10.71
C VAL E 325 15.56 36.39 12.18
N LYS E 326 14.46 37.08 12.51
CA LYS E 326 13.95 37.13 13.87
C LYS E 326 12.62 36.40 13.92
N PHE E 327 12.50 35.43 14.82
CA PHE E 327 11.33 34.58 14.93
C PHE E 327 10.47 35.02 16.10
N ASN E 328 9.20 35.30 15.83
CA ASN E 328 8.25 35.69 16.85
C ASN E 328 7.45 34.46 17.30
N GLU E 329 6.42 34.70 18.10
CA GLU E 329 5.53 33.65 18.58
C GLU E 329 4.10 33.96 18.16
N ALA E 330 3.18 33.11 18.60
CA ALA E 330 1.77 33.30 18.27
C ALA E 330 1.20 34.54 18.95
N THR F 4 -25.31 -51.00 14.42
CA THR F 4 -24.44 -52.14 14.24
C THR F 4 -25.16 -53.43 14.66
N ASP F 5 -24.65 -54.56 14.18
CA ASP F 5 -25.29 -55.84 14.50
C ASP F 5 -25.14 -56.19 15.97
N TYR F 6 -24.04 -55.80 16.59
CA TYR F 6 -23.77 -56.11 17.99
C TYR F 6 -24.17 -54.99 18.93
N ALA F 7 -24.83 -53.93 18.44
CA ALA F 7 -25.12 -52.77 19.27
C ALA F 7 -25.88 -53.18 20.52
N GLY F 8 -25.42 -52.67 21.67
CA GLY F 8 -25.94 -53.07 22.95
C GLY F 8 -25.20 -54.23 23.60
N ASN F 9 -24.45 -55.00 22.83
CA ASN F 9 -23.66 -56.10 23.35
C ASN F 9 -22.16 -55.86 23.26
N LEU F 10 -21.74 -54.70 22.75
CA LEU F 10 -20.31 -54.40 22.70
C LEU F 10 -19.74 -54.31 24.10
N THR F 11 -18.54 -54.85 24.27
CA THR F 11 -17.73 -54.61 25.44
C THR F 11 -16.80 -53.45 25.14
N ARG F 12 -16.83 -52.42 25.98
CA ARG F 12 -15.94 -51.28 25.81
C ARG F 12 -14.71 -51.48 26.69
N PRO F 13 -13.51 -51.58 26.11
CA PRO F 13 -12.31 -51.86 26.88
C PRO F 13 -12.18 -51.10 28.20
N HIS F 14 -12.40 -49.79 28.18
CA HIS F 14 -12.23 -48.98 29.39
C HIS F 14 -13.45 -48.17 29.77
N TRP F 15 -14.40 -47.92 28.87
CA TRP F 15 -15.65 -47.29 29.24
C TRP F 15 -16.41 -48.26 30.12
N GLY F 16 -16.38 -48.04 31.43
CA GLY F 16 -16.90 -49.00 32.39
C GLY F 16 -18.04 -48.43 33.22
N GLY F 17 -19.03 -49.26 33.49
CA GLY F 17 -20.15 -48.85 34.30
C GLY F 17 -21.26 -49.87 34.21
N ALA F 18 -22.42 -49.50 34.76
CA ALA F 18 -23.59 -50.36 34.64
C ALA F 18 -24.00 -50.53 33.19
N ALA F 19 -24.00 -49.44 32.42
CA ALA F 19 -24.24 -49.47 31.00
C ALA F 19 -22.97 -49.29 30.19
N SER F 20 -21.80 -49.30 30.85
CA SER F 20 -20.52 -49.05 30.21
C SER F 20 -20.53 -47.73 29.45
N ASP F 21 -21.02 -46.68 30.12
CA ASP F 21 -21.15 -45.35 29.54
C ASP F 21 -20.42 -44.31 30.38
N VAL F 22 -19.38 -44.70 31.10
CA VAL F 22 -18.62 -43.81 31.96
C VAL F 22 -17.19 -43.76 31.46
N ASP F 23 -16.69 -42.55 31.22
CA ASP F 23 -15.36 -42.37 30.67
C ASP F 23 -14.32 -42.65 31.74
N ILE F 24 -13.56 -43.73 31.57
CA ILE F 24 -12.50 -44.13 32.50
C ILE F 24 -11.29 -44.49 31.64
N HIS F 25 -10.35 -43.56 31.52
CA HIS F 25 -9.19 -43.78 30.66
C HIS F 25 -7.95 -43.24 31.35
N LEU F 26 -6.79 -43.68 30.86
CA LEU F 26 -5.50 -43.33 31.46
C LEU F 26 -4.94 -42.13 30.71
N GLU F 27 -4.87 -40.97 31.39
CA GLU F 27 -4.34 -39.76 30.80
C GLU F 27 -2.90 -39.95 30.35
N VAL F 28 -2.67 -39.91 29.04
CA VAL F 28 -1.33 -39.99 28.50
C VAL F 28 -0.57 -38.73 28.86
N TYR F 29 0.60 -38.89 29.48
CA TYR F 29 1.42 -37.75 29.93
C TYR F 29 2.85 -38.00 29.45
N GLN F 30 3.26 -37.28 28.41
CA GLN F 30 4.58 -37.43 27.82
C GLN F 30 5.61 -36.50 28.42
N ASN F 31 5.42 -36.09 29.67
CA ASN F 31 6.32 -35.15 30.35
C ASN F 31 6.45 -33.84 29.57
N GLU F 32 5.34 -33.41 28.97
CA GLU F 32 5.30 -32.16 28.20
C GLU F 32 4.72 -31.08 29.11
N VAL F 33 5.57 -30.48 29.93
CA VAL F 33 5.18 -29.40 30.83
C VAL F 33 5.63 -28.09 30.23
N ASP F 34 4.76 -27.09 30.25
CA ASP F 34 5.05 -25.79 29.66
C ASP F 34 4.79 -24.68 30.67
N THR F 35 5.47 -23.56 30.48
CA THR F 35 5.48 -22.48 31.45
C THR F 35 5.64 -21.17 30.68
N ARG F 36 6.04 -20.11 31.40
CA ARG F 36 6.27 -18.81 30.81
C ARG F 36 7.31 -18.89 29.70
N PHE F 37 7.41 -17.80 28.94
CA PHE F 37 8.38 -17.68 27.87
C PHE F 37 9.59 -16.89 28.37
N GLN F 38 10.79 -17.42 28.09
CA GLN F 38 11.99 -16.86 28.67
C GLN F 38 12.32 -15.48 28.10
N TYR F 39 12.86 -14.62 28.96
CA TYR F 39 13.31 -13.29 28.57
C TYR F 39 14.80 -13.16 28.88
N GLN F 40 15.51 -12.43 28.02
CA GLN F 40 16.94 -12.25 28.13
C GLN F 40 17.26 -10.80 28.47
N ALA F 41 18.09 -10.61 29.49
CA ALA F 41 18.49 -9.26 29.89
C ALA F 41 19.28 -8.60 28.77
N MET F 42 18.99 -7.31 28.53
CA MET F 42 19.62 -6.59 27.45
C MET F 42 20.55 -5.47 27.90
N PHE F 43 20.45 -5.04 29.16
CA PHE F 43 21.26 -3.92 29.63
C PHE F 43 22.68 -4.31 30.01
N LEU F 44 23.13 -5.51 29.63
CA LEU F 44 24.52 -5.87 29.86
C LEU F 44 25.46 -4.98 29.04
N GLY F 45 25.10 -4.71 27.79
CA GLY F 45 25.93 -3.89 26.93
C GLY F 45 25.50 -2.43 26.90
N LEU F 46 24.39 -2.12 27.57
CA LEU F 46 23.86 -0.76 27.59
C LEU F 46 24.32 0.04 28.80
N SER F 47 25.21 -0.51 29.62
CA SER F 47 25.68 0.18 30.81
C SER F 47 27.06 -0.34 31.18
N SER F 48 27.88 0.54 31.74
CA SER F 48 29.22 0.15 32.18
C SER F 48 29.12 -0.80 33.37
N GLN F 49 29.87 -1.90 33.30
CA GLN F 49 29.85 -2.92 34.34
C GLN F 49 31.08 -2.77 35.22
N ARG F 50 30.87 -2.65 36.52
CA ARG F 50 31.95 -2.56 37.50
C ARG F 50 31.73 -3.62 38.57
N SER F 51 32.83 -4.13 39.11
CA SER F 51 32.78 -5.19 40.09
C SER F 51 33.40 -4.72 41.39
N VAL F 52 32.66 -4.89 42.49
CA VAL F 52 33.17 -4.61 43.82
C VAL F 52 33.17 -5.92 44.59
N ALA F 53 33.29 -7.03 43.87
CA ALA F 53 33.20 -8.35 44.47
C ALA F 53 34.39 -8.59 45.39
N ASP F 54 34.11 -8.83 46.68
CA ASP F 54 35.10 -9.16 47.69
C ASP F 54 36.08 -8.01 47.95
N ARG F 55 35.73 -6.79 47.55
CA ARG F 55 36.55 -5.62 47.86
C ARG F 55 35.82 -4.63 48.76
N SER F 56 34.63 -4.22 48.40
CA SER F 56 33.80 -3.34 49.22
C SER F 56 32.39 -3.34 48.64
N ASN F 57 31.56 -2.41 49.12
CA ASN F 57 30.22 -2.25 48.59
C ASN F 57 29.96 -0.91 47.92
N THR F 58 30.86 0.06 48.05
CA THR F 58 30.71 1.35 47.42
C THR F 58 31.53 1.44 46.14
N TYR F 59 31.33 2.53 45.41
CA TYR F 59 32.07 2.82 44.18
C TYR F 59 32.10 4.33 43.99
N ARG F 60 33.27 4.86 43.63
CA ARG F 60 33.50 6.30 43.63
C ARG F 60 33.78 6.78 42.22
N ILE F 61 33.09 7.85 41.81
CA ILE F 61 33.38 8.58 40.59
C ILE F 61 33.43 10.06 40.94
N ASP F 62 34.57 10.70 40.68
CA ASP F 62 34.73 12.11 40.99
C ASP F 62 34.06 12.99 39.95
N ARG F 63 33.65 14.18 40.37
CA ARG F 63 33.06 15.16 39.49
C ARG F 63 33.83 16.47 39.59
N LEU F 64 33.71 17.30 38.57
CA LEU F 64 34.47 18.53 38.49
C LEU F 64 33.64 19.60 37.77
N ASN F 65 33.87 20.85 38.15
CA ASN F 65 33.11 21.98 37.64
C ASN F 65 33.94 22.73 36.58
N THR F 66 33.42 23.88 36.14
CA THR F 66 34.07 24.70 35.14
C THR F 66 34.18 26.14 35.62
N SER F 67 35.17 26.84 35.11
CA SER F 67 35.36 28.25 35.42
C SER F 67 34.59 29.10 34.42
N SER F 68 34.56 30.41 34.67
CA SER F 68 33.84 31.36 33.85
C SER F 68 34.80 32.43 33.34
N VAL F 69 34.63 32.79 32.06
CA VAL F 69 35.45 33.83 31.45
C VAL F 69 34.98 35.19 31.93
N LYS F 70 35.93 36.05 32.31
CA LYS F 70 35.63 37.39 32.79
C LYS F 70 36.53 38.39 32.09
N GLY F 71 36.00 39.61 31.90
CA GLY F 71 36.73 40.63 31.18
C GLY F 71 37.56 41.53 32.09
N ARG F 72 38.51 42.23 31.48
CA ARG F 72 39.43 43.08 32.23
C ARG F 72 39.88 44.23 31.34
N THR F 73 40.11 45.39 31.96
CA THR F 73 40.49 46.60 31.24
C THR F 73 41.63 47.29 31.95
N SER F 74 42.78 47.40 31.28
CA SER F 74 43.94 48.15 31.77
C SER F 74 44.37 47.69 33.16
N GLY F 75 44.31 48.59 34.13
CA GLY F 75 44.74 48.28 35.49
C GLY F 75 43.62 47.74 36.36
N VAL F 76 43.15 46.53 36.06
CA VAL F 76 42.12 45.85 36.83
C VAL F 76 42.63 44.48 37.22
N ALA F 77 42.43 44.10 38.49
CA ALA F 77 42.94 42.84 38.98
C ALA F 77 42.16 41.67 38.40
N LEU F 78 42.88 40.59 38.11
CA LEU F 78 42.27 39.36 37.64
C LEU F 78 41.68 38.62 38.84
N GLU F 79 40.36 38.54 38.91
CA GLU F 79 39.72 37.88 40.04
C GLU F 79 39.89 36.37 39.94
N PRO F 80 40.52 35.72 40.91
CA PRO F 80 40.64 34.26 40.85
C PRO F 80 39.32 33.59 41.19
N THR F 81 39.04 32.47 40.52
CA THR F 81 37.79 31.78 40.77
C THR F 81 38.04 30.32 41.11
N PRO F 82 37.28 29.77 42.06
CA PRO F 82 37.43 28.36 42.39
C PRO F 82 36.80 27.45 41.35
N VAL F 83 37.30 26.22 41.30
CA VAL F 83 36.73 25.17 40.48
C VAL F 83 36.26 24.08 41.43
N ARG F 84 34.96 24.03 41.69
CA ARG F 84 34.40 23.10 42.66
C ARG F 84 34.47 21.67 42.12
N ASN F 85 34.32 20.72 43.04
CA ASN F 85 34.32 19.31 42.71
C ASN F 85 33.50 18.57 43.76
N ASP F 86 33.30 17.27 43.52
CA ASP F 86 32.54 16.43 44.42
C ASP F 86 32.85 14.98 44.10
N LYS F 87 32.07 14.06 44.67
CA LYS F 87 32.20 12.64 44.40
C LYS F 87 30.82 12.01 44.43
N MET F 88 30.70 10.85 43.79
CA MET F 88 29.44 10.13 43.74
C MET F 88 29.66 8.69 44.18
N LEU F 89 28.62 8.11 44.78
CA LEU F 89 28.72 6.79 45.40
C LEU F 89 27.59 5.90 44.89
N ILE F 90 27.92 4.63 44.69
CA ILE F 90 26.94 3.58 44.41
C ILE F 90 27.18 2.45 45.39
N VAL F 91 26.19 2.14 46.20
CA VAL F 91 26.35 1.21 47.31
C VAL F 91 25.41 0.03 47.10
N VAL F 92 25.96 -1.18 47.07
CA VAL F 92 25.16 -2.40 47.00
C VAL F 92 24.72 -2.76 48.41
N ASP F 93 23.41 -2.89 48.62
CA ASP F 93 22.91 -3.22 49.94
C ASP F 93 21.71 -4.17 49.94
N THR F 94 21.30 -4.70 48.80
CA THR F 94 20.12 -5.55 48.73
C THR F 94 20.45 -6.82 47.96
N VAL F 95 19.94 -7.94 48.44
CA VAL F 95 20.19 -9.25 47.84
C VAL F 95 18.88 -9.77 47.28
N LEU F 96 18.77 -9.78 45.96
CA LEU F 96 17.60 -10.37 45.30
C LEU F 96 17.67 -11.88 45.40
N TYR F 97 16.52 -12.52 45.58
CA TYR F 97 16.54 -13.97 45.82
C TYR F 97 15.23 -14.60 45.40
N ILE F 98 15.32 -15.91 45.12
CA ILE F 98 14.17 -16.77 44.91
C ILE F 98 14.35 -18.00 45.81
N ARG F 99 13.30 -18.35 46.55
CA ARG F 99 13.38 -19.42 47.55
C ARG F 99 12.18 -20.34 47.35
N ASN F 100 12.41 -21.50 46.74
CA ASN F 100 11.34 -22.43 46.40
C ASN F 100 11.57 -23.78 47.06
N PRO F 101 10.96 -24.03 48.22
CA PRO F 101 11.15 -25.32 48.89
C PRO F 101 10.13 -26.36 48.47
N ILE F 102 10.59 -27.53 48.05
CA ILE F 102 9.72 -28.64 47.67
C ILE F 102 9.83 -29.71 48.74
N ASP F 103 8.68 -30.11 49.32
CA ASP F 103 8.68 -31.11 50.36
C ASP F 103 9.08 -32.46 49.81
N TYR F 104 9.48 -33.36 50.72
CA TYR F 104 9.92 -34.68 50.30
C TYR F 104 8.78 -35.48 49.68
N GLN F 105 7.61 -35.47 50.34
CA GLN F 105 6.49 -36.26 49.86
C GLN F 105 6.06 -35.84 48.46
N ASP F 106 5.96 -34.53 48.23
CA ASP F 106 5.62 -34.05 46.90
C ASP F 106 6.68 -34.44 45.89
N ASP F 107 7.96 -34.45 46.29
CA ASP F 107 9.01 -34.94 45.42
C ASP F 107 8.84 -36.43 45.12
N TRP F 108 8.51 -37.22 46.14
CA TRP F 108 8.36 -38.66 45.97
C TRP F 108 7.08 -39.04 45.23
N THR F 109 6.17 -38.10 44.99
CA THR F 109 4.89 -38.41 44.36
C THR F 109 4.60 -37.51 43.18
N ALA F 110 5.63 -36.97 42.54
CA ALA F 110 5.45 -36.14 41.36
C ALA F 110 6.75 -36.10 40.58
N PRO F 111 6.69 -35.98 39.26
CA PRO F 111 7.92 -35.85 38.48
C PRO F 111 8.62 -34.53 38.76
N ASP F 112 9.93 -34.53 38.57
CA ASP F 112 10.73 -33.36 38.89
C ASP F 112 10.40 -32.19 37.97
N PHE F 113 10.23 -31.01 38.56
CA PHE F 113 10.00 -29.77 37.82
C PHE F 113 11.17 -28.80 37.99
N LEU F 114 12.35 -29.31 38.32
CA LEU F 114 13.43 -28.45 38.79
C LEU F 114 13.99 -27.57 37.66
N THR F 115 14.21 -28.15 36.49
CA THR F 115 14.82 -27.41 35.40
C THR F 115 13.92 -26.25 34.94
N GLU F 116 12.61 -26.50 34.84
CA GLU F 116 11.69 -25.45 34.47
C GLU F 116 11.71 -24.32 35.50
N MET F 117 11.75 -24.67 36.77
CA MET F 117 11.82 -23.66 37.82
C MET F 117 13.11 -22.85 37.73
N GLY F 118 14.23 -23.52 37.45
CA GLY F 118 15.48 -22.80 37.31
C GLY F 118 15.48 -21.83 36.15
N GLN F 119 14.96 -22.26 34.99
CA GLN F 119 14.87 -21.38 33.85
C GLN F 119 13.95 -20.20 34.13
N ASN F 120 12.81 -20.46 34.78
CA ASN F 120 11.90 -19.38 35.13
C ASN F 120 12.56 -18.39 36.08
N ASN F 121 13.33 -18.89 37.05
CA ASN F 121 14.02 -18.01 37.98
C ASN F 121 15.02 -17.13 37.25
N GLY F 122 15.77 -17.72 36.32
CA GLY F 122 16.69 -16.92 35.53
C GLY F 122 15.98 -15.84 34.73
N SER F 123 14.84 -16.19 34.13
CA SER F 123 14.08 -15.22 33.35
C SER F 123 13.57 -14.07 34.23
N GLU F 124 13.06 -14.40 35.42
CA GLU F 124 12.60 -13.36 36.33
C GLU F 124 13.74 -12.46 36.76
N PHE F 125 14.91 -13.05 37.02
CA PHE F 125 16.05 -12.23 37.43
C PHE F 125 16.48 -11.28 36.31
N ALA F 126 16.47 -11.76 35.06
CA ALA F 126 16.80 -10.88 33.94
C ALA F 126 15.78 -9.75 33.81
N GLU F 127 14.49 -10.07 33.95
CA GLU F 127 13.47 -9.04 33.85
C GLU F 127 13.63 -8.00 34.96
N VAL F 128 13.91 -8.44 36.18
CA VAL F 128 14.09 -7.50 37.28
C VAL F 128 15.32 -6.65 37.05
N PHE F 129 16.38 -7.24 36.49
CA PHE F 129 17.58 -6.48 36.13
C PHE F 129 17.23 -5.33 35.18
N ASP F 130 16.55 -5.67 34.08
CA ASP F 130 16.21 -4.64 33.10
C ASP F 130 15.27 -3.60 33.68
N GLN F 131 14.28 -4.03 34.46
CA GLN F 131 13.36 -3.08 35.07
C GLN F 131 14.08 -2.15 36.03
N ALA F 132 15.05 -2.66 36.79
CA ALA F 132 15.80 -1.81 37.69
C ALA F 132 16.59 -0.76 36.92
N HIS F 133 17.21 -1.16 35.80
CA HIS F 133 17.92 -0.18 34.99
C HIS F 133 16.98 0.89 34.46
N LEU F 134 15.80 0.49 33.96
CA LEU F 134 14.83 1.46 33.47
C LEU F 134 14.34 2.39 34.58
N ILE F 135 14.08 1.86 35.77
CA ILE F 135 13.60 2.70 36.86
C ILE F 135 14.66 3.71 37.28
N GLN F 136 15.92 3.27 37.35
CA GLN F 136 16.99 4.21 37.61
C GLN F 136 17.09 5.27 36.52
N LEU F 137 16.84 4.88 35.27
CA LEU F 137 16.88 5.86 34.18
C LEU F 137 15.75 6.87 34.28
N ILE F 138 14.54 6.41 34.54
CA ILE F 138 13.36 7.28 34.46
C ILE F 138 13.06 8.02 35.75
N LYS F 139 13.67 7.65 36.87
CA LYS F 139 13.59 8.50 38.05
C LYS F 139 14.62 9.61 38.03
N GLY F 140 15.58 9.56 37.13
CA GLY F 140 16.58 10.60 36.94
C GLY F 140 16.18 11.68 35.97
N ARG F 141 14.93 11.68 35.51
CA ARG F 141 14.45 12.73 34.60
C ARG F 141 14.21 14.05 35.31
N SER F 142 14.12 14.03 36.64
CA SER F 142 13.87 15.24 37.42
C SER F 142 15.06 15.55 38.33
N TRP F 143 16.24 15.14 37.91
CA TRP F 143 17.44 15.31 38.73
C TRP F 143 17.91 16.76 38.66
N VAL F 144 17.92 17.43 39.80
CA VAL F 144 18.43 18.80 39.89
C VAL F 144 19.89 18.72 40.30
N ALA F 145 20.77 19.25 39.45
CA ALA F 145 22.20 19.14 39.69
C ALA F 145 22.60 19.94 40.93
N PRO F 146 23.67 19.52 41.61
CA PRO F 146 24.15 20.30 42.75
C PRO F 146 24.57 21.70 42.33
N ALA F 147 24.41 22.66 43.25
CA ALA F 147 24.69 24.05 42.93
C ALA F 147 26.15 24.25 42.58
N HIS F 148 27.06 23.60 43.31
CA HIS F 148 28.47 23.76 43.04
C HIS F 148 28.93 23.06 41.77
N LEU F 149 28.07 22.25 41.15
CA LEU F 149 28.39 21.57 39.90
C LEU F 149 27.41 21.96 38.79
N LYS F 150 26.79 23.13 38.92
CA LYS F 150 25.71 23.53 38.02
C LYS F 150 26.18 23.99 36.64
N PRO F 151 27.20 24.85 36.52
CA PRO F 151 27.59 25.30 35.17
C PRO F 151 28.06 24.17 34.28
N ALA F 152 28.57 23.08 34.86
CA ALA F 152 29.03 21.93 34.09
C ALA F 152 27.93 20.87 33.96
N PHE F 153 27.46 20.35 35.08
CA PHE F 153 26.39 19.35 35.08
C PHE F 153 25.05 20.06 35.00
N SER F 154 24.26 19.72 33.99
CA SER F 154 22.94 20.32 33.82
C SER F 154 21.88 19.42 34.45
N ASP F 155 20.63 19.87 34.42
CA ASP F 155 19.55 19.13 35.04
C ASP F 155 19.06 18.01 34.13
N GLY F 156 18.39 17.04 34.74
CA GLY F 156 17.68 16.04 33.95
C GLY F 156 16.56 16.67 33.16
N ILE F 157 16.31 16.13 31.97
CA ILE F 157 15.39 16.72 31.02
C ILE F 157 14.21 15.79 30.81
N GLU F 158 13.01 16.32 30.98
CA GLU F 158 11.76 15.59 30.77
C GLU F 158 11.01 16.25 29.63
N ILE F 159 10.58 15.45 28.66
CA ILE F 159 9.84 15.92 27.50
C ILE F 159 8.38 15.57 27.68
N GLU F 160 7.52 16.56 27.52
CA GLU F 160 6.10 16.40 27.77
C GLU F 160 5.37 16.20 26.45
N ALA F 161 4.60 15.12 26.36
CA ALA F 161 3.88 14.79 25.13
C ALA F 161 2.52 14.23 25.48
N THR F 162 1.58 14.38 24.54
CA THR F 162 0.23 13.87 24.70
C THR F 162 -0.13 12.96 23.53
N ILE F 163 -0.79 11.85 23.83
CA ILE F 163 -1.25 10.91 22.82
C ILE F 163 -2.70 10.53 23.11
N ASP F 164 -3.39 10.08 22.07
CA ASP F 164 -4.75 9.57 22.19
C ASP F 164 -4.77 8.14 21.66
N SER F 165 -4.88 7.17 22.57
CA SER F 165 -4.94 5.78 22.17
C SER F 165 -6.35 5.33 21.81
N ASP F 166 -7.35 6.19 21.98
CA ASP F 166 -8.73 5.85 21.72
C ASP F 166 -9.23 6.35 20.36
N VAL F 167 -8.32 6.81 19.49
CA VAL F 167 -8.69 7.38 18.20
C VAL F 167 -8.28 6.41 17.11
N THR F 168 -9.20 6.16 16.16
CA THR F 168 -8.93 5.34 14.97
C THR F 168 -9.58 6.05 13.79
N THR F 169 -8.83 6.95 13.15
CA THR F 169 -9.35 7.67 11.99
C THR F 169 -8.33 7.83 10.88
N GLN F 170 -7.09 7.37 11.06
CA GLN F 170 -6.01 7.50 10.08
C GLN F 170 -5.59 8.96 9.92
N ALA F 171 -6.30 9.88 10.59
CA ALA F 171 -5.88 11.27 10.67
C ALA F 171 -5.24 11.55 12.02
N GLY F 172 -5.99 11.34 13.11
CA GLY F 172 -5.40 11.38 14.44
C GLY F 172 -4.58 10.16 14.78
N MET F 173 -4.80 9.05 14.06
CA MET F 173 -3.93 7.89 14.21
C MET F 173 -2.51 8.20 13.79
N GLU F 174 -2.35 8.93 12.68
CA GLU F 174 -1.03 9.41 12.28
C GLU F 174 -0.52 10.51 13.20
N ALA F 175 -1.42 11.16 13.95
CA ALA F 175 -0.99 12.23 14.83
C ALA F 175 -0.16 11.71 15.99
N ASN F 176 -0.49 10.52 16.50
CA ASN F 176 0.24 9.98 17.64
C ASN F 176 1.70 9.69 17.29
N ALA F 177 1.94 9.11 16.12
CA ALA F 177 3.32 8.87 15.68
C ALA F 177 4.07 10.18 15.48
N ILE F 178 3.38 11.18 14.93
CA ILE F 178 4.00 12.49 14.76
C ILE F 178 4.37 13.09 16.11
N ALA F 179 3.48 12.97 17.09
CA ALA F 179 3.77 13.48 18.42
C ALA F 179 4.93 12.74 19.07
N ILE F 180 4.99 11.42 18.89
CA ILE F 180 6.09 10.64 19.45
C ILE F 180 7.42 11.08 18.84
N ASN F 181 7.45 11.21 17.52
CA ASN F 181 8.67 11.63 16.85
C ASN F 181 9.08 13.04 17.27
N GLN F 182 8.09 13.94 17.43
CA GLN F 182 8.41 15.30 17.85
C GLN F 182 8.96 15.33 19.27
N ALA F 183 8.40 14.52 20.17
CA ALA F 183 8.93 14.45 21.52
C ALA F 183 10.35 13.92 21.52
N HIS F 184 10.62 12.87 20.74
CA HIS F 184 11.98 12.35 20.63
C HIS F 184 12.93 13.40 20.08
N LYS F 185 12.47 14.16 19.09
CA LYS F 185 13.30 15.21 18.50
C LYS F 185 13.59 16.31 19.52
N ALA F 186 12.60 16.69 20.31
CA ALA F 186 12.83 17.70 21.34
C ALA F 186 13.83 17.20 22.38
N GLY F 187 13.74 15.93 22.76
CA GLY F 187 14.74 15.36 23.64
C GLY F 187 16.13 15.41 23.03
N ILE F 188 16.23 15.14 21.73
CA ILE F 188 17.54 15.20 21.07
C ILE F 188 18.05 16.63 21.04
N ASP F 189 17.16 17.60 20.80
CA ASP F 189 17.57 19.01 20.84
C ASP F 189 18.15 19.37 22.20
N GLU F 190 17.44 19.02 23.27
CA GLU F 190 17.94 19.35 24.59
C GLU F 190 19.18 18.54 24.97
N LEU F 191 19.39 17.39 24.34
CA LEU F 191 20.60 16.62 24.58
C LEU F 191 21.81 17.22 23.88
N ILE F 192 21.60 17.78 22.68
CA ILE F 192 22.72 18.35 21.92
C ILE F 192 22.98 19.81 22.23
N LYS F 193 22.05 20.50 22.89
CA LYS F 193 22.33 21.86 23.35
C LYS F 193 23.43 21.87 24.40
N ARG F 194 23.68 20.74 25.06
CA ARG F 194 24.71 20.63 26.10
C ARG F 194 25.92 19.83 25.63
N LYS F 195 26.12 19.73 24.32
CA LYS F 195 27.32 19.17 23.71
C LYS F 195 27.53 17.70 24.04
N VAL F 196 26.46 16.97 24.36
CA VAL F 196 26.59 15.54 24.61
C VAL F 196 26.90 14.83 23.30
N PRO F 197 27.98 14.07 23.22
CA PRO F 197 28.25 13.32 21.99
C PRO F 197 27.15 12.30 21.71
N LEU F 198 26.79 12.16 20.44
CA LEU F 198 25.71 11.28 20.04
C LEU F 198 26.17 9.97 19.44
N ASN F 199 27.47 9.67 19.54
CA ASN F 199 27.99 8.46 18.93
C ASN F 199 27.63 7.18 19.68
N ASP F 200 27.08 7.29 20.89
CA ASP F 200 26.77 6.14 21.72
C ASP F 200 25.36 6.22 22.28
N MET F 201 24.42 6.67 21.46
CA MET F 201 23.05 6.87 21.89
C MET F 201 22.16 5.69 21.49
N ILE F 202 21.12 5.47 22.28
CA ILE F 202 20.17 4.40 22.02
C ILE F 202 18.84 4.79 22.65
N THR F 203 17.75 4.36 22.03
CA THR F 203 16.41 4.67 22.49
C THR F 203 15.68 3.39 22.84
N LEU F 204 15.06 3.36 24.01
CA LEU F 204 14.26 2.23 24.45
C LEU F 204 12.81 2.67 24.53
N VAL F 205 11.93 1.95 23.87
CA VAL F 205 10.51 2.29 23.82
C VAL F 205 9.69 1.10 24.29
N SER F 206 8.60 1.39 24.98
CA SER F 206 7.66 0.35 25.36
C SER F 206 6.88 -0.14 24.14
N THR F 207 6.26 -1.31 24.29
CA THR F 207 5.63 -1.96 23.16
C THR F 207 4.49 -1.13 22.57
N GLU F 208 3.64 -0.57 23.43
CA GLU F 208 2.50 0.18 22.92
C GLU F 208 2.94 1.48 22.25
N ILE F 209 3.96 2.13 22.78
CA ILE F 209 4.46 3.35 22.15
C ILE F 209 5.16 3.02 20.84
N TYR F 210 5.92 1.91 20.82
CA TYR F 210 6.59 1.49 19.60
C TYR F 210 5.60 1.13 18.51
N SER F 211 4.43 0.61 18.87
CA SER F 211 3.42 0.29 17.88
C SER F 211 2.74 1.55 17.35
N LEU F 212 2.46 2.52 18.24
CA LEU F 212 1.93 3.80 17.81
C LEU F 212 2.89 4.53 16.89
N LEU F 213 4.20 4.25 17.02
CA LEU F 213 5.21 4.99 16.28
C LEU F 213 5.12 4.73 14.78
N LEU F 214 4.67 3.54 14.40
CA LEU F 214 4.71 3.08 13.02
C LEU F 214 3.75 3.78 12.09
N GLU F 215 2.97 4.78 12.51
CA GLU F 215 2.07 5.46 11.61
C GLU F 215 2.57 6.84 11.21
N HIS F 216 3.87 7.07 11.31
CA HIS F 216 4.42 8.32 10.82
C HIS F 216 4.27 8.37 9.31
N PRO F 217 3.75 9.47 8.75
CA PRO F 217 3.58 9.55 7.30
C PRO F 217 4.87 9.80 6.54
N LYS F 218 5.97 10.10 7.22
CA LYS F 218 7.19 10.49 6.53
C LYS F 218 8.45 9.88 7.15
N LEU F 219 8.32 8.81 7.93
CA LEU F 219 9.47 8.13 8.52
C LEU F 219 9.69 6.73 7.98
N PHE F 220 8.61 6.03 7.61
CA PHE F 220 8.71 4.72 6.99
C PHE F 220 8.47 4.78 5.49
N ASN F 221 8.50 5.98 4.92
CA ASN F 221 8.35 6.19 3.48
C ASN F 221 9.72 6.43 2.86
N LYS F 222 10.01 5.73 1.77
CA LYS F 222 11.32 5.84 1.15
C LYS F 222 11.57 7.22 0.55
N ASP F 223 10.52 8.03 0.38
CA ASP F 223 10.71 9.35 -0.21
C ASP F 223 11.57 10.24 0.67
N TRP F 224 11.34 10.23 1.98
CA TRP F 224 12.08 11.10 2.87
C TRP F 224 13.48 10.60 3.19
N GLY F 225 13.76 9.33 2.91
CA GLY F 225 15.07 8.79 3.19
C GLY F 225 15.10 7.30 2.94
N ASP F 226 16.30 6.74 3.02
CA ASP F 226 16.53 5.32 2.79
C ASP F 226 16.57 4.51 4.08
N ALA F 227 16.35 5.13 5.23
CA ALA F 227 16.29 4.41 6.49
C ALA F 227 14.89 3.88 6.74
N ASN F 228 14.80 2.89 7.61
CA ASN F 228 13.54 2.18 7.90
C ASN F 228 12.89 1.73 6.59
N ALA F 229 13.61 0.86 5.88
CA ALA F 229 13.18 0.44 4.55
C ALA F 229 11.81 -0.23 4.60
N ASN F 230 11.72 -1.38 5.28
CA ASN F 230 10.48 -2.14 5.40
C ASN F 230 9.83 -1.96 6.76
N GLY F 231 9.93 -0.77 7.34
CA GLY F 231 9.50 -0.60 8.72
C GLY F 231 8.02 -0.86 8.90
N TYR F 232 7.19 -0.29 8.02
CA TYR F 232 5.75 -0.49 8.16
C TYR F 232 5.36 -1.95 7.92
N LYS F 233 5.97 -2.57 6.92
CA LYS F 233 5.59 -3.93 6.56
C LYS F 233 6.14 -4.97 7.52
N GLU F 234 7.27 -4.70 8.15
CA GLU F 234 7.90 -5.65 9.06
C GLU F 234 7.85 -5.24 10.52
N ARG F 235 7.16 -4.14 10.83
CA ARG F 235 7.03 -3.66 12.21
C ARG F 235 8.42 -3.48 12.85
N ARG F 236 9.33 -2.88 12.08
CA ARG F 236 10.72 -2.75 12.47
C ARG F 236 11.15 -1.29 12.35
N ALA F 237 11.11 -0.56 13.45
CA ALA F 237 11.67 0.78 13.51
C ALA F 237 13.13 0.68 13.93
N VAL F 238 14.03 1.12 13.05
CA VAL F 238 15.46 0.94 13.27
C VAL F 238 16.06 2.17 13.92
N LEU F 239 15.93 3.32 13.25
CA LEU F 239 16.50 4.56 13.78
C LEU F 239 15.50 5.70 13.65
N MET F 240 15.46 6.54 14.67
CA MET F 240 14.72 7.79 14.67
C MET F 240 15.65 8.94 15.04
N ASN F 241 15.64 10.00 14.23
CA ASN F 241 16.42 11.20 14.50
C ASN F 241 17.90 10.87 14.65
N GLY F 242 18.38 9.94 13.82
CA GLY F 242 19.78 9.62 13.76
C GLY F 242 20.27 8.62 14.79
N ILE F 243 19.46 8.29 15.79
CA ILE F 243 19.88 7.36 16.83
C ILE F 243 19.01 6.12 16.79
N PRO F 244 19.59 4.92 16.91
CA PRO F 244 18.79 3.71 16.77
C PRO F 244 17.73 3.59 17.85
N VAL F 245 16.57 3.04 17.47
CA VAL F 245 15.47 2.78 18.37
C VAL F 245 15.30 1.27 18.49
N VAL F 246 15.25 0.78 19.73
CA VAL F 246 15.07 -0.64 20.00
C VAL F 246 13.94 -0.81 21.01
N GLU F 247 13.01 -1.71 20.69
CA GLU F 247 11.85 -1.93 21.55
C GLU F 247 12.25 -2.62 22.84
N CYS F 248 11.59 -2.24 23.94
CA CYS F 248 11.81 -2.88 25.23
C CYS F 248 10.46 -3.10 25.89
N THR F 249 10.14 -4.35 26.20
CA THR F 249 8.88 -4.69 26.82
C THR F 249 8.88 -4.47 28.33
N GLU F 250 10.04 -4.30 28.94
CA GLU F 250 10.14 -4.21 30.40
C GLU F 250 10.10 -2.77 30.90
N PHE F 251 9.09 -2.02 30.48
CA PHE F 251 8.96 -0.73 31.13
C PHE F 251 8.10 -0.86 32.38
N PRO F 252 8.57 -0.37 33.52
CA PRO F 252 7.93 -0.70 34.79
C PRO F 252 6.54 -0.10 34.91
N ASP F 253 5.68 -0.81 35.64
CA ASP F 253 4.35 -0.33 35.99
C ASP F 253 4.36 0.20 37.42
N ALA F 254 3.22 0.76 37.82
CA ALA F 254 3.09 1.24 39.19
C ALA F 254 3.24 0.09 40.17
N GLY F 255 4.33 0.07 40.92
CA GLY F 255 4.58 -1.02 41.84
C GLY F 255 5.84 -0.79 42.63
N THR F 256 6.15 -1.76 43.48
CA THR F 256 7.32 -1.70 44.35
C THR F 256 8.36 -2.67 43.83
N HIS F 257 9.40 -2.15 43.21
CA HIS F 257 10.48 -2.99 42.72
C HIS F 257 11.25 -3.59 43.90
N PRO F 258 11.66 -4.86 43.82
CA PRO F 258 12.29 -5.52 44.96
C PRO F 258 13.76 -5.23 45.15
N LEU F 259 14.31 -4.22 44.49
CA LEU F 259 15.70 -3.84 44.72
C LEU F 259 15.84 -2.79 45.81
N GLY F 260 14.74 -2.26 46.31
CA GLY F 260 14.79 -1.30 47.39
C GLY F 260 13.49 -0.53 47.48
N SER F 261 13.38 0.25 48.56
CA SER F 261 12.24 1.14 48.72
C SER F 261 12.37 2.42 47.92
N ALA F 262 13.58 2.73 47.43
CA ALA F 262 13.81 3.87 46.57
C ALA F 262 13.58 3.56 45.10
N TYR F 263 13.24 2.32 44.77
CA TYR F 263 13.01 1.90 43.40
C TYR F 263 11.52 1.82 43.05
N THR F 264 10.64 2.24 43.96
CA THR F 264 9.22 2.17 43.68
C THR F 264 8.84 3.11 42.55
N VAL F 265 7.77 2.75 41.84
CA VAL F 265 7.33 3.48 40.65
C VAL F 265 6.06 4.22 41.01
N THR F 266 6.12 5.55 40.94
CA THR F 266 4.94 6.37 41.18
C THR F 266 4.06 6.38 39.93
N ALA F 267 2.86 6.95 40.08
CA ALA F 267 1.94 7.01 38.96
C ALA F 267 2.53 7.82 37.81
N ASP F 268 3.11 8.98 38.11
CA ASP F 268 3.78 9.76 37.07
C ASP F 268 5.04 9.09 36.57
N ASP F 269 5.62 8.19 37.34
CA ASP F 269 6.81 7.46 36.91
C ASP F 269 6.49 6.31 35.98
N ALA F 270 5.22 5.94 35.82
CA ALA F 270 4.84 4.90 34.89
C ALA F 270 4.46 5.43 33.52
N LYS F 271 4.06 6.71 33.43
CA LYS F 271 3.64 7.30 32.17
C LYS F 271 4.80 7.52 31.21
N CYS F 272 6.04 7.42 31.66
CA CYS F 272 7.21 7.64 30.82
C CYS F 272 7.58 6.34 30.13
N ARG F 273 7.45 6.30 28.80
CA ARG F 273 7.59 5.06 28.05
C ARG F 273 8.72 5.07 27.02
N MET F 274 9.34 6.21 26.74
CA MET F 274 10.47 6.23 25.81
C MET F 274 11.59 7.07 26.41
N VAL F 275 12.78 6.48 26.47
CA VAL F 275 13.96 7.15 27.00
C VAL F 275 15.12 6.94 26.04
N THR F 276 15.86 8.02 25.78
CA THR F 276 17.11 7.94 25.06
C THR F 276 18.25 8.39 25.97
N PHE F 277 19.39 7.72 25.83
CA PHE F 277 20.50 7.91 26.75
C PHE F 277 21.75 7.36 26.09
N SER F 278 22.90 7.71 26.66
CA SER F 278 24.18 7.23 26.16
C SER F 278 24.51 5.90 26.82
N LYS F 279 24.80 4.89 26.01
CA LYS F 279 25.21 3.61 26.57
C LYS F 279 26.72 3.52 26.74
N SER F 280 27.33 4.59 27.24
CA SER F 280 28.71 4.54 27.71
C SER F 280 28.97 5.37 28.94
N ARG F 281 28.08 6.30 29.32
CA ARG F 281 28.37 7.25 30.38
C ARG F 281 27.16 7.56 31.26
N THR F 282 26.03 6.89 31.08
CA THR F 282 24.81 7.27 31.77
C THR F 282 24.46 6.34 32.93
N LEU F 283 24.85 5.08 32.88
CA LEU F 283 24.49 4.11 33.91
C LEU F 283 25.70 3.30 34.31
N VAL F 284 25.67 2.79 35.54
CA VAL F 284 26.69 1.91 36.08
C VAL F 284 26.01 0.75 36.77
N THR F 285 26.65 -0.42 36.73
CA THR F 285 26.10 -1.64 37.33
C THR F 285 27.21 -2.28 38.17
N VAL F 286 27.21 -2.03 39.47
CA VAL F 286 28.17 -2.65 40.38
C VAL F 286 27.61 -3.96 40.88
N GLU F 287 28.37 -5.04 40.70
CA GLU F 287 27.89 -6.41 40.95
C GLU F 287 28.75 -7.06 42.03
N ALA F 288 28.29 -7.00 43.27
CA ALA F 288 28.99 -7.69 44.35
C ALA F 288 28.97 -9.20 44.15
N LYS F 289 27.81 -9.75 43.78
CA LYS F 289 27.68 -11.18 43.54
C LYS F 289 26.73 -11.41 42.37
N PRO F 290 27.16 -12.13 41.33
CA PRO F 290 26.30 -12.34 40.17
C PRO F 290 25.16 -13.30 40.47
N PHE F 291 24.29 -13.53 39.48
CA PHE F 291 23.19 -14.46 39.66
C PHE F 291 23.74 -15.86 39.92
N THR F 292 23.40 -16.40 41.09
CA THR F 292 23.90 -17.70 41.52
C THR F 292 22.73 -18.63 41.81
N SER F 293 22.76 -19.82 41.23
CA SER F 293 21.70 -20.80 41.41
C SER F 293 22.23 -21.98 42.21
N ARG F 294 21.55 -22.32 43.29
CA ARG F 294 22.00 -23.35 44.21
C ARG F 294 20.80 -24.16 44.68
N ILE F 295 20.99 -25.47 44.80
CA ILE F 295 19.99 -26.37 45.36
C ILE F 295 20.64 -27.12 46.53
N TRP F 296 19.97 -27.14 47.67
CA TRP F 296 20.54 -27.72 48.87
C TRP F 296 19.45 -28.47 49.63
N ASP F 297 19.89 -29.39 50.48
CA ASP F 297 18.98 -30.23 51.26
C ASP F 297 18.74 -29.59 52.61
N ASP F 298 17.46 -29.30 52.90
CA ASP F 298 17.05 -28.82 54.21
C ASP F 298 16.48 -30.02 54.96
N GLU F 299 17.39 -30.79 55.58
CA GLU F 299 17.00 -32.05 56.21
C GLU F 299 16.00 -31.82 57.34
N GLN F 300 16.28 -30.82 58.19
CA GLN F 300 15.43 -30.61 59.37
C GLN F 300 14.00 -30.28 58.97
N ASN F 301 13.83 -29.42 57.98
CA ASN F 301 12.50 -29.06 57.50
C ASN F 301 11.94 -30.08 56.51
N PHE F 302 12.70 -31.13 56.20
CA PHE F 302 12.20 -32.29 55.46
C PHE F 302 11.78 -31.89 54.04
N ALA F 303 12.47 -30.91 53.47
CA ALA F 303 12.16 -30.42 52.14
C ALA F 303 13.44 -30.08 51.40
N ASN F 304 13.38 -30.15 50.07
CA ASN F 304 14.46 -29.74 49.19
C ASN F 304 14.20 -28.32 48.72
N VAL F 305 15.25 -27.50 48.75
CA VAL F 305 15.13 -26.07 48.48
C VAL F 305 15.94 -25.74 47.24
N LEU F 306 15.31 -25.05 46.29
CA LEU F 306 15.98 -24.45 45.15
C LEU F 306 16.18 -22.97 45.44
N ASP F 307 17.43 -22.51 45.29
CA ASP F 307 17.79 -21.15 45.68
C ASP F 307 18.47 -20.43 44.53
N CYS F 308 18.01 -19.23 44.25
CA CYS F 308 18.65 -18.33 43.30
C CYS F 308 18.80 -16.98 43.95
N TYR F 309 19.93 -16.30 43.68
CA TYR F 309 20.14 -14.99 44.27
C TYR F 309 21.21 -14.25 43.49
N ALA F 310 21.30 -12.95 43.76
CA ALA F 310 22.29 -12.07 43.16
C ALA F 310 22.40 -10.83 44.03
N MET F 311 23.40 -10.01 43.77
CA MET F 311 23.58 -8.78 44.52
C MET F 311 24.22 -7.75 43.60
N TYR F 312 23.49 -6.69 43.29
CA TYR F 312 23.99 -5.64 42.43
C TYR F 312 23.19 -4.38 42.67
N GLN F 313 23.78 -3.23 42.33
CA GLN F 313 23.11 -1.95 42.41
C GLN F 313 23.31 -1.21 41.10
N VAL F 314 22.33 -0.39 40.74
CA VAL F 314 22.34 0.35 39.48
C VAL F 314 22.39 1.83 39.82
N GLY F 315 23.50 2.48 39.48
CA GLY F 315 23.66 3.89 39.70
C GLY F 315 23.43 4.69 38.42
N GLU F 316 23.20 5.98 38.60
CA GLU F 316 22.88 6.90 37.51
C GLU F 316 23.96 7.98 37.47
N ARG F 317 25.06 7.69 36.78
CA ARG F 317 26.11 8.68 36.62
C ARG F 317 25.78 9.56 35.42
N ARG F 318 26.06 10.85 35.57
CA ARG F 318 25.82 11.83 34.51
C ARG F 318 24.38 11.74 34.00
N PRO F 319 23.39 12.04 34.84
CA PRO F 319 21.99 11.91 34.41
C PRO F 319 21.46 13.08 33.60
N ASP F 320 22.31 14.01 33.19
CA ASP F 320 21.93 15.08 32.29
C ASP F 320 22.01 14.66 30.83
N THR F 321 22.40 13.42 30.56
CA THR F 321 22.54 12.89 29.22
C THR F 321 21.54 11.77 28.96
N ALA F 322 20.29 11.98 29.38
CA ALA F 322 19.24 10.97 29.21
C ALA F 322 17.91 11.70 29.07
N ALA F 323 17.42 11.80 27.85
CA ALA F 323 16.15 12.48 27.60
C ALA F 323 15.00 11.51 27.80
N VAL F 324 14.03 11.92 28.62
CA VAL F 324 12.92 11.08 29.04
C VAL F 324 11.62 11.79 28.66
N VAL F 325 10.71 11.06 28.01
CA VAL F 325 9.44 11.61 27.58
C VAL F 325 8.33 11.02 28.45
N LYS F 326 7.40 11.88 28.87
CA LYS F 326 6.24 11.47 29.66
C LYS F 326 5.00 11.64 28.79
N PHE F 327 4.17 10.59 28.75
CA PHE F 327 3.02 10.56 27.85
C PHE F 327 1.73 10.69 28.63
N ASN F 328 0.80 11.50 28.12
CA ASN F 328 -0.48 11.75 28.75
C ASN F 328 -1.60 11.36 27.80
N GLU F 329 -2.57 10.60 28.29
CA GLU F 329 -3.77 10.32 27.50
C GLU F 329 -4.66 11.56 27.46
N ALA F 330 -5.10 11.92 26.27
CA ALA F 330 -5.90 13.13 26.08
C ALA F 330 -7.32 12.95 26.63
N TYR G 6 45.17 -71.75 102.28
CA TYR G 6 44.91 -71.09 103.56
C TYR G 6 46.22 -70.83 104.30
N ALA G 7 47.32 -71.37 103.78
CA ALA G 7 48.63 -71.05 104.35
C ALA G 7 48.96 -69.57 104.14
N GLY G 8 48.66 -69.04 102.96
CA GLY G 8 48.77 -67.60 102.76
C GLY G 8 47.79 -66.83 103.62
N ASN G 9 46.57 -67.35 103.74
CA ASN G 9 45.52 -66.82 104.63
C ASN G 9 45.24 -65.37 104.24
N LEU G 10 45.20 -64.43 105.19
CA LEU G 10 44.87 -63.05 104.88
C LEU G 10 45.91 -62.40 103.98
N THR G 11 47.18 -62.69 104.23
CA THR G 11 48.27 -62.06 103.47
C THR G 11 48.32 -62.61 102.05
N ARG G 12 47.63 -61.94 101.13
CA ARG G 12 47.59 -62.31 99.72
C ARG G 12 47.37 -61.03 98.93
N PRO G 13 48.07 -60.83 97.82
CA PRO G 13 48.02 -59.53 97.13
C PRO G 13 46.63 -59.06 96.74
N HIS G 14 45.77 -59.95 96.25
CA HIS G 14 44.45 -59.56 95.74
C HIS G 14 44.55 -58.41 94.74
N TRP G 15 45.21 -58.68 93.61
CA TRP G 15 45.32 -57.67 92.56
C TRP G 15 43.94 -57.20 92.14
N GLY G 16 43.63 -55.93 92.40
CA GLY G 16 42.29 -55.40 92.23
C GLY G 16 41.53 -55.30 93.54
N GLY G 17 42.19 -54.76 94.57
CA GLY G 17 41.56 -54.53 95.86
C GLY G 17 41.70 -53.09 96.31
N ALA G 18 41.62 -52.85 97.61
CA ALA G 18 41.76 -51.51 98.15
C ALA G 18 41.87 -51.58 99.67
N ALA G 19 42.68 -50.69 100.25
CA ALA G 19 42.84 -50.56 101.69
C ALA G 19 43.28 -51.88 102.31
N SER G 20 42.32 -52.66 102.82
CA SER G 20 42.56 -54.02 103.28
C SER G 20 42.13 -55.05 102.25
N ASP G 21 42.22 -54.70 100.96
CA ASP G 21 41.88 -55.59 99.85
C ASP G 21 40.46 -56.11 99.96
N VAL G 22 39.51 -55.18 100.13
CA VAL G 22 38.10 -55.51 100.24
C VAL G 22 37.31 -54.99 99.04
N ASP G 23 37.58 -53.77 98.60
CA ASP G 23 36.84 -53.20 97.49
C ASP G 23 37.23 -53.88 96.18
N ILE G 24 36.24 -54.34 95.44
CA ILE G 24 36.45 -55.00 94.16
C ILE G 24 36.12 -54.00 93.06
N HIS G 25 37.14 -53.48 92.39
CA HIS G 25 36.99 -52.52 91.31
C HIS G 25 37.67 -53.03 90.05
N LEU G 26 37.43 -54.29 89.74
CA LEU G 26 38.03 -54.93 88.59
C LEU G 26 37.46 -54.32 87.30
N GLU G 27 38.28 -54.30 86.26
CA GLU G 27 37.85 -53.76 84.98
C GLU G 27 36.74 -54.62 84.40
N VAL G 28 35.75 -53.98 83.78
CA VAL G 28 34.56 -54.64 83.27
C VAL G 28 34.74 -54.90 81.78
N TYR G 29 34.47 -56.13 81.36
CA TYR G 29 34.43 -56.46 79.95
C TYR G 29 33.13 -55.94 79.33
N GLN G 30 33.16 -55.72 78.01
CA GLN G 30 32.00 -55.19 77.32
C GLN G 30 32.17 -55.42 75.83
N ASN G 31 31.19 -56.08 75.21
CA ASN G 31 31.23 -56.34 73.76
C ASN G 31 30.03 -55.76 73.03
N GLU G 32 28.81 -56.02 73.50
CA GLU G 32 27.61 -55.66 72.75
C GLU G 32 26.46 -55.41 73.73
N VAL G 33 25.32 -54.99 73.16
CA VAL G 33 24.16 -54.56 73.94
C VAL G 33 22.95 -55.36 73.47
N ASP G 34 21.95 -55.44 74.36
CA ASP G 34 20.72 -56.17 74.09
C ASP G 34 19.54 -55.23 74.18
N THR G 35 18.55 -55.46 73.33
CA THR G 35 17.38 -54.59 73.22
C THR G 35 16.18 -55.43 72.78
N ARG G 36 15.14 -54.77 72.29
CA ARG G 36 13.92 -55.46 71.88
C ARG G 36 14.21 -56.41 70.72
N PHE G 37 13.45 -57.50 70.68
CA PHE G 37 13.69 -58.55 69.70
C PHE G 37 13.26 -58.12 68.31
N GLN G 38 14.07 -58.46 67.31
CA GLN G 38 13.80 -58.05 65.94
C GLN G 38 12.55 -58.73 65.41
N TYR G 39 11.73 -57.95 64.70
CA TYR G 39 10.50 -58.42 64.10
C TYR G 39 10.59 -58.23 62.59
N GLN G 40 10.26 -59.28 61.85
CA GLN G 40 10.28 -59.24 60.38
C GLN G 40 8.85 -59.18 59.87
N ALA G 41 8.59 -58.23 58.98
CA ALA G 41 7.23 -58.02 58.48
C ALA G 41 6.71 -59.27 57.79
N MET G 42 5.55 -59.74 58.25
CA MET G 42 4.98 -60.97 57.69
C MET G 42 4.32 -60.72 56.34
N PHE G 43 3.69 -59.56 56.16
CA PHE G 43 2.90 -59.29 54.97
C PHE G 43 3.74 -58.89 53.77
N LEU G 44 5.04 -59.11 53.80
CA LEU G 44 5.84 -58.91 52.59
C LEU G 44 5.52 -59.98 51.56
N GLY G 45 5.23 -61.19 52.01
CA GLY G 45 4.89 -62.27 51.10
C GLY G 45 3.39 -62.52 50.98
N LEU G 46 2.60 -61.84 51.81
CA LEU G 46 1.15 -61.97 51.79
C LEU G 46 0.48 -60.75 51.19
N SER G 47 1.18 -60.04 50.32
CA SER G 47 0.65 -58.82 49.71
C SER G 47 1.46 -58.48 48.47
N SER G 48 0.79 -58.22 47.36
CA SER G 48 1.47 -57.76 46.17
C SER G 48 2.15 -56.42 46.45
N GLN G 49 3.34 -56.25 45.89
CA GLN G 49 4.17 -55.06 46.16
C GLN G 49 4.34 -54.28 44.87
N ARG G 50 3.39 -53.41 44.59
CA ARG G 50 3.49 -52.45 43.49
C ARG G 50 4.03 -51.13 44.04
N SER G 51 4.79 -50.43 43.21
CA SER G 51 5.47 -49.22 43.66
C SER G 51 5.31 -48.11 42.63
N VAL G 52 4.72 -47.00 43.07
CA VAL G 52 4.70 -45.78 42.28
C VAL G 52 5.79 -44.88 42.87
N ALA G 53 7.00 -45.02 42.32
CA ALA G 53 8.18 -44.48 42.98
C ALA G 53 8.28 -42.97 42.84
N ASP G 54 8.39 -42.48 41.60
CA ASP G 54 8.52 -41.05 41.34
C ASP G 54 7.63 -40.63 40.18
N ARG G 55 6.45 -41.23 40.08
CA ARG G 55 5.51 -40.92 39.01
C ARG G 55 4.27 -40.21 39.50
N SER G 56 3.60 -40.75 40.51
CA SER G 56 2.38 -40.16 41.05
C SER G 56 2.20 -40.66 42.47
N ASN G 57 1.01 -40.45 43.02
CA ASN G 57 0.65 -40.96 44.33
C ASN G 57 -0.51 -41.95 44.29
N THR G 58 -1.02 -42.28 43.11
CA THR G 58 -2.11 -43.23 42.95
C THR G 58 -1.65 -44.40 42.11
N TYR G 59 -2.18 -45.57 42.42
CA TYR G 59 -1.97 -46.76 41.61
C TYR G 59 -3.33 -47.34 41.27
N ARG G 60 -3.46 -47.88 40.06
CA ARG G 60 -4.74 -48.30 39.53
C ARG G 60 -4.73 -49.80 39.23
N ILE G 61 -5.75 -50.50 39.72
CA ILE G 61 -6.02 -51.88 39.36
C ILE G 61 -7.35 -51.90 38.64
N ASP G 62 -7.36 -52.41 37.41
CA ASP G 62 -8.56 -52.42 36.60
C ASP G 62 -9.30 -53.74 36.79
N ARG G 63 -10.56 -53.65 37.21
CA ARG G 63 -11.41 -54.81 37.37
C ARG G 63 -12.07 -55.16 36.04
N LEU G 64 -12.69 -56.34 35.99
CA LEU G 64 -13.34 -56.80 34.77
C LEU G 64 -14.19 -58.02 35.11
N ASN G 65 -15.31 -58.18 34.40
CA ASN G 65 -16.33 -59.18 34.73
C ASN G 65 -16.05 -60.48 33.99
N THR G 66 -17.05 -61.37 33.97
CA THR G 66 -16.99 -62.63 33.23
C THR G 66 -18.22 -62.72 32.33
N SER G 67 -18.31 -63.83 31.58
CA SER G 67 -19.41 -64.02 30.65
C SER G 67 -19.91 -65.46 30.75
N SER G 68 -21.17 -65.66 30.38
CA SER G 68 -21.79 -66.97 30.43
C SER G 68 -21.39 -67.80 29.21
N VAL G 69 -21.92 -69.01 29.15
CA VAL G 69 -21.66 -69.92 28.03
C VAL G 69 -23.00 -70.46 27.52
N LYS G 70 -23.10 -70.63 26.21
CA LYS G 70 -24.34 -70.99 25.54
C LYS G 70 -24.17 -72.33 24.83
N GLY G 71 -25.19 -72.71 24.05
CA GLY G 71 -25.14 -73.90 23.24
C GLY G 71 -25.90 -73.75 21.93
N ARG G 72 -25.25 -74.08 20.82
CA ARG G 72 -25.81 -73.93 19.49
C ARG G 72 -25.89 -75.29 18.82
N THR G 73 -27.09 -75.65 18.32
CA THR G 73 -27.30 -77.01 17.86
C THR G 73 -26.80 -77.23 16.42
N SER G 74 -27.47 -76.65 15.44
CA SER G 74 -27.06 -76.94 14.07
C SER G 74 -26.95 -75.70 13.19
N GLY G 75 -27.86 -74.74 13.34
CA GLY G 75 -27.85 -73.55 12.52
C GLY G 75 -28.30 -72.35 13.32
N VAL G 76 -28.40 -72.52 14.63
CA VAL G 76 -28.87 -71.46 15.51
C VAL G 76 -27.82 -70.36 15.58
N ALA G 77 -28.26 -69.11 15.42
CA ALA G 77 -27.34 -67.99 15.43
C ALA G 77 -26.73 -67.81 16.82
N LEU G 78 -25.49 -67.32 16.84
CA LEU G 78 -24.76 -67.09 18.08
C LEU G 78 -25.07 -65.70 18.62
N GLU G 79 -25.30 -65.62 19.93
CA GLU G 79 -25.72 -64.39 20.59
C GLU G 79 -24.58 -63.81 21.40
N PRO G 80 -24.09 -62.62 21.08
CA PRO G 80 -23.00 -62.03 21.84
C PRO G 80 -23.48 -61.53 23.20
N THR G 81 -22.52 -61.35 24.10
CA THR G 81 -22.77 -60.79 25.41
C THR G 81 -21.69 -59.77 25.73
N PRO G 82 -22.02 -58.73 26.48
CA PRO G 82 -21.01 -57.78 26.94
C PRO G 82 -20.46 -58.14 28.31
N VAL G 83 -19.32 -57.53 28.64
CA VAL G 83 -18.72 -57.67 29.95
C VAL G 83 -18.40 -56.28 30.49
N ARG G 84 -18.60 -56.09 31.78
CA ARG G 84 -18.44 -54.78 32.41
C ARG G 84 -17.13 -54.72 33.19
N ASN G 85 -16.60 -53.51 33.32
CA ASN G 85 -15.34 -53.30 34.01
C ASN G 85 -15.41 -52.00 34.79
N ASP G 86 -14.51 -51.87 35.76
CA ASP G 86 -14.40 -50.68 36.60
C ASP G 86 -12.93 -50.40 36.84
N LYS G 87 -12.64 -49.55 37.82
CA LYS G 87 -11.28 -49.21 38.19
C LYS G 87 -11.16 -49.16 39.70
N MET G 88 -9.93 -49.21 40.19
CA MET G 88 -9.62 -49.09 41.60
C MET G 88 -8.43 -48.14 41.74
N LEU G 89 -8.42 -47.35 42.81
CA LEU G 89 -7.32 -46.43 43.07
C LEU G 89 -6.86 -46.56 44.51
N ILE G 90 -5.55 -46.68 44.69
CA ILE G 90 -4.93 -46.63 46.01
C ILE G 90 -4.08 -45.36 46.05
N VAL G 91 -4.37 -44.49 47.01
CA VAL G 91 -3.76 -43.17 47.09
C VAL G 91 -2.87 -43.11 48.32
N VAL G 92 -1.60 -42.81 48.12
CA VAL G 92 -0.65 -42.69 49.23
C VAL G 92 -0.83 -41.32 49.88
N ASP G 93 -1.03 -41.31 51.19
CA ASP G 93 -1.44 -40.10 51.90
C ASP G 93 -0.39 -39.58 52.87
N THR G 94 0.06 -40.40 53.82
CA THR G 94 0.90 -39.92 54.91
C THR G 94 2.20 -40.71 54.99
N VAL G 95 3.08 -40.25 55.88
CA VAL G 95 4.44 -40.76 56.01
C VAL G 95 4.64 -41.23 57.45
N LEU G 96 5.38 -42.33 57.59
CA LEU G 96 5.79 -42.82 58.90
C LEU G 96 7.28 -42.53 59.09
N TYR G 97 7.66 -42.17 60.30
CA TYR G 97 9.03 -41.74 60.56
C TYR G 97 9.34 -41.89 62.04
N ILE G 98 10.64 -41.92 62.35
CA ILE G 98 11.12 -41.88 63.72
C ILE G 98 12.50 -41.23 63.71
N ARG G 99 12.66 -40.19 64.53
CA ARG G 99 13.87 -39.37 64.53
C ARG G 99 14.56 -39.50 65.88
N ASN G 100 15.86 -39.76 65.86
CA ASN G 100 16.65 -39.95 67.08
C ASN G 100 17.89 -39.06 67.04
N PRO G 101 17.86 -37.91 67.70
CA PRO G 101 19.05 -37.05 67.72
C PRO G 101 20.03 -37.47 68.80
N ILE G 102 21.31 -37.48 68.44
CA ILE G 102 22.40 -37.74 69.37
C ILE G 102 23.39 -36.59 69.28
N ASP G 103 23.67 -35.94 70.42
CA ASP G 103 24.57 -34.81 70.44
C ASP G 103 25.98 -35.23 70.05
N TYR G 104 26.75 -34.28 69.49
CA TYR G 104 28.15 -34.55 69.19
C TYR G 104 28.90 -34.99 70.45
N GLN G 105 28.72 -34.27 71.55
CA GLN G 105 29.53 -34.51 72.73
C GLN G 105 29.27 -35.90 73.31
N ASP G 106 28.01 -36.33 73.32
CA ASP G 106 27.70 -37.69 73.75
C ASP G 106 28.21 -38.72 72.76
N ASP G 107 28.22 -38.38 71.46
CA ASP G 107 28.75 -39.28 70.45
C ASP G 107 30.25 -39.49 70.65
N TRP G 108 30.98 -38.43 71.04
CA TRP G 108 32.42 -38.52 71.14
C TRP G 108 32.85 -39.49 72.24
N THR G 109 32.08 -39.55 73.33
CA THR G 109 32.46 -40.33 74.51
C THR G 109 31.58 -41.55 74.71
N ALA G 110 31.18 -42.21 73.62
CA ALA G 110 30.37 -43.41 73.74
C ALA G 110 30.48 -44.24 72.47
N PRO G 111 30.50 -45.56 72.57
CA PRO G 111 30.44 -46.38 71.36
C PRO G 111 29.10 -46.21 70.65
N ASP G 112 29.12 -46.35 69.34
CA ASP G 112 27.96 -46.04 68.53
C ASP G 112 26.80 -46.98 68.84
N PHE G 113 25.63 -46.38 69.10
CA PHE G 113 24.38 -47.13 69.18
C PHE G 113 23.53 -46.97 67.93
N LEU G 114 24.05 -46.32 66.90
CA LEU G 114 23.24 -46.03 65.72
C LEU G 114 22.81 -47.30 65.00
N THR G 115 23.63 -48.35 65.07
CA THR G 115 23.32 -49.59 64.38
C THR G 115 22.13 -50.29 65.04
N GLU G 116 22.15 -50.41 66.37
CA GLU G 116 21.06 -51.09 67.07
C GLU G 116 19.76 -50.30 66.96
N MET G 117 19.83 -48.97 67.01
CA MET G 117 18.63 -48.16 66.88
C MET G 117 18.02 -48.30 65.49
N GLY G 118 18.86 -48.45 64.46
CA GLY G 118 18.33 -48.69 63.12
C GLY G 118 17.54 -49.98 63.05
N GLN G 119 18.07 -51.05 63.66
CA GLN G 119 17.35 -52.33 63.68
C GLN G 119 16.06 -52.21 64.48
N ASN G 120 16.09 -51.48 65.60
CA ASN G 120 14.87 -51.29 66.38
C ASN G 120 13.81 -50.57 65.56
N ASN G 121 14.22 -49.51 64.85
CA ASN G 121 13.28 -48.77 64.01
C ASN G 121 12.74 -49.66 62.90
N GLY G 122 13.58 -50.48 62.29
CA GLY G 122 13.10 -51.43 61.30
C GLY G 122 12.08 -52.39 61.88
N SER G 123 12.30 -52.83 63.11
CA SER G 123 11.37 -53.74 63.76
C SER G 123 10.01 -53.06 63.99
N GLU G 124 10.03 -51.84 64.51
CA GLU G 124 8.77 -51.13 64.73
C GLU G 124 8.05 -50.87 63.41
N PHE G 125 8.80 -50.52 62.36
CA PHE G 125 8.16 -50.29 61.06
C PHE G 125 7.55 -51.57 60.53
N ALA G 126 8.21 -52.72 60.72
CA ALA G 126 7.62 -53.98 60.31
C ALA G 126 6.35 -54.28 61.10
N GLU G 127 6.35 -54.00 62.40
CA GLU G 127 5.16 -54.22 63.19
C GLU G 127 4.00 -53.37 62.69
N VAL G 128 4.26 -52.09 62.39
CA VAL G 128 3.21 -51.21 61.88
C VAL G 128 2.76 -51.67 60.49
N PHE G 129 3.69 -52.17 59.69
CA PHE G 129 3.35 -52.72 58.38
C PHE G 129 2.32 -53.84 58.51
N ASP G 130 2.62 -54.82 59.37
CA ASP G 130 1.68 -55.93 59.56
C ASP G 130 0.36 -55.45 60.14
N GLN G 131 0.42 -54.53 61.11
CA GLN G 131 -0.81 -54.04 61.73
C GLN G 131 -1.69 -53.32 60.73
N ALA G 132 -1.10 -52.49 59.87
CA ALA G 132 -1.87 -51.77 58.87
C ALA G 132 -2.49 -52.72 57.87
N HIS G 133 -1.74 -53.75 57.46
CA HIS G 133 -2.32 -54.74 56.55
C HIS G 133 -3.51 -55.44 57.19
N LEU G 134 -3.39 -55.80 58.47
CA LEU G 134 -4.50 -56.46 59.16
C LEU G 134 -5.70 -55.54 59.31
N ILE G 135 -5.45 -54.26 59.59
CA ILE G 135 -6.54 -53.29 59.71
C ILE G 135 -7.28 -53.17 58.39
N GLN G 136 -6.53 -53.12 57.28
CA GLN G 136 -7.16 -53.06 55.97
C GLN G 136 -7.97 -54.30 55.69
N LEU G 137 -7.45 -55.48 56.05
CA LEU G 137 -8.21 -56.71 55.85
C LEU G 137 -9.51 -56.69 56.66
N ILE G 138 -9.44 -56.22 57.91
CA ILE G 138 -10.61 -56.23 58.77
C ILE G 138 -11.66 -55.24 58.29
N LYS G 139 -11.24 -54.03 57.91
CA LYS G 139 -12.18 -52.97 57.62
C LYS G 139 -12.98 -53.19 56.34
N GLY G 140 -12.54 -54.11 55.47
CA GLY G 140 -13.24 -54.34 54.22
C GLY G 140 -14.21 -55.50 54.26
N ARG G 141 -14.64 -55.86 55.47
CA ARG G 141 -15.49 -57.03 55.63
C ARG G 141 -16.89 -56.83 55.07
N SER G 142 -17.39 -55.59 55.09
CA SER G 142 -18.75 -55.30 54.67
C SER G 142 -18.81 -54.71 53.27
N TRP G 143 -17.81 -54.97 52.44
CA TRP G 143 -17.74 -54.38 51.12
C TRP G 143 -18.74 -55.06 50.20
N VAL G 144 -19.83 -54.37 49.86
CA VAL G 144 -20.79 -54.90 48.91
C VAL G 144 -20.24 -54.75 47.49
N ALA G 145 -20.75 -55.58 46.60
CA ALA G 145 -20.18 -55.53 45.25
C ALA G 145 -21.12 -54.84 44.28
N PRO G 146 -20.58 -54.15 43.29
CA PRO G 146 -21.43 -53.54 42.26
C PRO G 146 -22.15 -54.60 41.44
N ALA G 147 -23.33 -54.23 40.93
CA ALA G 147 -24.19 -55.19 40.26
C ALA G 147 -23.67 -55.60 38.89
N HIS G 148 -22.74 -54.84 38.31
CA HIS G 148 -22.22 -55.17 36.98
C HIS G 148 -20.98 -56.05 37.02
N LEU G 149 -20.46 -56.37 38.20
CA LEU G 149 -19.38 -57.33 38.35
C LEU G 149 -19.76 -58.47 39.28
N LYS G 150 -21.07 -58.67 39.49
CA LYS G 150 -21.52 -59.60 40.53
C LYS G 150 -21.05 -61.04 40.32
N PRO G 151 -21.17 -61.63 39.12
CA PRO G 151 -20.68 -63.02 38.98
C PRO G 151 -19.21 -63.17 39.28
N ALA G 152 -18.39 -62.16 38.97
CA ALA G 152 -16.95 -62.23 39.22
C ALA G 152 -16.60 -61.78 40.64
N PHE G 153 -17.12 -60.62 41.05
CA PHE G 153 -16.87 -60.08 42.38
C PHE G 153 -18.12 -60.21 43.21
N SER G 154 -17.99 -60.81 44.39
CA SER G 154 -19.11 -61.00 45.30
C SER G 154 -18.93 -60.12 46.53
N ASP G 155 -19.93 -60.14 47.40
CA ASP G 155 -19.90 -59.34 48.61
C ASP G 155 -18.87 -59.88 49.60
N GLY G 156 -18.29 -58.98 50.38
CA GLY G 156 -17.44 -59.41 51.48
C GLY G 156 -18.24 -60.17 52.52
N ILE G 157 -17.59 -61.17 53.12
CA ILE G 157 -18.27 -62.14 53.98
C ILE G 157 -17.97 -61.82 55.44
N GLU G 158 -19.01 -61.85 56.26
CA GLU G 158 -18.93 -61.65 57.70
C GLU G 158 -19.38 -62.94 58.39
N ILE G 159 -18.60 -63.38 59.38
CA ILE G 159 -18.95 -64.55 60.17
C ILE G 159 -18.89 -64.15 61.64
N GLU G 160 -19.92 -64.50 62.39
CA GLU G 160 -20.01 -64.16 63.80
C GLU G 160 -20.01 -65.43 64.64
N ALA G 161 -19.24 -65.39 65.73
CA ALA G 161 -19.18 -66.50 66.67
C ALA G 161 -19.18 -65.94 68.09
N THR G 162 -19.72 -66.71 69.02
CA THR G 162 -19.77 -66.33 70.43
C THR G 162 -18.92 -67.31 71.23
N ILE G 163 -17.98 -66.77 72.01
CA ILE G 163 -17.07 -67.58 72.81
C ILE G 163 -17.00 -66.99 74.21
N ASP G 164 -17.06 -67.84 75.23
CA ASP G 164 -16.87 -67.42 76.61
C ASP G 164 -15.38 -67.55 76.93
N SER G 165 -14.68 -66.42 76.99
CA SER G 165 -13.24 -66.45 77.19
C SER G 165 -12.88 -66.96 78.57
N ASP G 166 -13.60 -66.54 79.60
CA ASP G 166 -13.29 -66.89 80.99
C ASP G 166 -14.21 -68.00 81.45
N VAL G 167 -13.84 -69.24 81.14
CA VAL G 167 -14.62 -70.41 81.52
C VAL G 167 -13.83 -71.38 82.39
N THR G 168 -12.58 -71.63 82.04
CA THR G 168 -11.59 -72.36 82.84
C THR G 168 -12.01 -73.80 83.17
N THR G 169 -13.06 -74.33 82.55
CA THR G 169 -13.43 -75.73 82.72
C THR G 169 -13.35 -76.43 81.37
N GLN G 170 -12.93 -77.70 81.39
CA GLN G 170 -12.59 -78.38 80.16
C GLN G 170 -13.77 -78.46 79.20
N ALA G 171 -14.96 -78.77 79.71
CA ALA G 171 -16.14 -78.81 78.85
C ALA G 171 -16.43 -77.44 78.26
N GLY G 172 -16.37 -76.40 79.10
CA GLY G 172 -16.54 -75.04 78.58
C GLY G 172 -15.37 -74.59 77.74
N MET G 173 -14.14 -74.93 78.16
CA MET G 173 -12.96 -74.60 77.37
C MET G 173 -12.98 -75.31 76.03
N GLU G 174 -13.61 -76.48 75.96
CA GLU G 174 -13.70 -77.21 74.70
C GLU G 174 -14.66 -76.51 73.73
N ALA G 175 -15.74 -75.93 74.26
CA ALA G 175 -16.79 -75.39 73.40
C ALA G 175 -16.32 -74.16 72.63
N ASN G 176 -15.38 -73.39 73.18
CA ASN G 176 -14.89 -72.21 72.48
C ASN G 176 -14.19 -72.60 71.19
N ALA G 177 -13.33 -73.62 71.25
CA ALA G 177 -12.67 -74.10 70.04
C ALA G 177 -13.67 -74.67 69.04
N ILE G 178 -14.78 -75.22 69.53
CA ILE G 178 -15.82 -75.72 68.62
C ILE G 178 -16.40 -74.57 67.81
N ALA G 179 -16.73 -73.46 68.48
CA ALA G 179 -17.27 -72.30 67.77
C ALA G 179 -16.25 -71.70 66.83
N ILE G 180 -14.98 -71.63 67.26
CA ILE G 180 -13.94 -71.09 66.40
C ILE G 180 -13.79 -71.95 65.14
N ASN G 181 -13.81 -73.27 65.31
CA ASN G 181 -13.69 -74.15 64.16
C ASN G 181 -14.91 -74.07 63.26
N GLN G 182 -16.10 -73.88 63.83
CA GLN G 182 -17.30 -73.69 63.02
C GLN G 182 -17.16 -72.43 62.15
N ALA G 183 -16.72 -71.32 62.75
CA ALA G 183 -16.56 -70.09 62.00
C ALA G 183 -15.49 -70.25 60.93
N HIS G 184 -14.37 -70.90 61.28
CA HIS G 184 -13.30 -71.13 60.32
C HIS G 184 -13.80 -71.97 59.14
N LYS G 185 -14.58 -73.01 59.42
CA LYS G 185 -15.11 -73.86 58.36
C LYS G 185 -16.08 -73.09 57.48
N ALA G 186 -16.92 -72.24 58.08
CA ALA G 186 -17.84 -71.44 57.28
C ALA G 186 -17.08 -70.52 56.34
N GLY G 187 -16.05 -69.84 56.86
CA GLY G 187 -15.25 -68.97 56.01
C GLY G 187 -14.56 -69.73 54.89
N ILE G 188 -13.97 -70.88 55.21
CA ILE G 188 -13.28 -71.67 54.20
C ILE G 188 -14.25 -72.15 53.13
N ASP G 189 -15.44 -72.59 53.54
CA ASP G 189 -16.42 -73.04 52.56
C ASP G 189 -16.87 -71.90 51.65
N GLU G 190 -17.09 -70.71 52.22
CA GLU G 190 -17.49 -69.58 51.41
C GLU G 190 -16.40 -69.20 50.41
N LEU G 191 -15.14 -69.22 50.85
CA LEU G 191 -14.04 -68.93 49.92
C LEU G 191 -13.92 -70.00 48.85
N ILE G 192 -14.12 -71.27 49.21
CA ILE G 192 -14.01 -72.35 48.23
C ILE G 192 -15.10 -72.21 47.18
N LYS G 193 -16.29 -71.79 47.58
CA LYS G 193 -17.36 -71.55 46.61
C LYS G 193 -16.96 -70.48 45.58
N ARG G 194 -16.00 -69.63 45.90
CA ARG G 194 -15.53 -68.59 45.00
C ARG G 194 -14.43 -69.07 44.07
N LYS G 195 -14.12 -70.37 44.08
CA LYS G 195 -13.04 -70.95 43.28
C LYS G 195 -11.71 -70.25 43.56
N VAL G 196 -11.43 -70.03 44.84
CA VAL G 196 -10.15 -69.50 45.28
C VAL G 196 -9.19 -70.68 45.44
N PRO G 197 -8.01 -70.65 44.84
CA PRO G 197 -7.11 -71.82 44.91
C PRO G 197 -6.71 -72.13 46.34
N LEU G 198 -6.61 -73.42 46.64
CA LEU G 198 -6.31 -73.87 48.00
C LEU G 198 -4.93 -73.42 48.45
N ASN G 199 -3.92 -73.56 47.58
CA ASN G 199 -2.55 -73.24 47.98
C ASN G 199 -2.39 -71.76 48.29
N ASP G 200 -2.99 -70.90 47.49
CA ASP G 200 -2.91 -69.45 47.70
C ASP G 200 -4.08 -68.97 48.56
N MET G 201 -4.17 -69.53 49.77
CA MET G 201 -5.19 -69.10 50.72
C MET G 201 -4.76 -69.53 52.11
N ILE G 202 -4.78 -68.58 53.05
CA ILE G 202 -4.17 -68.74 54.36
C ILE G 202 -4.96 -67.92 55.37
N THR G 203 -5.04 -68.41 56.60
CA THR G 203 -5.77 -67.74 57.67
C THR G 203 -4.84 -67.35 58.80
N LEU G 204 -5.21 -66.27 59.50
CA LEU G 204 -4.44 -65.75 60.62
C LEU G 204 -5.35 -65.57 61.82
N VAL G 205 -4.78 -65.73 63.01
CA VAL G 205 -5.50 -65.60 64.26
C VAL G 205 -4.69 -64.73 65.21
N SER G 206 -5.36 -64.26 66.26
CA SER G 206 -4.70 -63.50 67.32
C SER G 206 -4.00 -64.47 68.26
N THR G 207 -3.57 -63.97 69.42
CA THR G 207 -2.93 -64.84 70.39
C THR G 207 -3.93 -65.54 71.29
N GLU G 208 -4.91 -64.80 71.82
CA GLU G 208 -5.91 -65.40 72.69
C GLU G 208 -6.78 -66.39 71.93
N ILE G 209 -7.17 -66.05 70.70
CA ILE G 209 -8.01 -66.95 69.92
C ILE G 209 -7.26 -68.21 69.56
N TYR G 210 -6.00 -68.07 69.14
CA TYR G 210 -5.19 -69.24 68.85
C TYR G 210 -5.00 -70.11 70.09
N SER G 211 -4.72 -69.48 71.23
CA SER G 211 -4.57 -70.24 72.47
C SER G 211 -5.86 -70.95 72.83
N LEU G 212 -7.00 -70.28 72.67
CA LEU G 212 -8.29 -70.94 72.90
C LEU G 212 -8.51 -72.09 71.93
N LEU G 213 -7.90 -72.00 70.74
CA LEU G 213 -8.15 -72.97 69.68
C LEU G 213 -7.38 -74.27 69.85
N LEU G 214 -6.27 -74.26 70.60
CA LEU G 214 -5.50 -75.50 70.79
C LEU G 214 -6.31 -76.56 71.53
N GLU G 215 -7.29 -76.16 72.33
CA GLU G 215 -8.15 -77.11 73.03
C GLU G 215 -9.29 -77.56 72.13
N HIS G 216 -8.91 -78.21 71.04
CA HIS G 216 -9.80 -78.84 70.08
C HIS G 216 -9.30 -80.25 69.82
N PRO G 217 -10.18 -81.19 69.50
CA PRO G 217 -9.71 -82.55 69.21
C PRO G 217 -8.63 -82.58 68.15
N LYS G 218 -7.43 -82.91 68.58
CA LYS G 218 -6.23 -82.86 67.73
C LYS G 218 -5.20 -83.80 68.33
N LEU G 219 -3.96 -83.72 67.85
CA LEU G 219 -2.89 -84.60 68.28
C LEU G 219 -1.69 -83.78 68.71
N PHE G 220 -0.92 -84.34 69.65
CA PHE G 220 0.28 -83.70 70.15
C PHE G 220 1.48 -84.63 70.28
N ASN G 221 1.29 -85.95 70.21
CA ASN G 221 2.38 -86.88 70.38
C ASN G 221 3.37 -86.76 69.23
N LYS G 222 4.60 -86.38 69.53
CA LYS G 222 5.65 -86.21 68.52
C LYS G 222 6.99 -86.34 69.21
N ASP G 223 8.06 -85.97 68.52
CA ASP G 223 9.41 -86.02 69.07
C ASP G 223 10.13 -84.74 68.64
N TRP G 224 10.00 -83.68 69.46
CA TRP G 224 10.79 -82.48 69.23
C TRP G 224 12.26 -82.73 69.52
N GLY G 225 12.55 -83.43 70.61
CA GLY G 225 13.91 -83.82 70.94
C GLY G 225 13.96 -85.16 71.65
N ASP G 226 14.74 -86.10 71.13
CA ASP G 226 14.76 -87.47 71.67
C ASP G 226 15.90 -87.63 72.67
N ALA G 227 15.88 -86.79 73.69
CA ALA G 227 16.83 -86.89 74.81
C ALA G 227 16.30 -86.05 75.96
N ASN G 228 16.69 -86.44 77.18
CA ASN G 228 16.37 -85.69 78.39
C ASN G 228 14.87 -85.48 78.56
N ALA G 229 14.48 -84.50 79.38
CA ALA G 229 13.09 -84.24 79.72
C ALA G 229 12.77 -82.77 79.49
N ASN G 230 12.19 -82.45 78.34
CA ASN G 230 11.76 -81.09 78.03
C ASN G 230 10.73 -81.15 76.91
N GLY G 231 9.81 -80.18 76.93
CA GLY G 231 8.82 -80.08 75.88
C GLY G 231 8.95 -78.78 75.10
N TYR G 232 9.35 -78.88 73.83
CA TYR G 232 9.64 -77.71 73.01
C TYR G 232 8.49 -77.45 72.06
N LYS G 233 7.73 -76.38 72.31
CA LYS G 233 6.63 -76.01 71.44
C LYS G 233 6.64 -74.50 71.22
N GLU G 234 6.44 -74.09 69.97
CA GLU G 234 6.24 -72.71 69.60
C GLU G 234 4.86 -72.56 68.96
N ARG G 235 4.24 -71.40 69.18
CA ARG G 235 2.85 -71.16 68.76
C ARG G 235 2.84 -70.78 67.28
N ARG G 236 3.22 -71.75 66.44
CA ARG G 236 3.25 -71.55 65.01
C ARG G 236 1.93 -71.99 64.39
N ALA G 237 1.90 -72.15 63.07
CA ALA G 237 0.69 -72.51 62.36
C ALA G 237 0.29 -73.96 62.66
N VAL G 238 -1.00 -74.24 62.45
CA VAL G 238 -1.53 -75.60 62.50
C VAL G 238 -2.45 -75.80 61.32
N LEU G 239 -2.29 -76.92 60.63
CA LEU G 239 -3.10 -77.23 59.45
C LEU G 239 -4.39 -77.88 59.94
N MET G 240 -5.48 -77.10 59.95
CA MET G 240 -6.73 -77.58 60.51
C MET G 240 -7.68 -78.14 59.44
N ASN G 241 -8.09 -77.31 58.49
CA ASN G 241 -9.02 -77.73 57.43
C ASN G 241 -8.34 -77.64 56.07
N GLY G 242 -7.08 -78.06 56.01
CA GLY G 242 -6.30 -77.87 54.82
C GLY G 242 -5.77 -76.46 54.65
N ILE G 243 -5.98 -75.60 55.63
CA ILE G 243 -5.57 -74.20 55.58
C ILE G 243 -4.70 -73.92 56.80
N PRO G 244 -3.44 -73.53 56.62
CA PRO G 244 -2.57 -73.27 57.78
C PRO G 244 -3.06 -72.10 58.61
N VAL G 245 -3.33 -72.37 59.88
CA VAL G 245 -3.83 -71.35 60.80
C VAL G 245 -2.60 -70.72 61.45
N VAL G 246 -2.00 -69.77 60.73
CA VAL G 246 -0.85 -69.05 61.27
C VAL G 246 -1.31 -68.10 62.36
N GLU G 247 -0.47 -67.93 63.38
CA GLU G 247 -0.75 -66.97 64.43
C GLU G 247 -0.21 -65.59 64.07
N CYS G 248 -0.86 -64.56 64.60
CA CYS G 248 -0.41 -63.19 64.45
C CYS G 248 -0.60 -62.47 65.76
N THR G 249 0.35 -61.59 66.08
CA THR G 249 0.31 -60.79 67.31
C THR G 249 0.12 -59.31 67.01
N GLU G 250 -0.38 -58.97 65.81
CA GLU G 250 -0.45 -57.59 65.38
C GLU G 250 -1.87 -57.11 65.15
N PHE G 251 -2.86 -57.80 65.69
CA PHE G 251 -4.22 -57.31 65.59
C PHE G 251 -4.39 -56.04 66.42
N PRO G 252 -5.19 -55.09 65.96
CA PRO G 252 -5.27 -53.78 66.61
C PRO G 252 -6.31 -53.74 67.72
N ASP G 253 -6.27 -52.65 68.48
CA ASP G 253 -7.20 -52.42 69.58
C ASP G 253 -8.00 -51.13 69.43
N ALA G 254 -7.34 -50.02 69.11
CA ALA G 254 -7.99 -48.72 69.09
C ALA G 254 -7.56 -47.99 67.81
N GLY G 255 -7.89 -46.69 67.74
CA GLY G 255 -7.67 -45.93 66.53
C GLY G 255 -6.45 -45.04 66.52
N THR G 256 -5.42 -45.42 67.28
CA THR G 256 -4.20 -44.62 67.38
C THR G 256 -3.17 -45.01 66.33
N HIS G 257 -3.60 -45.54 65.19
CA HIS G 257 -2.65 -45.93 64.15
C HIS G 257 -2.01 -44.70 63.53
N PRO G 258 -0.69 -44.71 63.32
CA PRO G 258 -0.02 -43.54 62.74
C PRO G 258 -0.52 -43.17 61.36
N LEU G 259 -0.96 -44.15 60.57
CA LEU G 259 -1.57 -43.87 59.27
C LEU G 259 -3.02 -43.47 59.47
N GLY G 260 -3.25 -42.47 60.33
CA GLY G 260 -4.56 -42.25 60.90
C GLY G 260 -5.61 -41.75 59.91
N SER G 261 -6.81 -41.56 60.46
CA SER G 261 -7.99 -41.02 59.77
C SER G 261 -8.57 -42.02 58.79
N ALA G 262 -7.90 -43.15 58.58
CA ALA G 262 -8.43 -44.23 57.76
C ALA G 262 -8.21 -45.60 58.34
N TYR G 263 -7.33 -45.76 59.32
CA TYR G 263 -7.07 -47.05 59.97
C TYR G 263 -7.56 -47.08 61.41
N THR G 264 -8.36 -46.10 61.82
CA THR G 264 -8.93 -46.11 63.16
C THR G 264 -9.79 -47.35 63.34
N VAL G 265 -9.60 -48.03 64.46
CA VAL G 265 -10.26 -49.30 64.74
C VAL G 265 -11.40 -49.04 65.70
N THR G 266 -12.63 -49.29 65.25
CA THR G 266 -13.78 -49.12 66.11
C THR G 266 -13.86 -50.24 67.13
N ALA G 267 -14.78 -50.10 68.08
CA ALA G 267 -14.97 -51.13 69.10
C ALA G 267 -15.40 -52.45 68.47
N ASP G 268 -16.29 -52.37 67.47
CA ASP G 268 -16.68 -53.58 66.74
C ASP G 268 -15.52 -54.13 65.93
N ASP G 269 -14.72 -53.26 65.31
CA ASP G 269 -13.62 -53.71 64.48
C ASP G 269 -12.52 -54.40 65.28
N ALA G 270 -12.45 -54.18 66.60
CA ALA G 270 -11.44 -54.82 67.42
C ALA G 270 -11.74 -56.28 67.69
N LYS G 271 -13.00 -56.70 67.54
CA LYS G 271 -13.40 -58.06 67.83
C LYS G 271 -13.17 -59.02 66.66
N CYS G 272 -12.75 -58.51 65.51
CA CYS G 272 -12.40 -59.36 64.37
C CYS G 272 -11.02 -59.93 64.63
N ARG G 273 -10.97 -61.21 65.02
CA ARG G 273 -9.72 -61.81 65.49
C ARG G 273 -9.30 -63.02 64.67
N MET G 274 -9.92 -63.27 63.52
CA MET G 274 -9.51 -64.36 62.65
C MET G 274 -9.91 -64.03 61.22
N VAL G 275 -8.92 -63.84 60.36
CA VAL G 275 -9.16 -63.43 58.97
C VAL G 275 -8.61 -64.52 58.06
N THR G 276 -9.33 -64.79 56.97
CA THR G 276 -8.93 -65.76 55.97
C THR G 276 -8.93 -65.08 54.61
N PHE G 277 -7.82 -65.24 53.87
CA PHE G 277 -7.69 -64.55 52.60
C PHE G 277 -6.72 -65.30 51.70
N SER G 278 -6.63 -64.87 50.46
CA SER G 278 -5.59 -65.31 49.55
C SER G 278 -4.33 -64.49 49.79
N LYS G 279 -3.18 -65.15 49.70
CA LYS G 279 -1.91 -64.48 49.92
C LYS G 279 -1.32 -63.90 48.65
N SER G 280 -2.08 -63.85 47.57
CA SER G 280 -1.59 -63.33 46.30
C SER G 280 -2.48 -62.26 45.69
N ARG G 281 -3.79 -62.35 45.88
CA ARG G 281 -4.72 -61.47 45.18
C ARG G 281 -5.65 -60.70 46.11
N THR G 282 -5.43 -60.73 47.42
CA THR G 282 -6.33 -60.06 48.35
C THR G 282 -5.82 -58.72 48.84
N LEU G 283 -4.54 -58.43 48.70
CA LEU G 283 -3.98 -57.20 49.24
C LEU G 283 -2.94 -56.65 48.27
N VAL G 284 -2.68 -55.35 48.41
CA VAL G 284 -1.63 -54.68 47.64
C VAL G 284 -1.00 -53.62 48.54
N THR G 285 0.29 -53.40 48.36
CA THR G 285 1.05 -52.44 49.15
C THR G 285 1.72 -51.45 48.18
N VAL G 286 1.04 -50.33 47.93
CA VAL G 286 1.58 -49.30 47.06
C VAL G 286 2.64 -48.51 47.82
N GLU G 287 3.85 -48.45 47.27
CA GLU G 287 4.98 -47.82 47.93
C GLU G 287 5.51 -46.69 47.05
N ALA G 288 5.64 -45.50 47.64
CA ALA G 288 6.29 -44.39 46.96
C ALA G 288 7.69 -44.13 47.46
N LYS G 289 7.94 -44.38 48.75
CA LYS G 289 9.28 -44.33 49.32
C LYS G 289 9.48 -45.56 50.19
N PRO G 290 10.38 -46.48 49.84
CA PRO G 290 10.60 -47.65 50.68
C PRO G 290 11.31 -47.30 51.97
N PHE G 291 11.52 -48.30 52.83
CA PHE G 291 12.18 -48.06 54.10
C PHE G 291 13.57 -47.49 53.89
N THR G 292 13.92 -46.50 54.72
CA THR G 292 15.18 -45.79 54.54
C THR G 292 15.63 -45.22 55.88
N SER G 293 16.83 -45.59 56.32
CA SER G 293 17.44 -45.04 57.53
C SER G 293 18.62 -44.19 57.11
N ARG G 294 18.63 -42.93 57.56
CA ARG G 294 19.59 -41.95 57.06
C ARG G 294 20.12 -41.14 58.24
N ILE G 295 21.43 -40.95 58.28
CA ILE G 295 22.09 -40.15 59.31
C ILE G 295 22.64 -38.90 58.66
N TRP G 296 22.22 -37.73 59.14
CA TRP G 296 22.72 -36.46 58.67
C TRP G 296 23.18 -35.63 59.85
N ASP G 297 24.34 -34.99 59.70
CA ASP G 297 24.93 -34.21 60.78
C ASP G 297 24.29 -32.83 60.83
N ASP G 298 23.70 -32.50 61.98
CA ASP G 298 23.24 -31.14 62.24
C ASP G 298 24.41 -30.31 62.71
N GLU G 299 24.63 -29.17 62.07
CA GLU G 299 25.76 -28.31 62.41
C GLU G 299 25.39 -27.20 63.37
N GLN G 300 24.24 -26.55 63.16
CA GLN G 300 23.83 -25.49 64.07
C GLN G 300 23.61 -26.04 65.48
N ASN G 301 22.89 -27.16 65.58
CA ASN G 301 22.75 -27.90 66.82
C ASN G 301 23.75 -29.05 66.78
N PHE G 302 24.52 -29.21 67.84
CA PHE G 302 25.46 -30.33 67.90
C PHE G 302 24.66 -31.62 67.97
N ALA G 303 24.56 -32.32 66.84
CA ALA G 303 23.75 -33.52 66.78
C ALA G 303 24.01 -34.35 65.53
N ASN G 304 24.33 -35.63 65.72
CA ASN G 304 24.32 -36.60 64.63
C ASN G 304 22.95 -37.29 64.60
N VAL G 305 21.94 -36.47 64.32
CA VAL G 305 20.57 -36.95 64.31
C VAL G 305 20.37 -38.02 63.24
N LEU G 306 19.60 -39.04 63.59
CA LEU G 306 19.29 -40.16 62.70
C LEU G 306 17.81 -40.12 62.36
N ASP G 307 17.51 -40.00 61.07
CA ASP G 307 16.14 -40.12 60.57
C ASP G 307 15.89 -41.53 60.07
N CYS G 308 14.62 -41.93 60.10
CA CYS G 308 14.23 -43.25 59.64
C CYS G 308 12.77 -43.18 59.22
N TYR G 309 12.52 -43.09 57.93
CA TYR G 309 11.20 -42.77 57.40
C TYR G 309 10.83 -43.75 56.29
N ALA G 310 9.53 -43.84 56.03
CA ALA G 310 8.99 -44.70 54.99
C ALA G 310 7.56 -44.27 54.70
N MET G 311 7.25 -44.06 53.42
CA MET G 311 5.93 -43.62 52.98
C MET G 311 5.33 -44.69 52.08
N TYR G 312 4.13 -45.16 52.43
CA TYR G 312 3.44 -46.19 51.67
C TYR G 312 1.95 -46.12 51.96
N GLN G 313 1.18 -46.96 51.28
CA GLN G 313 -0.26 -47.07 51.47
C GLN G 313 -0.69 -48.47 51.09
N VAL G 314 -1.49 -49.10 51.94
CA VAL G 314 -1.99 -50.44 51.72
C VAL G 314 -3.47 -50.39 51.39
N GLY G 315 -3.88 -51.14 50.37
CA GLY G 315 -5.27 -51.23 50.00
C GLY G 315 -5.66 -52.67 49.75
N GLU G 316 -6.96 -52.92 49.87
CA GLU G 316 -7.49 -54.29 49.82
C GLU G 316 -8.14 -54.51 48.45
N ARG G 317 -7.33 -55.00 47.50
CA ARG G 317 -7.88 -55.40 46.22
C ARG G 317 -8.65 -56.71 46.37
N ARG G 318 -9.84 -56.76 45.77
CA ARG G 318 -10.71 -57.93 45.87
C ARG G 318 -11.05 -58.24 47.32
N PRO G 319 -11.86 -57.41 48.00
CA PRO G 319 -12.28 -57.75 49.37
C PRO G 319 -13.10 -59.02 49.45
N ASP G 320 -13.67 -59.50 48.35
CA ASP G 320 -14.48 -60.70 48.36
C ASP G 320 -13.69 -61.93 48.75
N THR G 321 -12.36 -61.87 48.72
CA THR G 321 -11.51 -63.01 49.03
C THR G 321 -11.13 -63.04 50.50
N ALA G 322 -11.60 -62.08 51.30
CA ALA G 322 -11.30 -62.03 52.72
C ALA G 322 -12.49 -62.53 53.52
N ALA G 323 -12.21 -63.24 54.62
CA ALA G 323 -13.23 -63.81 55.49
C ALA G 323 -12.86 -63.54 56.94
N VAL G 324 -13.30 -62.40 57.47
CA VAL G 324 -13.08 -62.12 58.87
C VAL G 324 -14.13 -62.85 59.71
N VAL G 325 -13.84 -62.98 61.00
CA VAL G 325 -14.75 -63.62 61.93
C VAL G 325 -14.86 -62.73 63.16
N LYS G 326 -16.00 -62.04 63.30
CA LYS G 326 -16.25 -61.25 64.49
C LYS G 326 -16.58 -62.16 65.66
N PHE G 327 -16.12 -61.79 66.85
CA PHE G 327 -16.35 -62.57 68.06
C PHE G 327 -17.11 -61.72 69.06
N ASN G 328 -18.38 -62.08 69.29
CA ASN G 328 -19.27 -61.27 70.12
C ASN G 328 -19.25 -61.71 71.58
N GLU G 329 -18.06 -61.81 72.17
CA GLU G 329 -17.89 -62.14 73.58
C GLU G 329 -18.69 -63.36 74.01
N ALA H 6 -3.13 79.20 -49.86
CA ALA H 6 -4.36 79.47 -49.11
C ALA H 6 -4.04 79.95 -47.71
N ALA H 7 -3.77 79.00 -46.81
CA ALA H 7 -3.42 79.30 -45.43
C ALA H 7 -1.92 79.32 -45.20
N LYS H 8 -1.11 79.13 -46.23
CA LYS H 8 0.34 79.15 -46.13
C LYS H 8 0.88 80.21 -47.10
N ALA H 9 0.90 81.46 -46.64
CA ALA H 9 1.57 82.56 -47.34
C ALA H 9 2.19 83.44 -46.26
N LYS H 10 3.44 83.11 -45.90
CA LYS H 10 4.14 83.82 -44.84
C LYS H 10 5.61 84.05 -45.13
N ASP H 11 6.11 83.69 -46.31
CA ASP H 11 7.51 83.87 -46.70
C ASP H 11 8.46 83.10 -45.78
N LYS H 12 9.24 83.84 -44.97
CA LYS H 12 10.25 83.20 -44.14
C LYS H 12 9.65 82.35 -43.03
N GLN H 13 8.40 82.62 -42.62
CA GLN H 13 7.76 81.80 -41.61
C GLN H 13 7.26 80.48 -42.18
N TYR H 14 7.09 80.38 -43.51
CA TYR H 14 6.69 79.11 -44.10
C TYR H 14 7.74 78.04 -43.90
N GLU H 15 9.01 78.44 -43.78
CA GLU H 15 10.05 77.49 -43.42
C GLU H 15 9.81 76.93 -42.02
N ILE H 16 9.36 77.78 -41.10
CA ILE H 16 9.15 77.32 -39.73
C ILE H 16 7.98 76.35 -39.66
N VAL H 17 6.86 76.66 -40.34
CA VAL H 17 5.72 75.75 -40.30
C VAL H 17 6.05 74.45 -41.02
N GLY H 18 6.86 74.50 -42.08
CA GLY H 18 7.32 73.28 -42.72
C GLY H 18 8.25 72.48 -41.82
N LYS H 19 9.07 73.17 -41.04
CA LYS H 19 10.03 72.48 -40.19
C LYS H 19 9.35 71.84 -38.99
N ALA H 20 8.39 72.54 -38.38
CA ALA H 20 7.74 72.01 -37.18
C ALA H 20 7.04 70.70 -37.48
N GLN H 21 6.39 70.59 -38.63
CA GLN H 21 5.77 69.33 -39.02
C GLN H 21 6.82 68.24 -39.24
N ASN H 22 7.94 68.60 -39.87
CA ASN H 22 9.00 67.62 -40.11
C ASN H 22 9.60 67.12 -38.81
N LEU H 23 9.67 67.98 -37.78
CA LEU H 23 10.14 67.53 -36.48
C LEU H 23 9.21 66.47 -35.89
N LEU H 24 7.90 66.67 -36.03
CA LEU H 24 6.94 65.72 -35.50
C LEU H 24 7.08 64.37 -36.17
N LYS H 25 7.26 64.35 -37.49
CA LYS H 25 7.40 63.11 -38.23
C LYS H 25 8.70 62.38 -37.92
N GLN H 26 9.63 63.04 -37.22
CA GLN H 26 10.90 62.43 -36.87
C GLN H 26 10.97 62.04 -35.39
N VAL H 27 10.00 62.45 -34.57
CA VAL H 27 9.98 62.13 -33.16
C VAL H 27 8.82 61.20 -32.79
N GLN H 28 7.64 61.42 -33.38
CA GLN H 28 6.47 60.61 -33.01
C GLN H 28 6.49 59.24 -33.70
N PRO H 29 6.72 59.14 -35.02
CA PRO H 29 6.85 57.81 -35.61
C PRO H 29 7.96 56.97 -35.00
N LEU H 30 9.02 57.61 -34.51
CA LEU H 30 10.05 56.86 -33.80
C LEU H 30 9.51 56.27 -32.51
N TYR H 31 8.51 56.92 -31.90
CA TYR H 31 7.86 56.44 -30.69
C TYR H 31 6.49 55.85 -30.99
N ASN H 32 6.36 55.17 -32.12
CA ASN H 32 5.08 54.61 -32.54
C ASN H 32 4.72 53.30 -31.86
N VAL H 33 5.66 52.71 -31.11
CA VAL H 33 5.39 51.44 -30.45
C VAL H 33 4.58 51.69 -29.18
N GLY H 34 3.26 51.65 -29.30
CA GLY H 34 2.41 51.95 -28.17
C GLY H 34 2.37 53.42 -27.79
N PHE H 35 1.72 54.25 -28.60
CA PHE H 35 1.46 55.64 -28.25
C PHE H 35 1.08 55.77 -26.78
N SER H 36 1.64 56.77 -26.13
CA SER H 36 1.53 56.92 -24.69
C SER H 36 1.32 58.40 -24.38
N THR H 37 1.51 58.77 -23.12
CA THR H 37 1.31 60.15 -22.70
C THR H 37 2.28 61.09 -23.40
N THR H 38 3.54 60.67 -23.55
CA THR H 38 4.53 61.54 -24.16
C THR H 38 4.22 61.80 -25.64
N ALA H 39 3.76 60.78 -26.36
CA ALA H 39 3.39 60.98 -27.76
C ALA H 39 2.22 61.94 -27.89
N LEU H 40 1.22 61.80 -27.03
CA LEU H 40 0.09 62.71 -27.04
C LEU H 40 0.54 64.13 -26.70
N ASP H 41 1.45 64.27 -25.74
CA ASP H 41 1.98 65.59 -25.42
C ASP H 41 2.68 66.21 -26.61
N LEU H 42 3.45 65.40 -27.35
CA LEU H 42 4.13 65.91 -28.54
C LEU H 42 3.13 66.34 -29.60
N LEU H 43 2.11 65.52 -29.85
CA LEU H 43 1.11 65.87 -30.85
C LEU H 43 0.30 67.08 -30.43
N ASN H 44 -0.11 67.13 -29.15
CA ASN H 44 -0.89 68.26 -28.67
C ASN H 44 -0.11 69.56 -28.78
N ALA H 45 1.17 69.53 -28.40
CA ALA H 45 1.98 70.74 -28.47
C ALA H 45 2.13 71.23 -29.91
N TYR H 46 2.33 70.30 -30.85
CA TYR H 46 2.39 70.69 -32.25
C TYR H 46 1.06 71.25 -32.74
N PHE H 47 -0.04 70.60 -32.36
CA PHE H 47 -1.34 71.03 -32.86
C PHE H 47 -1.73 72.41 -32.32
N THR H 48 -1.43 72.67 -31.04
CA THR H 48 -1.66 74.00 -30.51
C THR H 48 -0.77 75.03 -31.18
N TYR H 49 0.43 74.63 -31.59
CA TYR H 49 1.31 75.52 -32.32
C TYR H 49 0.74 75.88 -33.69
N MET H 50 0.34 74.87 -34.46
CA MET H 50 -0.06 75.11 -35.84
C MET H 50 -1.32 75.96 -35.90
N GLN H 51 -2.27 75.72 -35.00
CA GLN H 51 -3.48 76.54 -34.95
C GLN H 51 -3.17 77.99 -34.58
N ALA H 52 -2.07 78.23 -33.86
CA ALA H 52 -1.68 79.59 -33.54
C ALA H 52 -1.11 80.33 -34.74
N GLN H 53 -0.65 79.61 -35.76
CA GLN H 53 -0.15 80.20 -36.98
C GLN H 53 -1.26 80.50 -37.99
N GLY H 54 -2.50 80.17 -37.65
CA GLY H 54 -3.62 80.37 -38.55
C GLY H 54 -4.08 79.12 -39.27
N PHE H 55 -3.95 77.95 -38.65
CA PHE H 55 -4.27 76.67 -39.28
C PHE H 55 -5.39 76.00 -38.49
N ALA H 56 -6.62 76.36 -38.81
CA ALA H 56 -7.82 75.73 -38.23
C ALA H 56 -7.73 75.74 -36.71
N THR H 57 -8.29 74.72 -36.06
CA THR H 57 -8.23 74.59 -34.61
C THR H 57 -8.38 73.11 -34.28
N THR H 58 -7.68 72.66 -33.23
CA THR H 58 -7.65 71.26 -32.86
C THR H 58 -8.06 71.10 -31.41
N ARG H 59 -8.72 69.97 -31.11
CA ARG H 59 -9.19 69.66 -29.77
C ARG H 59 -8.00 69.33 -28.85
N ALA H 60 -8.29 69.27 -27.55
CA ALA H 60 -7.24 69.05 -26.56
C ALA H 60 -6.57 67.69 -26.76
N GLY H 61 -7.31 66.61 -26.57
CA GLY H 61 -6.75 65.27 -26.73
C GLY H 61 -6.25 64.67 -25.43
N THR H 62 -6.81 63.54 -25.03
CA THR H 62 -6.45 62.92 -23.75
C THR H 62 -6.06 61.45 -23.89
N GLY H 63 -6.62 60.74 -24.87
CA GLY H 63 -6.38 59.32 -24.97
C GLY H 63 -5.93 58.83 -26.32
N PHE H 64 -6.15 57.55 -26.60
CA PHE H 64 -5.76 56.96 -27.88
C PHE H 64 -6.63 55.73 -28.13
N VAL H 65 -7.54 55.82 -29.09
CA VAL H 65 -8.40 54.70 -29.42
C VAL H 65 -7.59 53.55 -30.00
N SER H 66 -8.08 52.33 -29.78
CA SER H 66 -7.36 51.14 -30.23
C SER H 66 -7.37 51.00 -31.74
N ASP H 67 -8.38 51.56 -32.41
CA ASP H 67 -8.51 51.46 -33.85
C ASP H 67 -8.30 52.81 -34.52
N GLY H 68 -7.79 52.79 -35.75
CA GLY H 68 -7.52 53.98 -36.50
C GLY H 68 -6.22 54.68 -36.16
N ALA H 69 -5.44 54.14 -35.22
CA ALA H 69 -4.21 54.79 -34.81
C ALA H 69 -3.14 54.73 -35.90
N LYS H 70 -3.20 53.71 -36.77
CA LYS H 70 -2.19 53.57 -37.81
C LYS H 70 -2.20 54.75 -38.76
N LEU H 71 -3.39 55.24 -39.13
CA LEU H 71 -3.47 56.37 -40.04
C LEU H 71 -2.83 57.63 -39.44
N ALA H 72 -2.82 57.73 -38.11
CA ALA H 72 -2.16 58.87 -37.47
C ALA H 72 -0.67 58.90 -37.77
N ARG H 73 -0.02 57.74 -37.69
CA ARG H 73 1.42 57.68 -38.00
C ARG H 73 1.69 57.96 -39.47
N LEU H 74 0.86 57.40 -40.35
CA LEU H 74 1.10 57.52 -41.79
C LEU H 74 0.92 58.96 -42.27
N ASP H 75 0.06 59.74 -41.61
CA ASP H 75 -0.08 61.14 -41.99
C ASP H 75 1.08 62.00 -41.50
N ASN H 76 1.94 61.46 -40.63
CA ASN H 76 3.16 62.18 -40.29
C ASN H 76 4.11 62.22 -41.49
N MET H 77 4.29 61.09 -42.16
CA MET H 77 5.19 61.04 -43.30
C MET H 77 4.69 61.90 -44.46
N LEU H 78 3.38 61.85 -44.73
CA LEU H 78 2.84 62.65 -45.82
C LEU H 78 2.93 64.14 -45.53
N ASP H 79 2.68 64.54 -44.29
CA ASP H 79 2.76 65.95 -43.94
C ASP H 79 4.17 66.49 -44.08
N GLN H 80 5.17 65.71 -43.68
CA GLN H 80 6.55 66.18 -43.73
C GLN H 80 7.08 66.23 -45.15
N VAL H 81 6.84 65.19 -45.94
CA VAL H 81 7.39 65.15 -47.30
C VAL H 81 6.72 66.20 -48.18
N SER H 82 5.47 66.56 -47.88
CA SER H 82 4.76 67.48 -48.75
C SER H 82 5.33 68.89 -48.66
N LYS H 83 5.99 69.23 -47.56
CA LYS H 83 6.61 70.54 -47.40
C LYS H 83 8.09 70.55 -47.76
N THR H 84 8.89 69.78 -47.03
CA THR H 84 10.34 69.83 -47.18
C THR H 84 10.76 69.02 -48.39
N GLY H 85 11.45 69.66 -49.33
CA GLY H 85 11.94 68.99 -50.51
C GLY H 85 10.95 68.90 -51.65
N TYR H 86 9.67 69.18 -51.40
CA TYR H 86 8.67 69.11 -52.45
C TYR H 86 8.06 70.48 -52.76
N VAL H 87 7.49 71.15 -51.76
CA VAL H 87 6.79 72.41 -52.02
C VAL H 87 7.68 73.63 -51.80
N VAL H 88 8.16 73.81 -50.57
CA VAL H 88 8.94 75.01 -50.25
C VAL H 88 10.31 74.93 -50.90
N LEU H 89 10.93 73.75 -50.91
CA LEU H 89 12.24 73.58 -51.51
C LEU H 89 12.08 73.42 -53.02
N THR H 90 13.16 73.01 -53.69
CA THR H 90 13.14 72.84 -55.14
C THR H 90 12.20 71.71 -55.52
N GLY H 91 11.12 72.05 -56.22
CA GLY H 91 10.17 71.06 -56.69
C GLY H 91 9.66 71.39 -58.08
N THR H 92 8.34 71.37 -58.26
CA THR H 92 7.78 71.86 -59.51
C THR H 92 8.00 73.35 -59.67
N GLY H 93 7.84 74.11 -58.59
CA GLY H 93 8.15 75.53 -58.58
C GLY H 93 8.91 75.91 -57.33
N ALA H 94 9.97 76.72 -57.49
CA ALA H 94 10.77 77.10 -56.33
C ALA H 94 9.96 77.87 -55.28
N PRO H 95 9.19 78.89 -55.60
CA PRO H 95 8.33 79.51 -54.58
C PRO H 95 7.09 78.65 -54.33
N ILE H 96 6.38 79.00 -53.26
CA ILE H 96 5.15 78.33 -52.91
C ILE H 96 4.01 79.11 -53.56
N GLY H 97 3.36 78.50 -54.54
CA GLY H 97 2.25 79.12 -55.23
C GLY H 97 0.92 78.74 -54.61
N GLU H 98 -0.15 79.09 -55.33
CA GLU H 98 -1.49 78.76 -54.85
C GLU H 98 -1.76 77.27 -54.95
N THR H 99 -1.32 76.63 -56.04
CA THR H 99 -1.54 75.20 -56.20
C THR H 99 -0.81 74.41 -55.13
N SER H 100 0.43 74.78 -54.83
CA SER H 100 1.16 74.14 -53.74
C SER H 100 0.67 74.61 -52.38
N GLY H 101 0.06 75.78 -52.31
CA GLY H 101 -0.52 76.22 -51.05
C GLY H 101 -1.70 75.37 -50.62
N THR H 102 -2.52 74.94 -51.58
CA THR H 102 -3.63 74.06 -51.25
C THR H 102 -3.17 72.65 -50.94
N ALA H 103 -2.02 72.24 -51.50
CA ALA H 103 -1.53 70.89 -51.24
C ALA H 103 -1.15 70.70 -49.78
N PHE H 104 -0.52 71.70 -49.18
CA PHE H 104 -0.12 71.60 -47.78
C PHE H 104 -1.29 71.80 -46.83
N ASP H 105 -2.23 72.67 -47.17
CA ASP H 105 -3.39 72.89 -46.31
C ASP H 105 -4.22 71.62 -46.18
N THR H 106 -4.43 70.92 -47.29
CA THR H 106 -5.20 69.68 -47.24
C THR H 106 -4.46 68.60 -46.46
N SER H 107 -3.14 68.51 -46.62
CA SER H 107 -2.37 67.50 -45.90
C SER H 107 -2.45 67.71 -44.39
N PHE H 108 -2.34 68.96 -43.94
CA PHE H 108 -2.50 69.23 -42.52
C PHE H 108 -3.91 68.92 -42.06
N THR H 109 -4.92 69.25 -42.88
CA THR H 109 -6.31 68.96 -42.53
C THR H 109 -6.53 67.46 -42.41
N ALA H 110 -5.99 66.68 -43.35
CA ALA H 110 -6.08 65.23 -43.25
C ALA H 110 -5.32 64.71 -42.03
N LEU H 111 -4.17 65.31 -41.73
CA LEU H 111 -3.44 64.95 -40.52
C LEU H 111 -4.20 65.40 -39.27
N ARG H 112 -4.89 66.53 -39.35
CA ARG H 112 -5.65 67.03 -38.20
C ARG H 112 -6.76 66.04 -37.80
N ALA H 113 -7.58 65.64 -38.77
CA ALA H 113 -8.68 64.74 -38.46
C ALA H 113 -8.18 63.38 -37.97
N ALA H 114 -6.98 62.98 -38.40
CA ALA H 114 -6.43 61.72 -37.92
C ALA H 114 -6.19 61.74 -36.42
N PHE H 115 -5.69 62.86 -35.89
CA PHE H 115 -5.47 62.97 -34.46
C PHE H 115 -6.78 63.06 -33.69
N LEU H 116 -7.77 63.76 -34.27
CA LEU H 116 -9.06 63.87 -33.60
C LEU H 116 -9.72 62.50 -33.44
N ALA H 117 -9.68 61.67 -34.48
CA ALA H 117 -10.37 60.38 -34.42
C ALA H 117 -9.59 59.38 -33.58
N ALA H 118 -8.25 59.43 -33.63
CA ALA H 118 -7.45 58.45 -32.92
C ALA H 118 -7.47 58.64 -31.41
N THR H 119 -7.81 59.83 -30.93
CA THR H 119 -7.75 60.17 -29.52
C THR H 119 -9.15 60.39 -28.95
N THR H 120 -9.20 60.78 -27.69
CA THR H 120 -10.47 60.98 -26.99
C THR H 120 -10.49 62.32 -26.27
N ALA I 6 -22.52 -39.23 54.86
CA ALA I 6 -23.77 -38.99 55.58
C ALA I 6 -24.96 -39.05 54.62
N ALA I 7 -24.84 -38.36 53.50
CA ALA I 7 -25.89 -38.35 52.48
C ALA I 7 -25.65 -39.39 51.39
N LYS I 8 -24.62 -40.22 51.51
CA LYS I 8 -24.30 -41.24 50.52
C LYS I 8 -24.39 -42.60 51.19
N ALA I 9 -25.61 -43.15 51.25
CA ALA I 9 -25.85 -44.53 51.67
C ALA I 9 -26.93 -45.06 50.72
N LYS I 10 -26.51 -45.59 49.57
CA LYS I 10 -27.44 -45.99 48.53
C LYS I 10 -27.07 -47.30 47.84
N ASP I 11 -26.14 -48.08 48.39
CA ASP I 11 -25.77 -49.38 47.87
C ASP I 11 -25.22 -49.29 46.44
N LYS I 12 -26.07 -49.53 45.45
CA LYS I 12 -25.62 -49.54 44.05
C LYS I 12 -25.81 -48.21 43.35
N GLN I 13 -26.47 -47.24 43.98
CA GLN I 13 -26.57 -45.91 43.39
C GLN I 13 -25.35 -45.05 43.67
N TYR I 14 -24.54 -45.42 44.66
CA TYR I 14 -23.27 -44.71 44.88
C TYR I 14 -22.36 -44.86 43.68
N GLU I 15 -22.34 -46.04 43.05
CA GLU I 15 -21.56 -46.24 41.84
C GLU I 15 -22.04 -45.30 40.73
N ILE I 16 -23.36 -45.16 40.58
CA ILE I 16 -23.89 -44.26 39.56
C ILE I 16 -23.52 -42.82 39.86
N VAL I 17 -23.59 -42.42 41.13
CA VAL I 17 -23.24 -41.04 41.51
C VAL I 17 -21.78 -40.76 41.17
N GLY I 18 -20.87 -41.64 41.60
CA GLY I 18 -19.46 -41.45 41.29
C GLY I 18 -19.20 -41.48 39.79
N LYS I 19 -19.92 -42.34 39.07
CA LYS I 19 -19.75 -42.43 37.63
C LYS I 19 -20.16 -41.14 36.93
N ALA I 20 -21.29 -40.55 37.35
CA ALA I 20 -21.73 -39.29 36.77
C ALA I 20 -20.75 -38.17 37.09
N GLN I 21 -20.22 -38.16 38.31
CA GLN I 21 -19.22 -37.16 38.67
C GLN I 21 -17.99 -37.29 37.77
N ASN I 22 -17.51 -38.51 37.56
CA ASN I 22 -16.36 -38.72 36.68
C ASN I 22 -16.70 -38.33 35.25
N LEU I 23 -17.91 -38.63 34.80
CA LEU I 23 -18.31 -38.29 33.43
C LEU I 23 -18.27 -36.79 33.22
N LEU I 24 -18.79 -36.01 34.18
CA LEU I 24 -18.67 -34.56 34.07
C LEU I 24 -17.22 -34.12 34.12
N LYS I 25 -16.43 -34.70 35.02
CA LYS I 25 -15.03 -34.32 35.12
C LYS I 25 -14.20 -34.83 33.96
N GLN I 26 -14.81 -35.52 33.00
CA GLN I 26 -14.12 -35.91 31.78
C GLN I 26 -14.69 -35.26 30.52
N VAL I 27 -15.80 -34.52 30.63
CA VAL I 27 -16.39 -33.82 29.50
C VAL I 27 -16.22 -32.31 29.62
N GLN I 28 -16.38 -31.76 30.83
CA GLN I 28 -16.27 -30.33 31.06
C GLN I 28 -14.82 -29.85 31.12
N PRO I 29 -13.93 -30.51 31.89
CA PRO I 29 -12.53 -30.05 31.89
C PRO I 29 -11.87 -30.09 30.53
N LEU I 30 -12.26 -31.02 29.66
CA LEU I 30 -11.77 -31.00 28.30
C LEU I 30 -12.22 -29.72 27.57
N TYR I 31 -13.35 -29.15 27.99
CA TYR I 31 -13.88 -27.92 27.42
C TYR I 31 -13.62 -26.72 28.32
N ASN I 32 -12.66 -26.84 29.25
CA ASN I 32 -12.29 -25.70 30.08
C ASN I 32 -11.70 -24.56 29.26
N VAL I 33 -11.31 -24.83 28.02
CA VAL I 33 -10.77 -23.80 27.15
C VAL I 33 -11.92 -22.98 26.57
N GLY I 34 -12.27 -21.90 27.26
CA GLY I 34 -13.41 -21.09 26.86
C GLY I 34 -14.76 -21.72 27.12
N PHE I 35 -15.15 -21.82 28.40
CA PHE I 35 -16.50 -22.24 28.76
C PHE I 35 -17.55 -21.58 27.89
N SER I 36 -18.54 -22.37 27.48
CA SER I 36 -19.60 -21.93 26.58
C SER I 36 -20.91 -22.54 27.04
N THR I 37 -21.91 -22.50 26.17
CA THR I 37 -23.23 -22.99 26.54
C THR I 37 -23.26 -24.51 26.70
N THR I 38 -22.40 -25.23 25.98
CA THR I 38 -22.40 -26.70 26.10
C THR I 38 -21.98 -27.13 27.49
N ALA I 39 -20.90 -26.56 28.02
CA ALA I 39 -20.45 -26.90 29.36
C ALA I 39 -21.50 -26.51 30.40
N LEU I 40 -22.14 -25.36 30.19
CA LEU I 40 -23.20 -24.94 31.11
C LEU I 40 -24.37 -25.91 31.08
N ASP I 41 -24.75 -26.38 29.90
CA ASP I 41 -25.83 -27.36 29.79
C ASP I 41 -25.47 -28.66 30.49
N LEU I 42 -24.23 -29.13 30.31
CA LEU I 42 -23.80 -30.34 31.00
C LEU I 42 -23.83 -30.16 32.50
N LEU I 43 -23.35 -29.01 32.99
CA LEU I 43 -23.36 -28.75 34.44
C LEU I 43 -24.78 -28.69 34.97
N ASN I 44 -25.68 -28.04 34.23
CA ASN I 44 -27.07 -27.96 34.65
C ASN I 44 -27.73 -29.34 34.70
N ALA I 45 -27.45 -30.17 33.70
CA ALA I 45 -27.99 -31.53 33.71
C ALA I 45 -27.47 -32.32 34.90
N TYR I 46 -26.17 -32.21 35.18
CA TYR I 46 -25.59 -32.93 36.31
C TYR I 46 -26.20 -32.46 37.62
N PHE I 47 -26.41 -31.14 37.77
CA PHE I 47 -26.94 -30.63 39.02
C PHE I 47 -28.41 -30.95 39.19
N THR I 48 -29.18 -30.99 38.10
CA THR I 48 -30.55 -31.48 38.18
C THR I 48 -30.58 -32.94 38.60
N TYR I 49 -29.67 -33.75 38.03
CA TYR I 49 -29.56 -35.14 38.45
C TYR I 49 -29.24 -35.25 39.93
N MET I 50 -28.31 -34.42 40.41
CA MET I 50 -27.92 -34.47 41.81
C MET I 50 -29.08 -34.06 42.71
N GLN I 51 -29.84 -33.04 42.31
CA GLN I 51 -31.03 -32.66 43.06
C GLN I 51 -32.04 -33.79 43.10
N ALA I 52 -32.16 -34.53 41.99
CA ALA I 52 -33.04 -35.71 41.98
C ALA I 52 -32.54 -36.81 42.90
N GLN I 53 -31.25 -36.83 43.22
CA GLN I 53 -30.67 -37.87 44.07
C GLN I 53 -30.62 -37.48 45.54
N GLY I 54 -31.06 -36.26 45.89
CA GLY I 54 -31.05 -35.84 47.28
C GLY I 54 -29.78 -35.12 47.68
N PHE I 55 -29.31 -34.20 46.83
CA PHE I 55 -28.07 -33.45 47.05
C PHE I 55 -28.38 -31.96 46.94
N ALA I 56 -28.85 -31.37 48.04
CA ALA I 56 -29.17 -29.95 48.08
C ALA I 56 -30.01 -29.51 46.90
N THR I 57 -29.75 -28.31 46.38
CA THR I 57 -30.41 -27.81 45.18
C THR I 57 -29.52 -26.75 44.55
N THR I 58 -29.75 -26.51 43.26
CA THR I 58 -28.91 -25.59 42.51
C THR I 58 -29.74 -24.79 41.52
N ARG I 59 -29.51 -23.49 41.47
CA ARG I 59 -30.12 -22.65 40.46
C ARG I 59 -29.56 -22.99 39.08
N ALA I 60 -30.39 -22.79 38.05
CA ALA I 60 -29.99 -23.17 36.70
C ALA I 60 -28.72 -22.45 36.26
N GLY I 61 -28.78 -21.12 36.15
CA GLY I 61 -27.61 -20.38 35.71
C GLY I 61 -27.57 -20.20 34.21
N THR I 62 -27.01 -19.06 33.79
CA THR I 62 -27.07 -18.68 32.39
C THR I 62 -25.69 -18.34 31.81
N GLY I 63 -24.79 -17.80 32.64
CA GLY I 63 -23.52 -17.36 32.10
C GLY I 63 -22.31 -17.66 32.97
N PHE I 64 -21.27 -16.85 32.82
CA PHE I 64 -20.04 -16.99 33.59
C PHE I 64 -19.48 -15.62 33.88
N VAL I 65 -18.56 -15.54 34.84
CA VAL I 65 -17.99 -14.27 35.24
C VAL I 65 -16.61 -14.46 35.86
N SER I 66 -15.67 -13.63 35.45
CA SER I 66 -14.33 -13.50 36.07
C SER I 66 -13.59 -14.82 35.98
N ASP I 67 -12.69 -15.08 36.92
CA ASP I 67 -11.82 -16.25 36.92
C ASP I 67 -12.18 -17.23 38.03
N GLY I 68 -13.48 -17.41 38.30
CA GLY I 68 -13.92 -18.51 39.11
C GLY I 68 -13.99 -19.84 38.39
N ALA I 69 -13.82 -19.80 37.06
CA ALA I 69 -13.77 -21.03 36.28
C ALA I 69 -12.62 -21.91 36.70
N LYS I 70 -11.52 -21.31 37.18
CA LYS I 70 -10.40 -22.10 37.68
C LYS I 70 -10.84 -22.95 38.87
N LEU I 71 -11.49 -22.33 39.85
CA LEU I 71 -11.97 -23.09 41.00
C LEU I 71 -13.01 -24.10 40.58
N ALA I 72 -13.83 -23.76 39.58
CA ALA I 72 -14.84 -24.71 39.10
C ALA I 72 -14.18 -25.96 38.53
N ARG I 73 -13.17 -25.79 37.68
CA ARG I 73 -12.48 -26.95 37.10
C ARG I 73 -11.74 -27.74 38.16
N LEU I 74 -11.09 -27.05 39.10
CA LEU I 74 -10.38 -27.75 40.16
C LEU I 74 -11.34 -28.57 41.01
N ASP I 75 -12.52 -28.03 41.29
CA ASP I 75 -13.50 -28.80 42.06
C ASP I 75 -14.07 -29.95 41.23
N ASN I 76 -14.19 -29.79 39.91
CA ASN I 76 -14.52 -30.92 39.06
C ASN I 76 -13.53 -32.07 39.28
N MET I 77 -12.24 -31.76 39.18
CA MET I 77 -11.21 -32.79 39.35
C MET I 77 -11.23 -33.37 40.75
N LEU I 78 -11.45 -32.52 41.76
CA LEU I 78 -11.49 -32.99 43.14
C LEU I 78 -12.65 -33.94 43.36
N ASP I 79 -13.84 -33.60 42.85
CA ASP I 79 -14.99 -34.48 42.98
C ASP I 79 -14.74 -35.80 42.28
N GLN I 80 -14.14 -35.76 41.09
CA GLN I 80 -13.83 -36.99 40.37
C GLN I 80 -12.92 -37.89 41.20
N VAL I 81 -11.79 -37.35 41.66
CA VAL I 81 -10.81 -38.18 42.34
C VAL I 81 -11.34 -38.67 43.68
N SER I 82 -12.13 -37.84 44.37
CA SER I 82 -12.64 -38.23 45.67
C SER I 82 -13.77 -39.24 45.58
N LYS I 83 -14.52 -39.24 44.46
CA LYS I 83 -15.62 -40.19 44.33
C LYS I 83 -15.10 -41.58 43.99
N THR I 84 -14.48 -41.72 42.82
CA THR I 84 -13.95 -43.01 42.39
C THR I 84 -12.53 -43.18 42.91
N GLY I 85 -12.28 -44.30 43.58
CA GLY I 85 -10.95 -44.63 44.04
C GLY I 85 -10.54 -44.03 45.36
N TYR I 86 -11.37 -43.20 45.95
CA TYR I 86 -11.11 -42.70 47.30
C TYR I 86 -12.17 -43.15 48.29
N VAL I 87 -13.44 -43.01 47.93
CA VAL I 87 -14.54 -43.45 48.77
C VAL I 87 -15.23 -44.69 48.24
N VAL I 88 -15.69 -44.68 46.99
CA VAL I 88 -16.46 -45.81 46.47
C VAL I 88 -15.55 -47.00 46.21
N LEU I 89 -14.59 -46.84 45.30
CA LEU I 89 -13.73 -47.94 44.92
C LEU I 89 -12.77 -48.28 46.07
N THR I 90 -12.09 -49.41 45.91
CA THR I 90 -11.20 -49.89 46.97
C THR I 90 -10.06 -48.90 47.20
N GLY I 91 -10.09 -48.25 48.36
CA GLY I 91 -9.03 -47.36 48.77
C GLY I 91 -8.58 -47.72 50.18
N THR I 92 -8.25 -46.69 50.96
CA THR I 92 -7.95 -46.92 52.37
C THR I 92 -9.17 -47.48 53.09
N GLY I 93 -10.37 -47.12 52.66
CA GLY I 93 -11.58 -47.74 53.17
C GLY I 93 -12.41 -48.31 52.04
N ALA I 94 -12.54 -49.64 52.00
CA ALA I 94 -13.30 -50.26 50.90
C ALA I 94 -14.78 -49.88 50.92
N PRO I 95 -15.51 -49.99 52.03
CA PRO I 95 -16.89 -49.49 52.04
C PRO I 95 -16.92 -47.98 52.25
N ILE I 96 -18.10 -47.42 52.03
CA ILE I 96 -18.34 -46.00 52.27
C ILE I 96 -18.94 -45.84 53.66
N GLY I 97 -18.20 -45.19 54.56
CA GLY I 97 -18.66 -44.96 55.91
C GLY I 97 -19.13 -43.54 56.12
N GLU I 98 -19.24 -43.17 57.40
CA GLU I 98 -19.61 -41.81 57.73
C GLU I 98 -18.56 -40.81 57.28
N THR I 99 -17.28 -41.13 57.48
CA THR I 99 -16.22 -40.19 57.15
C THR I 99 -16.09 -39.99 55.65
N SER I 100 -16.05 -41.09 54.89
CA SER I 100 -15.92 -40.97 53.45
C SER I 100 -17.17 -40.32 52.83
N GLY I 101 -18.34 -40.69 53.33
CA GLY I 101 -19.55 -40.05 52.85
C GLY I 101 -19.57 -38.56 53.13
N THR I 102 -19.12 -38.16 54.32
CA THR I 102 -19.04 -36.74 54.64
C THR I 102 -18.03 -36.03 53.74
N ALA I 103 -16.89 -36.67 53.47
CA ALA I 103 -15.90 -36.07 52.59
C ALA I 103 -16.46 -35.87 51.19
N PHE I 104 -17.17 -36.87 50.66
CA PHE I 104 -17.75 -36.73 49.33
C PHE I 104 -18.84 -35.68 49.31
N ASP I 105 -19.66 -35.62 50.38
CA ASP I 105 -20.69 -34.59 50.46
C ASP I 105 -20.09 -33.19 50.49
N THR I 106 -19.01 -33.01 51.24
CA THR I 106 -18.36 -31.71 51.29
C THR I 106 -17.72 -31.37 49.95
N SER I 107 -17.19 -32.38 49.25
CA SER I 107 -16.66 -32.13 47.91
C SER I 107 -17.76 -31.66 46.96
N PHE I 108 -18.93 -32.31 47.02
CA PHE I 108 -20.04 -31.85 46.19
C PHE I 108 -20.49 -30.45 46.58
N THR I 109 -20.50 -30.16 47.88
CA THR I 109 -20.89 -28.82 48.32
C THR I 109 -19.92 -27.76 47.81
N ALA I 110 -18.62 -28.07 47.83
CA ALA I 110 -17.63 -27.15 47.29
C ALA I 110 -17.84 -26.96 45.79
N LEU I 111 -18.13 -28.04 45.07
CA LEU I 111 -18.42 -27.91 43.64
C LEU I 111 -19.66 -27.05 43.40
N ARG I 112 -20.70 -27.25 44.19
CA ARG I 112 -21.92 -26.45 44.04
C ARG I 112 -21.65 -24.98 44.33
N ALA I 113 -20.88 -24.70 45.38
CA ALA I 113 -20.54 -23.31 45.68
C ALA I 113 -19.72 -22.68 44.57
N ALA I 114 -18.78 -23.45 44.00
CA ALA I 114 -18.00 -22.95 42.88
C ALA I 114 -18.89 -22.65 41.68
N PHE I 115 -19.86 -23.53 41.40
CA PHE I 115 -20.78 -23.29 40.28
C PHE I 115 -21.60 -22.03 40.52
N LEU I 116 -22.14 -21.88 41.74
CA LEU I 116 -22.95 -20.70 42.04
C LEU I 116 -22.13 -19.42 41.95
N ALA I 117 -20.89 -19.44 42.43
CA ALA I 117 -20.05 -18.25 42.37
C ALA I 117 -19.50 -18.00 40.97
N ALA I 118 -19.54 -19.00 40.08
CA ALA I 118 -19.00 -18.86 38.74
C ALA I 118 -20.07 -18.66 37.68
N THR I 119 -21.33 -18.94 37.98
CA THR I 119 -22.41 -18.87 37.02
C THR I 119 -23.34 -17.71 37.35
N THR I 120 -23.84 -17.05 36.32
CA THR I 120 -24.78 -15.94 36.50
C THR I 120 -26.18 -16.46 36.85
N VAL J 3 -42.31 8.06 -73.90
CA VAL J 3 -40.85 8.06 -73.82
C VAL J 3 -40.24 7.99 -75.21
N ALA J 4 -40.96 7.38 -76.14
CA ALA J 4 -40.53 7.30 -77.53
C ALA J 4 -41.31 8.24 -78.44
N LYS J 5 -42.50 8.67 -78.04
CA LYS J 5 -43.25 9.67 -78.79
C LYS J 5 -42.78 11.09 -78.51
N ALA J 6 -41.86 11.27 -77.56
CA ALA J 6 -41.31 12.59 -77.27
C ALA J 6 -40.38 13.04 -78.39
N THR J 7 -40.23 14.35 -78.51
CA THR J 7 -39.35 14.92 -79.52
C THR J 7 -37.89 14.72 -79.14
N ALA J 8 -37.02 14.96 -80.12
CA ALA J 8 -35.59 14.78 -79.88
C ALA J 8 -35.08 15.74 -78.82
N ALA J 9 -35.57 16.99 -78.83
CA ALA J 9 -35.13 17.97 -77.85
C ALA J 9 -35.50 17.54 -76.43
N GLN J 10 -36.72 17.02 -76.25
CA GLN J 10 -37.15 16.58 -74.93
C GLN J 10 -36.30 15.41 -74.44
N ARG J 11 -36.02 14.45 -75.33
CA ARG J 11 -35.20 13.31 -74.95
C ARG J 11 -33.78 13.76 -74.58
N GLN J 12 -33.22 14.69 -75.35
CA GLN J 12 -31.87 15.18 -75.05
C GLN J 12 -31.85 15.93 -73.73
N GLU J 13 -32.89 16.73 -73.46
CA GLU J 13 -32.96 17.44 -72.19
C GLU J 13 -33.05 16.46 -71.02
N PHE J 14 -33.85 15.41 -71.17
CA PHE J 14 -33.93 14.40 -70.12
C PHE J 14 -32.58 13.74 -69.90
N LEU J 15 -31.86 13.42 -70.98
CA LEU J 15 -30.56 12.80 -70.84
C LEU J 15 -29.58 13.73 -70.13
N ARG J 16 -29.60 15.01 -70.50
CA ARG J 16 -28.71 15.98 -69.87
C ARG J 16 -28.96 16.07 -68.38
N GLN J 17 -30.23 16.25 -67.99
CA GLN J 17 -30.55 16.36 -66.57
C GLN J 17 -30.20 15.09 -65.82
N LEU J 18 -30.52 13.93 -66.42
CA LEU J 18 -30.21 12.66 -65.77
C LEU J 18 -28.72 12.54 -65.49
N ASN J 19 -27.89 12.81 -66.50
CA ASN J 19 -26.45 12.69 -66.32
C ASN J 19 -25.93 13.69 -65.29
N ILE J 20 -26.40 14.94 -65.38
CA ILE J 20 -25.90 15.98 -64.48
C ILE J 20 -26.20 15.61 -63.03
N LEU J 21 -27.45 15.26 -62.73
CA LEU J 21 -27.77 14.94 -61.35
C LEU J 21 -27.16 13.62 -60.91
N ALA J 22 -27.04 12.64 -61.82
CA ALA J 22 -26.37 11.40 -61.44
C ALA J 22 -24.97 11.67 -60.96
N LYS J 23 -24.18 12.39 -61.75
CA LYS J 23 -22.80 12.67 -61.36
C LYS J 23 -22.73 13.56 -60.13
N ASP J 24 -23.58 14.59 -60.05
CA ASP J 24 -23.51 15.52 -58.92
C ASP J 24 -23.89 14.85 -57.61
N MET J 25 -25.03 14.15 -57.58
CA MET J 25 -25.42 13.47 -56.36
C MET J 25 -24.47 12.34 -56.03
N TYR J 26 -23.86 11.73 -57.05
CA TYR J 26 -22.92 10.65 -56.77
C TYR J 26 -21.68 11.21 -56.09
N GLN J 27 -21.17 12.33 -56.59
CA GLN J 27 -20.09 13.05 -55.92
C GLN J 27 -20.49 13.49 -54.51
N ALA J 28 -21.75 13.80 -54.30
CA ALA J 28 -22.18 14.18 -52.96
C ALA J 28 -22.13 12.98 -52.00
N LEU J 29 -22.53 11.81 -52.46
CA LEU J 29 -22.62 10.64 -51.58
C LEU J 29 -21.24 10.05 -51.31
N THR J 30 -20.59 9.52 -52.35
CA THR J 30 -19.20 9.08 -52.21
C THR J 30 -18.27 10.29 -52.27
N GLN J 31 -17.05 10.13 -51.73
CA GLN J 31 -16.16 11.27 -51.53
C GLN J 31 -16.89 12.34 -50.73
N PRO J 32 -17.04 12.14 -49.42
CA PRO J 32 -17.98 12.96 -48.64
C PRO J 32 -17.87 14.46 -48.85
N GLN J 33 -18.95 15.05 -49.32
CA GLN J 33 -19.10 16.49 -49.41
C GLN J 33 -20.24 16.91 -48.50
N ASP J 34 -19.97 17.87 -47.61
CA ASP J 34 -20.95 18.28 -46.62
C ASP J 34 -22.25 18.67 -47.29
N LEU J 35 -23.32 17.92 -47.04
CA LEU J 35 -24.58 18.13 -47.73
C LEU J 35 -25.35 19.35 -47.22
N ALA J 36 -24.91 19.95 -46.12
CA ALA J 36 -25.55 21.19 -45.67
C ALA J 36 -25.26 22.34 -46.63
N TYR J 37 -24.23 22.22 -47.47
CA TYR J 37 -23.89 23.23 -48.45
C TYR J 37 -23.83 22.72 -49.87
N ARG J 38 -23.78 21.40 -50.07
CA ARG J 38 -23.98 20.83 -51.39
C ARG J 38 -25.43 20.46 -51.64
N GLY J 39 -26.16 20.07 -50.60
CA GLY J 39 -27.56 19.70 -50.71
C GLY J 39 -28.42 20.81 -51.28
N PRO J 40 -28.27 22.03 -50.78
CA PRO J 40 -28.99 23.16 -51.41
C PRO J 40 -28.65 23.34 -52.89
N GLU J 41 -27.39 23.11 -53.27
CA GLU J 41 -27.01 23.27 -54.67
C GLU J 41 -27.68 22.23 -55.55
N ILE J 42 -27.73 20.97 -55.10
CA ILE J 42 -28.40 19.93 -55.87
C ILE J 42 -29.91 20.16 -55.86
N ASP J 43 -30.45 20.70 -54.77
CA ASP J 43 -31.88 20.94 -54.68
C ASP J 43 -32.34 21.93 -55.74
N ALA J 44 -31.46 22.82 -56.20
CA ALA J 44 -31.82 23.75 -57.26
C ALA J 44 -31.97 23.02 -58.59
N LYS J 45 -31.14 22.02 -58.85
CA LYS J 45 -31.17 21.29 -60.10
C LYS J 45 -32.25 20.22 -60.14
N ILE J 46 -32.95 19.98 -59.04
CA ILE J 46 -34.03 18.99 -59.03
C ILE J 46 -35.18 19.45 -59.91
N ALA J 47 -35.44 20.77 -59.96
CA ALA J 47 -36.56 21.28 -60.73
C ALA J 47 -36.41 20.99 -62.22
N ALA J 48 -35.19 21.12 -62.74
CA ALA J 48 -34.96 20.83 -64.15
C ALA J 48 -35.22 19.36 -64.46
N LEU J 49 -34.76 18.47 -63.58
CA LEU J 49 -35.03 17.04 -63.77
C LEU J 49 -36.52 16.76 -63.71
N GLU J 50 -37.23 17.37 -62.77
CA GLU J 50 -38.66 17.16 -62.68
C GLU J 50 -39.36 17.62 -63.96
N ALA J 51 -38.97 18.78 -64.49
CA ALA J 51 -39.57 19.26 -65.73
C ALA J 51 -39.28 18.32 -66.90
N ALA J 52 -38.03 17.86 -67.01
CA ALA J 52 -37.68 16.97 -68.12
C ALA J 52 -38.42 15.64 -68.02
N THR J 53 -38.50 15.07 -66.82
CA THR J 53 -39.21 13.82 -66.64
C THR J 53 -40.70 13.98 -66.93
N ALA J 54 -41.29 15.10 -66.50
CA ALA J 54 -42.69 15.35 -66.79
C ALA J 54 -42.92 15.48 -68.29
N ALA J 55 -42.00 16.15 -68.99
CA ALA J 55 -42.15 16.30 -70.44
C ALA J 55 -42.06 14.95 -71.14
N VAL J 56 -41.12 14.11 -70.74
CA VAL J 56 -40.97 12.82 -71.42
C VAL J 56 -42.08 11.85 -71.02
N LYS J 57 -42.69 12.03 -69.84
CA LYS J 57 -43.75 11.13 -69.42
C LYS J 57 -45.01 11.32 -70.26
N ALA J 58 -45.28 12.55 -70.68
CA ALA J 58 -46.46 12.84 -71.49
C ALA J 58 -46.28 12.35 -72.92
N VAL K 3 -32.68 17.84 -50.28
CA VAL K 3 -31.80 16.74 -50.60
C VAL K 3 -30.76 16.53 -49.51
N ALA K 4 -30.89 17.31 -48.43
CA ALA K 4 -30.02 17.17 -47.28
C ALA K 4 -30.76 16.76 -46.00
N LYS K 5 -32.07 16.97 -45.94
CA LYS K 5 -32.87 16.50 -44.82
C LYS K 5 -33.41 15.08 -45.02
N ALA K 6 -33.30 14.53 -46.23
CA ALA K 6 -33.76 13.18 -46.48
C ALA K 6 -32.83 12.16 -45.83
N THR K 7 -33.39 10.99 -45.55
CA THR K 7 -32.60 9.94 -44.91
C THR K 7 -31.60 9.35 -45.89
N ALA K 8 -30.64 8.61 -45.33
CA ALA K 8 -29.61 7.99 -46.16
C ALA K 8 -30.22 7.02 -47.15
N ALA K 9 -31.20 6.21 -46.71
CA ALA K 9 -31.90 5.33 -47.61
C ALA K 9 -32.73 6.06 -48.65
N GLN K 10 -32.95 7.36 -48.45
CA GLN K 10 -33.67 8.17 -49.44
C GLN K 10 -32.72 8.83 -50.44
N ARG K 11 -31.55 9.29 -49.97
CA ARG K 11 -30.54 9.79 -50.89
C ARG K 11 -30.03 8.67 -51.79
N GLN K 12 -29.77 7.50 -51.21
CA GLN K 12 -29.67 6.29 -52.01
C GLN K 12 -31.07 5.91 -52.50
N GLU K 13 -31.11 5.13 -53.58
CA GLU K 13 -32.33 4.74 -54.27
C GLU K 13 -32.89 5.95 -55.01
N PHE K 14 -32.29 7.12 -54.78
CA PHE K 14 -32.39 8.26 -55.67
C PHE K 14 -31.14 8.38 -56.54
N LEU K 15 -29.97 8.32 -55.92
CA LEU K 15 -28.74 8.15 -56.69
C LEU K 15 -28.82 6.94 -57.60
N ARG K 16 -29.41 5.85 -57.10
CA ARG K 16 -29.48 4.62 -57.88
C ARG K 16 -30.32 4.81 -59.14
N GLN K 17 -31.52 5.37 -59.00
CA GLN K 17 -32.38 5.58 -60.17
C GLN K 17 -31.78 6.60 -61.11
N LEU K 18 -31.22 7.69 -60.58
CA LEU K 18 -30.57 8.69 -61.42
C LEU K 18 -29.49 8.05 -62.27
N ASN K 19 -28.63 7.24 -61.66
CA ASN K 19 -27.52 6.62 -62.39
C ASN K 19 -28.04 5.60 -63.39
N ILE K 20 -29.05 4.81 -63.02
CA ILE K 20 -29.58 3.79 -63.92
C ILE K 20 -30.15 4.44 -65.19
N LEU K 21 -31.01 5.44 -65.01
CA LEU K 21 -31.61 6.07 -66.19
C LEU K 21 -30.65 7.00 -66.89
N ALA K 22 -29.57 7.42 -66.25
CA ALA K 22 -28.53 8.16 -66.94
C ALA K 22 -27.72 7.27 -67.86
N LYS K 23 -27.41 6.05 -67.43
CA LYS K 23 -26.68 5.12 -68.30
C LYS K 23 -27.57 4.57 -69.40
N ASP K 24 -28.79 4.16 -69.06
CA ASP K 24 -29.61 3.41 -70.01
C ASP K 24 -30.02 4.26 -71.20
N MET K 25 -30.56 5.44 -70.96
CA MET K 25 -31.03 6.24 -72.08
C MET K 25 -29.88 6.92 -72.80
N TYR K 26 -28.73 7.08 -72.13
CA TYR K 26 -27.52 7.48 -72.83
C TYR K 26 -27.10 6.43 -73.85
N GLN K 27 -27.07 5.17 -73.44
CA GLN K 27 -26.69 4.13 -74.39
C GLN K 27 -27.81 3.79 -75.35
N ALA K 28 -29.01 4.32 -75.12
CA ALA K 28 -30.06 4.22 -76.12
C ALA K 28 -29.91 5.29 -77.20
N LEU K 29 -29.76 6.55 -76.80
CA LEU K 29 -29.66 7.64 -77.78
C LEU K 29 -28.37 7.53 -78.58
N THR K 30 -27.24 7.29 -77.92
CA THR K 30 -25.99 7.03 -78.59
C THR K 30 -25.79 5.54 -78.72
N GLN K 31 -25.03 5.13 -79.75
CA GLN K 31 -24.98 3.73 -80.16
C GLN K 31 -26.43 3.28 -80.36
N PRO K 32 -27.08 3.73 -81.41
CA PRO K 32 -28.54 3.83 -81.40
C PRO K 32 -29.23 2.49 -81.18
N GLN K 33 -30.31 2.53 -80.40
CA GLN K 33 -31.20 1.40 -80.20
C GLN K 33 -32.60 1.81 -80.62
N ASP K 34 -33.33 0.87 -81.22
CA ASP K 34 -34.67 1.17 -81.69
C ASP K 34 -35.54 1.63 -80.54
N LEU K 35 -35.92 2.91 -80.53
CA LEU K 35 -36.71 3.46 -79.44
C LEU K 35 -38.14 2.94 -79.42
N ALA K 36 -38.59 2.28 -80.48
CA ALA K 36 -39.93 1.69 -80.48
C ALA K 36 -40.02 0.56 -79.47
N TYR K 37 -38.92 -0.12 -79.18
CA TYR K 37 -38.89 -1.25 -78.26
C TYR K 37 -38.12 -0.97 -76.99
N ARG K 38 -37.00 -0.25 -77.08
CA ARG K 38 -36.31 0.19 -75.88
C ARG K 38 -37.02 1.33 -75.18
N GLY K 39 -37.83 2.11 -75.89
CA GLY K 39 -38.54 3.21 -75.33
C GLY K 39 -39.53 2.82 -74.24
N PRO K 40 -40.42 1.88 -74.55
CA PRO K 40 -41.32 1.38 -73.49
C PRO K 40 -40.59 0.75 -72.32
N GLU K 41 -39.41 0.18 -72.54
CA GLU K 41 -38.64 -0.38 -71.44
C GLU K 41 -38.19 0.71 -70.48
N ILE K 42 -37.63 1.79 -71.01
CA ILE K 42 -37.21 2.90 -70.15
C ILE K 42 -38.42 3.58 -69.53
N ASP K 43 -39.54 3.63 -70.26
CA ASP K 43 -40.75 4.26 -69.73
C ASP K 43 -41.25 3.56 -68.47
N ALA K 44 -40.95 2.28 -68.31
CA ALA K 44 -41.34 1.57 -67.10
C ALA K 44 -40.45 1.95 -65.92
N LYS K 45 -39.21 2.34 -66.18
CA LYS K 45 -38.28 2.71 -65.12
C LYS K 45 -38.43 4.16 -64.68
N ILE K 46 -39.33 4.93 -65.30
CA ILE K 46 -39.47 6.33 -64.95
C ILE K 46 -40.32 6.51 -63.69
N ALA K 47 -41.24 5.59 -63.42
CA ALA K 47 -42.10 5.74 -62.24
C ALA K 47 -41.27 5.69 -60.95
N ALA K 48 -40.31 4.78 -60.88
CA ALA K 48 -39.45 4.71 -59.70
C ALA K 48 -38.62 5.98 -59.56
N LEU K 49 -38.10 6.50 -60.68
CA LEU K 49 -37.31 7.73 -60.63
C LEU K 49 -38.16 8.91 -60.13
N GLU K 50 -39.39 9.01 -60.64
CA GLU K 50 -40.26 10.09 -60.19
C GLU K 50 -40.58 9.97 -58.72
N ALA K 51 -40.84 8.74 -58.25
CA ALA K 51 -41.12 8.54 -56.83
C ALA K 51 -39.93 8.91 -55.97
N ALA K 52 -38.72 8.51 -56.39
CA ALA K 52 -37.52 8.85 -55.63
C ALA K 52 -37.28 10.35 -55.60
N THR K 53 -37.45 11.01 -56.74
CA THR K 53 -37.28 12.46 -56.78
C THR K 53 -38.29 13.17 -55.90
N ALA K 54 -39.55 12.70 -55.91
CA ALA K 54 -40.57 13.29 -55.05
C ALA K 54 -40.23 13.10 -53.59
N ALA K 55 -39.74 11.92 -53.21
CA ALA K 55 -39.35 11.67 -51.83
C ALA K 55 -38.20 12.57 -51.41
N VAL K 56 -37.22 12.77 -52.30
CA VAL K 56 -36.09 13.62 -51.97
C VAL K 56 -36.51 15.08 -51.85
N LYS K 57 -37.40 15.53 -52.74
CA LYS K 57 -37.77 16.95 -52.75
C LYS K 57 -38.47 17.35 -51.47
N ALA K 58 -39.20 16.43 -50.85
CA ALA K 58 -39.92 16.73 -49.62
C ALA K 58 -38.96 16.99 -48.46
N VAL L 3 -47.26 -54.35 -25.19
CA VAL L 3 -46.04 -54.25 -25.97
C VAL L 3 -45.86 -55.50 -26.83
N ALA L 4 -45.98 -56.67 -26.20
CA ALA L 4 -45.86 -57.92 -26.94
C ALA L 4 -47.06 -58.14 -27.86
N LYS L 5 -48.24 -57.66 -27.47
CA LYS L 5 -49.44 -57.83 -28.26
C LYS L 5 -49.59 -56.77 -29.34
N ALA L 6 -48.70 -55.79 -29.40
CA ALA L 6 -48.73 -54.80 -30.46
C ALA L 6 -48.03 -55.34 -31.70
N THR L 7 -48.23 -54.65 -32.83
CA THR L 7 -47.63 -55.12 -34.07
C THR L 7 -46.17 -54.69 -34.15
N ALA L 8 -45.44 -55.33 -35.06
CA ALA L 8 -44.03 -55.00 -35.26
C ALA L 8 -43.83 -53.59 -35.78
N ALA L 9 -44.82 -53.03 -36.48
CA ALA L 9 -44.71 -51.66 -36.93
C ALA L 9 -44.78 -50.67 -35.76
N GLN L 10 -45.68 -50.90 -34.81
CA GLN L 10 -45.82 -49.98 -33.68
C GLN L 10 -44.61 -50.04 -32.77
N ARG L 11 -44.03 -51.22 -32.57
CA ARG L 11 -42.86 -51.35 -31.71
C ARG L 11 -41.68 -50.58 -32.28
N GLN L 12 -41.48 -50.65 -33.59
CA GLN L 12 -40.42 -49.88 -34.23
C GLN L 12 -40.68 -48.38 -34.11
N GLU L 13 -41.92 -47.96 -34.23
CA GLU L 13 -42.24 -46.54 -34.10
C GLU L 13 -41.99 -46.06 -32.67
N PHE L 14 -42.31 -46.88 -31.67
CA PHE L 14 -42.02 -46.51 -30.30
C PHE L 14 -40.51 -46.45 -30.04
N LEU L 15 -39.76 -47.40 -30.60
CA LEU L 15 -38.31 -47.36 -30.49
C LEU L 15 -37.74 -46.10 -31.13
N ARG L 16 -38.23 -45.76 -32.32
CA ARG L 16 -37.66 -44.64 -33.07
C ARG L 16 -37.84 -43.33 -32.34
N GLN L 17 -39.07 -43.01 -31.93
CA GLN L 17 -39.31 -41.74 -31.26
C GLN L 17 -38.67 -41.73 -29.88
N LEU L 18 -38.70 -42.88 -29.18
CA LEU L 18 -38.07 -42.95 -27.87
C LEU L 18 -36.60 -42.60 -27.96
N ASN L 19 -35.90 -43.20 -28.94
CA ASN L 19 -34.47 -42.90 -29.10
C ASN L 19 -34.25 -41.46 -29.56
N ILE L 20 -35.10 -40.97 -30.45
CA ILE L 20 -34.93 -39.61 -30.97
C ILE L 20 -35.02 -38.60 -29.84
N LEU L 21 -36.02 -38.76 -28.96
CA LEU L 21 -36.12 -37.86 -27.83
C LEU L 21 -34.99 -38.07 -26.84
N ALA L 22 -34.67 -39.33 -26.52
CA ALA L 22 -33.66 -39.60 -25.50
C ALA L 22 -32.32 -39.01 -25.87
N LYS L 23 -31.91 -39.14 -27.13
CA LYS L 23 -30.65 -38.55 -27.56
C LYS L 23 -30.74 -37.02 -27.61
N ASP L 24 -31.81 -36.48 -28.20
CA ASP L 24 -31.95 -35.04 -28.31
C ASP L 24 -32.13 -34.39 -26.94
N MET L 25 -32.93 -35.01 -26.07
CA MET L 25 -33.17 -34.42 -24.75
C MET L 25 -31.93 -34.51 -23.88
N TYR L 26 -31.08 -35.52 -24.08
CA TYR L 26 -29.90 -35.64 -23.25
C TYR L 26 -28.83 -34.64 -23.66
N GLN L 27 -28.76 -34.31 -24.95
CA GLN L 27 -27.86 -33.27 -25.44
C GLN L 27 -28.30 -31.89 -25.02
N ALA L 28 -29.57 -31.71 -24.65
CA ALA L 28 -30.01 -30.41 -24.14
C ALA L 28 -29.40 -30.12 -22.79
N LEU L 29 -29.33 -31.12 -21.92
CA LEU L 29 -28.84 -30.91 -20.56
C LEU L 29 -27.32 -30.84 -20.52
N THR L 30 -26.66 -31.95 -20.87
CA THR L 30 -25.21 -31.93 -21.03
C THR L 30 -24.85 -31.12 -22.27
N GLN L 31 -23.62 -30.61 -22.30
CA GLN L 31 -23.22 -29.65 -23.32
C GLN L 31 -24.23 -28.51 -23.32
N PRO L 32 -24.16 -27.61 -22.33
CA PRO L 32 -25.29 -26.72 -22.04
C PRO L 32 -25.88 -26.04 -23.26
N GLN L 33 -27.11 -26.42 -23.59
CA GLN L 33 -27.84 -25.89 -24.73
C GLN L 33 -28.99 -25.04 -24.21
N ASP L 34 -29.10 -23.81 -24.71
CA ASP L 34 -30.13 -22.89 -24.26
C ASP L 34 -31.51 -23.49 -24.44
N LEU L 35 -32.18 -23.81 -23.35
CA LEU L 35 -33.46 -24.50 -23.43
C LEU L 35 -34.59 -23.58 -23.88
N ALA L 36 -34.52 -22.29 -23.54
CA ALA L 36 -35.58 -21.36 -23.93
C ALA L 36 -35.74 -21.29 -25.44
N TYR L 37 -34.70 -21.62 -26.20
CA TYR L 37 -34.74 -21.60 -27.66
C TYR L 37 -34.65 -22.97 -28.29
N ARG L 38 -34.11 -23.96 -27.59
CA ARG L 38 -34.08 -25.33 -28.07
C ARG L 38 -35.28 -26.14 -27.60
N GLY L 39 -35.86 -25.77 -26.47
CA GLY L 39 -36.98 -26.48 -25.89
C GLY L 39 -38.18 -26.61 -26.80
N PRO L 40 -38.61 -25.52 -27.44
CA PRO L 40 -39.70 -25.66 -28.42
C PRO L 40 -39.40 -26.65 -29.52
N GLU L 41 -38.15 -26.74 -29.97
CA GLU L 41 -37.80 -27.75 -30.96
C GLU L 41 -37.98 -29.16 -30.40
N ILE L 42 -37.52 -29.38 -29.16
CA ILE L 42 -37.79 -30.65 -28.50
C ILE L 42 -39.26 -30.76 -28.15
N ASP L 43 -39.89 -29.65 -27.77
CA ASP L 43 -41.31 -29.69 -27.43
C ASP L 43 -42.18 -30.10 -28.61
N ALA L 44 -41.71 -29.91 -29.84
CA ALA L 44 -42.46 -30.35 -31.00
C ALA L 44 -42.29 -31.84 -31.27
N LYS L 45 -41.27 -32.47 -30.69
CA LYS L 45 -41.10 -33.91 -30.80
C LYS L 45 -41.81 -34.67 -29.68
N ILE L 46 -42.34 -33.96 -28.68
CA ILE L 46 -43.10 -34.62 -27.63
C ILE L 46 -44.43 -35.13 -28.18
N ALA L 47 -45.08 -34.34 -29.03
CA ALA L 47 -46.43 -34.67 -29.48
C ALA L 47 -46.45 -36.02 -30.19
N ALA L 48 -45.44 -36.29 -31.02
CA ALA L 48 -45.36 -37.59 -31.67
C ALA L 48 -44.99 -38.70 -30.69
N LEU L 49 -44.39 -38.34 -29.55
CA LEU L 49 -43.96 -39.34 -28.59
C LEU L 49 -45.15 -40.03 -27.94
N GLU L 50 -46.20 -39.27 -27.59
CA GLU L 50 -47.36 -39.90 -26.97
C GLU L 50 -48.09 -40.83 -27.93
N ALA L 51 -48.10 -40.49 -29.22
CA ALA L 51 -48.79 -41.34 -30.19
C ALA L 51 -48.19 -42.73 -30.23
N ALA L 52 -46.85 -42.82 -30.23
CA ALA L 52 -46.19 -44.11 -30.19
C ALA L 52 -46.41 -44.80 -28.85
N THR L 53 -46.35 -44.03 -27.75
CA THR L 53 -46.55 -44.61 -26.44
C THR L 53 -47.98 -45.08 -26.24
N ALA L 54 -48.95 -44.29 -26.72
CA ALA L 54 -50.35 -44.67 -26.57
C ALA L 54 -50.68 -45.90 -27.39
N ALA L 55 -50.14 -45.97 -28.62
CA ALA L 55 -50.42 -47.12 -29.47
C ALA L 55 -49.88 -48.40 -28.87
N VAL L 56 -48.68 -48.35 -28.29
CA VAL L 56 -48.10 -49.52 -27.64
C VAL L 56 -48.89 -49.88 -26.40
N LYS L 57 -49.33 -48.88 -25.63
CA LYS L 57 -50.05 -49.13 -24.40
C LYS L 57 -51.34 -49.91 -24.66
N ALA L 58 -51.93 -49.72 -25.84
CA ALA L 58 -53.15 -50.44 -26.21
C ALA L 58 -52.88 -51.93 -26.37
N VAL M 3 -41.59 -27.72 -22.08
CA VAL M 3 -40.40 -28.49 -21.75
C VAL M 3 -39.30 -27.58 -21.22
N ALA M 4 -39.21 -26.38 -21.79
CA ALA M 4 -38.24 -25.40 -21.33
C ALA M 4 -38.69 -24.65 -20.09
N LYS M 5 -39.96 -24.77 -19.70
CA LYS M 5 -40.48 -24.11 -18.52
C LYS M 5 -40.59 -25.03 -17.31
N ALA M 6 -40.49 -26.34 -17.51
CA ALA M 6 -40.55 -27.27 -16.39
C ALA M 6 -39.29 -27.16 -15.55
N THR M 7 -39.44 -27.47 -14.26
CA THR M 7 -38.33 -27.39 -13.33
C THR M 7 -37.24 -28.39 -13.68
N ALA M 8 -36.02 -28.08 -13.26
CA ALA M 8 -34.89 -28.98 -13.53
C ALA M 8 -35.10 -30.35 -12.90
N ALA M 9 -35.80 -30.40 -11.77
CA ALA M 9 -36.17 -31.69 -11.20
C ALA M 9 -37.12 -32.44 -12.12
N GLN M 10 -38.07 -31.73 -12.72
CA GLN M 10 -38.99 -32.35 -13.66
C GLN M 10 -38.31 -32.68 -14.99
N ARG M 11 -37.29 -31.91 -15.36
CA ARG M 11 -36.58 -32.18 -16.61
C ARG M 11 -35.86 -33.53 -16.54
N GLN M 12 -35.20 -33.81 -15.43
CA GLN M 12 -34.79 -35.18 -15.15
C GLN M 12 -36.02 -35.98 -14.77
N GLU M 13 -35.85 -37.31 -14.76
CA GLU M 13 -36.94 -38.27 -14.58
C GLU M 13 -37.78 -38.31 -15.85
N PHE M 14 -37.53 -37.37 -16.76
CA PHE M 14 -38.00 -37.45 -18.14
C PHE M 14 -36.90 -37.97 -19.06
N LEU M 15 -35.70 -37.40 -18.93
CA LEU M 15 -34.53 -37.99 -19.57
C LEU M 15 -34.26 -39.38 -19.05
N ARG M 16 -34.43 -39.58 -17.74
CA ARG M 16 -34.15 -40.87 -17.12
C ARG M 16 -35.02 -41.97 -17.73
N GLN M 17 -36.34 -41.77 -17.76
CA GLN M 17 -37.23 -42.78 -18.30
C GLN M 17 -37.04 -42.93 -19.80
N LEU M 18 -36.77 -41.82 -20.50
CA LEU M 18 -36.50 -41.89 -21.93
C LEU M 18 -35.32 -42.80 -22.21
N ASN M 19 -34.23 -42.62 -21.47
CA ASN M 19 -33.04 -43.46 -21.68
C ASN M 19 -33.31 -44.91 -21.31
N ILE M 20 -34.01 -45.16 -20.21
CA ILE M 20 -34.26 -46.54 -19.80
C ILE M 20 -35.09 -47.28 -20.84
N LEU M 21 -36.19 -46.68 -21.29
CA LEU M 21 -37.00 -47.36 -22.29
C LEU M 21 -36.39 -47.32 -23.68
N ALA M 22 -35.41 -46.43 -23.92
CA ALA M 22 -34.68 -46.50 -25.17
C ALA M 22 -33.74 -47.70 -25.19
N LYS M 23 -33.00 -47.92 -24.11
CA LYS M 23 -32.07 -49.04 -24.08
C LYS M 23 -32.84 -50.36 -23.98
N ASP M 24 -33.90 -50.40 -23.17
CA ASP M 24 -34.64 -51.64 -22.98
C ASP M 24 -35.30 -52.10 -24.29
N MET M 25 -35.87 -51.18 -25.05
CA MET M 25 -36.52 -51.56 -26.30
C MET M 25 -35.50 -51.93 -27.36
N TYR M 26 -34.42 -51.14 -27.48
CA TYR M 26 -33.39 -51.44 -28.47
C TYR M 26 -32.70 -52.76 -28.19
N GLN M 27 -32.71 -53.21 -26.94
CA GLN M 27 -32.16 -54.52 -26.58
C GLN M 27 -33.16 -55.64 -26.74
N ALA M 28 -34.46 -55.32 -26.80
CA ALA M 28 -35.48 -56.34 -26.98
C ALA M 28 -35.79 -56.61 -28.45
N LEU M 29 -35.44 -55.70 -29.34
CA LEU M 29 -35.64 -55.92 -30.77
C LEU M 29 -34.38 -56.50 -31.42
N THR M 30 -33.27 -55.78 -31.34
CA THR M 30 -31.98 -56.36 -31.68
C THR M 30 -31.53 -57.26 -30.54
N GLN M 31 -30.69 -58.26 -30.87
CA GLN M 31 -30.36 -59.31 -29.91
C GLN M 31 -31.67 -59.91 -29.40
N PRO M 32 -32.34 -60.73 -30.22
CA PRO M 32 -33.75 -61.03 -29.98
C PRO M 32 -34.05 -61.52 -28.57
N GLN M 33 -34.78 -60.71 -27.82
CA GLN M 33 -35.26 -61.06 -26.49
C GLN M 33 -36.76 -61.25 -26.56
N ASP M 34 -37.25 -62.39 -26.09
CA ASP M 34 -38.63 -62.81 -26.29
C ASP M 34 -39.59 -61.74 -25.78
N LEU M 35 -40.34 -61.13 -26.70
CA LEU M 35 -41.29 -60.08 -26.30
C LEU M 35 -42.43 -60.65 -25.48
N ALA M 36 -42.83 -61.90 -25.72
CA ALA M 36 -43.95 -62.48 -24.99
C ALA M 36 -43.67 -62.65 -23.51
N TYR M 37 -42.42 -62.54 -23.08
CA TYR M 37 -42.04 -62.67 -21.68
C TYR M 37 -41.31 -61.46 -21.14
N ARG M 38 -40.44 -60.84 -21.95
CA ARG M 38 -39.79 -59.61 -21.53
C ARG M 38 -40.75 -58.42 -21.60
N GLY M 39 -41.71 -58.46 -22.53
CA GLY M 39 -42.66 -57.38 -22.72
C GLY M 39 -43.43 -56.97 -21.50
N PRO M 40 -43.95 -57.91 -20.69
CA PRO M 40 -44.58 -57.50 -19.42
C PRO M 40 -43.65 -56.75 -18.49
N GLU M 41 -42.33 -56.91 -18.61
CA GLU M 41 -41.39 -56.13 -17.82
C GLU M 41 -41.09 -54.77 -18.43
N ILE M 42 -41.53 -54.52 -19.66
CA ILE M 42 -41.38 -53.20 -20.26
C ILE M 42 -42.63 -52.37 -20.07
N ASP M 43 -43.81 -52.99 -20.22
CA ASP M 43 -45.06 -52.29 -19.95
C ASP M 43 -45.13 -51.78 -18.53
N ALA M 44 -44.42 -52.42 -17.60
CA ALA M 44 -44.37 -51.94 -16.23
C ALA M 44 -43.60 -50.64 -16.07
N LYS M 45 -42.91 -50.19 -17.12
CA LYS M 45 -42.22 -48.91 -17.10
C LYS M 45 -42.89 -47.85 -17.96
N ILE M 46 -43.91 -48.22 -18.73
CA ILE M 46 -44.61 -47.23 -19.55
C ILE M 46 -45.33 -46.20 -18.68
N ALA M 47 -45.93 -46.66 -17.58
CA ALA M 47 -46.63 -45.74 -16.69
C ALA M 47 -45.69 -44.68 -16.15
N ALA M 48 -44.45 -45.04 -15.86
CA ALA M 48 -43.46 -44.06 -15.43
C ALA M 48 -43.13 -43.07 -16.54
N LEU M 49 -43.01 -43.57 -17.77
CA LEU M 49 -42.72 -42.68 -18.90
C LEU M 49 -43.89 -41.75 -19.18
N GLU M 50 -45.12 -42.27 -19.11
CA GLU M 50 -46.28 -41.44 -19.39
C GLU M 50 -46.43 -40.33 -18.37
N ALA M 51 -46.13 -40.63 -17.10
CA ALA M 51 -46.14 -39.58 -16.08
C ALA M 51 -45.07 -38.53 -16.34
N ALA M 52 -43.88 -38.98 -16.73
CA ALA M 52 -42.80 -38.04 -17.01
C ALA M 52 -43.11 -37.17 -18.21
N THR M 53 -43.69 -37.76 -19.26
CA THR M 53 -44.03 -36.98 -20.45
C THR M 53 -45.09 -35.93 -20.13
N ALA M 54 -46.08 -36.28 -19.32
CA ALA M 54 -47.12 -35.31 -18.96
C ALA M 54 -46.55 -34.16 -18.15
N ALA M 55 -45.48 -34.40 -17.40
CA ALA M 55 -44.90 -33.34 -16.58
C ALA M 55 -44.32 -32.23 -17.44
N VAL M 56 -43.50 -32.59 -18.44
CA VAL M 56 -42.88 -31.57 -19.28
C VAL M 56 -43.88 -30.98 -20.27
N LYS M 57 -44.94 -31.72 -20.58
CA LYS M 57 -45.95 -31.22 -21.51
C LYS M 57 -46.64 -29.99 -20.94
N ALA M 58 -46.92 -30.00 -19.65
CA ALA M 58 -47.56 -28.86 -18.98
C ALA M 58 -46.60 -27.67 -18.90
#